data_3DIN
#
_entry.id   3DIN
#
_cell.length_a   101.616
_cell.length_b   156.003
_cell.length_c   358.155
_cell.angle_alpha   90.000
_cell.angle_beta   90.000
_cell.angle_gamma   90.000
#
_symmetry.space_group_name_H-M   'P 21 21 21'
#
loop_
_entity.id
_entity.type
_entity.pdbx_description
1 polymer 'Protein translocase subunit secA'
2 polymer 'Preprotein translocase subunit SecY'
3 polymer 'Preprotein translocase subunit secE'
4 polymer 'Preprotein translocase subunit SecG'
5 non-polymer 'MAGNESIUM ION'
6 non-polymer "ADENOSINE-5'-DIPHOSPHATE"
7 non-polymer 'BERYLLIUM TRIFLUORIDE ION'
#
loop_
_entity_poly.entity_id
_entity_poly.type
_entity_poly.pdbx_seq_one_letter_code
_entity_poly.pdbx_strand_id
1 'polypeptide(L)'
;MILFDKNKRILKKYAKMVSKINQIESDLRSKKNSELIRLSMVLKEKVNSFEDADEHLFEAFALVREAARRTLGMRPFDVQ
VMGGIALHEGKVAEMKTGEGKTLAATMPIYLNALIGKGVHLVTVNDYLARRDALWMGPVYLFLGLRVGVINSLGKSYEVV
WKNPDLARKAIEENWSVWPDGFNGEVLKEESMNKEAVEAFQVELKEITRKEAYLCDVTYGTNNEFGFDYLRDNLVLDYND
KVQRGHFYAIVDEADSVLIDEARTPLIISGPSKESPSVYRRFAQIAKKFVKDKDFTVDEKARTIILTEEGVAKAEKIIGV
ENLYDPGNVSLLYHLINALKALHLFKKDVDYVVMNGEVIIVDEFTGRLLPGRRYSGGLHQAIEAKEGVPIKEESITYATI
TFQNYFRMYEKLAGMTGTAKTEESEFVQVYGMEVVVIPTHKPMIRKDHDDLVFRTQKEKYEKIVEEIEKRYKKGQPVLVG
TTSIEKSELLSSMLKKKGIPHQVLNAKYHEKEAEIVAKAGQKGMVTIATNMAGRGTDIKLGPGVAELGGLCIIGTERHES
RRIDNQLRGRAGRQGDPGESIFFLSLEDDLLRIFGSEQIGKVMNILKIEEGQPIQHPMLSKLIENIQKKVEGINFSIRKT
LMEMDDVLDKQRRAVYSLRDQILLEKDYDEYLKDIFEDVVSTRVEEFCSGKNWDIESLKNSLSFFPAGLFDLDEKQFSSS
EELHDYLFNRLWEEYQRKKQEIGEDYRKVIRFLMLRIIDDHWRRYLEEVEHVKEAVQLRSYGQKDPIVEFKKETYYMFDE
MMRRINDTIANYVLRVVKVSEKDEKEAKEELGKIRLVHEEFNLVNRAMRRATEKKKKKDGLHSFGRIRVKR
;
A,B
2 'polypeptide(L)'
;MWQAFKNAFKIPELRDRIIFTFLALIVFRMGIYIPVPGLNLEAWGEIFRRIAETAGVAGILSFYDVFTGGALSRFSVFTM
SVTPYITASIILQLLASVMPSLKEMLREGEEGRKKFAKYTRRLTLLIGGFQAFFVSFSLARSNPDMVAPGVNVLQFTVLS
TMSMLAGTMFLLWLGERITEKGIGNGISILIFAGIVARYPSYIRQAYLGGLNLLEWIFLIAVALITIFGIILVQQAERRI
TIQYARRVTGRRVYGGASTYLPIKVNQGGVIPIIFASAIVSIPSAIASITNNETLKNLFRAGGFLYLLIYGLLVFFFTYF
YSVVIFDPREISENIRKYGGYIPGLRPGRSTEQYLHRVLNRVTFIGAVFLVVIALLPYLVQGAIKVNVWIGGTSALIAVG
VALDIIQQMETHMVMRHYEGFIKKGKIRGRR
;
C,F
3 'polypeptide(L)' MEKLRKFFREVIAEAKKISWPSRKELLTSFGVVLVILAVTSVYFFVLDFIFSGVVSAIFKALGIG D,G
4 'polypeptide(L)' MKTFFLIVHTIISVALIYMVQVQMSKFSELGGAFGSGGLHTVFGRRKGLDTGGKITLVLSVLFFVSCVVTAFVLTR E,H
#
loop_
_chem_comp.id
_chem_comp.type
_chem_comp.name
_chem_comp.formula
ADP non-polymer ADENOSINE-5'-DIPHOSPHATE 'C10 H15 N5 O10 P2'
BEF non-polymer 'BERYLLIUM TRIFLUORIDE ION' 'Be F3 -1'
MG non-polymer 'MAGNESIUM ION' 'Mg 2'
#
# COMPACT_ATOMS: atom_id res chain seq x y z
N MET A 1 -2.16 -13.08 54.54
CA MET A 1 -1.07 -13.72 53.75
C MET A 1 -0.14 -12.69 53.12
N ILE A 2 0.16 -11.63 53.87
CA ILE A 2 1.05 -10.58 53.37
C ILE A 2 2.08 -10.16 54.42
N LEU A 3 3.34 -10.53 54.17
CA LEU A 3 4.47 -10.24 55.06
C LEU A 3 5.73 -10.73 54.36
N PHE A 4 6.74 -11.07 55.16
CA PHE A 4 7.97 -11.62 54.63
C PHE A 4 7.48 -13.03 54.33
N ASP A 5 6.32 -13.32 54.89
CA ASP A 5 5.64 -14.59 54.73
C ASP A 5 5.50 -14.79 53.22
N LYS A 6 5.40 -13.66 52.53
CA LYS A 6 5.27 -13.67 51.08
C LYS A 6 6.63 -13.64 50.38
N ASN A 7 7.51 -12.72 50.77
CA ASN A 7 8.83 -12.65 50.13
C ASN A 7 9.59 -13.97 50.28
N LYS A 8 9.61 -14.52 51.50
CA LYS A 8 10.30 -15.78 51.78
C LYS A 8 9.61 -16.97 51.11
N ARG A 9 8.28 -17.01 51.17
CA ARG A 9 7.55 -18.10 50.55
C ARG A 9 7.96 -18.13 49.08
N ILE A 10 8.32 -16.95 48.55
CA ILE A 10 8.76 -16.83 47.16
C ILE A 10 10.13 -17.49 47.06
N LEU A 11 10.97 -17.27 48.06
CA LEU A 11 12.31 -17.86 48.06
C LEU A 11 12.21 -19.34 47.74
N LYS A 12 11.68 -20.12 48.67
CA LYS A 12 11.57 -21.56 48.47
C LYS A 12 10.93 -21.91 47.13
N LYS A 13 9.88 -21.17 46.76
CA LYS A 13 9.20 -21.43 45.49
C LYS A 13 10.23 -21.60 44.37
N TYR A 14 11.14 -20.63 44.27
CA TYR A 14 12.16 -20.63 43.25
C TYR A 14 13.37 -21.50 43.60
N ALA A 15 13.72 -21.54 44.88
CA ALA A 15 14.85 -22.36 45.31
C ALA A 15 14.56 -23.79 44.87
N LYS A 16 13.29 -24.06 44.64
CA LYS A 16 12.85 -25.38 44.20
C LYS A 16 12.97 -25.47 42.69
N MET A 17 12.27 -24.58 41.98
CA MET A 17 12.31 -24.55 40.53
C MET A 17 13.76 -24.52 40.05
N VAL A 18 14.62 -23.90 40.84
CA VAL A 18 16.04 -23.80 40.48
C VAL A 18 16.79 -25.10 40.69
N SER A 19 16.55 -25.77 41.82
CA SER A 19 17.23 -27.03 42.10
C SER A 19 17.01 -28.01 40.95
N LYS A 20 15.76 -28.17 40.54
CA LYS A 20 15.43 -29.07 39.44
C LYS A 20 16.16 -28.65 38.17
N ILE A 21 15.88 -27.43 37.72
CA ILE A 21 16.52 -26.91 36.51
C ILE A 21 18.04 -26.97 36.58
N ASN A 22 18.58 -26.85 37.79
CA ASN A 22 20.03 -26.90 37.98
C ASN A 22 20.56 -28.27 37.57
N GLN A 23 19.79 -29.30 37.88
CA GLN A 23 20.18 -30.66 37.52
C GLN A 23 20.12 -30.81 36.00
N ILE A 24 19.20 -30.07 35.38
CA ILE A 24 19.04 -30.12 33.94
C ILE A 24 20.34 -29.71 33.24
N GLU A 25 20.90 -28.59 33.65
CA GLU A 25 22.13 -28.09 33.06
C GLU A 25 23.28 -29.05 33.33
N SER A 26 23.21 -29.75 34.47
CA SER A 26 24.25 -30.69 34.84
C SER A 26 24.49 -31.80 33.80
N ASP A 27 23.45 -32.53 33.45
CA ASP A 27 23.60 -33.62 32.48
C ASP A 27 23.53 -33.20 31.02
N LEU A 28 23.74 -31.92 30.74
CA LEU A 28 23.66 -31.43 29.37
C LEU A 28 24.99 -30.90 28.84
N ARG A 29 26.00 -30.88 29.70
CA ARG A 29 27.32 -30.39 29.31
C ARG A 29 28.00 -31.35 28.34
N SER A 30 27.22 -32.27 27.78
CA SER A 30 27.73 -33.25 26.84
C SER A 30 28.10 -32.64 25.49
N LYS A 31 28.63 -31.41 25.53
CA LYS A 31 29.03 -30.71 24.32
C LYS A 31 27.94 -30.72 23.25
N LYS A 32 26.68 -30.73 23.68
CA LYS A 32 25.57 -30.74 22.75
C LYS A 32 25.64 -29.57 21.77
N ASN A 33 26.22 -29.81 20.60
CA ASN A 33 26.33 -28.77 19.58
C ASN A 33 25.20 -28.90 18.57
N SER A 34 25.41 -29.74 17.56
CA SER A 34 24.39 -29.95 16.55
C SER A 34 23.11 -30.45 17.20
N GLU A 35 23.26 -31.19 18.28
CA GLU A 35 22.11 -31.72 19.01
C GLU A 35 21.34 -30.56 19.65
N LEU A 36 22.08 -29.54 20.06
CA LEU A 36 21.48 -28.36 20.69
C LEU A 36 20.68 -27.64 19.61
N ILE A 37 21.26 -27.57 18.41
CA ILE A 37 20.59 -26.92 17.29
C ILE A 37 19.24 -27.62 17.13
N ARG A 38 19.27 -28.94 17.23
CA ARG A 38 18.06 -29.74 17.12
C ARG A 38 17.11 -29.37 18.25
N LEU A 39 17.68 -28.97 19.39
CA LEU A 39 16.88 -28.59 20.54
C LEU A 39 16.24 -27.24 20.29
N SER A 40 16.86 -26.43 19.43
CA SER A 40 16.32 -25.13 19.07
C SER A 40 15.10 -25.38 18.21
N MET A 41 15.15 -26.46 17.44
CA MET A 41 14.04 -26.85 16.57
C MET A 41 12.98 -27.54 17.42
N VAL A 42 13.45 -28.32 18.39
CA VAL A 42 12.58 -29.06 19.29
C VAL A 42 11.63 -28.12 20.04
N LEU A 43 12.20 -27.22 20.82
CA LEU A 43 11.42 -26.26 21.60
C LEU A 43 10.58 -25.40 20.64
N LYS A 44 11.18 -25.05 19.50
CA LYS A 44 10.51 -24.25 18.49
C LYS A 44 9.08 -24.73 18.29
N GLU A 45 8.94 -26.03 18.02
CA GLU A 45 7.63 -26.62 17.80
C GLU A 45 7.00 -27.18 19.07
N LYS A 46 7.69 -26.99 20.20
CA LYS A 46 7.19 -27.49 21.48
C LYS A 46 6.15 -26.59 22.14
N VAL A 47 6.00 -25.37 21.62
CA VAL A 47 5.05 -24.41 22.17
C VAL A 47 4.13 -23.85 21.08
N ASN A 48 4.66 -22.94 20.27
CA ASN A 48 3.89 -22.34 19.18
C ASN A 48 2.64 -21.61 19.64
N SER A 49 2.48 -21.46 20.95
CA SER A 49 1.32 -20.77 21.51
C SER A 49 1.51 -20.47 22.98
N PHE A 50 0.94 -19.35 23.43
CA PHE A 50 1.06 -18.93 24.83
C PHE A 50 0.31 -19.82 25.80
N GLU A 51 0.42 -21.13 25.60
CA GLU A 51 -0.24 -22.09 26.48
C GLU A 51 0.49 -22.18 27.81
N ASP A 52 1.45 -21.29 28.00
CA ASP A 52 2.24 -21.23 29.21
C ASP A 52 2.98 -22.55 29.47
N ALA A 53 3.67 -23.04 28.45
CA ALA A 53 4.43 -24.28 28.55
C ALA A 53 5.47 -24.24 29.66
N ASP A 54 5.04 -24.48 30.90
CA ASP A 54 5.92 -24.44 32.06
C ASP A 54 7.16 -25.34 31.91
N GLU A 55 6.95 -26.66 31.91
CA GLU A 55 8.04 -27.64 31.79
C GLU A 55 9.18 -27.18 30.87
N HIS A 56 8.80 -26.58 29.75
CA HIS A 56 9.77 -26.10 28.78
C HIS A 56 10.76 -25.16 29.46
N LEU A 57 10.22 -24.17 30.17
CA LEU A 57 11.04 -23.18 30.88
C LEU A 57 12.18 -23.85 31.65
N PHE A 58 11.99 -25.09 32.05
CA PHE A 58 13.03 -25.81 32.77
C PHE A 58 14.14 -26.29 31.87
N GLU A 59 13.82 -27.10 30.86
CA GLU A 59 14.86 -27.57 29.95
C GLU A 59 15.33 -26.47 29.00
N ALA A 60 14.42 -25.54 28.69
CA ALA A 60 14.72 -24.43 27.80
C ALA A 60 15.70 -23.47 28.46
N PHE A 61 15.35 -22.98 29.65
CA PHE A 61 16.24 -22.07 30.36
C PHE A 61 17.61 -22.71 30.47
N ALA A 62 17.61 -24.02 30.74
CA ALA A 62 18.87 -24.75 30.85
C ALA A 62 19.66 -24.52 29.56
N LEU A 63 19.00 -24.73 28.43
CA LEU A 63 19.62 -24.53 27.14
C LEU A 63 20.06 -23.09 27.00
N VAL A 64 19.24 -22.17 27.52
CA VAL A 64 19.56 -20.75 27.46
C VAL A 64 20.94 -20.49 28.05
N ARG A 65 21.04 -20.63 29.36
CA ARG A 65 22.29 -20.42 30.08
C ARG A 65 23.47 -21.04 29.33
N GLU A 66 23.37 -22.34 29.05
CA GLU A 66 24.43 -23.04 28.33
C GLU A 66 24.68 -22.42 26.96
N ALA A 67 23.60 -22.06 26.27
CA ALA A 67 23.69 -21.44 24.95
C ALA A 67 24.64 -20.25 25.07
N ALA A 68 24.54 -19.55 26.18
CA ALA A 68 25.39 -18.39 26.43
C ALA A 68 26.82 -18.88 26.64
N ARG A 69 26.99 -19.77 27.61
CA ARG A 69 28.29 -20.34 27.93
C ARG A 69 29.08 -20.65 26.65
N ARG A 70 28.39 -21.15 25.64
CA ARG A 70 29.03 -21.50 24.38
C ARG A 70 29.40 -20.25 23.56
N THR A 71 28.44 -19.34 23.40
CA THR A 71 28.66 -18.13 22.63
C THR A 71 29.56 -17.13 23.36
N LEU A 72 29.21 -16.86 24.62
CA LEU A 72 29.95 -15.93 25.47
C LEU A 72 29.59 -16.23 26.92
N GLY A 73 30.56 -16.10 27.81
CA GLY A 73 30.30 -16.37 29.21
C GLY A 73 29.19 -15.54 29.82
N MET A 74 29.34 -15.23 31.11
CA MET A 74 28.37 -14.43 31.84
C MET A 74 27.00 -15.09 31.89
N ARG A 75 26.84 -15.99 32.85
CA ARG A 75 25.60 -16.73 33.03
C ARG A 75 25.56 -17.69 34.22
N PRO A 76 26.42 -17.49 35.24
CA PRO A 76 26.35 -18.44 36.35
C PRO A 76 25.64 -17.99 37.64
N PHE A 77 25.27 -16.72 37.73
CA PHE A 77 24.56 -16.20 38.90
C PHE A 77 23.08 -16.61 38.90
N ASP A 78 22.37 -16.38 40.00
CA ASP A 78 20.96 -16.81 40.09
C ASP A 78 19.78 -15.81 40.02
N VAL A 79 19.92 -14.58 40.53
CA VAL A 79 18.85 -13.55 40.55
C VAL A 79 18.34 -13.12 39.15
N GLN A 80 19.09 -13.72 38.20
CA GLN A 80 18.98 -13.64 36.76
C GLN A 80 18.26 -14.93 36.35
N VAL A 81 18.76 -16.06 36.86
CA VAL A 81 18.14 -17.36 36.59
C VAL A 81 16.74 -17.20 37.16
N MET A 82 16.69 -17.11 38.49
CA MET A 82 15.45 -16.92 39.22
C MET A 82 14.83 -15.66 38.63
N GLY A 83 15.70 -14.82 38.07
CA GLY A 83 15.25 -13.60 37.45
C GLY A 83 14.23 -13.94 36.38
N GLY A 84 14.70 -14.57 35.31
CA GLY A 84 13.81 -14.96 34.23
C GLY A 84 12.55 -15.59 34.77
N ILE A 85 12.72 -16.44 35.78
CA ILE A 85 11.60 -17.12 36.41
C ILE A 85 10.52 -16.09 36.76
N ALA A 86 10.75 -15.38 37.85
CA ALA A 86 9.82 -14.36 38.31
C ALA A 86 9.51 -13.44 37.13
N LEU A 87 10.51 -13.21 36.28
CA LEU A 87 10.33 -12.36 35.11
C LEU A 87 9.16 -12.88 34.29
N HIS A 88 9.19 -14.16 33.94
CA HIS A 88 8.12 -14.76 33.16
C HIS A 88 6.82 -14.58 33.93
N GLU A 89 6.93 -14.42 35.24
CA GLU A 89 5.75 -14.24 36.08
C GLU A 89 5.20 -12.81 36.07
N GLY A 90 6.09 -11.82 36.10
CA GLY A 90 5.63 -10.43 36.08
C GLY A 90 5.79 -9.66 37.38
N LYS A 91 7.03 -9.35 37.72
CA LYS A 91 7.37 -8.62 38.95
C LYS A 91 8.72 -7.93 38.72
N VAL A 92 9.68 -8.14 39.62
CA VAL A 92 11.02 -7.52 39.45
C VAL A 92 12.17 -8.24 40.17
N ALA A 93 12.96 -9.09 39.50
CA ALA A 93 14.05 -9.66 40.22
C ALA A 93 15.10 -8.59 40.15
N GLU A 94 16.22 -8.88 40.80
CA GLU A 94 17.39 -8.01 40.74
C GLU A 94 17.65 -6.91 41.73
N MET A 95 18.46 -5.93 41.30
CA MET A 95 18.95 -4.87 42.19
C MET A 95 20.41 -4.48 41.78
N LYS A 96 20.96 -5.05 40.71
CA LYS A 96 22.32 -4.73 40.16
C LYS A 96 23.63 -5.42 40.62
N THR A 97 24.65 -5.31 39.77
CA THR A 97 25.99 -5.89 39.97
C THR A 97 25.92 -7.40 39.80
N GLY A 98 26.72 -7.92 38.88
CA GLY A 98 26.69 -9.34 38.64
C GLY A 98 25.28 -9.59 38.15
N GLU A 99 24.48 -10.24 38.98
CA GLU A 99 23.10 -10.52 38.63
C GLU A 99 23.01 -11.07 37.21
N GLY A 100 22.82 -10.18 36.23
CA GLY A 100 22.76 -10.63 34.86
C GLY A 100 21.72 -9.95 33.96
N LYS A 101 21.05 -8.89 34.41
CA LYS A 101 20.02 -8.21 33.59
C LYS A 101 20.19 -8.35 32.10
N THR A 102 21.43 -8.30 31.62
CA THR A 102 21.69 -8.47 30.19
C THR A 102 21.27 -9.92 29.87
N LEU A 103 22.08 -10.87 30.32
CA LEU A 103 21.81 -12.29 30.11
C LEU A 103 20.42 -12.70 30.64
N ALA A 104 20.18 -12.46 31.93
CA ALA A 104 18.89 -12.80 32.54
C ALA A 104 17.76 -12.57 31.54
N ALA A 105 17.53 -11.30 31.23
CA ALA A 105 16.51 -10.92 30.28
C ALA A 105 16.46 -11.95 29.16
N THR A 106 17.58 -12.16 28.48
CA THR A 106 17.62 -13.13 27.38
C THR A 106 16.92 -14.45 27.69
N MET A 107 17.04 -14.93 28.92
CA MET A 107 16.42 -16.19 29.32
C MET A 107 14.90 -16.22 29.06
N PRO A 108 14.13 -15.44 29.82
CA PRO A 108 12.70 -15.53 29.53
C PRO A 108 12.35 -15.02 28.13
N ILE A 109 13.07 -14.01 27.67
CA ILE A 109 12.84 -13.45 26.35
C ILE A 109 12.79 -14.59 25.33
N TYR A 110 13.55 -15.64 25.59
CA TYR A 110 13.60 -16.79 24.70
C TYR A 110 12.30 -17.57 24.73
N LEU A 111 11.94 -18.09 25.89
CA LEU A 111 10.70 -18.88 25.98
C LEU A 111 9.49 -18.17 25.39
N ASN A 112 9.21 -16.96 25.88
CA ASN A 112 8.06 -16.19 25.41
C ASN A 112 8.07 -15.97 23.90
N ALA A 113 9.17 -15.45 23.36
CA ALA A 113 9.28 -15.19 21.94
C ALA A 113 8.82 -16.37 21.08
N LEU A 114 9.18 -17.58 21.52
CA LEU A 114 8.84 -18.81 20.82
C LEU A 114 7.43 -18.84 20.23
N ILE A 115 6.51 -18.13 20.88
CA ILE A 115 5.12 -18.04 20.43
C ILE A 115 5.07 -17.64 18.97
N GLY A 116 5.97 -16.75 18.58
CA GLY A 116 5.98 -16.29 17.20
C GLY A 116 5.21 -14.99 17.09
N LYS A 117 4.90 -14.41 18.24
CA LYS A 117 4.15 -13.15 18.29
C LYS A 117 5.09 -11.94 18.27
N GLY A 118 6.20 -12.03 19.00
CA GLY A 118 7.19 -10.97 19.07
C GLY A 118 7.20 -10.38 20.47
N VAL A 119 8.33 -10.37 21.18
CA VAL A 119 8.14 -9.81 22.53
C VAL A 119 8.79 -8.47 22.77
N HIS A 120 8.17 -7.65 23.61
CA HIS A 120 8.71 -6.33 23.88
C HIS A 120 9.73 -6.33 24.98
N LEU A 121 10.72 -5.47 24.83
CA LEU A 121 11.75 -5.34 25.84
C LEU A 121 12.10 -3.87 25.94
N VAL A 122 11.39 -3.23 26.86
CA VAL A 122 11.53 -1.83 27.15
C VAL A 122 12.89 -1.54 27.74
N THR A 123 13.47 -0.42 27.34
CA THR A 123 14.77 0.03 27.81
C THR A 123 14.70 1.55 27.79
N VAL A 124 15.41 2.21 28.69
CA VAL A 124 15.34 3.68 28.70
C VAL A 124 15.73 4.42 27.40
N ASN A 125 16.93 4.17 26.88
CA ASN A 125 17.35 4.89 25.67
C ASN A 125 18.05 4.14 24.54
N ASP A 126 18.01 4.75 23.36
CA ASP A 126 18.60 4.23 22.12
C ASP A 126 19.92 3.50 22.33
N TYR A 127 20.89 4.24 22.85
CA TYR A 127 22.22 3.71 23.12
C TYR A 127 22.14 2.35 23.80
N LEU A 128 21.12 2.20 24.65
CA LEU A 128 20.92 0.96 25.39
C LEU A 128 20.13 -0.06 24.56
N ALA A 129 19.25 0.43 23.69
CA ALA A 129 18.47 -0.44 22.82
C ALA A 129 19.50 -1.27 22.07
N ARG A 130 20.55 -0.59 21.66
CA ARG A 130 21.66 -1.19 20.93
C ARG A 130 22.45 -2.07 21.90
N ARG A 131 22.50 -1.64 23.16
CA ARG A 131 23.22 -2.38 24.19
C ARG A 131 22.79 -3.84 24.23
N ASP A 132 21.77 -4.12 25.03
CA ASP A 132 21.27 -5.48 25.17
C ASP A 132 21.13 -6.15 23.81
N ALA A 133 20.77 -5.35 22.81
CA ALA A 133 20.58 -5.85 21.46
C ALA A 133 21.73 -6.75 21.02
N LEU A 134 22.96 -6.28 21.22
CA LEU A 134 24.13 -7.06 20.82
C LEU A 134 24.77 -7.86 21.95
N TRP A 135 24.73 -7.32 23.16
CA TRP A 135 25.34 -8.00 24.29
C TRP A 135 24.88 -9.46 24.43
N MET A 136 23.70 -9.77 23.88
CA MET A 136 23.21 -11.14 23.96
C MET A 136 22.89 -11.70 22.58
N GLY A 137 23.16 -10.90 21.55
CA GLY A 137 22.91 -11.32 20.18
C GLY A 137 23.40 -12.72 19.84
N PRO A 138 24.56 -13.15 20.35
CA PRO A 138 25.10 -14.49 20.08
C PRO A 138 24.09 -15.63 20.15
N VAL A 139 23.66 -15.93 21.36
CA VAL A 139 22.72 -17.00 21.64
C VAL A 139 21.53 -17.02 20.67
N TYR A 140 21.19 -15.86 20.13
CA TYR A 140 20.06 -15.78 19.20
C TYR A 140 20.33 -16.49 17.88
N LEU A 141 21.46 -16.19 17.24
CA LEU A 141 21.78 -16.85 15.98
C LEU A 141 22.01 -18.31 16.34
N PHE A 142 22.38 -18.54 17.59
CA PHE A 142 22.62 -19.89 18.08
C PHE A 142 21.27 -20.61 18.14
N LEU A 143 20.27 -19.92 18.67
CA LEU A 143 18.92 -20.47 18.76
C LEU A 143 18.12 -20.02 17.56
N GLY A 144 18.84 -19.75 16.47
CA GLY A 144 18.23 -19.32 15.22
C GLY A 144 16.99 -18.43 15.30
N LEU A 145 17.21 -17.15 15.61
CA LEU A 145 16.11 -16.19 15.71
C LEU A 145 16.49 -14.87 15.06
N ARG A 146 15.56 -13.93 15.06
CA ARG A 146 15.83 -12.61 14.48
C ARG A 146 15.57 -11.54 15.55
N VAL A 147 16.65 -10.88 15.92
CA VAL A 147 16.63 -9.80 16.90
C VAL A 147 15.82 -8.71 16.23
N GLY A 148 15.46 -7.67 16.99
CA GLY A 148 14.70 -6.60 16.37
C GLY A 148 14.64 -5.31 17.18
N VAL A 149 15.55 -4.38 16.94
CA VAL A 149 15.53 -3.12 17.69
C VAL A 149 15.18 -1.90 16.84
N ILE A 150 14.41 -0.99 17.45
CA ILE A 150 13.96 0.24 16.81
C ILE A 150 14.54 1.48 17.48
N ASN A 151 14.78 2.54 16.71
CA ASN A 151 15.34 3.76 17.29
C ASN A 151 14.96 5.04 16.55
N SER A 152 15.07 6.16 17.27
CA SER A 152 14.75 7.50 16.78
C SER A 152 14.11 7.63 15.40
N LEU A 153 14.87 7.35 14.35
CA LEU A 153 14.32 7.47 13.00
C LEU A 153 14.61 6.24 12.15
N GLY A 154 15.65 5.51 12.52
CA GLY A 154 16.00 4.31 11.77
C GLY A 154 16.02 3.11 12.69
N LYS A 155 16.01 1.92 12.12
CA LYS A 155 16.03 0.71 12.91
C LYS A 155 16.85 -0.39 12.25
N SER A 156 17.46 -1.21 13.08
CA SER A 156 18.26 -2.32 12.59
C SER A 156 18.20 -3.47 13.58
N TYR A 157 18.70 -4.62 13.16
CA TYR A 157 18.69 -5.82 13.98
C TYR A 157 19.17 -6.98 13.13
N GLU A 158 20.19 -7.69 13.61
CA GLU A 158 20.70 -8.82 12.84
C GLU A 158 21.80 -9.58 13.55
N VAL A 159 22.48 -10.42 12.78
CA VAL A 159 23.58 -11.21 13.27
C VAL A 159 24.73 -10.96 12.29
N VAL A 160 25.75 -11.80 12.34
CA VAL A 160 26.92 -11.67 11.47
C VAL A 160 26.68 -11.26 10.02
N TRP A 161 27.70 -10.67 9.41
CA TRP A 161 27.66 -10.16 8.04
C TRP A 161 27.59 -11.21 6.91
N LYS A 162 26.95 -10.81 5.82
CA LYS A 162 26.79 -11.62 4.60
C LYS A 162 26.74 -13.14 4.69
N ASN A 163 27.60 -13.77 3.88
CA ASN A 163 27.72 -15.22 3.77
C ASN A 163 28.93 -15.89 4.41
N PRO A 164 30.13 -15.28 4.29
CA PRO A 164 31.28 -15.94 4.91
C PRO A 164 31.07 -16.16 6.41
N ASP A 165 30.74 -15.09 7.12
CA ASP A 165 30.50 -15.15 8.56
C ASP A 165 29.60 -16.33 8.93
N LEU A 166 28.51 -16.50 8.19
CA LEU A 166 27.60 -17.61 8.45
C LEU A 166 28.33 -18.91 8.18
N ALA A 167 29.10 -18.94 7.10
CA ALA A 167 29.86 -20.12 6.73
C ALA A 167 31.08 -20.22 7.64
N ARG A 168 31.18 -19.31 8.60
CA ARG A 168 32.29 -19.29 9.55
C ARG A 168 31.90 -20.00 10.84
N LYS A 169 30.67 -19.75 11.30
CA LYS A 169 30.18 -20.35 12.53
C LYS A 169 29.37 -21.61 12.27
N ALA A 170 28.87 -21.75 11.04
CA ALA A 170 28.07 -22.91 10.67
C ALA A 170 28.80 -24.19 11.06
N ILE A 171 30.05 -24.31 10.62
CA ILE A 171 30.85 -25.49 10.94
C ILE A 171 31.39 -25.37 12.36
N GLU A 172 31.70 -24.14 12.78
CA GLU A 172 32.20 -23.92 14.12
C GLU A 172 31.09 -24.23 15.11
N GLU A 173 29.92 -24.56 14.58
CA GLU A 173 28.79 -24.92 15.42
C GLU A 173 29.05 -26.38 15.76
N ASN A 174 29.33 -27.15 14.72
CA ASN A 174 29.64 -28.57 14.86
C ASN A 174 30.91 -28.66 15.68
N TRP A 175 31.80 -27.72 15.45
CA TRP A 175 33.09 -27.67 16.15
C TRP A 175 32.88 -27.05 17.54
N SER A 176 32.75 -25.73 17.59
CA SER A 176 32.54 -25.02 18.84
C SER A 176 33.54 -25.46 19.90
N VAL A 177 34.78 -25.00 19.75
CA VAL A 177 35.85 -25.33 20.68
C VAL A 177 35.66 -24.55 21.98
N TRP A 178 35.19 -25.21 23.03
CA TRP A 178 34.98 -24.52 24.29
C TRP A 178 34.68 -25.39 25.53
N PRO A 179 33.60 -26.20 25.48
CA PRO A 179 33.22 -27.06 26.61
C PRO A 179 34.33 -27.88 27.25
N ASP A 180 35.08 -27.23 28.15
CA ASP A 180 36.18 -27.87 28.86
C ASP A 180 36.89 -26.89 29.80
N GLY A 181 37.25 -27.37 30.98
CA GLY A 181 37.92 -26.52 31.95
C GLY A 181 36.91 -25.73 32.75
N PHE A 182 35.65 -26.14 32.65
CA PHE A 182 34.55 -25.48 33.35
C PHE A 182 34.52 -25.74 34.85
N ASN A 183 33.31 -25.85 35.40
CA ASN A 183 33.10 -26.08 36.83
C ASN A 183 33.60 -24.90 37.64
N GLY A 184 32.98 -23.73 37.43
CA GLY A 184 33.36 -22.54 38.15
C GLY A 184 32.88 -21.27 37.47
N GLU A 185 32.26 -20.39 38.25
CA GLU A 185 31.73 -19.13 37.72
C GLU A 185 32.88 -18.16 37.48
N VAL A 186 34.10 -18.70 37.45
CA VAL A 186 35.30 -17.90 37.24
C VAL A 186 35.57 -17.72 35.76
N LEU A 187 34.60 -17.15 35.05
CA LEU A 187 34.75 -16.92 33.63
C LEU A 187 35.87 -15.93 33.37
N LYS A 188 37.04 -16.50 33.08
CA LYS A 188 38.23 -15.71 32.81
C LYS A 188 38.25 -15.25 31.37
N GLU A 189 39.40 -14.74 30.94
CA GLU A 189 39.57 -14.25 29.58
C GLU A 189 40.42 -15.24 28.77
N GLU A 190 39.80 -15.95 27.85
CA GLU A 190 40.51 -16.92 27.01
C GLU A 190 39.61 -17.52 25.92
N SER A 191 40.14 -18.56 25.27
CA SER A 191 39.42 -19.25 24.20
C SER A 191 39.22 -18.29 23.03
N MET A 192 40.25 -17.51 22.75
CA MET A 192 40.20 -16.54 21.66
C MET A 192 39.83 -17.16 20.33
N ASN A 193 40.11 -18.45 20.17
CA ASN A 193 39.79 -19.16 18.94
C ASN A 193 38.28 -19.24 18.78
N LYS A 194 37.56 -18.86 19.83
CA LYS A 194 36.11 -18.89 19.82
C LYS A 194 35.58 -17.47 19.67
N GLU A 195 36.08 -16.58 20.52
CA GLU A 195 35.67 -15.17 20.50
C GLU A 195 35.93 -14.57 19.13
N ALA A 196 37.21 -14.55 18.74
CA ALA A 196 37.64 -13.98 17.48
C ALA A 196 36.81 -14.44 16.28
N VAL A 197 36.02 -15.48 16.47
CA VAL A 197 35.19 -16.02 15.40
C VAL A 197 33.71 -15.77 15.66
N GLU A 198 33.27 -16.09 16.87
CA GLU A 198 31.88 -15.92 17.23
C GLU A 198 31.59 -14.53 17.79
N ALA A 199 32.41 -14.07 18.75
CA ALA A 199 32.23 -12.76 19.37
C ALA A 199 32.05 -11.63 18.36
N PHE A 200 32.44 -11.89 17.11
CA PHE A 200 32.29 -10.91 16.04
C PHE A 200 30.88 -10.97 15.52
N GLN A 201 30.02 -11.71 16.22
CA GLN A 201 28.63 -11.86 15.83
C GLN A 201 27.89 -10.53 15.87
N VAL A 202 28.41 -9.60 16.65
CA VAL A 202 27.78 -8.31 16.79
C VAL A 202 27.87 -7.46 15.53
N GLU A 203 26.79 -7.46 14.76
CA GLU A 203 26.70 -6.69 13.52
C GLU A 203 25.24 -6.33 13.29
N LEU A 204 24.99 -5.31 12.48
CA LEU A 204 23.63 -4.82 12.24
C LEU A 204 23.39 -4.23 10.85
N LYS A 205 22.27 -4.61 10.24
CA LYS A 205 21.91 -4.12 8.91
C LYS A 205 20.61 -3.31 8.97
N GLU A 206 20.39 -2.46 7.96
CA GLU A 206 19.20 -1.62 7.91
C GLU A 206 17.94 -2.33 7.44
N ILE A 207 16.85 -2.11 8.19
CA ILE A 207 15.55 -2.69 7.85
C ILE A 207 14.49 -1.64 8.14
N THR A 208 13.23 -2.07 8.27
CA THR A 208 12.15 -1.14 8.54
C THR A 208 11.16 -1.65 9.60
N ARG A 209 10.26 -0.76 9.99
CA ARG A 209 9.24 -1.01 11.00
C ARG A 209 8.57 -2.39 10.95
N LYS A 210 8.11 -2.77 9.76
CA LYS A 210 7.43 -4.05 9.55
C LYS A 210 8.19 -5.30 10.03
N GLU A 211 9.12 -5.76 9.21
CA GLU A 211 9.90 -6.95 9.54
C GLU A 211 10.45 -6.83 10.96
N ALA A 212 10.74 -5.61 11.39
CA ALA A 212 11.27 -5.40 12.73
C ALA A 212 10.38 -6.07 13.76
N TYR A 213 9.20 -5.50 13.99
CA TYR A 213 8.28 -6.06 14.96
C TYR A 213 7.98 -7.53 14.76
N LEU A 214 7.42 -7.87 13.60
CA LEU A 214 7.05 -9.25 13.33
C LEU A 214 8.18 -10.25 13.46
N CYS A 215 9.41 -9.75 13.62
CA CYS A 215 10.55 -10.64 13.77
C CYS A 215 10.44 -11.34 15.12
N ASP A 216 11.55 -11.70 15.73
CA ASP A 216 11.43 -12.34 17.01
C ASP A 216 11.38 -11.31 18.12
N VAL A 217 12.48 -11.14 18.82
CA VAL A 217 12.54 -10.17 19.90
C VAL A 217 12.54 -8.70 19.43
N THR A 218 11.82 -7.81 20.12
CA THR A 218 11.77 -6.38 19.75
C THR A 218 12.42 -5.49 20.82
N TYR A 219 13.66 -5.09 20.56
CA TYR A 219 14.44 -4.25 21.49
C TYR A 219 14.18 -2.77 21.26
N GLY A 220 13.63 -2.07 22.26
CA GLY A 220 13.36 -0.65 22.06
C GLY A 220 13.13 0.21 23.29
N THR A 221 13.00 1.51 23.04
CA THR A 221 12.78 2.49 24.11
C THR A 221 11.30 2.86 24.15
N ASN A 222 10.75 2.97 25.35
CA ASN A 222 9.34 3.31 25.53
C ASN A 222 8.95 4.51 24.68
N ASN A 223 9.76 5.56 24.70
CA ASN A 223 9.50 6.76 23.91
C ASN A 223 9.10 6.32 22.51
N GLU A 224 10.00 5.55 21.91
CA GLU A 224 9.82 5.03 20.56
C GLU A 224 8.63 4.10 20.47
N PHE A 225 8.69 3.00 21.20
CA PHE A 225 7.61 2.00 21.21
C PHE A 225 6.25 2.68 21.26
N GLY A 226 6.14 3.72 22.08
CA GLY A 226 4.89 4.44 22.17
C GLY A 226 4.58 5.05 20.82
N PHE A 227 5.52 5.85 20.32
CA PHE A 227 5.35 6.52 19.04
C PHE A 227 5.04 5.54 17.91
N ASP A 228 5.61 4.35 17.97
CA ASP A 228 5.35 3.34 16.95
C ASP A 228 3.87 3.01 17.03
N TYR A 229 3.45 2.63 18.23
CA TYR A 229 2.07 2.28 18.48
C TYR A 229 1.15 3.31 17.84
N LEU A 230 1.40 4.59 18.13
CA LEU A 230 0.59 5.66 17.58
C LEU A 230 0.81 5.87 16.09
N ARG A 231 2.01 5.56 15.61
CA ARG A 231 2.31 5.70 14.20
C ARG A 231 1.17 5.04 13.44
N ASP A 232 0.53 4.10 14.12
CA ASP A 232 -0.60 3.37 13.56
C ASP A 232 -1.89 4.21 13.53
N ASN A 233 -1.84 5.41 12.96
CA ASN A 233 -3.04 6.25 12.88
C ASN A 233 -3.42 6.72 11.47
N LEU A 234 -2.73 7.74 10.97
CA LEU A 234 -3.04 8.24 9.61
C LEU A 234 -2.46 7.30 8.56
N VAL A 235 -2.59 6.01 8.83
CA VAL A 235 -2.11 4.96 7.95
C VAL A 235 -3.12 4.62 6.86
N LEU A 236 -3.16 5.44 5.81
CA LEU A 236 -4.09 5.22 4.71
C LEU A 236 -4.03 3.77 4.23
N ASP A 237 -2.88 3.13 4.47
CA ASP A 237 -2.66 1.74 4.07
C ASP A 237 -2.39 0.90 5.31
N TYR A 238 -3.22 -0.12 5.53
CA TYR A 238 -3.05 -1.00 6.67
C TYR A 238 -1.90 -1.97 6.43
N ASN A 239 -1.47 -2.07 5.18
CA ASN A 239 -0.36 -2.94 4.82
C ASN A 239 0.80 -2.59 5.73
N ASP A 240 0.75 -1.38 6.26
CA ASP A 240 1.78 -0.88 7.17
C ASP A 240 1.80 -1.74 8.42
N LYS A 241 2.71 -2.70 8.46
CA LYS A 241 2.83 -3.59 9.61
C LYS A 241 3.37 -2.85 10.82
N VAL A 242 3.09 -1.56 10.89
CA VAL A 242 3.53 -0.71 12.00
C VAL A 242 3.14 -1.35 13.34
N GLN A 243 4.05 -2.16 13.87
CA GLN A 243 3.84 -2.86 15.13
C GLN A 243 2.81 -3.96 14.95
N ARG A 244 3.23 -5.19 15.21
CA ARG A 244 2.37 -6.36 15.07
C ARG A 244 1.79 -6.83 16.40
N GLY A 245 0.80 -6.11 16.92
CA GLY A 245 0.20 -6.49 18.18
C GLY A 245 1.09 -6.16 19.36
N HIS A 246 0.50 -5.47 20.34
CA HIS A 246 1.20 -5.04 21.55
C HIS A 246 0.77 -5.88 22.75
N PHE A 247 1.72 -6.41 23.52
CA PHE A 247 1.32 -7.17 24.70
C PHE A 247 2.36 -7.46 25.80
N TYR A 248 3.22 -8.45 25.61
CA TYR A 248 4.21 -8.79 26.64
C TYR A 248 5.45 -7.90 26.60
N ALA A 249 6.00 -7.61 27.77
CA ALA A 249 7.19 -6.77 27.85
C ALA A 249 7.92 -6.86 29.19
N ILE A 250 9.25 -6.85 29.11
CA ILE A 250 10.09 -6.89 30.30
C ILE A 250 10.82 -5.55 30.30
N VAL A 251 10.78 -4.87 31.45
CA VAL A 251 11.41 -3.56 31.55
C VAL A 251 12.83 -3.52 32.10
N ASP A 252 13.77 -3.11 31.25
CA ASP A 252 15.16 -3.00 31.65
C ASP A 252 15.33 -1.66 32.38
N GLU A 253 15.42 -1.76 33.70
CA GLU A 253 15.54 -0.64 34.62
C GLU A 253 14.14 -0.02 34.79
N ALA A 254 13.20 -0.86 35.22
CA ALA A 254 11.82 -0.42 35.41
C ALA A 254 11.66 0.66 36.47
N ASP A 255 12.70 0.87 37.28
CA ASP A 255 12.65 1.90 38.32
C ASP A 255 12.33 3.21 37.62
N SER A 256 12.45 3.19 36.29
CA SER A 256 12.17 4.36 35.46
C SER A 256 10.87 4.15 34.69
N VAL A 257 10.61 2.90 34.30
CA VAL A 257 9.40 2.55 33.54
C VAL A 257 8.18 3.27 34.09
N LEU A 258 8.23 3.55 35.39
CA LEU A 258 7.15 4.24 36.07
C LEU A 258 7.30 5.76 36.01
N ILE A 259 8.47 6.24 36.38
CA ILE A 259 8.73 7.68 36.39
C ILE A 259 8.40 8.39 35.07
N ASP A 260 8.08 7.62 34.04
CA ASP A 260 7.74 8.21 32.74
C ASP A 260 6.32 8.78 32.79
N GLU A 261 6.04 9.52 33.86
CA GLU A 261 4.72 10.12 34.07
C GLU A 261 4.19 10.84 32.83
N ALA A 262 4.82 11.96 32.47
CA ALA A 262 4.40 12.74 31.30
C ALA A 262 3.96 11.81 30.17
N ARG A 263 2.74 11.99 29.67
CA ARG A 263 2.23 11.13 28.62
C ARG A 263 3.08 11.05 27.36
N THR A 264 2.80 10.05 26.54
CA THR A 264 3.52 9.81 25.28
C THR A 264 2.72 10.33 24.09
N PRO A 265 3.07 11.52 23.58
CA PRO A 265 2.32 12.05 22.45
C PRO A 265 3.12 12.26 21.17
N LEU A 266 2.60 11.76 20.05
CA LEU A 266 3.27 11.97 18.77
C LEU A 266 2.56 13.20 18.20
N ILE A 267 3.32 14.27 18.03
CA ILE A 267 2.81 15.54 17.52
C ILE A 267 3.60 15.89 16.26
N ILE A 268 2.95 16.36 15.20
CA ILE A 268 3.75 16.68 14.02
C ILE A 268 3.24 17.66 12.97
N SER A 269 2.14 17.33 12.30
CA SER A 269 1.61 18.19 11.25
C SER A 269 1.03 19.50 11.82
N GLY A 270 1.79 20.58 11.69
CA GLY A 270 1.34 21.87 12.19
C GLY A 270 1.10 22.93 11.13
N PRO A 271 -0.10 22.98 10.55
CA PRO A 271 -0.46 23.96 9.51
C PRO A 271 -0.66 25.37 10.07
N SER A 272 0.43 26.03 10.41
CA SER A 272 0.34 27.39 10.95
C SER A 272 -0.15 28.37 9.89
N LYS A 273 -1.29 28.99 10.15
CA LYS A 273 -1.86 29.96 9.24
C LYS A 273 -1.32 31.34 9.59
N GLU A 274 -0.67 31.41 10.75
CA GLU A 274 -0.09 32.66 11.24
C GLU A 274 1.41 32.53 11.47
N SER A 275 2.07 31.82 10.57
CA SER A 275 3.52 31.61 10.65
C SER A 275 4.31 32.90 10.48
N PRO A 276 4.06 33.66 9.38
CA PRO A 276 4.78 34.90 9.16
C PRO A 276 4.55 35.88 10.32
N SER A 277 3.32 35.85 10.84
CA SER A 277 2.97 36.69 11.97
C SER A 277 3.88 36.33 13.12
N VAL A 278 3.78 35.09 13.58
CA VAL A 278 4.60 34.59 14.69
C VAL A 278 6.02 35.11 14.54
N TYR A 279 6.55 35.02 13.33
CA TYR A 279 7.90 35.48 13.04
C TYR A 279 8.09 36.89 13.63
N ARG A 280 7.57 37.88 12.92
CA ARG A 280 7.68 39.27 13.38
C ARG A 280 7.07 39.47 14.76
N ARG A 281 5.83 39.00 14.90
CA ARG A 281 5.11 39.11 16.15
C ARG A 281 5.97 38.68 17.35
N PHE A 282 6.30 37.39 17.40
CA PHE A 282 7.10 36.85 18.49
C PHE A 282 8.40 37.61 18.73
N ALA A 283 8.96 38.22 17.68
CA ALA A 283 10.19 38.98 17.85
C ALA A 283 9.85 40.09 18.84
N GLN A 284 8.81 40.84 18.51
CA GLN A 284 8.34 41.93 19.37
C GLN A 284 8.04 41.37 20.75
N ILE A 285 7.30 40.27 20.78
CA ILE A 285 6.92 39.60 22.02
C ILE A 285 8.09 39.47 22.99
N ALA A 286 8.98 38.55 22.66
CA ALA A 286 10.17 38.28 23.47
C ALA A 286 10.76 39.56 24.02
N LYS A 287 11.05 40.50 23.12
CA LYS A 287 11.64 41.77 23.55
C LYS A 287 10.80 42.48 24.61
N LYS A 288 9.49 42.29 24.55
CA LYS A 288 8.59 42.91 25.52
C LYS A 288 8.99 42.53 26.94
N PHE A 289 8.93 41.23 27.24
CA PHE A 289 9.29 40.85 28.60
C PHE A 289 10.70 41.27 28.93
N VAL A 290 11.57 41.27 27.92
CA VAL A 290 12.95 41.69 28.13
C VAL A 290 12.88 43.02 28.86
N LYS A 291 11.93 43.85 28.42
CA LYS A 291 11.71 45.17 28.99
C LYS A 291 11.42 45.13 30.49
N ASP A 292 10.90 44.01 31.01
CA ASP A 292 10.62 43.96 32.45
C ASP A 292 11.58 43.14 33.35
N LYS A 293 11.77 43.64 34.57
CA LYS A 293 12.67 43.05 35.58
C LYS A 293 12.38 41.65 36.12
N ASP A 294 13.14 41.30 37.16
CA ASP A 294 13.03 40.01 37.85
C ASP A 294 11.62 39.77 38.36
N PHE A 295 11.20 40.61 39.30
CA PHE A 295 9.87 40.49 39.88
C PHE A 295 8.88 40.07 38.81
N THR A 296 8.44 38.82 38.90
CA THR A 296 7.49 38.23 37.96
C THR A 296 7.11 36.87 38.53
N VAL A 297 7.62 36.59 39.72
CA VAL A 297 7.38 35.35 40.46
C VAL A 297 7.32 34.09 39.59
N ASP A 298 8.45 33.37 39.52
CA ASP A 298 8.53 32.14 38.72
C ASP A 298 9.15 31.01 39.54
N GLU A 299 8.31 30.13 40.08
CA GLU A 299 8.81 29.02 40.89
C GLU A 299 7.85 27.82 41.02
N LYS A 300 8.31 26.82 41.76
CA LYS A 300 7.60 25.57 42.09
C LYS A 300 6.78 24.85 41.02
N ALA A 301 6.74 25.40 39.81
CA ALA A 301 6.00 24.84 38.69
C ALA A 301 6.21 25.83 37.58
N ARG A 302 6.12 25.37 36.33
CA ARG A 302 6.33 26.25 35.21
C ARG A 302 5.10 27.05 34.80
N THR A 303 4.60 27.86 35.73
CA THR A 303 3.45 28.74 35.52
C THR A 303 3.88 30.07 36.15
N ILE A 304 3.62 31.17 35.45
CA ILE A 304 4.04 32.49 35.89
C ILE A 304 3.18 33.68 35.47
N ILE A 305 3.20 34.73 36.30
CA ILE A 305 2.50 35.97 36.06
C ILE A 305 3.09 37.02 37.00
N LEU A 306 3.00 38.30 36.63
CA LEU A 306 3.56 39.35 37.48
C LEU A 306 2.57 40.41 37.95
N THR A 307 2.75 40.84 39.19
CA THR A 307 1.90 41.84 39.83
C THR A 307 2.03 43.26 39.26
N GLU A 308 2.28 44.22 40.15
CA GLU A 308 2.41 45.62 39.79
C GLU A 308 3.10 45.88 38.45
N GLU A 309 4.43 45.74 38.44
CA GLU A 309 5.19 45.97 37.22
C GLU A 309 4.61 45.17 36.07
N GLY A 310 3.90 44.10 36.40
CA GLY A 310 3.29 43.26 35.38
C GLY A 310 2.17 44.01 34.71
N VAL A 311 1.10 44.29 35.46
CA VAL A 311 -0.04 45.02 34.93
C VAL A 311 0.52 46.28 34.29
N ALA A 312 1.48 46.89 34.98
CA ALA A 312 2.14 48.10 34.52
C ALA A 312 2.66 47.85 33.11
N LYS A 313 3.54 46.86 32.97
CA LYS A 313 4.12 46.54 31.68
C LYS A 313 3.04 46.26 30.63
N ALA A 314 2.07 45.45 31.00
CA ALA A 314 0.98 45.11 30.10
C ALA A 314 0.45 46.38 29.46
N GLU A 315 0.20 47.40 30.28
CA GLU A 315 -0.29 48.68 29.79
C GLU A 315 0.87 49.47 29.19
N LYS A 316 2.06 49.30 29.77
CA LYS A 316 3.26 49.98 29.34
C LYS A 316 3.61 49.70 27.87
N ILE A 317 3.05 48.64 27.32
CA ILE A 317 3.33 48.27 25.93
C ILE A 317 2.08 47.83 25.17
N ILE A 318 2.08 48.09 23.87
CA ILE A 318 0.96 47.75 22.98
C ILE A 318 -0.31 47.31 23.70
N GLY A 319 -0.98 48.27 24.31
CA GLY A 319 -2.21 47.96 25.02
C GLY A 319 -2.49 48.89 26.18
N VAL A 320 -2.99 50.09 25.88
CA VAL A 320 -3.31 51.06 26.90
C VAL A 320 -4.53 50.55 27.67
N GLU A 321 -4.98 49.37 27.29
CA GLU A 321 -6.13 48.73 27.92
C GLU A 321 -5.74 48.10 29.24
N ASN A 322 -6.25 48.67 30.33
CA ASN A 322 -5.98 48.15 31.66
C ASN A 322 -6.64 46.79 31.76
N LEU A 323 -7.96 46.81 31.65
CA LEU A 323 -8.74 45.60 31.70
C LEU A 323 -8.48 44.77 30.44
N TYR A 324 -7.39 44.01 30.48
CA TYR A 324 -6.91 43.15 29.41
C TYR A 324 -7.72 41.88 29.14
N ASP A 325 -8.28 41.32 30.20
CA ASP A 325 -9.06 40.07 30.17
C ASP A 325 -10.19 39.94 29.14
N PRO A 326 -11.06 40.98 29.04
CA PRO A 326 -12.20 41.01 28.11
C PRO A 326 -11.97 40.32 26.77
N GLY A 327 -12.00 38.98 26.76
CA GLY A 327 -11.76 38.26 25.52
C GLY A 327 -10.59 38.86 24.78
N ASN A 328 -9.69 39.50 25.52
CA ASN A 328 -8.50 40.09 24.92
C ASN A 328 -7.22 39.48 25.48
N VAL A 329 -7.33 38.30 26.07
CA VAL A 329 -6.19 37.60 26.65
C VAL A 329 -5.24 37.03 25.59
N SER A 330 -5.69 36.98 24.34
CA SER A 330 -4.87 36.46 23.25
C SER A 330 -3.51 37.17 23.26
N LEU A 331 -3.54 38.48 23.47
CA LEU A 331 -2.32 39.27 23.52
C LEU A 331 -1.54 38.96 24.78
N LEU A 332 -2.21 38.99 25.93
CA LEU A 332 -1.54 38.69 27.18
C LEU A 332 -0.83 37.36 27.01
N TYR A 333 -1.44 36.46 26.25
CA TYR A 333 -0.87 35.16 25.97
C TYR A 333 0.55 35.39 25.44
N HIS A 334 0.67 36.29 24.47
CA HIS A 334 1.99 36.59 23.90
C HIS A 334 3.03 36.92 24.98
N LEU A 335 2.64 37.76 25.94
CA LEU A 335 3.57 38.14 27.00
C LEU A 335 3.97 36.93 27.83
N ILE A 336 2.98 36.27 28.43
CA ILE A 336 3.24 35.09 29.25
C ILE A 336 4.18 34.14 28.51
N ASN A 337 3.95 33.98 27.21
CA ASN A 337 4.78 33.12 26.38
C ASN A 337 6.24 33.45 26.59
N ALA A 338 6.70 34.49 25.90
CA ALA A 338 8.09 34.91 26.01
C ALA A 338 8.48 34.80 27.47
N LEU A 339 7.72 35.48 28.32
CA LEU A 339 7.93 35.49 29.77
C LEU A 339 8.44 34.11 30.22
N LYS A 340 7.59 33.10 30.07
CA LYS A 340 7.94 31.75 30.46
C LYS A 340 9.15 31.26 29.70
N ALA A 341 9.19 31.50 28.40
CA ALA A 341 10.31 31.07 27.57
C ALA A 341 11.64 31.47 28.17
N LEU A 342 11.98 32.75 28.01
CA LEU A 342 13.24 33.30 28.50
C LEU A 342 13.59 32.89 29.93
N HIS A 343 12.62 32.37 30.68
CA HIS A 343 12.90 31.99 32.06
C HIS A 343 12.62 30.54 32.49
N LEU A 344 11.37 30.09 32.34
CA LEU A 344 10.98 28.73 32.72
C LEU A 344 11.95 27.66 32.23
N PHE A 345 12.50 27.88 31.04
CA PHE A 345 13.42 26.91 30.45
C PHE A 345 14.66 27.55 29.87
N LYS A 346 15.75 27.52 30.64
CA LYS A 346 17.00 28.07 30.17
C LYS A 346 17.23 27.57 28.75
N LYS A 347 17.45 28.50 27.83
CA LYS A 347 17.68 28.13 26.43
C LYS A 347 18.82 27.13 26.39
N ASP A 348 19.57 27.06 27.49
CA ASP A 348 20.70 26.16 27.58
C ASP A 348 20.31 24.74 27.99
N VAL A 349 19.01 24.48 28.04
CA VAL A 349 18.49 23.15 28.36
C VAL A 349 17.70 22.72 27.14
N ASP A 350 17.51 23.70 26.27
CA ASP A 350 16.82 23.54 25.01
C ASP A 350 17.90 24.08 24.06
N TYR A 351 19.04 23.42 24.12
CA TYR A 351 20.24 23.76 23.36
C TYR A 351 20.15 23.86 21.84
N VAL A 352 21.27 24.27 21.27
CA VAL A 352 21.44 24.44 19.83
C VAL A 352 22.72 23.67 19.49
N VAL A 353 22.59 22.48 18.90
CA VAL A 353 23.77 21.68 18.55
C VAL A 353 24.74 22.50 17.70
N MET A 354 26.00 22.09 17.67
CA MET A 354 27.04 22.79 16.91
C MET A 354 26.55 23.46 15.62
N ASN A 355 26.22 24.74 15.74
CA ASN A 355 25.73 25.55 14.63
C ASN A 355 24.62 24.92 13.81
N GLY A 356 24.01 23.86 14.33
CA GLY A 356 22.91 23.24 13.62
C GLY A 356 21.83 24.29 13.65
N GLU A 357 21.98 25.21 14.59
CA GLU A 357 21.06 26.33 14.79
C GLU A 357 19.67 25.85 15.16
N VAL A 358 19.51 24.54 15.33
CA VAL A 358 18.22 23.97 15.67
C VAL A 358 18.05 23.90 17.18
N ILE A 359 17.04 24.59 17.68
CA ILE A 359 16.76 24.61 19.11
C ILE A 359 16.08 23.30 19.51
N ILE A 360 16.89 22.31 19.88
CA ILE A 360 16.37 21.02 20.28
C ILE A 360 16.25 20.91 21.80
N VAL A 361 15.41 19.98 22.24
CA VAL A 361 15.19 19.74 23.66
C VAL A 361 15.78 18.38 24.07
N ASP A 362 16.80 18.43 24.92
CA ASP A 362 17.47 17.24 25.43
C ASP A 362 17.02 17.04 26.87
N GLU A 363 16.02 17.83 27.28
CA GLU A 363 15.49 17.76 28.62
C GLU A 363 14.83 16.42 28.93
N PHE A 364 14.06 16.39 30.01
CA PHE A 364 13.35 15.18 30.46
C PHE A 364 14.12 13.87 30.42
N THR A 365 15.12 13.75 31.29
CA THR A 365 15.93 12.54 31.42
C THR A 365 16.47 11.90 30.15
N GLY A 366 16.28 12.55 29.00
CA GLY A 366 16.75 11.98 27.75
C GLY A 366 18.21 12.14 27.41
N ARG A 367 18.47 12.49 26.14
CA ARG A 367 19.82 12.71 25.64
C ARG A 367 19.75 13.08 24.16
N LEU A 368 19.23 14.28 23.91
CA LEU A 368 19.08 14.85 22.57
C LEU A 368 17.96 14.26 21.71
N LEU A 369 16.86 15.00 21.63
CA LEU A 369 15.69 14.60 20.85
C LEU A 369 15.45 15.61 19.73
N PRO A 370 15.90 15.28 18.50
CA PRO A 370 15.76 16.13 17.31
C PRO A 370 14.37 16.67 17.03
N GLY A 371 14.33 17.82 16.37
CA GLY A 371 13.09 18.49 15.99
C GLY A 371 11.81 18.05 16.68
N ARG A 372 11.34 18.83 17.65
CA ARG A 372 10.12 18.53 18.37
C ARG A 372 9.91 19.51 19.53
N ARG A 373 8.70 19.55 20.06
CA ARG A 373 8.39 20.44 21.17
C ARG A 373 7.26 19.84 21.99
N TYR A 374 7.28 20.10 23.29
CA TYR A 374 6.26 19.58 24.18
C TYR A 374 5.02 20.45 24.18
N SER A 375 5.03 21.49 23.36
CA SER A 375 3.90 22.40 23.35
C SER A 375 3.76 23.29 22.13
N GLY A 376 2.60 23.92 22.02
CA GLY A 376 2.32 24.80 20.89
C GLY A 376 2.58 26.27 21.18
N GLY A 377 3.63 26.57 21.94
CA GLY A 377 3.94 27.95 22.24
C GLY A 377 5.37 28.18 22.69
N LEU A 378 5.96 27.14 23.27
CA LEU A 378 7.32 27.23 23.76
C LEU A 378 8.34 27.24 22.63
N HIS A 379 8.26 26.24 21.75
CA HIS A 379 9.19 26.15 20.63
C HIS A 379 9.35 27.49 19.90
N GLN A 380 8.23 28.11 19.55
CA GLN A 380 8.27 29.39 18.86
C GLN A 380 8.68 30.55 19.78
N ALA A 381 8.49 30.36 21.08
CA ALA A 381 8.86 31.38 22.05
C ALA A 381 10.39 31.48 22.11
N ILE A 382 11.02 30.40 22.53
CA ILE A 382 12.47 30.40 22.64
C ILE A 382 13.07 30.67 21.27
N GLU A 383 12.40 30.19 20.22
CA GLU A 383 12.88 30.42 18.86
C GLU A 383 13.02 31.93 18.68
N ALA A 384 12.03 32.66 19.21
CA ALA A 384 12.04 34.11 19.11
C ALA A 384 13.15 34.67 20.00
N LYS A 385 13.58 33.87 20.97
CA LYS A 385 14.65 34.29 21.87
C LYS A 385 16.05 34.09 21.29
N GLU A 386 16.18 33.14 20.37
CA GLU A 386 17.48 32.84 19.77
C GLU A 386 17.71 33.47 18.40
N GLY A 387 17.43 32.71 17.34
CA GLY A 387 17.61 33.22 15.99
C GLY A 387 16.60 32.67 15.00
N VAL A 388 16.98 31.61 14.28
CA VAL A 388 16.09 31.01 13.30
C VAL A 388 14.76 30.57 13.92
N PRO A 389 13.65 31.22 13.52
CA PRO A 389 12.32 30.91 14.02
C PRO A 389 11.54 29.93 13.14
N ILE A 390 10.98 28.89 13.75
CA ILE A 390 10.21 27.90 13.01
C ILE A 390 8.79 28.43 12.76
N LYS A 391 7.86 27.52 12.49
CA LYS A 391 6.48 27.90 12.24
C LYS A 391 5.54 26.74 12.54
N GLU A 392 5.96 25.85 13.42
CA GLU A 392 5.15 24.69 13.78
C GLU A 392 4.47 24.80 15.14
N GLU A 393 3.36 24.09 15.28
CA GLU A 393 2.56 24.05 16.49
C GLU A 393 1.49 23.00 16.20
N SER A 394 1.83 21.74 16.47
CA SER A 394 0.90 20.67 16.20
C SER A 394 0.70 19.68 17.33
N ILE A 395 -0.35 18.90 17.20
CA ILE A 395 -0.70 17.86 18.15
C ILE A 395 -1.04 16.68 17.23
N THR A 396 -1.76 15.69 17.75
CA THR A 396 -2.18 14.51 16.98
C THR A 396 -2.71 13.39 17.88
N TYR A 397 -1.87 12.91 18.80
CA TYR A 397 -2.33 11.85 19.71
C TYR A 397 -1.50 11.76 20.98
N ALA A 398 -2.06 11.12 22.01
CA ALA A 398 -1.38 10.96 23.29
C ALA A 398 -1.75 9.65 23.97
N THR A 399 -0.97 9.25 24.97
CA THR A 399 -1.22 8.01 25.71
C THR A 399 -0.29 7.83 26.90
N ILE A 400 -0.79 7.16 27.94
CA ILE A 400 0.00 6.89 29.13
C ILE A 400 0.98 5.77 28.77
N THR A 401 2.26 6.06 28.90
CA THR A 401 3.32 5.11 28.55
C THR A 401 3.11 3.73 29.15
N PHE A 402 2.53 3.67 30.35
CA PHE A 402 2.33 2.38 31.01
C PHE A 402 0.90 1.80 31.02
N GLN A 403 0.13 2.08 32.06
CA GLN A 403 -1.23 1.55 32.19
C GLN A 403 -2.02 1.63 30.88
N ASN A 404 -2.04 2.79 30.24
CA ASN A 404 -2.76 2.93 28.99
C ASN A 404 -2.12 2.05 27.92
N TYR A 405 -0.80 1.94 27.94
CA TYR A 405 -0.07 1.12 26.98
C TYR A 405 -0.01 -0.35 27.39
N PHE A 406 0.88 -0.64 28.33
CA PHE A 406 1.09 -2.00 28.83
C PHE A 406 -0.18 -2.69 29.30
N ARG A 407 -0.97 -2.00 30.12
CA ARG A 407 -2.20 -2.59 30.61
C ARG A 407 -3.20 -2.65 29.47
N MET A 408 -2.90 -1.97 28.36
CA MET A 408 -3.79 -2.05 27.22
C MET A 408 -3.70 -3.52 26.86
N TYR A 409 -2.53 -4.10 27.09
CA TYR A 409 -2.37 -5.52 26.81
C TYR A 409 -1.16 -6.23 27.42
N GLU A 410 -1.45 -7.35 28.06
CA GLU A 410 -0.50 -8.29 28.67
C GLU A 410 0.29 -7.88 29.92
N LYS A 411 1.51 -8.40 30.06
CA LYS A 411 2.28 -8.14 31.28
C LYS A 411 3.67 -7.55 31.25
N LEU A 412 4.21 -7.42 32.46
CA LEU A 412 5.53 -6.85 32.70
C LEU A 412 6.27 -7.37 33.94
N ALA A 413 7.59 -7.34 33.82
CA ALA A 413 8.48 -7.74 34.89
C ALA A 413 9.70 -6.81 34.81
N GLY A 414 9.81 -5.91 35.78
CA GLY A 414 10.92 -4.97 35.80
C GLY A 414 12.24 -5.51 36.33
N MET A 415 13.31 -4.73 36.18
CA MET A 415 14.64 -5.17 36.61
C MET A 415 15.40 -4.13 37.45
N THR A 416 15.78 -4.54 38.67
CA THR A 416 16.52 -3.73 39.67
C THR A 416 15.54 -3.41 40.80
N GLY A 417 15.29 -2.12 41.08
CA GLY A 417 14.33 -1.72 42.14
C GLY A 417 14.27 -2.50 43.46
N THR A 418 13.42 -2.07 44.40
CA THR A 418 13.24 -2.73 45.70
C THR A 418 12.35 -1.92 46.68
N ALA A 419 12.59 -0.62 46.75
CA ALA A 419 11.85 0.27 47.63
C ALA A 419 10.35 0.06 47.55
N LYS A 420 9.68 0.38 48.66
CA LYS A 420 8.23 0.25 48.77
C LYS A 420 7.58 1.24 47.83
N THR A 421 8.36 2.21 47.38
CA THR A 421 7.86 3.22 46.47
C THR A 421 7.18 2.59 45.26
N GLU A 422 7.77 1.50 44.77
CA GLU A 422 7.31 0.79 43.58
C GLU A 422 6.23 -0.29 43.67
N GLU A 423 6.08 -0.90 44.85
CA GLU A 423 5.09 -1.94 45.01
C GLU A 423 3.66 -1.39 44.89
N SER A 424 3.35 -0.36 45.67
CA SER A 424 2.05 0.28 45.61
C SER A 424 1.77 0.68 44.15
N GLU A 425 2.82 1.12 43.45
CA GLU A 425 2.72 1.51 42.04
C GLU A 425 2.46 0.29 41.20
N PHE A 426 3.32 -0.72 41.37
CA PHE A 426 3.19 -1.98 40.65
C PHE A 426 1.89 -2.67 41.02
N VAL A 427 1.03 -1.97 41.74
CA VAL A 427 -0.27 -2.49 42.12
C VAL A 427 -1.34 -1.62 41.45
N GLN A 428 -1.45 -0.38 41.92
CA GLN A 428 -2.43 0.58 41.40
C GLN A 428 -2.55 0.63 39.88
N VAL A 429 -1.60 0.06 39.16
CA VAL A 429 -1.67 0.09 37.70
C VAL A 429 -1.13 -1.16 37.01
N TYR A 430 0.19 -1.32 36.99
CA TYR A 430 0.78 -2.49 36.34
C TYR A 430 0.18 -3.78 36.84
N GLY A 431 0.31 -4.02 38.14
CA GLY A 431 -0.23 -5.23 38.72
C GLY A 431 0.85 -6.29 38.81
N MET A 432 1.99 -5.93 39.39
CA MET A 432 3.11 -6.84 39.56
C MET A 432 3.58 -6.84 41.01
N GLU A 433 4.76 -7.42 41.25
CA GLU A 433 5.33 -7.50 42.59
C GLU A 433 6.85 -7.36 42.60
N VAL A 434 7.45 -7.70 43.73
CA VAL A 434 8.89 -7.61 43.88
C VAL A 434 9.56 -8.88 44.37
N VAL A 435 10.70 -9.19 43.76
CA VAL A 435 11.50 -10.36 44.13
C VAL A 435 12.94 -9.86 44.27
N VAL A 436 13.21 -9.30 45.44
CA VAL A 436 14.49 -8.74 45.82
C VAL A 436 15.52 -9.86 45.95
N ILE A 437 16.54 -9.86 45.11
CA ILE A 437 17.54 -10.93 45.23
C ILE A 437 18.97 -10.43 45.11
N PRO A 438 19.82 -10.79 46.10
CA PRO A 438 21.23 -10.41 46.11
C PRO A 438 22.10 -11.54 45.57
N THR A 439 22.60 -11.37 44.35
CA THR A 439 23.45 -12.37 43.73
C THR A 439 24.70 -12.62 44.56
N HIS A 440 25.61 -13.43 44.04
CA HIS A 440 26.85 -13.75 44.73
C HIS A 440 27.51 -12.46 45.20
N LYS A 441 27.89 -12.40 46.47
CA LYS A 441 28.52 -11.22 47.06
C LYS A 441 27.55 -10.03 47.00
N PRO A 442 26.75 -9.85 48.07
CA PRO A 442 25.76 -8.77 48.22
C PRO A 442 26.29 -7.39 48.63
N MET A 443 25.88 -6.37 47.87
CA MET A 443 26.27 -4.98 48.09
C MET A 443 27.73 -4.83 48.51
N ILE A 444 28.60 -5.61 47.88
CA ILE A 444 30.02 -5.61 48.17
C ILE A 444 30.66 -4.22 48.13
N ARG A 445 29.97 -3.23 47.59
CA ARG A 445 30.52 -1.88 47.49
C ARG A 445 30.31 -0.97 48.69
N LYS A 446 31.20 0.01 48.84
CA LYS A 446 31.12 0.95 49.94
C LYS A 446 30.48 2.27 49.52
N ASP A 447 29.90 2.95 50.51
CA ASP A 447 29.24 4.23 50.27
C ASP A 447 29.55 5.20 51.40
N HIS A 448 29.37 6.50 51.13
CA HIS A 448 29.62 7.52 52.12
C HIS A 448 28.45 8.49 52.15
N ASP A 449 28.22 9.07 53.33
CA ASP A 449 27.11 10.00 53.55
C ASP A 449 26.95 11.20 52.61
N ASP A 450 25.89 11.96 52.87
CA ASP A 450 25.56 13.14 52.10
C ASP A 450 26.27 14.32 52.76
N LEU A 451 27.55 14.47 52.46
CA LEU A 451 28.35 15.54 53.02
C LEU A 451 27.81 16.88 52.51
N VAL A 452 27.29 17.70 53.41
CA VAL A 452 26.72 18.97 53.01
C VAL A 452 27.64 20.18 53.24
N PHE A 453 27.35 21.25 52.50
CA PHE A 453 28.07 22.52 52.50
C PHE A 453 27.07 23.64 52.20
N ARG A 454 27.25 24.79 52.84
CA ARG A 454 26.32 25.91 52.66
C ARG A 454 26.63 26.93 51.56
N THR A 455 25.83 28.00 51.59
CA THR A 455 25.89 29.14 50.68
C THR A 455 26.54 28.91 49.30
N GLN A 456 25.71 28.59 48.29
CA GLN A 456 26.15 28.36 46.92
C GLN A 456 26.91 27.05 46.63
N LYS A 457 26.92 26.66 45.36
CA LYS A 457 27.58 25.45 44.85
C LYS A 457 29.08 25.46 45.12
N GLU A 458 29.49 26.31 46.04
CA GLU A 458 30.90 26.44 46.39
C GLU A 458 31.42 25.11 46.93
N LYS A 459 30.49 24.19 47.14
CA LYS A 459 30.82 22.85 47.61
C LYS A 459 31.34 22.07 46.40
N TYR A 460 30.70 22.30 45.26
CA TYR A 460 31.10 21.67 44.01
C TYR A 460 32.56 22.06 43.82
N GLU A 461 32.94 23.18 44.42
CA GLU A 461 34.33 23.61 44.32
C GLU A 461 35.14 22.66 45.19
N LYS A 462 34.65 22.43 46.40
CA LYS A 462 35.35 21.54 47.33
C LYS A 462 35.40 20.10 46.77
N ILE A 463 34.39 19.72 45.99
CA ILE A 463 34.36 18.39 45.42
C ILE A 463 35.46 18.31 44.36
N VAL A 464 35.82 19.46 43.81
CA VAL A 464 36.88 19.49 42.80
C VAL A 464 38.13 18.92 43.45
N GLU A 465 38.61 19.61 44.48
CA GLU A 465 39.81 19.15 45.16
C GLU A 465 39.67 17.67 45.46
N GLU A 466 38.45 17.24 45.73
CA GLU A 466 38.19 15.84 46.03
C GLU A 466 38.61 14.96 44.85
N ILE A 467 38.08 15.29 43.67
CA ILE A 467 38.40 14.53 42.46
C ILE A 467 39.91 14.46 42.38
N GLU A 468 40.56 15.54 42.78
CA GLU A 468 42.02 15.61 42.74
C GLU A 468 42.63 14.56 43.66
N LYS A 469 42.47 14.73 44.97
CA LYS A 469 43.02 13.78 45.92
C LYS A 469 42.85 12.36 45.44
N ARG A 470 41.75 12.09 44.75
CA ARG A 470 41.51 10.75 44.22
C ARG A 470 42.50 10.48 43.10
N TYR A 471 42.54 11.39 42.13
CA TYR A 471 43.43 11.26 40.99
C TYR A 471 44.84 10.87 41.42
N LYS A 472 45.42 11.66 42.32
CA LYS A 472 46.76 11.41 42.80
C LYS A 472 46.94 9.97 43.27
N LYS A 473 45.98 9.45 44.02
CA LYS A 473 46.04 8.07 44.50
C LYS A 473 45.80 7.07 43.39
N GLY A 474 45.65 7.58 42.16
CA GLY A 474 45.43 6.71 41.02
C GLY A 474 44.07 6.02 41.01
N GLN A 475 43.03 6.77 41.38
CA GLN A 475 41.68 6.22 41.43
C GLN A 475 40.81 6.67 40.26
N PRO A 476 40.20 5.72 39.54
CA PRO A 476 39.33 6.03 38.41
C PRO A 476 38.02 6.62 38.94
N VAL A 477 37.79 7.89 38.66
CA VAL A 477 36.59 8.58 39.14
C VAL A 477 35.57 8.91 38.06
N LEU A 478 34.38 9.29 38.52
CA LEU A 478 33.27 9.66 37.67
C LEU A 478 32.27 10.48 38.48
N VAL A 479 31.63 11.45 37.83
CA VAL A 479 30.65 12.30 38.48
C VAL A 479 29.32 12.30 37.74
N GLY A 480 28.24 12.34 38.51
CA GLY A 480 26.92 12.37 37.92
C GLY A 480 26.31 13.72 38.18
N THR A 481 26.38 14.60 37.18
CA THR A 481 25.82 15.94 37.33
C THR A 481 24.36 15.98 36.89
N THR A 482 23.71 17.10 37.21
CA THR A 482 22.30 17.31 36.92
C THR A 482 21.98 17.72 35.48
N SER A 483 22.50 18.87 35.07
CA SER A 483 22.23 19.39 33.73
C SER A 483 23.48 19.61 32.89
N ILE A 484 23.28 20.16 31.70
CA ILE A 484 24.36 20.42 30.75
C ILE A 484 25.26 21.56 31.18
N GLU A 485 24.65 22.61 31.71
CA GLU A 485 25.38 23.79 32.16
C GLU A 485 26.39 23.40 33.22
N LYS A 486 25.88 23.03 34.40
CA LYS A 486 26.71 22.64 35.51
C LYS A 486 27.75 21.60 35.09
N SER A 487 27.38 20.74 34.16
CA SER A 487 28.30 19.71 33.70
C SER A 487 29.51 20.39 33.06
N GLU A 488 29.25 21.31 32.14
CA GLU A 488 30.32 22.03 31.47
C GLU A 488 31.26 22.70 32.47
N LEU A 489 30.72 23.58 33.30
CA LEU A 489 31.54 24.27 34.30
C LEU A 489 32.40 23.25 35.05
N LEU A 490 31.82 22.08 35.30
CA LEU A 490 32.54 21.02 36.01
C LEU A 490 33.86 20.77 35.31
N SER A 491 33.80 20.46 34.02
CA SER A 491 35.01 20.20 33.25
C SER A 491 35.93 21.40 33.38
N SER A 492 35.42 22.58 33.02
CA SER A 492 36.18 23.82 33.09
C SER A 492 36.93 23.90 34.42
N MET A 493 36.31 23.39 35.47
CA MET A 493 36.90 23.40 36.80
C MET A 493 38.17 22.56 36.76
N LEU A 494 38.03 21.31 36.31
CA LEU A 494 39.16 20.40 36.22
C LEU A 494 40.26 20.95 35.31
N LYS A 495 39.87 21.73 34.31
CA LYS A 495 40.83 22.31 33.39
C LYS A 495 41.57 23.45 34.08
N LYS A 496 40.82 24.30 34.78
CA LYS A 496 41.40 25.43 35.48
C LYS A 496 42.42 24.93 36.49
N LYS A 497 42.32 23.65 36.85
CA LYS A 497 43.25 23.04 37.78
C LYS A 497 44.06 21.94 37.10
N GLY A 498 43.98 21.90 35.77
CA GLY A 498 44.70 20.91 35.00
C GLY A 498 44.41 19.47 35.38
N ILE A 499 43.38 18.90 34.76
CA ILE A 499 42.98 17.52 35.02
C ILE A 499 42.37 16.90 33.76
N PRO A 500 43.01 15.84 33.22
CA PRO A 500 42.50 15.17 32.02
C PRO A 500 41.12 14.59 32.29
N HIS A 501 40.31 14.46 31.25
CA HIS A 501 38.95 13.92 31.44
C HIS A 501 38.13 13.94 30.16
N GLN A 502 37.02 13.21 30.18
CA GLN A 502 36.13 13.17 29.03
C GLN A 502 34.71 13.49 29.51
N VAL A 503 33.95 14.20 28.70
CA VAL A 503 32.60 14.60 29.08
C VAL A 503 31.50 14.09 28.14
N LEU A 504 30.72 13.14 28.64
CA LEU A 504 29.61 12.57 27.89
C LEU A 504 28.31 13.09 28.52
N ASN A 505 27.99 14.33 28.19
CA ASN A 505 26.80 14.99 28.70
C ASN A 505 25.95 15.40 27.50
N ALA A 506 25.68 14.42 26.63
CA ALA A 506 24.90 14.61 25.43
C ALA A 506 25.63 15.48 24.41
N LYS A 507 26.92 15.69 24.63
CA LYS A 507 27.73 16.48 23.70
C LYS A 507 27.53 15.87 22.31
N TYR A 508 28.10 14.69 22.13
CA TYR A 508 28.00 13.97 20.87
C TYR A 508 27.71 12.51 21.21
N HIS A 509 27.04 11.80 20.30
CA HIS A 509 26.68 10.41 20.50
C HIS A 509 27.93 9.51 20.50
N GLU A 510 28.77 9.73 19.49
CA GLU A 510 30.00 8.97 19.33
C GLU A 510 30.72 8.94 20.68
N LYS A 511 30.64 10.07 21.39
CA LYS A 511 31.25 10.19 22.69
C LYS A 511 30.78 9.04 23.58
N GLU A 512 29.47 8.87 23.66
CA GLU A 512 28.88 7.82 24.48
C GLU A 512 29.52 6.47 24.17
N ALA A 513 29.98 6.29 22.94
CA ALA A 513 30.62 5.03 22.55
C ALA A 513 32.01 4.87 23.16
N GLU A 514 32.92 5.74 22.72
CA GLU A 514 34.30 5.73 23.20
C GLU A 514 34.29 5.56 24.71
N ILE A 515 33.64 6.50 25.38
CA ILE A 515 33.54 6.52 26.83
C ILE A 515 33.02 5.21 27.39
N VAL A 516 32.24 4.47 26.59
CA VAL A 516 31.72 3.19 27.06
C VAL A 516 32.81 2.47 27.81
N ALA A 517 33.87 2.11 27.08
CA ALA A 517 34.97 1.39 27.70
C ALA A 517 36.05 2.35 28.19
N LYS A 518 36.01 3.59 27.71
CA LYS A 518 37.00 4.58 28.08
C LYS A 518 36.60 5.34 29.35
N ALA A 519 35.61 4.82 30.06
CA ALA A 519 35.15 5.45 31.29
C ALA A 519 35.59 4.58 32.47
N GLY A 520 36.70 4.94 33.09
CA GLY A 520 37.19 4.17 34.22
C GLY A 520 38.29 3.19 33.81
N GLN A 521 39.37 3.74 33.24
CA GLN A 521 40.49 2.92 32.81
C GLN A 521 41.73 3.28 33.63
N LYS A 522 41.68 2.97 34.92
CA LYS A 522 42.78 3.25 35.83
C LYS A 522 43.07 4.75 35.91
N GLY A 523 42.75 5.36 37.04
CA GLY A 523 42.99 6.78 37.22
C GLY A 523 42.17 7.68 36.32
N MET A 524 41.57 7.11 35.28
CA MET A 524 40.76 7.87 34.34
C MET A 524 39.74 8.76 35.06
N VAL A 525 39.46 9.91 34.47
CA VAL A 525 38.51 10.87 35.04
C VAL A 525 37.38 11.12 34.04
N THR A 526 36.16 10.79 34.46
CA THR A 526 35.02 10.98 33.58
C THR A 526 33.84 11.67 34.25
N ILE A 527 33.26 12.63 33.52
CA ILE A 527 32.11 13.38 34.01
C ILE A 527 30.97 13.18 33.01
N ALA A 528 29.77 12.92 33.53
CA ALA A 528 28.61 12.69 32.66
C ALA A 528 27.30 13.04 33.33
N THR A 529 26.25 13.13 32.53
CA THR A 529 24.91 13.46 33.04
C THR A 529 24.20 12.17 33.46
N ASN A 530 23.27 12.29 34.41
CA ASN A 530 22.53 11.12 34.86
C ASN A 530 21.99 10.31 33.68
N MET A 531 21.77 10.98 32.55
CA MET A 531 21.25 10.35 31.35
C MET A 531 22.19 9.31 30.73
N ALA A 532 23.35 9.13 31.35
CA ALA A 532 24.33 8.16 30.88
C ALA A 532 24.84 7.42 32.11
N GLY A 533 24.37 7.86 33.27
CA GLY A 533 24.77 7.25 34.54
C GLY A 533 23.61 6.52 35.18
N ARG A 534 22.85 5.80 34.36
CA ARG A 534 21.70 5.04 34.86
C ARG A 534 21.66 3.67 34.18
N GLY A 535 22.10 2.65 34.90
CA GLY A 535 22.12 1.30 34.34
C GLY A 535 23.03 1.22 33.13
N THR A 536 24.09 0.44 33.27
CA THR A 536 25.06 0.25 32.19
C THR A 536 26.04 -0.85 32.58
N ASP A 537 26.33 -1.73 31.62
CA ASP A 537 27.25 -2.84 31.87
C ASP A 537 28.70 -2.36 31.93
N ILE A 538 28.92 -1.23 32.61
CA ILE A 538 30.26 -0.68 32.73
C ILE A 538 31.20 -1.74 33.30
N LYS A 539 32.50 -1.54 33.15
CA LYS A 539 33.50 -2.46 33.65
C LYS A 539 34.75 -1.73 34.12
N LEU A 540 35.90 -2.29 33.80
CA LEU A 540 37.18 -1.69 34.16
C LEU A 540 38.31 -2.56 33.61
N GLY A 541 39.40 -1.91 33.22
CA GLY A 541 40.54 -2.61 32.65
C GLY A 541 41.45 -3.42 33.56
N PRO A 542 42.77 -3.19 33.48
CA PRO A 542 43.84 -3.84 34.25
C PRO A 542 43.63 -3.92 35.77
N GLY A 543 44.70 -3.71 36.52
CA GLY A 543 44.60 -3.76 37.97
C GLY A 543 43.49 -2.87 38.49
N VAL A 544 43.26 -1.77 37.77
CA VAL A 544 42.23 -0.80 38.09
C VAL A 544 41.79 -0.74 39.55
N ALA A 545 40.91 -1.66 39.93
CA ALA A 545 40.37 -1.73 41.28
C ALA A 545 41.40 -1.85 42.40
N GLU A 546 42.68 -1.81 42.05
CA GLU A 546 43.77 -1.92 43.03
C GLU A 546 43.39 -1.38 44.41
N LEU A 547 42.76 -0.22 44.44
CA LEU A 547 42.34 0.40 45.69
C LEU A 547 41.00 1.10 45.51
N GLY A 548 40.02 0.68 46.31
CA GLY A 548 38.70 1.28 46.21
C GLY A 548 37.91 0.62 45.11
N GLY A 549 38.54 0.47 43.95
CA GLY A 549 37.87 -0.14 42.81
C GLY A 549 37.28 0.86 41.85
N LEU A 550 36.37 1.69 42.35
CA LEU A 550 35.70 2.70 41.55
C LEU A 550 35.25 3.84 42.45
N CYS A 551 35.22 5.06 41.91
CA CYS A 551 34.79 6.22 42.69
C CYS A 551 33.67 6.99 41.99
N ILE A 552 32.64 7.36 42.76
CA ILE A 552 31.51 8.10 42.22
C ILE A 552 31.15 9.33 43.05
N ILE A 553 31.22 10.50 42.42
CA ILE A 553 30.90 11.76 43.07
C ILE A 553 29.62 12.35 42.48
N GLY A 554 28.58 12.40 43.31
CA GLY A 554 27.31 12.93 42.87
C GLY A 554 27.24 14.44 43.09
N THR A 555 26.78 15.16 42.08
CA THR A 555 26.67 16.61 42.13
C THR A 555 25.47 17.10 42.96
N GLU A 556 24.65 16.16 43.42
CA GLU A 556 23.43 16.45 44.19
C GLU A 556 22.51 15.25 44.21
N ARG A 557 21.32 15.41 44.80
CA ARG A 557 20.34 14.33 44.90
C ARG A 557 19.07 14.62 44.07
N HIS A 558 18.87 13.84 43.02
CA HIS A 558 17.73 14.00 42.11
C HIS A 558 16.35 14.10 42.76
N GLU A 559 15.33 14.18 41.92
CA GLU A 559 13.93 14.29 42.34
C GLU A 559 13.35 12.97 42.80
N SER A 560 14.22 12.00 43.05
CA SER A 560 13.76 10.69 43.46
C SER A 560 14.82 9.87 44.18
N ARG A 561 14.36 9.12 45.18
CA ARG A 561 15.23 8.29 46.00
C ARG A 561 15.98 7.27 45.14
N ARG A 562 15.24 6.55 44.29
CA ARG A 562 15.83 5.55 43.43
C ARG A 562 16.88 6.15 42.51
N ILE A 563 16.47 7.16 41.73
CA ILE A 563 17.36 7.82 40.80
C ILE A 563 18.67 8.18 41.46
N ASP A 564 18.59 8.76 42.66
CA ASP A 564 19.79 9.14 43.39
C ASP A 564 20.67 7.90 43.48
N ASN A 565 20.08 6.84 44.01
CA ASN A 565 20.79 5.58 44.19
C ASN A 565 21.30 5.05 42.85
N GLN A 566 20.49 5.19 41.81
CA GLN A 566 20.88 4.72 40.48
C GLN A 566 22.21 5.31 40.06
N LEU A 567 22.26 6.64 39.95
CA LEU A 567 23.50 7.32 39.56
C LEU A 567 24.64 6.69 40.34
N ARG A 568 24.38 6.36 41.59
CA ARG A 568 25.40 5.74 42.43
C ARG A 568 25.68 4.31 41.97
N GLY A 569 24.63 3.49 41.92
CA GLY A 569 24.76 2.10 41.51
C GLY A 569 25.56 1.84 40.25
N ARG A 570 25.83 2.89 39.49
CA ARG A 570 26.59 2.76 38.25
C ARG A 570 28.04 2.36 38.56
N ALA A 571 28.29 2.04 39.81
CA ALA A 571 29.61 1.63 40.25
C ALA A 571 29.55 0.25 40.88
N GLY A 572 29.40 -0.77 40.04
CA GLY A 572 29.32 -2.13 40.54
C GLY A 572 28.62 -3.12 39.64
N ARG A 573 29.40 -3.83 38.83
CA ARG A 573 28.86 -4.83 37.92
C ARG A 573 29.61 -6.13 38.13
N GLN A 574 29.01 -7.23 37.69
CA GLN A 574 29.62 -8.54 37.83
C GLN A 574 29.78 -8.97 39.27
N GLY A 575 29.87 -8.00 40.18
CA GLY A 575 30.01 -8.32 41.59
C GLY A 575 31.33 -7.84 42.17
N ASP A 576 31.67 -6.58 41.93
CA ASP A 576 32.91 -5.99 42.40
C ASP A 576 32.66 -4.82 43.34
N PRO A 577 33.69 -4.39 44.09
CA PRO A 577 33.60 -3.27 45.03
C PRO A 577 33.52 -1.89 44.39
N GLY A 578 33.68 -0.85 45.20
CA GLY A 578 33.62 0.51 44.70
C GLY A 578 33.42 1.54 45.80
N GLU A 579 33.27 2.80 45.42
CA GLU A 579 33.07 3.87 46.40
C GLU A 579 32.16 4.98 45.87
N SER A 580 31.22 5.40 46.72
CA SER A 580 30.30 6.48 46.33
C SER A 580 30.24 7.56 47.41
N ILE A 581 29.95 8.79 46.98
CA ILE A 581 29.87 9.92 47.90
C ILE A 581 29.04 11.06 47.31
N PHE A 582 28.20 11.68 48.14
CA PHE A 582 27.39 12.78 47.64
C PHE A 582 27.70 14.13 48.25
N PHE A 583 27.83 15.13 47.38
CA PHE A 583 28.10 16.49 47.83
C PHE A 583 26.85 17.32 47.54
N LEU A 584 26.26 17.82 48.62
CA LEU A 584 25.04 18.61 48.55
C LEU A 584 25.24 20.00 49.16
N SER A 585 24.59 21.00 48.57
CA SER A 585 24.66 22.38 49.03
C SER A 585 23.27 22.86 49.40
N LEU A 586 23.14 23.48 50.57
CA LEU A 586 21.85 23.98 51.02
C LEU A 586 21.36 25.10 50.10
N GLU A 587 22.03 25.24 48.97
CA GLU A 587 21.67 26.24 47.97
C GLU A 587 21.75 25.59 46.60
N ASP A 588 21.67 24.25 46.58
CA ASP A 588 21.71 23.47 45.35
C ASP A 588 20.49 23.82 44.52
N ASP A 589 19.54 22.89 44.47
CA ASP A 589 18.31 23.05 43.71
C ASP A 589 17.19 22.26 44.38
N LEU A 590 17.45 20.97 44.59
CA LEU A 590 16.49 20.06 45.21
C LEU A 590 15.72 20.73 46.34
N LEU A 591 16.43 21.55 47.12
CA LEU A 591 15.84 22.26 48.24
C LEU A 591 15.90 23.77 48.11
N ARG A 592 16.41 24.26 46.98
CA ARG A 592 16.51 25.68 46.73
C ARG A 592 15.10 26.24 46.62
N ILE A 593 14.19 25.40 46.16
CA ILE A 593 12.78 25.79 45.99
C ILE A 593 11.85 24.78 46.65
N PHE A 594 12.37 23.60 46.99
CA PHE A 594 11.56 22.57 47.63
C PHE A 594 11.98 22.26 49.06
N GLY A 595 11.19 22.75 50.01
CA GLY A 595 11.48 22.53 51.41
C GLY A 595 12.37 23.62 51.96
N SER A 596 12.59 24.66 51.15
CA SER A 596 13.44 25.77 51.57
C SER A 596 12.87 26.45 52.81
N GLU A 597 11.56 26.59 52.86
CA GLU A 597 10.88 27.22 53.99
C GLU A 597 11.16 26.47 55.28
N GLN A 598 11.36 25.16 55.18
CA GLN A 598 11.63 24.33 56.34
C GLN A 598 13.10 24.46 56.73
N ILE A 599 13.97 24.03 55.81
CA ILE A 599 15.42 24.07 56.00
C ILE A 599 15.84 25.45 56.49
N GLY A 600 15.02 26.46 56.19
CA GLY A 600 15.31 27.82 56.59
C GLY A 600 15.47 27.99 58.09
N LYS A 601 14.36 27.95 58.82
CA LYS A 601 14.40 28.10 60.27
C LYS A 601 15.23 27.01 60.94
N VAL A 602 15.04 25.78 60.47
CA VAL A 602 15.77 24.64 61.03
C VAL A 602 17.28 24.84 60.95
N MET A 603 17.71 25.82 60.14
CA MET A 603 19.13 26.07 60.00
C MET A 603 19.58 27.42 60.58
N ASN A 604 19.10 28.52 60.00
CA ASN A 604 19.48 29.83 60.49
C ASN A 604 19.23 30.01 61.99
N ILE A 605 18.36 29.19 62.56
CA ILE A 605 18.07 29.29 63.98
C ILE A 605 18.91 28.27 64.75
N LEU A 606 19.24 27.17 64.09
CA LEU A 606 20.05 26.12 64.69
C LEU A 606 21.53 26.48 64.68
N LYS A 607 22.00 26.94 63.52
CA LYS A 607 23.40 27.32 63.37
C LYS A 607 23.64 27.96 62.01
N ILE A 608 24.59 28.89 61.96
CA ILE A 608 24.92 29.57 60.71
C ILE A 608 26.44 29.66 60.62
N GLU A 609 27.05 30.02 61.75
CA GLU A 609 28.49 30.18 61.89
C GLU A 609 29.24 28.86 61.92
N GLU A 610 30.06 28.60 60.91
CA GLU A 610 30.85 27.37 60.85
C GLU A 610 31.85 27.33 59.70
N GLY A 611 32.19 26.12 59.26
CA GLY A 611 33.14 25.94 58.18
C GLY A 611 32.56 25.50 56.86
N GLN A 612 32.57 24.19 56.60
CA GLN A 612 32.05 23.64 55.35
C GLN A 612 31.40 22.25 55.53
N PRO A 613 32.08 21.36 56.27
CA PRO A 613 31.61 19.99 56.54
C PRO A 613 30.60 19.99 57.68
N ILE A 614 29.39 19.57 57.37
CA ILE A 614 28.33 19.51 58.35
C ILE A 614 27.25 18.52 57.92
N GLN A 615 26.67 17.87 58.92
CA GLN A 615 25.60 16.88 58.75
C GLN A 615 25.39 16.18 60.08
N HIS A 616 25.46 16.95 61.16
CA HIS A 616 25.28 16.40 62.50
C HIS A 616 23.87 16.63 63.02
N PRO A 617 23.30 17.83 62.77
CA PRO A 617 21.95 18.09 63.24
C PRO A 617 20.85 18.15 62.19
N MET A 618 20.25 17.00 61.88
CA MET A 618 19.14 16.92 60.94
C MET A 618 19.39 17.26 59.48
N LEU A 619 20.65 17.53 59.09
CA LEU A 619 20.90 17.88 57.70
C LEU A 619 20.48 16.78 56.73
N SER A 620 21.25 15.69 56.68
CA SER A 620 20.93 14.57 55.79
C SER A 620 19.55 14.01 56.16
N LYS A 621 19.18 14.21 57.41
CA LYS A 621 17.91 13.73 57.94
C LYS A 621 16.74 14.49 57.28
N LEU A 622 16.76 15.81 57.43
CA LEU A 622 15.73 16.66 56.85
C LEU A 622 15.64 16.50 55.35
N ILE A 623 16.73 16.87 54.64
CA ILE A 623 16.75 16.78 53.19
C ILE A 623 16.10 15.48 52.73
N GLU A 624 16.39 14.39 53.44
CA GLU A 624 15.81 13.10 53.10
C GLU A 624 14.30 13.25 52.96
N ASN A 625 13.66 13.67 54.05
CA ASN A 625 12.21 13.84 54.03
C ASN A 625 11.76 14.70 52.86
N ILE A 626 12.56 15.70 52.51
CA ILE A 626 12.23 16.58 51.38
C ILE A 626 12.21 15.77 50.09
N GLN A 627 13.24 14.95 49.90
CA GLN A 627 13.33 14.12 48.70
C GLN A 627 12.03 13.36 48.48
N LYS A 628 11.73 12.44 49.39
CA LYS A 628 10.50 11.67 49.27
C LYS A 628 9.33 12.61 49.01
N LYS A 629 9.31 13.72 49.76
CA LYS A 629 8.27 14.73 49.63
C LYS A 629 8.05 15.12 48.17
N VAL A 630 9.11 15.59 47.53
CA VAL A 630 9.07 16.00 46.13
C VAL A 630 8.46 14.90 45.27
N GLU A 631 9.01 13.70 45.42
CA GLU A 631 8.54 12.53 44.67
C GLU A 631 7.03 12.46 44.85
N GLY A 632 6.59 12.82 46.05
CA GLY A 632 5.18 12.81 46.34
C GLY A 632 4.40 13.67 45.37
N ILE A 633 4.87 14.89 45.14
CA ILE A 633 4.20 15.80 44.22
C ILE A 633 4.05 15.08 42.88
N ASN A 634 5.15 14.52 42.39
CA ASN A 634 5.11 13.81 41.12
C ASN A 634 4.01 12.76 41.17
N PHE A 635 3.96 12.04 42.29
CA PHE A 635 2.96 11.00 42.50
C PHE A 635 1.58 11.62 42.29
N SER A 636 1.37 12.77 42.91
CA SER A 636 0.11 13.51 42.83
C SER A 636 -0.29 13.84 41.39
N ILE A 637 0.56 14.62 40.72
CA ILE A 637 0.29 15.02 39.33
C ILE A 637 0.16 13.76 38.47
N ARG A 638 0.90 12.73 38.86
CA ARG A 638 0.89 11.43 38.19
C ARG A 638 -0.56 11.00 38.09
N LYS A 639 -1.30 11.28 39.16
CA LYS A 639 -2.71 10.95 39.24
C LYS A 639 -3.52 11.68 38.18
N THR A 640 -3.59 13.01 38.31
CA THR A 640 -4.37 13.82 37.38
C THR A 640 -4.50 13.25 35.97
N LEU A 641 -3.41 13.23 35.21
CA LEU A 641 -3.50 12.73 33.85
C LEU A 641 -3.66 11.22 33.74
N MET A 642 -3.16 10.49 34.73
CA MET A 642 -3.30 9.04 34.71
C MET A 642 -4.77 8.66 34.70
N GLU A 643 -5.50 9.09 35.73
CA GLU A 643 -6.93 8.81 35.84
C GLU A 643 -7.68 9.32 34.61
N MET A 644 -7.49 10.60 34.29
CA MET A 644 -8.15 11.18 33.14
C MET A 644 -7.91 10.37 31.88
N ASP A 645 -6.64 10.26 31.49
CA ASP A 645 -6.29 9.51 30.29
C ASP A 645 -6.91 8.12 30.27
N ASP A 646 -7.22 7.58 31.45
CA ASP A 646 -7.85 6.26 31.52
C ASP A 646 -9.19 6.34 30.80
N VAL A 647 -9.97 7.37 31.10
CA VAL A 647 -11.28 7.51 30.45
C VAL A 647 -11.00 7.76 28.95
N LEU A 648 -9.82 8.27 28.67
CA LEU A 648 -9.40 8.53 27.29
C LEU A 648 -9.05 7.24 26.58
N ASP A 649 -8.58 6.25 27.33
CA ASP A 649 -8.22 4.96 26.74
C ASP A 649 -9.48 4.41 26.06
N LYS A 650 -10.62 4.62 26.70
CA LYS A 650 -11.89 4.15 26.14
C LYS A 650 -12.21 4.90 24.85
N GLN A 651 -12.37 6.22 24.96
CA GLN A 651 -12.69 7.05 23.81
C GLN A 651 -11.77 6.75 22.63
N ARG A 652 -10.46 6.91 22.86
CA ARG A 652 -9.45 6.66 21.84
C ARG A 652 -9.65 5.30 21.16
N ARG A 653 -10.00 4.30 21.97
CA ARG A 653 -10.23 2.95 21.48
C ARG A 653 -11.24 3.00 20.34
N ALA A 654 -12.47 3.38 20.67
CA ALA A 654 -13.52 3.46 19.66
C ALA A 654 -13.04 4.24 18.45
N VAL A 655 -12.22 5.26 18.69
CA VAL A 655 -11.68 6.12 17.64
C VAL A 655 -11.03 5.38 16.47
N TYR A 656 -9.74 5.07 16.57
CA TYR A 656 -9.12 4.39 15.44
C TYR A 656 -9.38 2.91 15.29
N SER A 657 -10.25 2.36 16.13
CA SER A 657 -10.63 0.96 16.00
C SER A 657 -11.68 1.07 14.90
N LEU A 658 -12.31 2.25 14.87
CA LEU A 658 -13.32 2.57 13.87
C LEU A 658 -12.57 2.94 12.60
N ARG A 659 -11.45 3.64 12.75
CA ARG A 659 -10.65 4.03 11.60
C ARG A 659 -10.06 2.75 11.01
N ASP A 660 -9.92 1.73 11.87
CA ASP A 660 -9.39 0.45 11.43
C ASP A 660 -10.43 -0.22 10.53
N GLN A 661 -11.60 -0.50 11.11
CA GLN A 661 -12.66 -1.16 10.37
C GLN A 661 -13.02 -0.48 9.05
N ILE A 662 -12.81 0.83 8.96
CA ILE A 662 -13.12 1.54 7.72
C ILE A 662 -12.02 1.30 6.71
N LEU A 663 -10.79 1.18 7.20
CA LEU A 663 -9.63 0.94 6.35
C LEU A 663 -9.74 -0.45 5.73
N LEU A 664 -10.21 -1.41 6.54
CA LEU A 664 -10.37 -2.79 6.11
C LEU A 664 -11.53 -2.98 5.13
N GLU A 665 -12.73 -2.74 5.63
CA GLU A 665 -13.96 -2.91 4.85
C GLU A 665 -14.01 -2.16 3.53
N LYS A 666 -15.20 -2.16 2.91
CA LYS A 666 -15.38 -1.51 1.64
C LYS A 666 -16.62 -0.60 1.56
N ASP A 667 -17.70 -1.12 1.01
CA ASP A 667 -18.93 -0.34 0.85
C ASP A 667 -19.79 -0.09 2.08
N TYR A 668 -19.39 0.88 2.89
CA TYR A 668 -20.16 1.25 4.08
C TYR A 668 -21.27 2.18 3.59
N ASP A 669 -21.38 2.30 2.27
CA ASP A 669 -22.37 3.16 1.62
C ASP A 669 -23.69 3.33 2.36
N GLU A 670 -24.58 2.36 2.21
CA GLU A 670 -25.89 2.41 2.86
C GLU A 670 -25.82 2.83 4.33
N TYR A 671 -24.69 2.52 4.98
CA TYR A 671 -24.51 2.87 6.39
C TYR A 671 -24.26 4.36 6.57
N LEU A 672 -23.20 4.86 5.96
CA LEU A 672 -22.84 6.28 6.07
C LEU A 672 -24.04 7.17 5.75
N LYS A 673 -24.65 6.94 4.58
CA LYS A 673 -25.80 7.74 4.17
C LYS A 673 -26.84 7.66 5.29
N ASP A 674 -27.36 6.45 5.50
CA ASP A 674 -28.35 6.20 6.51
C ASP A 674 -28.09 6.99 7.80
N ILE A 675 -27.05 6.61 8.53
CA ILE A 675 -26.70 7.28 9.78
C ILE A 675 -26.57 8.79 9.60
N PHE A 676 -26.10 9.21 8.42
CA PHE A 676 -25.95 10.63 8.14
C PHE A 676 -27.33 11.27 8.15
N GLU A 677 -28.27 10.62 7.47
CA GLU A 677 -29.64 11.12 7.39
C GLU A 677 -30.33 11.01 8.75
N ASP A 678 -30.49 9.79 9.26
CA ASP A 678 -31.14 9.63 10.55
C ASP A 678 -30.65 10.66 11.56
N VAL A 679 -29.38 11.02 11.44
CA VAL A 679 -28.78 12.01 12.33
C VAL A 679 -29.22 13.41 11.93
N VAL A 680 -29.16 13.70 10.62
CA VAL A 680 -29.53 15.00 10.10
C VAL A 680 -31.04 15.18 9.99
N SER A 681 -31.77 14.08 9.88
CA SER A 681 -33.23 14.10 9.77
C SER A 681 -33.83 14.31 11.15
N THR A 682 -33.34 13.57 12.13
CA THR A 682 -33.84 13.73 13.49
C THR A 682 -33.49 15.15 13.89
N ARG A 683 -32.43 15.67 13.26
CA ARG A 683 -32.00 17.03 13.53
C ARG A 683 -33.14 17.92 13.05
N VAL A 684 -33.73 17.55 11.92
CA VAL A 684 -34.85 18.30 11.36
C VAL A 684 -36.11 18.01 12.17
N GLU A 685 -35.95 17.17 13.20
CA GLU A 685 -37.07 16.81 14.07
C GLU A 685 -36.63 16.58 15.51
N GLU A 686 -35.80 17.49 16.03
CA GLU A 686 -35.30 17.38 17.38
C GLU A 686 -35.39 18.75 18.05
N PHE A 687 -34.84 19.75 17.38
CA PHE A 687 -34.86 21.11 17.90
C PHE A 687 -35.59 22.01 16.90
N CYS A 688 -36.37 21.39 16.03
CA CYS A 688 -37.14 22.12 15.02
C CYS A 688 -38.24 21.24 14.43
N SER A 689 -39.47 21.46 14.88
CA SER A 689 -40.62 20.71 14.41
C SER A 689 -40.74 20.76 12.89
N GLY A 690 -41.07 19.62 12.30
CA GLY A 690 -41.21 19.54 10.85
C GLY A 690 -42.43 20.25 10.32
N LYS A 691 -42.60 21.51 10.71
CA LYS A 691 -43.73 22.32 10.27
C LYS A 691 -43.44 22.94 8.91
N ASN A 692 -43.11 24.22 8.90
CA ASN A 692 -42.78 24.93 7.67
C ASN A 692 -41.52 25.79 7.84
N TRP A 693 -41.74 27.07 8.14
CA TRP A 693 -40.64 28.00 8.33
C TRP A 693 -39.71 27.53 9.45
N ASP A 694 -40.29 26.84 10.43
CA ASP A 694 -39.52 26.31 11.56
C ASP A 694 -38.35 25.47 11.05
N ILE A 695 -38.66 24.46 10.26
CA ILE A 695 -37.65 23.57 9.72
C ILE A 695 -36.86 24.19 8.57
N GLU A 696 -37.57 24.70 7.56
CA GLU A 696 -36.92 25.32 6.40
C GLU A 696 -35.80 26.25 6.85
N SER A 697 -36.01 26.95 7.96
CA SER A 697 -35.02 27.88 8.47
C SER A 697 -33.89 27.20 9.24
N LEU A 698 -34.23 26.58 10.38
CA LEU A 698 -33.22 25.91 11.19
C LEU A 698 -32.51 24.80 10.42
N LYS A 699 -33.27 24.05 9.62
CA LYS A 699 -32.70 22.97 8.83
C LYS A 699 -31.82 23.56 7.74
N ASN A 700 -32.10 24.81 7.36
CA ASN A 700 -31.30 25.48 6.35
C ASN A 700 -29.86 25.53 6.83
N SER A 701 -29.69 26.00 8.07
CA SER A 701 -28.37 26.08 8.67
C SER A 701 -27.81 24.67 8.76
N LEU A 702 -28.72 23.71 8.86
CA LEU A 702 -28.37 22.30 8.95
C LEU A 702 -28.03 21.75 7.56
N SER A 703 -28.44 22.48 6.53
CA SER A 703 -28.18 22.07 5.14
C SER A 703 -27.61 23.20 4.31
N PHE A 704 -26.41 23.65 4.67
CA PHE A 704 -25.72 24.73 3.98
C PHE A 704 -24.68 24.18 3.01
N PHE A 705 -25.12 23.83 1.80
CA PHE A 705 -24.23 23.29 0.77
C PHE A 705 -24.44 24.04 -0.53
N PRO A 706 -23.40 24.15 -1.37
CA PRO A 706 -23.55 24.85 -2.64
C PRO A 706 -24.53 24.09 -3.55
N ALA A 707 -24.65 22.79 -3.29
CA ALA A 707 -25.54 21.94 -4.06
C ALA A 707 -26.97 22.46 -4.00
N GLY A 708 -27.85 21.86 -4.79
CA GLY A 708 -29.24 22.28 -4.80
C GLY A 708 -30.18 21.10 -4.73
N LEU A 709 -30.90 20.98 -3.63
CA LEU A 709 -31.84 19.89 -3.43
C LEU A 709 -33.03 20.28 -2.57
N PHE A 710 -34.10 20.71 -3.24
CA PHE A 710 -35.34 21.13 -2.59
C PHE A 710 -35.10 22.19 -1.52
N ASP A 711 -34.05 22.99 -1.69
CA ASP A 711 -33.74 24.03 -0.71
C ASP A 711 -34.90 25.00 -0.50
N LEU A 712 -35.24 25.75 -1.55
CA LEU A 712 -36.33 26.71 -1.46
C LEU A 712 -37.65 26.07 -1.88
N ASP A 713 -37.83 24.81 -1.52
CA ASP A 713 -39.05 24.07 -1.86
C ASP A 713 -39.84 23.78 -0.58
N GLU A 714 -40.79 24.66 -0.29
CA GLU A 714 -41.62 24.53 0.91
C GLU A 714 -42.96 23.83 0.63
N LYS A 715 -43.94 24.08 1.50
CA LYS A 715 -45.27 23.48 1.38
C LYS A 715 -45.22 21.95 1.36
N GLN A 716 -44.91 21.37 2.52
CA GLN A 716 -44.84 19.93 2.67
C GLN A 716 -45.17 19.48 4.08
N PHE A 717 -46.10 18.53 4.21
CA PHE A 717 -46.50 18.01 5.51
C PHE A 717 -46.37 16.49 5.60
N SER A 718 -45.92 15.89 4.52
CA SER A 718 -45.73 14.44 4.46
C SER A 718 -44.34 14.13 4.98
N SER A 719 -44.17 14.21 6.30
CA SER A 719 -42.87 13.96 6.93
C SER A 719 -42.88 12.96 8.09
N SER A 720 -43.38 11.75 7.85
CA SER A 720 -43.46 10.73 8.89
C SER A 720 -42.15 9.95 9.09
N GLU A 721 -41.03 10.62 8.89
CA GLU A 721 -39.69 10.06 9.05
C GLU A 721 -39.34 9.10 7.91
N GLU A 722 -40.34 8.37 7.42
CA GLU A 722 -40.15 7.45 6.29
C GLU A 722 -40.04 8.28 5.03
N LEU A 723 -41.01 9.15 4.82
CA LEU A 723 -41.06 10.04 3.65
C LEU A 723 -39.79 10.89 3.59
N HIS A 724 -39.59 11.72 4.61
CA HIS A 724 -38.41 12.58 4.66
C HIS A 724 -37.12 11.80 4.43
N ASP A 725 -36.99 10.64 5.08
CA ASP A 725 -35.77 9.85 4.90
C ASP A 725 -35.48 9.45 3.47
N TYR A 726 -36.47 8.88 2.77
CA TYR A 726 -36.25 8.47 1.38
C TYR A 726 -35.94 9.64 0.45
N LEU A 727 -36.53 10.80 0.72
CA LEU A 727 -36.30 11.98 -0.11
C LEU A 727 -34.82 12.32 -0.22
N PHE A 728 -34.18 12.60 0.91
CA PHE A 728 -32.76 12.93 0.89
C PHE A 728 -31.88 11.72 0.63
N ASN A 729 -32.35 10.55 1.07
CA ASN A 729 -31.59 9.31 0.87
C ASN A 729 -31.28 9.03 -0.59
N ARG A 730 -32.25 9.25 -1.47
CA ARG A 730 -32.05 9.01 -2.88
C ARG A 730 -31.19 10.09 -3.51
N LEU A 731 -31.34 11.34 -3.03
CA LEU A 731 -30.52 12.42 -3.58
C LEU A 731 -29.07 11.95 -3.42
N TRP A 732 -28.84 11.24 -2.32
CA TRP A 732 -27.53 10.70 -1.99
C TRP A 732 -27.18 9.43 -2.77
N GLU A 733 -27.66 8.30 -2.27
CA GLU A 733 -27.41 6.99 -2.88
C GLU A 733 -27.42 7.05 -4.41
N GLU A 734 -28.42 7.68 -4.98
CA GLU A 734 -28.53 7.79 -6.44
C GLU A 734 -27.38 8.64 -6.97
N TYR A 735 -27.33 9.91 -6.55
CA TYR A 735 -26.28 10.80 -7.01
C TYR A 735 -24.92 10.26 -6.57
N GLN A 736 -24.94 9.26 -5.70
CA GLN A 736 -23.72 8.64 -5.22
C GLN A 736 -23.13 7.75 -6.30
N ARG A 737 -23.83 6.68 -6.64
CA ARG A 737 -23.38 5.77 -7.68
C ARG A 737 -23.33 6.53 -9.01
N LYS A 738 -24.23 7.49 -9.16
CA LYS A 738 -24.29 8.30 -10.37
C LYS A 738 -22.97 9.07 -10.44
N LYS A 739 -22.42 9.38 -9.27
CA LYS A 739 -21.15 10.10 -9.17
C LYS A 739 -20.03 9.06 -9.09
N GLN A 740 -20.41 7.81 -8.87
CA GLN A 740 -19.45 6.71 -8.79
C GLN A 740 -18.90 6.55 -10.20
N GLU A 741 -19.58 7.20 -11.14
CA GLU A 741 -19.20 7.19 -12.54
C GLU A 741 -17.70 7.41 -12.76
N ILE A 742 -17.06 8.09 -11.80
CA ILE A 742 -15.63 8.37 -11.88
C ILE A 742 -14.82 7.12 -12.19
N GLY A 743 -14.97 6.08 -11.38
CA GLY A 743 -14.22 4.85 -11.62
C GLY A 743 -14.01 4.00 -10.39
N GLU A 744 -13.68 2.72 -10.61
CA GLU A 744 -13.43 1.79 -9.52
C GLU A 744 -12.51 2.41 -8.46
N ASP A 745 -11.61 3.28 -8.90
CA ASP A 745 -10.69 3.94 -7.99
C ASP A 745 -11.43 4.65 -6.87
N TYR A 746 -12.69 4.98 -7.13
CA TYR A 746 -13.52 5.68 -6.16
C TYR A 746 -13.48 5.00 -4.78
N ARG A 747 -13.14 3.72 -4.78
CA ARG A 747 -13.07 2.95 -3.54
C ARG A 747 -12.15 3.59 -2.50
N LYS A 748 -10.93 3.92 -2.90
CA LYS A 748 -9.97 4.52 -1.99
C LYS A 748 -10.25 5.98 -1.64
N VAL A 749 -11.34 6.53 -2.17
CA VAL A 749 -11.68 7.90 -1.88
C VAL A 749 -12.11 8.00 -0.41
N ILE A 750 -13.13 7.24 -0.03
CA ILE A 750 -13.58 7.27 1.35
C ILE A 750 -12.37 7.00 2.24
N ARG A 751 -11.38 6.32 1.68
CA ARG A 751 -10.17 6.01 2.44
C ARG A 751 -9.58 7.32 2.93
N PHE A 752 -9.05 8.11 1.99
CA PHE A 752 -8.48 9.41 2.33
C PHE A 752 -9.46 10.14 3.23
N LEU A 753 -10.68 10.30 2.72
CA LEU A 753 -11.75 10.97 3.43
C LEU A 753 -11.93 10.46 4.86
N MET A 754 -12.59 9.32 5.01
CA MET A 754 -12.83 8.72 6.31
C MET A 754 -11.70 8.99 7.29
N LEU A 755 -10.58 8.30 7.09
CA LEU A 755 -9.43 8.46 7.97
C LEU A 755 -9.07 9.92 8.22
N ARG A 756 -8.53 10.61 7.22
CA ARG A 756 -8.17 12.02 7.41
C ARG A 756 -9.26 12.78 8.13
N ILE A 757 -10.46 12.80 7.56
CA ILE A 757 -11.59 13.52 8.18
C ILE A 757 -11.79 13.09 9.63
N ILE A 758 -11.89 11.79 9.87
CA ILE A 758 -12.08 11.28 11.23
C ILE A 758 -10.87 11.69 12.09
N ASP A 759 -9.69 11.30 11.64
CA ASP A 759 -8.44 11.60 12.33
C ASP A 759 -8.46 13.08 12.69
N ASP A 760 -8.67 13.90 11.67
CA ASP A 760 -8.73 15.35 11.82
C ASP A 760 -9.65 15.74 12.96
N HIS A 761 -10.95 15.49 12.80
CA HIS A 761 -11.92 15.82 13.83
C HIS A 761 -11.42 15.46 15.21
N TRP A 762 -11.15 14.17 15.43
CA TRP A 762 -10.69 13.71 16.72
C TRP A 762 -9.54 14.55 17.25
N ARG A 763 -8.38 14.50 16.58
CA ARG A 763 -7.23 15.26 17.06
C ARG A 763 -7.60 16.71 17.36
N ARG A 764 -8.46 17.30 16.53
CA ARG A 764 -8.88 18.67 16.77
C ARG A 764 -9.56 18.71 18.14
N TYR A 765 -10.64 17.95 18.28
CA TYR A 765 -11.37 17.91 19.54
C TYR A 765 -10.51 17.42 20.70
N LEU A 766 -9.29 17.00 20.41
CA LEU A 766 -8.40 16.54 21.46
C LEU A 766 -7.79 17.81 22.04
N GLU A 767 -7.63 18.80 21.16
CA GLU A 767 -7.10 20.09 21.55
C GLU A 767 -8.08 20.61 22.61
N GLU A 768 -9.36 20.42 22.33
CA GLU A 768 -10.39 20.85 23.25
C GLU A 768 -10.35 20.02 24.53
N VAL A 769 -9.83 18.79 24.42
CA VAL A 769 -9.74 17.89 25.56
C VAL A 769 -8.77 18.45 26.60
N GLU A 770 -7.82 19.23 26.11
CA GLU A 770 -6.83 19.85 26.97
C GLU A 770 -7.53 20.99 27.74
N HIS A 771 -8.39 21.72 27.04
CA HIS A 771 -9.12 22.79 27.73
C HIS A 771 -10.02 22.16 28.80
N VAL A 772 -10.59 21.01 28.48
CA VAL A 772 -11.47 20.33 29.42
C VAL A 772 -10.64 19.92 30.64
N LYS A 773 -9.34 19.73 30.43
CA LYS A 773 -8.46 19.38 31.54
C LYS A 773 -8.53 20.54 32.54
N GLU A 774 -8.87 21.73 32.03
CA GLU A 774 -8.99 22.89 32.91
C GLU A 774 -10.24 22.77 33.76
N ALA A 775 -11.31 22.27 33.16
CA ALA A 775 -12.57 22.08 33.88
C ALA A 775 -12.36 21.12 35.05
N VAL A 776 -11.45 20.16 34.89
CA VAL A 776 -11.19 19.19 35.97
C VAL A 776 -10.27 19.84 36.98
N GLN A 777 -9.77 21.02 36.63
CA GLN A 777 -8.91 21.78 37.52
C GLN A 777 -9.87 22.60 38.36
N LEU A 778 -11.15 22.50 38.00
CA LEU A 778 -12.25 23.19 38.66
C LEU A 778 -12.95 22.32 39.70
N ARG A 779 -13.18 21.06 39.34
CA ARG A 779 -13.85 20.11 40.23
C ARG A 779 -13.38 20.28 41.68
N SER A 780 -12.10 20.57 41.84
CA SER A 780 -11.49 20.74 43.17
C SER A 780 -12.43 21.31 44.23
N TYR A 781 -13.27 22.27 43.84
CA TYR A 781 -14.19 22.88 44.79
C TYR A 781 -15.63 22.78 44.33
N GLY A 782 -16.52 22.42 45.26
CA GLY A 782 -17.92 22.30 44.93
C GLY A 782 -18.37 20.84 44.90
N GLN A 783 -18.46 20.29 43.69
CA GLN A 783 -18.86 18.90 43.52
C GLN A 783 -17.77 17.99 44.08
N LYS A 784 -17.88 16.69 43.80
CA LYS A 784 -16.88 15.73 44.28
C LYS A 784 -15.49 16.04 43.72
N ASP A 785 -14.64 15.03 43.65
CA ASP A 785 -13.29 15.19 43.13
C ASP A 785 -12.75 13.95 42.39
N PRO A 786 -13.60 12.99 42.04
CA PRO A 786 -13.14 11.78 41.35
C PRO A 786 -13.27 11.78 39.82
N ILE A 787 -12.65 12.73 39.14
CA ILE A 787 -12.71 12.79 37.68
C ILE A 787 -14.13 12.93 37.14
N VAL A 788 -15.08 13.26 38.02
CA VAL A 788 -16.49 13.41 37.64
C VAL A 788 -16.70 14.25 36.39
N GLU A 789 -16.77 15.55 36.58
CA GLU A 789 -16.99 16.50 35.49
C GLU A 789 -16.28 16.12 34.19
N PHE A 790 -15.10 15.53 34.29
CA PHE A 790 -14.36 15.15 33.10
C PHE A 790 -15.05 14.02 32.36
N LYS A 791 -15.35 12.94 33.07
CA LYS A 791 -16.00 11.80 32.44
C LYS A 791 -17.31 12.21 31.78
N LYS A 792 -18.09 13.06 32.45
CA LYS A 792 -19.36 13.49 31.89
C LYS A 792 -19.17 14.39 30.66
N GLU A 793 -18.04 15.10 30.62
CA GLU A 793 -17.77 15.97 29.49
C GLU A 793 -16.98 15.23 28.41
N THR A 794 -16.24 14.20 28.81
CA THR A 794 -15.46 13.42 27.87
C THR A 794 -16.41 12.76 26.87
N TYR A 795 -17.56 12.32 27.35
CA TYR A 795 -18.54 11.69 26.47
C TYR A 795 -19.38 12.73 25.73
N TYR A 796 -19.68 13.83 26.39
CA TYR A 796 -20.47 14.88 25.75
C TYR A 796 -19.74 15.24 24.46
N MET A 797 -18.43 15.51 24.58
CA MET A 797 -17.59 15.85 23.45
C MET A 797 -17.46 14.66 22.50
N PHE A 798 -17.51 13.46 23.05
CA PHE A 798 -17.40 12.24 22.26
C PHE A 798 -18.59 12.07 21.32
N ASP A 799 -19.79 12.34 21.82
CA ASP A 799 -21.00 12.22 21.02
C ASP A 799 -21.02 13.37 20.01
N GLU A 800 -20.73 14.58 20.47
CA GLU A 800 -20.68 15.73 19.59
C GLU A 800 -19.69 15.43 18.48
N MET A 801 -18.53 14.95 18.88
CA MET A 801 -17.45 14.59 17.97
C MET A 801 -17.97 13.81 16.78
N MET A 802 -18.47 12.60 17.05
CA MET A 802 -18.97 11.71 16.02
C MET A 802 -20.00 12.33 15.05
N ARG A 803 -21.10 12.85 15.59
CA ARG A 803 -22.12 13.45 14.74
C ARG A 803 -21.48 14.45 13.78
N ARG A 804 -20.52 15.20 14.30
CA ARG A 804 -19.79 16.19 13.50
C ARG A 804 -19.15 15.49 12.31
N ILE A 805 -18.47 14.39 12.59
CA ILE A 805 -17.80 13.60 11.55
C ILE A 805 -18.74 13.37 10.38
N ASN A 806 -19.79 12.59 10.61
CA ASN A 806 -20.75 12.27 9.56
C ASN A 806 -21.15 13.45 8.68
N ASP A 807 -21.26 14.63 9.27
CA ASP A 807 -21.63 15.81 8.49
C ASP A 807 -20.54 16.15 7.46
N THR A 808 -19.36 16.53 7.95
CA THR A 808 -18.24 16.88 7.07
C THR A 808 -17.83 15.72 6.16
N ILE A 809 -17.55 14.56 6.75
CA ILE A 809 -17.14 13.39 5.98
C ILE A 809 -18.09 13.19 4.81
N ALA A 810 -19.35 13.56 5.01
CA ALA A 810 -20.38 13.41 4.00
C ALA A 810 -20.15 14.29 2.77
N ASN A 811 -20.42 15.58 2.91
CA ASN A 811 -20.26 16.50 1.79
C ASN A 811 -18.90 16.42 1.09
N TYR A 812 -17.91 15.85 1.78
CA TYR A 812 -16.58 15.70 1.20
C TYR A 812 -16.56 14.63 0.12
N VAL A 813 -17.48 13.68 0.19
CA VAL A 813 -17.56 12.60 -0.77
C VAL A 813 -18.30 13.03 -2.03
N LEU A 814 -18.23 14.33 -2.35
CA LEU A 814 -18.93 14.84 -3.51
C LEU A 814 -18.13 15.86 -4.33
N ARG A 815 -17.95 17.05 -3.78
CA ARG A 815 -17.21 18.11 -4.46
C ARG A 815 -15.86 17.63 -4.97
N VAL A 816 -15.82 17.31 -6.27
CA VAL A 816 -14.59 16.84 -6.91
C VAL A 816 -14.74 16.90 -8.42
N ALA B 8 -37.70 -0.64 31.20
CA ALA B 8 -38.34 -0.15 32.45
C ALA B 8 -37.70 1.15 32.91
N PHE B 9 -37.77 1.41 34.22
CA PHE B 9 -37.19 2.63 34.79
C PHE B 9 -35.88 2.32 35.50
N LYS B 10 -35.81 1.14 36.12
CA LYS B 10 -34.61 0.71 36.82
C LYS B 10 -33.48 0.60 35.80
N ILE B 11 -33.79 -0.01 34.66
CA ILE B 11 -32.82 -0.19 33.58
C ILE B 11 -31.53 -0.83 34.10
N PRO B 12 -31.62 -2.09 34.57
CA PRO B 12 -30.50 -2.86 35.11
C PRO B 12 -29.17 -2.75 34.37
N GLU B 13 -28.11 -3.00 35.11
CA GLU B 13 -26.73 -2.93 34.63
C GLU B 13 -25.83 -2.80 35.84
N LEU B 14 -26.21 -1.87 36.71
CA LEU B 14 -25.49 -1.60 37.95
C LEU B 14 -25.08 -2.88 38.67
N ARG B 15 -23.89 -3.37 38.35
CA ARG B 15 -23.36 -4.59 38.93
C ARG B 15 -22.88 -4.41 40.37
N ASP B 16 -23.09 -3.22 40.93
CA ASP B 16 -22.66 -2.94 42.30
C ASP B 16 -23.84 -2.58 43.20
N ARG B 17 -24.87 -1.98 42.61
CA ARG B 17 -26.07 -1.57 43.33
C ARG B 17 -26.58 -2.53 44.40
N ILE B 18 -27.45 -3.45 43.98
CA ILE B 18 -28.04 -4.44 44.88
C ILE B 18 -26.96 -5.15 45.70
N ILE B 19 -25.73 -5.12 45.20
CA ILE B 19 -24.62 -5.76 45.88
C ILE B 19 -24.44 -5.22 47.29
N PHE B 20 -23.90 -4.01 47.39
CA PHE B 20 -23.67 -3.40 48.70
C PHE B 20 -24.97 -3.20 49.47
N THR B 21 -26.08 -3.05 48.75
CA THR B 21 -27.37 -2.88 49.40
C THR B 21 -27.70 -4.07 50.29
N PHE B 22 -27.77 -5.26 49.69
CA PHE B 22 -28.08 -6.46 50.45
C PHE B 22 -27.01 -6.78 51.49
N LEU B 23 -25.74 -6.62 51.11
CA LEU B 23 -24.63 -6.87 52.02
C LEU B 23 -24.78 -6.00 53.26
N ALA B 24 -25.20 -4.75 53.02
CA ALA B 24 -25.39 -3.77 54.09
C ALA B 24 -26.44 -4.24 55.10
N LEU B 25 -27.60 -4.67 54.62
CA LEU B 25 -28.66 -5.13 55.50
C LEU B 25 -28.18 -6.27 56.40
N ILE B 26 -27.37 -7.15 55.83
CA ILE B 26 -26.83 -8.29 56.56
C ILE B 26 -26.03 -7.87 57.79
N VAL B 27 -24.95 -7.13 57.54
CA VAL B 27 -24.07 -6.69 58.62
C VAL B 27 -24.78 -5.93 59.73
N PHE B 28 -25.79 -5.15 59.38
CA PHE B 28 -26.51 -4.38 60.39
C PHE B 28 -27.45 -5.19 61.28
N ARG B 29 -27.98 -6.30 60.77
CA ARG B 29 -28.88 -7.11 61.59
C ARG B 29 -28.11 -7.67 62.77
N MET B 30 -27.00 -8.35 62.49
CA MET B 30 -26.20 -8.92 63.57
C MET B 30 -25.65 -7.79 64.45
N GLY B 31 -25.31 -6.69 63.80
CA GLY B 31 -24.77 -5.53 64.50
C GLY B 31 -25.60 -4.94 65.62
N ILE B 32 -26.91 -4.86 65.43
CA ILE B 32 -27.77 -4.30 66.46
C ILE B 32 -28.09 -5.30 67.56
N TYR B 33 -28.50 -6.51 67.17
CA TYR B 33 -28.83 -7.53 68.15
C TYR B 33 -27.60 -8.10 68.86
N ILE B 34 -26.47 -7.42 68.70
CA ILE B 34 -25.21 -7.84 69.33
C ILE B 34 -25.36 -8.04 70.84
N PRO B 35 -24.68 -9.07 71.39
CA PRO B 35 -24.70 -9.42 72.81
C PRO B 35 -23.78 -8.54 73.66
N VAL B 36 -24.27 -8.14 74.83
CA VAL B 36 -23.54 -7.30 75.78
C VAL B 36 -24.02 -5.84 75.81
N PRO B 37 -24.39 -5.28 74.64
CA PRO B 37 -24.85 -3.90 74.62
C PRO B 37 -26.26 -3.78 74.03
N GLY B 38 -26.31 -3.66 72.70
CA GLY B 38 -27.58 -3.55 72.00
C GLY B 38 -28.65 -2.81 72.77
N LEU B 39 -28.25 -1.72 73.42
CA LEU B 39 -29.16 -0.90 74.23
C LEU B 39 -30.56 -0.72 73.67
N ASN B 40 -30.70 -0.77 72.35
CA ASN B 40 -32.01 -0.59 71.74
C ASN B 40 -32.31 -1.66 70.70
N LEU B 41 -33.22 -2.57 71.04
CA LEU B 41 -33.60 -3.66 70.15
C LEU B 41 -35.12 -3.72 69.98
N SER B 62 -36.32 18.70 79.80
CA SER B 62 -36.06 17.31 80.15
C SER B 62 -36.63 16.36 79.11
N PHE B 63 -37.57 16.86 78.30
CA PHE B 63 -38.19 16.05 77.26
C PHE B 63 -37.25 15.75 76.11
N TYR B 64 -36.37 16.69 75.78
CA TYR B 64 -35.42 16.50 74.70
C TYR B 64 -34.28 15.60 75.16
N ASP B 65 -34.10 15.50 76.48
CA ASP B 65 -33.05 14.67 77.04
C ASP B 65 -33.49 13.21 77.10
N VAL B 66 -34.70 12.97 77.60
CA VAL B 66 -35.22 11.62 77.70
C VAL B 66 -35.68 11.08 76.36
N PHE B 67 -35.66 11.95 75.34
CA PHE B 67 -36.05 11.53 74.01
C PHE B 67 -34.80 11.28 73.18
N THR B 68 -33.72 11.97 73.53
CA THR B 68 -32.45 11.79 72.82
C THR B 68 -31.94 10.41 73.23
N GLY B 69 -31.56 10.28 74.51
CA GLY B 69 -31.08 9.00 75.00
C GLY B 69 -29.58 8.85 75.08
N GLY B 70 -29.13 8.22 76.16
CA GLY B 70 -27.71 7.99 76.37
C GLY B 70 -27.26 8.31 77.78
N ALA B 71 -25.96 8.21 78.01
CA ALA B 71 -25.37 8.48 79.31
C ALA B 71 -24.86 9.92 79.35
N LEU B 72 -24.26 10.36 78.24
CA LEU B 72 -23.73 11.71 78.13
C LEU B 72 -24.55 12.56 77.17
N SER B 73 -24.47 12.27 75.88
CA SER B 73 -25.21 13.03 74.89
C SER B 73 -25.16 12.45 73.48
N ARG B 74 -25.23 11.12 73.37
CA ARG B 74 -25.16 10.49 72.06
C ARG B 74 -26.23 9.44 71.78
N PHE B 75 -27.07 9.71 70.79
CA PHE B 75 -28.11 8.79 70.39
C PHE B 75 -27.36 7.58 69.84
N SER B 76 -27.52 6.42 70.45
CA SER B 76 -26.80 5.25 69.98
C SER B 76 -27.65 4.01 69.76
N VAL B 77 -27.93 3.71 68.50
CA VAL B 77 -28.72 2.53 68.16
C VAL B 77 -27.93 1.31 68.65
N PHE B 78 -26.61 1.48 68.71
CA PHE B 78 -25.69 0.46 69.18
C PHE B 78 -24.70 1.14 70.12
N THR B 79 -24.02 0.36 70.95
CA THR B 79 -23.05 0.90 71.91
C THR B 79 -22.24 2.07 71.37
N MET B 80 -21.13 1.79 70.69
CA MET B 80 -20.29 2.84 70.16
C MET B 80 -19.74 2.47 68.79
N SER B 81 -20.48 2.83 67.74
CA SER B 81 -20.07 2.55 66.37
C SER B 81 -20.39 3.77 65.52
N VAL B 82 -21.65 4.17 65.54
CA VAL B 82 -22.10 5.33 64.77
C VAL B 82 -21.68 6.59 65.54
N THR B 83 -21.42 6.40 66.83
CA THR B 83 -21.01 7.50 67.70
C THR B 83 -19.55 7.86 67.38
N PRO B 84 -18.64 6.87 67.47
CA PRO B 84 -17.25 7.18 67.16
C PRO B 84 -17.14 7.57 65.70
N TYR B 85 -18.19 7.27 64.94
CA TYR B 85 -18.22 7.64 63.53
C TYR B 85 -18.33 9.15 63.47
N ILE B 86 -19.44 9.68 64.00
CA ILE B 86 -19.64 11.11 64.02
C ILE B 86 -18.46 11.72 64.77
N THR B 87 -18.03 11.01 65.82
CA THR B 87 -16.88 11.45 66.62
C THR B 87 -15.67 11.61 65.72
N ALA B 88 -15.32 10.56 65.00
CA ALA B 88 -14.18 10.56 64.09
C ALA B 88 -14.20 11.82 63.23
N SER B 89 -15.24 11.92 62.41
CA SER B 89 -15.42 13.05 61.52
C SER B 89 -15.22 14.35 62.27
N ILE B 90 -15.71 14.41 63.50
CA ILE B 90 -15.57 15.60 64.32
C ILE B 90 -14.12 15.83 64.71
N ILE B 91 -13.44 14.75 65.10
CA ILE B 91 -12.05 14.82 65.51
C ILE B 91 -11.25 15.65 64.51
N LEU B 92 -11.08 15.12 63.30
CA LEU B 92 -10.32 15.84 62.28
C LEU B 92 -11.00 17.15 61.89
N GLN B 93 -12.31 17.21 62.08
CA GLN B 93 -13.08 18.40 61.73
C GLN B 93 -12.52 19.66 62.39
N LEU B 94 -12.90 19.87 63.65
CA LEU B 94 -12.46 21.04 64.40
C LEU B 94 -10.94 21.11 64.54
N LEU B 95 -10.29 19.95 64.66
CA LEU B 95 -8.84 19.91 64.78
C LEU B 95 -8.18 20.66 63.63
N ALA B 96 -8.34 20.13 62.42
CA ALA B 96 -7.76 20.75 61.24
C ALA B 96 -8.36 22.14 61.01
N SER B 97 -9.56 22.35 61.57
CA SER B 97 -10.26 23.62 61.42
C SER B 97 -9.49 24.77 62.06
N VAL B 98 -9.79 25.04 63.33
CA VAL B 98 -9.14 26.14 64.04
C VAL B 98 -7.62 26.00 64.04
N MET B 99 -7.12 24.77 64.02
CA MET B 99 -5.68 24.55 64.00
C MET B 99 -5.28 23.92 62.68
N PRO B 100 -4.84 24.76 61.72
CA PRO B 100 -4.42 24.30 60.39
C PRO B 100 -3.30 23.25 60.40
N SER B 101 -2.07 23.69 60.24
CA SER B 101 -0.93 22.78 60.21
C SER B 101 0.00 22.95 61.39
N LEU B 102 -0.04 21.99 62.31
CA LEU B 102 0.81 22.02 63.49
C LEU B 102 1.80 20.87 63.44
N LYS B 103 1.36 19.73 62.92
CA LYS B 103 2.22 18.56 62.83
C LYS B 103 2.35 17.90 61.46
N GLU B 104 3.28 18.42 60.65
CA GLU B 104 3.59 17.89 59.33
C GLU B 104 2.58 17.73 58.20
N MET B 105 1.34 17.36 58.48
CA MET B 105 0.40 17.15 57.37
C MET B 105 -0.71 18.16 57.11
N LEU B 106 -0.90 18.49 55.83
CA LEU B 106 -1.96 19.42 55.39
C LEU B 106 -2.74 18.74 54.28
N ARG B 107 -2.34 19.02 53.04
CA ARG B 107 -2.96 18.43 51.86
C ARG B 107 -1.87 18.17 50.85
N GLU B 108 -1.82 16.95 50.31
CA GLU B 108 -0.80 16.62 49.33
C GLU B 108 -1.34 15.71 48.23
N GLY B 109 -2.65 15.67 48.09
CA GLY B 109 -3.27 14.85 47.07
C GLY B 109 -3.20 13.35 47.27
N GLU B 110 -2.10 12.86 47.83
CA GLU B 110 -1.95 11.43 48.04
C GLU B 110 -1.03 11.11 49.23
N GLU B 111 0.20 11.59 49.17
CA GLU B 111 1.18 11.36 50.22
C GLU B 111 0.72 11.94 51.56
N GLY B 112 0.60 13.27 51.62
CA GLY B 112 0.18 13.92 52.84
C GLY B 112 -1.23 13.55 53.25
N ARG B 113 -2.07 13.23 52.27
CA ARG B 113 -3.45 12.85 52.54
C ARG B 113 -3.53 11.54 53.32
N LYS B 114 -2.63 10.61 53.02
CA LYS B 114 -2.61 9.32 53.71
C LYS B 114 -1.98 9.45 55.09
N LYS B 115 -0.87 10.17 55.19
CA LYS B 115 -0.22 10.36 56.48
C LYS B 115 -1.22 11.03 57.43
N PHE B 116 -1.99 11.97 56.88
CA PHE B 116 -3.00 12.69 57.64
C PHE B 116 -4.17 11.77 58.00
N ALA B 117 -4.52 10.88 57.08
CA ALA B 117 -5.62 9.95 57.29
C ALA B 117 -5.28 8.93 58.37
N LYS B 118 -4.07 8.39 58.31
CA LYS B 118 -3.62 7.41 59.31
C LYS B 118 -3.73 8.03 60.70
N TYR B 119 -3.26 9.26 60.82
CA TYR B 119 -3.32 9.97 62.08
C TYR B 119 -4.79 10.11 62.50
N THR B 120 -5.66 10.25 61.52
CA THR B 120 -7.09 10.37 61.77
C THR B 120 -7.57 9.07 62.42
N ARG B 121 -7.13 7.95 61.84
CA ARG B 121 -7.50 6.64 62.35
C ARG B 121 -7.23 6.51 63.84
N ARG B 122 -5.95 6.35 64.19
CA ARG B 122 -5.58 6.20 65.60
C ARG B 122 -6.25 7.25 66.49
N LEU B 123 -6.41 8.44 65.93
CA LEU B 123 -7.03 9.56 66.63
C LEU B 123 -8.40 9.20 67.20
N THR B 124 -9.41 9.19 66.33
CA THR B 124 -10.77 8.86 66.77
C THR B 124 -10.90 7.51 67.43
N LEU B 125 -9.92 6.63 67.21
CA LEU B 125 -9.96 5.31 67.82
C LEU B 125 -9.89 5.44 69.34
N LEU B 126 -8.80 6.03 69.84
CA LEU B 126 -8.67 6.22 71.28
C LEU B 126 -9.77 7.11 71.83
N ILE B 127 -10.30 7.98 70.97
CA ILE B 127 -11.38 8.87 71.40
C ILE B 127 -12.63 8.05 71.70
N GLY B 128 -12.93 7.13 70.79
CA GLY B 128 -14.08 6.26 70.95
C GLY B 128 -13.92 5.47 72.24
N GLY B 129 -12.68 5.33 72.68
CA GLY B 129 -12.43 4.59 73.91
C GLY B 129 -12.91 5.37 75.13
N PHE B 130 -12.57 6.65 75.16
CA PHE B 130 -12.97 7.51 76.27
C PHE B 130 -14.49 7.38 76.47
N GLN B 131 -15.25 7.68 75.43
CA GLN B 131 -16.70 7.60 75.50
C GLN B 131 -17.20 6.22 75.91
N ALA B 132 -16.43 5.19 75.56
CA ALA B 132 -16.81 3.82 75.89
C ALA B 132 -17.01 3.61 77.38
N PHE B 133 -15.93 3.72 78.15
CA PHE B 133 -16.01 3.52 79.59
C PHE B 133 -17.14 4.34 80.23
N PHE B 134 -17.30 5.58 79.80
CA PHE B 134 -18.36 6.43 80.35
C PHE B 134 -19.79 5.93 80.12
N VAL B 135 -20.20 5.95 78.85
CA VAL B 135 -21.54 5.52 78.48
C VAL B 135 -21.89 4.17 79.10
N SER B 136 -20.93 3.25 79.11
CA SER B 136 -21.14 1.93 79.67
C SER B 136 -21.55 2.04 81.14
N PHE B 137 -20.81 2.83 81.90
CA PHE B 137 -21.10 3.03 83.32
C PHE B 137 -22.55 3.43 83.57
N SER B 138 -22.85 4.70 83.30
CA SER B 138 -24.19 5.24 83.52
C SER B 138 -25.31 4.32 83.04
N LEU B 139 -25.21 3.91 81.77
CA LEU B 139 -26.21 3.02 81.17
C LEU B 139 -26.51 1.79 82.02
N ALA B 140 -25.48 0.96 82.13
CA ALA B 140 -25.51 -0.30 82.86
C ALA B 140 -26.18 -0.26 84.22
N ARG B 141 -26.30 0.92 84.83
CA ARG B 141 -26.92 0.94 86.14
C ARG B 141 -28.14 1.84 86.32
N SER B 142 -28.69 2.41 85.24
CA SER B 142 -29.85 3.27 85.42
C SER B 142 -30.87 3.45 84.28
N ASN B 143 -30.96 2.52 83.35
CA ASN B 143 -31.95 2.69 82.27
C ASN B 143 -33.13 1.72 82.27
N PRO B 144 -34.27 2.13 81.67
CA PRO B 144 -35.49 1.31 81.59
C PRO B 144 -35.36 0.09 80.69
N ASP B 145 -36.15 -0.95 80.99
CA ASP B 145 -36.11 -2.20 80.23
C ASP B 145 -34.69 -2.73 80.32
N MET B 146 -34.17 -2.77 81.54
CA MET B 146 -32.82 -3.20 81.83
C MET B 146 -32.50 -4.64 81.39
N VAL B 147 -32.81 -5.60 82.25
CA VAL B 147 -32.54 -7.00 81.96
C VAL B 147 -31.03 -7.15 81.83
N ALA B 148 -30.31 -6.28 82.51
CA ALA B 148 -28.85 -6.28 82.50
C ALA B 148 -28.31 -6.83 83.82
N PRO B 149 -27.98 -8.13 83.85
CA PRO B 149 -27.46 -8.84 85.02
C PRO B 149 -26.45 -8.07 85.86
N GLY B 150 -26.15 -8.60 87.04
CA GLY B 150 -25.21 -7.95 87.93
C GLY B 150 -24.07 -8.86 88.35
N VAL B 151 -23.82 -9.91 87.56
CA VAL B 151 -22.74 -10.85 87.86
C VAL B 151 -21.42 -10.21 87.47
N ASN B 152 -21.10 -9.10 88.13
CA ASN B 152 -19.88 -8.34 87.87
C ASN B 152 -18.58 -9.09 88.07
N VAL B 153 -17.90 -9.40 86.97
CA VAL B 153 -16.63 -10.10 87.01
C VAL B 153 -15.56 -9.38 86.17
N LEU B 154 -15.90 -9.02 84.94
CA LEU B 154 -14.98 -8.32 84.05
C LEU B 154 -15.46 -6.88 83.83
N GLN B 155 -16.36 -6.45 84.70
CA GLN B 155 -16.93 -5.11 84.61
C GLN B 155 -17.69 -5.05 83.30
N PHE B 156 -18.99 -4.82 83.36
CA PHE B 156 -19.75 -4.73 82.12
C PHE B 156 -19.31 -3.45 81.43
N THR B 157 -18.28 -2.84 81.98
CA THR B 157 -17.70 -1.63 81.45
C THR B 157 -16.52 -2.04 80.57
N VAL B 158 -15.77 -3.05 81.01
CA VAL B 158 -14.65 -3.49 80.19
C VAL B 158 -15.25 -4.40 79.14
N LEU B 159 -16.40 -4.97 79.48
CA LEU B 159 -17.13 -5.86 78.59
C LEU B 159 -17.76 -5.01 77.50
N SER B 160 -18.30 -3.86 77.91
CA SER B 160 -18.92 -2.94 76.96
C SER B 160 -17.79 -2.32 76.16
N THR B 161 -16.69 -1.97 76.83
CA THR B 161 -15.54 -1.38 76.17
C THR B 161 -15.16 -2.31 75.02
N MET B 162 -15.41 -3.61 75.21
CA MET B 162 -15.11 -4.60 74.19
C MET B 162 -16.03 -4.39 73.00
N SER B 163 -17.32 -4.62 73.20
CA SER B 163 -18.29 -4.45 72.12
C SER B 163 -18.33 -3.01 71.60
N MET B 164 -17.65 -2.11 72.30
CA MET B 164 -17.61 -0.71 71.88
C MET B 164 -16.42 -0.47 70.96
N LEU B 165 -15.23 -0.84 71.42
CA LEU B 165 -14.03 -0.68 70.61
C LEU B 165 -14.13 -1.65 69.44
N ALA B 166 -14.37 -2.92 69.76
CA ALA B 166 -14.51 -3.96 68.75
C ALA B 166 -15.74 -3.63 67.90
N GLY B 167 -16.78 -3.13 68.56
CA GLY B 167 -17.99 -2.77 67.84
C GLY B 167 -17.68 -1.68 66.84
N THR B 168 -16.86 -0.72 67.27
CA THR B 168 -16.46 0.37 66.40
C THR B 168 -15.82 -0.21 65.15
N MET B 169 -15.05 -1.28 65.33
CA MET B 169 -14.39 -1.93 64.21
C MET B 169 -15.32 -2.54 63.19
N PHE B 170 -16.25 -3.38 63.63
CA PHE B 170 -17.17 -4.01 62.69
C PHE B 170 -17.90 -2.96 61.86
N LEU B 171 -18.27 -1.85 62.49
CA LEU B 171 -18.97 -0.79 61.76
C LEU B 171 -17.99 -0.02 60.88
N LEU B 172 -16.77 0.20 61.39
CA LEU B 172 -15.74 0.90 60.65
C LEU B 172 -15.36 0.07 59.42
N TRP B 173 -14.95 -1.16 59.69
CA TRP B 173 -14.55 -2.10 58.64
C TRP B 173 -15.66 -2.14 57.58
N LEU B 174 -16.90 -2.22 58.06
CA LEU B 174 -18.05 -2.27 57.15
C LEU B 174 -18.10 -0.97 56.35
N GLY B 175 -17.97 0.16 57.03
CA GLY B 175 -18.01 1.45 56.36
C GLY B 175 -17.10 1.48 55.14
N GLU B 176 -15.82 1.19 55.36
CA GLU B 176 -14.84 1.19 54.28
C GLU B 176 -15.36 0.40 53.07
N ARG B 177 -15.74 -0.85 53.31
CA ARG B 177 -16.25 -1.67 52.22
C ARG B 177 -17.47 -0.99 51.60
N ILE B 178 -18.34 -0.45 52.45
CA ILE B 178 -19.54 0.25 51.97
C ILE B 178 -19.09 1.42 51.13
N THR B 179 -17.93 1.97 51.46
CA THR B 179 -17.37 3.11 50.75
C THR B 179 -16.67 2.63 49.48
N GLU B 180 -16.86 1.35 49.16
CA GLU B 180 -16.25 0.78 47.98
C GLU B 180 -17.31 0.52 46.89
N LYS B 181 -18.58 0.64 47.25
CA LYS B 181 -19.67 0.44 46.30
C LYS B 181 -20.78 1.44 46.58
N GLY B 182 -20.83 1.93 47.82
CA GLY B 182 -21.84 2.89 48.20
C GLY B 182 -21.24 4.16 48.76
N ILE B 183 -21.04 4.18 50.08
CA ILE B 183 -20.46 5.35 50.73
C ILE B 183 -20.21 5.08 52.21
N GLY B 184 -19.17 5.71 52.74
CA GLY B 184 -18.84 5.54 54.15
C GLY B 184 -19.97 6.03 55.02
N ASN B 185 -20.97 6.63 54.39
CA ASN B 185 -22.13 7.15 55.10
C ASN B 185 -23.34 6.30 54.72
N GLY B 186 -23.12 5.33 53.85
CA GLY B 186 -24.19 4.45 53.41
C GLY B 186 -24.62 3.61 54.59
N ILE B 187 -23.71 3.42 55.53
CA ILE B 187 -23.99 2.65 56.73
C ILE B 187 -24.93 3.46 57.62
N SER B 188 -24.71 4.77 57.66
CA SER B 188 -25.52 5.66 58.47
C SER B 188 -26.93 5.79 57.88
N ILE B 189 -27.02 5.96 56.56
CA ILE B 189 -28.32 6.09 55.91
C ILE B 189 -29.13 4.83 56.17
N LEU B 190 -28.43 3.73 56.43
CA LEU B 190 -29.10 2.46 56.71
C LEU B 190 -29.76 2.61 58.07
N ILE B 191 -29.10 3.36 58.96
CA ILE B 191 -29.65 3.58 60.29
C ILE B 191 -30.86 4.52 60.20
N PHE B 192 -30.69 5.60 59.46
CA PHE B 192 -31.76 6.58 59.27
C PHE B 192 -32.92 5.91 58.55
N ALA B 193 -32.60 5.12 57.53
CA ALA B 193 -33.61 4.41 56.79
C ALA B 193 -34.46 3.67 57.81
N GLY B 194 -33.77 2.91 58.67
CA GLY B 194 -34.45 2.15 59.70
C GLY B 194 -35.28 2.99 60.67
N ILE B 195 -34.65 3.99 61.26
CA ILE B 195 -35.33 4.86 62.23
C ILE B 195 -36.53 5.56 61.60
N VAL B 196 -36.29 6.22 60.46
CA VAL B 196 -37.33 6.94 59.76
C VAL B 196 -38.39 6.01 59.16
N ALA B 197 -38.21 4.71 59.35
CA ALA B 197 -39.18 3.75 58.83
C ALA B 197 -39.93 3.08 59.97
N ARG B 198 -39.42 3.26 61.19
CA ARG B 198 -40.05 2.68 62.37
C ARG B 198 -41.21 3.55 62.81
N TYR B 199 -41.05 4.86 62.70
CA TYR B 199 -42.11 5.79 63.10
C TYR B 199 -43.29 5.95 62.14
N PRO B 200 -43.09 5.75 60.83
CA PRO B 200 -44.20 5.89 59.88
C PRO B 200 -45.06 4.64 59.75
N SER B 201 -44.60 3.55 60.35
CA SER B 201 -45.33 2.28 60.30
C SER B 201 -46.16 2.13 61.57
N TYR B 202 -46.40 3.25 62.24
CA TYR B 202 -47.17 3.26 63.48
C TYR B 202 -46.54 2.43 64.58
N ILE B 203 -45.53 3.00 65.23
CA ILE B 203 -44.83 2.34 66.31
C ILE B 203 -45.14 3.06 67.62
N ARG B 204 -45.42 4.35 67.52
CA ARG B 204 -45.75 5.17 68.67
C ARG B 204 -46.07 6.59 68.20
N GLN B 205 -46.92 6.68 67.18
CA GLN B 205 -47.31 7.95 66.62
C GLN B 205 -48.78 7.89 66.18
N ALA B 206 -49.67 7.91 67.17
CA ALA B 206 -51.11 7.85 66.93
C ALA B 206 -51.87 8.21 68.20
N TYR B 207 -51.15 8.73 69.19
CA TYR B 207 -51.76 9.11 70.45
C TYR B 207 -52.26 10.56 70.40
N LEU B 208 -51.64 11.41 69.59
CA LEU B 208 -52.09 12.79 69.45
C LEU B 208 -51.96 13.14 67.98
N GLY B 209 -53.00 13.72 67.41
CA GLY B 209 -52.93 14.05 66.01
C GLY B 209 -53.50 12.87 65.23
N GLY B 210 -52.86 12.59 64.10
CA GLY B 210 -53.28 11.47 63.28
C GLY B 210 -54.42 11.95 62.39
N LEU B 211 -54.51 11.40 61.19
CA LEU B 211 -55.56 11.79 60.26
C LEU B 211 -55.55 13.29 59.99
N ASN B 212 -54.33 13.81 59.84
CA ASN B 212 -54.04 15.21 59.55
C ASN B 212 -52.62 15.11 59.02
N LEU B 213 -52.38 14.08 58.21
CA LEU B 213 -51.06 13.83 57.67
C LEU B 213 -50.57 14.86 56.67
N LEU B 214 -50.92 16.12 56.89
CA LEU B 214 -50.43 17.14 55.99
C LEU B 214 -48.95 17.27 56.36
N GLU B 215 -48.66 17.00 57.64
CA GLU B 215 -47.31 17.06 58.17
C GLU B 215 -46.28 16.27 57.35
N TRP B 216 -46.73 15.22 56.66
CA TRP B 216 -45.83 14.42 55.84
C TRP B 216 -45.53 15.18 54.56
N ILE B 217 -46.57 15.73 53.94
CA ILE B 217 -46.42 16.50 52.71
C ILE B 217 -45.65 17.78 52.98
N PHE B 218 -45.87 18.40 54.13
CA PHE B 218 -45.15 19.63 54.44
C PHE B 218 -43.67 19.31 54.57
N LEU B 219 -43.35 18.20 55.24
CA LEU B 219 -41.96 17.81 55.40
C LEU B 219 -41.34 17.71 54.01
N ILE B 220 -42.13 17.22 53.06
CA ILE B 220 -41.67 17.07 51.69
C ILE B 220 -41.20 18.40 51.11
N ALA B 221 -41.93 19.47 51.40
CA ALA B 221 -41.60 20.80 50.92
C ALA B 221 -40.19 21.16 51.39
N VAL B 222 -39.83 20.63 52.56
CA VAL B 222 -38.52 20.86 53.16
C VAL B 222 -37.45 20.16 52.33
N ALA B 223 -37.83 19.01 51.79
CA ALA B 223 -36.96 18.21 50.95
C ALA B 223 -36.50 19.07 49.77
N LEU B 224 -37.46 19.70 49.10
CA LEU B 224 -37.18 20.54 47.96
C LEU B 224 -36.14 21.60 48.33
N ILE B 225 -36.36 22.22 49.49
CA ILE B 225 -35.46 23.24 50.00
C ILE B 225 -34.02 22.69 50.01
N THR B 226 -33.85 21.53 50.63
CA THR B 226 -32.55 20.88 50.72
C THR B 226 -31.81 20.88 49.36
N ILE B 227 -32.47 20.38 48.33
CA ILE B 227 -31.93 20.29 46.97
C ILE B 227 -31.33 21.60 46.49
N PHE B 228 -32.03 22.69 46.81
CA PHE B 228 -31.60 24.00 46.47
C PHE B 228 -30.13 24.26 46.93
N GLY B 229 -29.86 24.00 48.22
CA GLY B 229 -28.54 24.24 48.81
C GLY B 229 -27.40 23.81 47.93
N ILE B 230 -27.52 22.59 47.50
CA ILE B 230 -26.52 21.97 46.68
C ILE B 230 -25.88 22.89 45.60
N ILE B 231 -26.58 23.31 44.51
CA ILE B 231 -25.89 24.03 43.38
C ILE B 231 -25.15 25.32 43.71
N LEU B 232 -25.15 25.63 45.01
CA LEU B 232 -24.49 26.81 45.59
C LEU B 232 -24.32 27.83 44.50
N VAL B 233 -23.36 28.69 44.66
CA VAL B 233 -23.15 29.56 43.55
C VAL B 233 -22.18 28.93 42.56
N GLN B 234 -22.25 27.63 42.24
CA GLN B 234 -21.20 26.99 41.39
C GLN B 234 -20.79 27.66 40.02
N GLN B 235 -19.65 28.54 39.99
CA GLN B 235 -19.06 29.36 38.79
C GLN B 235 -17.46 29.61 38.74
N ALA B 236 -16.76 29.88 37.54
CA ALA B 236 -15.25 30.04 37.44
C ALA B 236 -14.47 30.88 36.34
N GLU B 237 -13.11 30.60 36.10
CA GLU B 237 -12.16 31.36 35.19
C GLU B 237 -11.64 30.75 33.84
N ARG B 238 -10.29 30.49 33.73
CA ARG B 238 -9.67 29.95 32.47
C ARG B 238 -8.27 29.27 32.59
N ARG B 239 -7.56 29.18 31.44
CA ARG B 239 -6.20 28.62 31.26
C ARG B 239 -5.94 27.16 31.72
N ILE B 240 -4.99 26.48 31.06
CA ILE B 240 -4.60 25.08 31.37
C ILE B 240 -3.08 24.84 31.48
N THR B 241 -2.70 23.83 32.26
CA THR B 241 -1.28 23.50 32.46
C THR B 241 -1.05 22.26 33.35
N ILE B 242 0.03 21.51 33.09
CA ILE B 242 0.36 20.32 33.88
C ILE B 242 1.87 20.07 34.00
N GLN B 243 2.39 20.18 35.24
CA GLN B 243 3.82 19.99 35.50
C GLN B 243 4.18 18.75 36.33
N TYR B 244 4.98 17.86 35.71
CA TYR B 244 5.46 16.63 36.37
C TYR B 244 6.98 16.49 36.20
N ALA B 245 7.48 15.35 36.66
CA ALA B 245 8.89 15.01 36.63
C ALA B 245 9.74 16.12 37.22
N ARG B 246 10.95 16.26 36.69
CA ARG B 246 11.89 17.26 37.16
C ARG B 246 12.27 18.25 36.06
N ARG B 247 11.87 19.50 36.24
CA ARG B 247 12.21 20.56 35.30
C ARG B 247 11.72 20.35 33.86
N VAL B 248 10.45 19.93 33.68
CA VAL B 248 9.79 19.70 32.37
C VAL B 248 8.27 19.95 32.41
N THR B 249 7.78 20.81 31.46
CA THR B 249 6.33 21.17 31.36
C THR B 249 5.92 21.85 30.02
N GLY B 250 4.71 22.50 29.91
CA GLY B 250 4.29 23.15 28.65
C GLY B 250 3.25 24.28 28.70
N ARG B 251 2.77 24.67 27.48
CA ARG B 251 1.77 25.76 27.31
C ARG B 251 1.09 25.88 25.93
N ARG B 252 -0.05 26.63 25.85
CA ARG B 252 -0.86 26.77 24.63
C ARG B 252 -1.45 28.14 24.21
N VAL B 253 -2.10 28.18 23.04
CA VAL B 253 -2.64 29.44 22.44
C VAL B 253 -4.17 29.66 22.54
N TYR B 254 -4.84 29.56 21.36
CA TYR B 254 -6.31 29.76 21.23
C TYR B 254 -6.88 29.58 19.82
N GLY B 255 -7.95 28.80 19.73
CA GLY B 255 -8.61 28.55 18.46
C GLY B 255 -9.64 27.44 18.53
N GLY B 256 -10.40 27.38 19.59
CA GLY B 256 -11.36 26.30 19.76
C GLY B 256 -12.68 26.50 19.04
N ALA B 257 -13.60 25.57 19.32
CA ALA B 257 -14.94 25.58 18.75
C ALA B 257 -15.76 24.49 19.45
N SER B 258 -16.18 24.79 20.67
CA SER B 258 -16.96 23.86 21.46
C SER B 258 -17.83 24.55 22.48
N THR B 259 -18.57 23.71 23.21
CA THR B 259 -19.43 24.09 24.30
C THR B 259 -18.51 24.14 25.51
N TYR B 260 -18.98 23.76 26.71
CA TYR B 260 -18.26 23.71 28.04
C TYR B 260 -17.60 25.02 28.51
N LEU B 261 -17.58 25.21 29.84
CA LEU B 261 -16.98 26.40 30.49
C LEU B 261 -16.39 26.14 31.91
N PRO B 262 -15.98 27.26 32.61
CA PRO B 262 -15.35 27.23 33.98
C PRO B 262 -16.27 27.37 35.21
N ILE B 263 -16.18 26.40 36.14
CA ILE B 263 -17.02 26.34 37.36
C ILE B 263 -16.23 26.14 38.67
N LYS B 264 -16.49 26.99 39.70
CA LYS B 264 -15.79 26.84 41.01
C LYS B 264 -16.41 27.36 42.31
N VAL B 265 -17.26 28.38 42.33
CA VAL B 265 -17.82 28.84 43.61
C VAL B 265 -18.63 27.76 44.34
N ASN B 266 -19.03 28.03 45.59
CA ASN B 266 -19.79 27.05 46.36
C ASN B 266 -20.70 27.60 47.45
N GLN B 267 -21.16 26.69 48.32
CA GLN B 267 -22.03 27.02 49.44
C GLN B 267 -21.88 25.96 50.53
N GLY B 268 -22.34 26.27 51.74
CA GLY B 268 -22.26 25.38 52.91
C GLY B 268 -22.50 23.87 52.65
N GLY B 269 -21.59 23.05 53.20
CA GLY B 269 -21.64 21.60 53.03
C GLY B 269 -22.76 20.88 53.76
N VAL B 270 -22.39 19.73 54.32
CA VAL B 270 -23.35 18.84 55.02
C VAL B 270 -23.40 19.02 56.53
N ILE B 271 -24.46 18.48 57.14
CA ILE B 271 -24.73 18.50 58.58
C ILE B 271 -24.81 19.90 59.22
N PRO B 272 -25.39 20.88 58.52
CA PRO B 272 -25.51 22.25 59.04
C PRO B 272 -26.33 22.37 60.33
N ILE B 273 -27.63 22.62 60.15
CA ILE B 273 -28.57 22.79 61.27
C ILE B 273 -28.38 21.80 62.40
N ILE B 274 -28.02 20.57 62.04
CA ILE B 274 -27.80 19.50 63.00
C ILE B 274 -26.66 19.78 63.97
N PHE B 275 -25.54 20.27 63.43
CA PHE B 275 -24.41 20.56 64.29
C PHE B 275 -24.70 21.73 65.23
N ALA B 276 -25.32 22.78 64.70
CA ALA B 276 -25.65 23.93 65.50
C ALA B 276 -26.76 23.62 66.53
N SER B 277 -27.83 22.96 66.06
CA SER B 277 -28.96 22.62 66.93
C SER B 277 -28.54 21.79 68.13
N ALA B 278 -27.67 20.81 67.90
CA ALA B 278 -27.21 19.98 69.00
C ALA B 278 -26.52 20.87 70.04
N ILE B 279 -25.77 21.86 69.56
CA ILE B 279 -25.08 22.75 70.49
C ILE B 279 -26.06 23.42 71.46
N VAL B 280 -27.13 23.99 70.91
CA VAL B 280 -28.13 24.65 71.74
C VAL B 280 -28.74 23.67 72.75
N SER B 281 -28.86 22.40 72.37
CA SER B 281 -29.43 21.41 73.28
C SER B 281 -28.52 21.19 74.47
N ILE B 282 -27.27 21.63 74.36
CA ILE B 282 -26.31 21.47 75.46
C ILE B 282 -26.60 22.43 76.63
N PRO B 283 -26.57 23.74 76.39
CA PRO B 283 -26.85 24.62 77.52
C PRO B 283 -28.23 24.38 78.08
N SER B 284 -29.09 23.75 77.29
CA SER B 284 -30.45 23.46 77.76
C SER B 284 -30.48 22.29 78.74
N ALA B 285 -29.80 21.21 78.38
CA ALA B 285 -29.75 20.02 79.22
C ALA B 285 -29.14 20.34 80.57
N ILE B 286 -28.02 21.05 80.56
CA ILE B 286 -27.36 21.41 81.81
C ILE B 286 -28.24 22.36 82.62
N ALA B 287 -29.01 23.18 81.91
CA ALA B 287 -29.91 24.13 82.55
C ALA B 287 -31.13 23.43 83.15
N SER B 288 -31.27 22.14 82.85
CA SER B 288 -32.39 21.37 83.37
C SER B 288 -31.93 20.62 84.62
N ILE B 289 -30.65 20.29 84.66
CA ILE B 289 -30.09 19.56 85.78
C ILE B 289 -28.76 20.12 86.30
N THR B 290 -28.76 21.36 86.77
CA THR B 290 -27.57 21.95 87.37
C THR B 290 -27.69 21.54 88.85
N ASN B 291 -27.49 22.49 89.76
CA ASN B 291 -27.59 22.16 91.18
C ASN B 291 -29.04 21.94 91.63
N ASN B 292 -29.34 20.69 91.99
CA ASN B 292 -30.67 20.29 92.45
C ASN B 292 -31.76 20.62 91.43
N GLU B 293 -31.38 20.62 90.15
CA GLU B 293 -32.32 20.91 89.07
C GLU B 293 -32.92 22.31 89.17
N THR B 294 -32.19 23.31 88.69
CA THR B 294 -32.71 24.68 88.74
C THR B 294 -33.72 24.81 87.61
N LEU B 295 -34.86 24.15 87.75
CA LEU B 295 -35.89 24.19 86.73
C LEU B 295 -36.38 25.59 86.40
N LYS B 296 -36.07 26.03 85.19
CA LYS B 296 -36.49 27.33 84.69
C LYS B 296 -36.72 27.15 83.19
N ASN B 297 -37.29 28.15 82.52
CA ASN B 297 -37.61 28.00 81.10
C ASN B 297 -36.47 28.17 80.12
N LEU B 298 -36.49 27.34 79.08
CA LEU B 298 -35.51 27.31 77.98
C LEU B 298 -35.80 26.10 77.08
N PHE B 299 -36.96 26.11 76.42
CA PHE B 299 -37.35 25.02 75.53
C PHE B 299 -37.70 25.49 74.11
N ARG B 300 -38.85 26.15 73.97
CA ARG B 300 -39.30 26.65 72.67
C ARG B 300 -39.20 28.17 72.59
N ALA B 301 -39.52 28.84 73.69
CA ALA B 301 -39.49 30.29 73.75
C ALA B 301 -38.23 30.90 73.15
N GLY B 302 -37.09 30.66 73.77
CA GLY B 302 -35.84 31.20 73.27
C GLY B 302 -35.44 30.64 71.92
N GLY B 303 -36.33 29.84 71.32
CA GLY B 303 -36.08 29.17 70.04
C GLY B 303 -35.53 30.11 68.98
N PHE B 304 -36.36 31.05 68.53
CA PHE B 304 -35.97 31.99 67.49
C PHE B 304 -34.54 32.52 67.67
N LEU B 305 -34.16 32.79 68.91
CA LEU B 305 -32.83 33.30 69.21
C LEU B 305 -31.78 32.21 68.96
N TYR B 306 -32.03 31.00 69.47
CA TYR B 306 -31.09 29.91 69.28
C TYR B 306 -31.09 29.48 67.81
N LEU B 307 -32.22 29.66 67.13
CA LEU B 307 -32.33 29.29 65.73
C LEU B 307 -31.43 30.17 64.85
N LEU B 308 -31.46 31.46 65.13
CA LEU B 308 -30.63 32.40 64.37
C LEU B 308 -29.16 32.05 64.64
N ILE B 309 -28.91 31.47 65.81
CA ILE B 309 -27.57 31.06 66.15
C ILE B 309 -27.10 30.04 65.14
N TYR B 310 -28.03 29.17 64.75
CA TYR B 310 -27.73 28.15 63.75
C TYR B 310 -27.24 28.82 62.49
N GLY B 311 -27.80 29.98 62.22
CA GLY B 311 -27.43 30.76 61.04
C GLY B 311 -25.96 31.18 61.08
N LEU B 312 -25.65 32.12 61.97
CA LEU B 312 -24.29 32.63 62.10
C LEU B 312 -23.28 31.49 62.26
N LEU B 313 -23.54 30.63 63.25
CA LEU B 313 -22.66 29.50 63.53
C LEU B 313 -22.35 28.68 62.28
N VAL B 314 -23.28 27.82 61.91
CA VAL B 314 -23.10 26.98 60.73
C VAL B 314 -22.62 27.74 59.50
N PHE B 315 -23.55 28.36 58.80
CA PHE B 315 -23.25 29.09 57.59
C PHE B 315 -21.93 29.85 57.56
N PHE B 316 -21.88 30.94 58.31
CA PHE B 316 -20.69 31.78 58.34
C PHE B 316 -19.37 31.09 58.66
N PHE B 317 -19.26 30.49 59.85
CA PHE B 317 -18.01 29.83 60.24
C PHE B 317 -17.49 28.84 59.18
N THR B 318 -18.28 27.82 58.90
CA THR B 318 -17.87 26.81 57.92
C THR B 318 -17.59 27.46 56.58
N TYR B 319 -18.64 27.97 55.93
CA TYR B 319 -18.51 28.60 54.63
C TYR B 319 -17.24 29.45 54.48
N PHE B 320 -16.76 30.00 55.60
CA PHE B 320 -15.55 30.79 55.58
C PHE B 320 -14.38 29.86 55.28
N TYR B 321 -14.03 29.03 56.27
CA TYR B 321 -12.93 28.11 56.04
C TYR B 321 -13.24 27.32 54.78
N SER B 322 -14.45 26.75 54.76
CA SER B 322 -14.99 25.95 53.65
C SER B 322 -14.58 26.42 52.26
N VAL B 323 -14.92 27.65 51.92
CA VAL B 323 -14.52 28.20 50.64
C VAL B 323 -13.07 28.63 50.75
N VAL B 324 -12.30 27.77 51.42
CA VAL B 324 -10.87 27.90 51.64
C VAL B 324 -10.31 29.23 51.20
N ILE B 325 -10.12 30.12 52.14
CA ILE B 325 -9.58 31.44 51.90
C ILE B 325 -8.47 31.48 50.84
N PHE B 326 -7.75 30.38 50.67
CA PHE B 326 -6.61 30.36 49.73
C PHE B 326 -6.91 30.02 48.27
N ASP B 327 -8.18 29.98 47.87
CA ASP B 327 -8.49 29.65 46.49
C ASP B 327 -7.87 30.56 45.44
N PRO B 328 -8.02 31.87 45.57
CA PRO B 328 -7.41 32.79 44.60
C PRO B 328 -5.90 32.60 44.46
N ARG B 329 -5.29 32.09 45.53
CA ARG B 329 -3.84 31.86 45.54
C ARG B 329 -3.49 30.83 44.49
N GLU B 330 -4.20 29.71 44.49
CA GLU B 330 -3.96 28.66 43.52
C GLU B 330 -4.48 29.10 42.15
N ILE B 331 -5.71 29.61 42.10
CA ILE B 331 -6.30 30.07 40.84
C ILE B 331 -5.45 31.13 40.13
N SER B 332 -5.30 32.29 40.74
CA SER B 332 -4.52 33.38 40.17
C SER B 332 -3.04 33.01 40.09
N GLU B 333 -2.72 31.78 40.49
CA GLU B 333 -1.34 31.33 40.44
C GLU B 333 -1.10 30.65 39.09
N ASN B 334 -1.89 29.63 38.79
CA ASN B 334 -1.76 28.93 37.51
C ASN B 334 -2.24 29.82 36.38
N ILE B 335 -2.34 31.13 36.66
CA ILE B 335 -2.78 32.12 35.68
C ILE B 335 -4.27 31.98 35.42
N ARG B 336 -5.06 32.77 36.15
CA ARG B 336 -6.50 32.67 36.03
C ARG B 336 -7.31 33.93 36.37
N LYS B 337 -8.05 34.43 35.38
CA LYS B 337 -8.92 35.60 35.53
C LYS B 337 -10.37 35.19 35.29
N TYR B 338 -11.09 34.95 36.39
CA TYR B 338 -12.46 34.45 36.37
C TYR B 338 -13.39 35.08 35.31
N GLY B 339 -14.52 34.40 35.09
CA GLY B 339 -15.55 34.84 34.17
C GLY B 339 -16.82 34.26 34.75
N GLY B 340 -17.62 35.14 35.36
CA GLY B 340 -18.86 34.72 35.97
C GLY B 340 -19.78 35.90 36.19
N TYR B 341 -21.09 35.64 36.16
CA TYR B 341 -22.08 36.69 36.36
C TYR B 341 -21.71 37.96 35.57
N ILE B 342 -20.85 37.81 34.55
CA ILE B 342 -20.36 38.91 33.68
C ILE B 342 -18.85 38.66 33.37
N PRO B 343 -18.26 39.19 32.30
CA PRO B 343 -16.86 38.90 32.00
C PRO B 343 -15.86 39.35 33.07
N GLY B 344 -15.39 38.39 33.88
CA GLY B 344 -14.44 38.67 34.98
C GLY B 344 -13.18 39.45 34.57
N LEU B 345 -12.31 39.69 35.54
CA LEU B 345 -11.12 40.44 35.28
C LEU B 345 -10.00 40.47 36.33
N ARG B 346 -9.96 41.51 37.15
CA ARG B 346 -8.92 41.64 38.14
C ARG B 346 -8.53 40.31 38.81
N PRO B 347 -7.23 40.00 38.83
CA PRO B 347 -6.62 38.82 39.42
C PRO B 347 -6.27 38.99 40.90
N GLY B 348 -5.15 38.41 41.33
CA GLY B 348 -4.72 38.53 42.72
C GLY B 348 -5.81 38.34 43.75
N ARG B 349 -5.53 38.77 44.98
CA ARG B 349 -6.48 38.64 46.08
C ARG B 349 -7.71 39.51 45.85
N SER B 350 -7.59 40.49 44.96
CA SER B 350 -8.71 41.36 44.65
C SER B 350 -9.88 40.51 44.17
N THR B 351 -9.55 39.36 43.60
CA THR B 351 -10.54 38.43 43.10
C THR B 351 -11.29 37.85 44.31
N GLU B 352 -10.54 37.53 45.37
CA GLU B 352 -11.15 36.99 46.57
C GLU B 352 -12.09 38.04 47.14
N GLN B 353 -11.81 39.30 46.82
CA GLN B 353 -12.66 40.40 47.28
C GLN B 353 -14.02 40.29 46.62
N TYR B 354 -14.04 40.36 45.29
CA TYR B 354 -15.30 40.24 44.56
C TYR B 354 -16.04 38.97 44.98
N LEU B 355 -15.28 37.88 45.09
CA LEU B 355 -15.83 36.60 45.50
C LEU B 355 -16.29 36.65 46.94
N HIS B 356 -15.54 37.35 47.78
CA HIS B 356 -15.90 37.47 49.19
C HIS B 356 -17.32 37.97 49.27
N ARG B 357 -17.65 38.94 48.42
CA ARG B 357 -19.00 39.50 48.39
C ARG B 357 -20.01 38.40 48.10
N VAL B 358 -19.85 37.75 46.94
CA VAL B 358 -20.77 36.67 46.57
C VAL B 358 -20.79 35.60 47.66
N LEU B 359 -19.65 35.41 48.31
CA LEU B 359 -19.52 34.43 49.37
C LEU B 359 -20.53 34.66 50.49
N ASN B 360 -20.32 35.70 51.28
CA ASN B 360 -21.22 36.01 52.39
C ASN B 360 -22.67 36.30 51.97
N ARG B 361 -22.86 36.69 50.71
CA ARG B 361 -24.20 37.00 50.24
C ARG B 361 -25.01 35.73 49.97
N VAL B 362 -24.41 34.78 49.27
CA VAL B 362 -25.10 33.52 48.98
C VAL B 362 -25.27 32.78 50.30
N THR B 363 -24.40 33.11 51.27
CA THR B 363 -24.47 32.50 52.59
C THR B 363 -25.70 33.02 53.32
N PHE B 364 -26.01 34.29 53.09
CA PHE B 364 -27.18 34.92 53.71
C PHE B 364 -28.41 34.17 53.22
N ILE B 365 -28.47 33.98 51.91
CA ILE B 365 -29.58 33.28 51.27
C ILE B 365 -29.65 31.84 51.78
N GLY B 366 -28.49 31.20 51.86
CA GLY B 366 -28.44 29.83 52.35
C GLY B 366 -29.09 29.72 53.71
N ALA B 367 -28.81 30.69 54.57
CA ALA B 367 -29.37 30.72 55.92
C ALA B 367 -30.88 30.75 55.80
N VAL B 368 -31.36 31.62 54.93
CA VAL B 368 -32.80 31.75 54.71
C VAL B 368 -33.47 30.38 54.60
N PHE B 369 -32.91 29.52 53.75
CA PHE B 369 -33.49 28.19 53.55
C PHE B 369 -33.28 27.14 54.64
N LEU B 370 -32.02 26.81 54.94
CA LEU B 370 -31.76 25.79 55.97
C LEU B 370 -32.41 26.16 57.31
N VAL B 371 -32.18 27.40 57.73
CA VAL B 371 -32.75 27.89 58.98
C VAL B 371 -34.27 27.82 58.89
N VAL B 372 -34.80 27.90 57.68
CA VAL B 372 -36.25 27.84 57.49
C VAL B 372 -36.75 26.41 57.64
N ILE B 373 -35.82 25.45 57.70
CA ILE B 373 -36.17 24.05 57.86
C ILE B 373 -36.61 23.84 59.30
N ALA B 374 -35.73 24.15 60.23
CA ALA B 374 -36.08 24.01 61.66
C ALA B 374 -37.28 24.92 61.93
N LEU B 375 -37.30 26.05 61.22
CA LEU B 375 -38.39 26.99 61.36
C LEU B 375 -39.65 26.52 60.64
N LEU B 376 -39.49 25.56 59.74
CA LEU B 376 -40.64 25.03 59.02
C LEU B 376 -41.65 24.50 60.00
N PRO B 377 -41.24 23.55 60.87
CA PRO B 377 -42.31 23.12 61.78
C PRO B 377 -42.77 24.29 62.67
N TYR B 378 -41.86 25.22 62.95
CA TYR B 378 -42.23 26.36 63.78
C TYR B 378 -43.22 27.33 63.13
N LEU B 379 -43.30 27.33 61.81
CA LEU B 379 -44.23 28.22 61.11
C LEU B 379 -45.58 27.60 60.86
N VAL B 380 -45.70 26.29 61.05
CA VAL B 380 -46.98 25.62 60.84
C VAL B 380 -47.58 25.26 62.20
N GLN B 381 -46.72 25.15 63.21
CA GLN B 381 -47.17 24.83 64.55
C GLN B 381 -47.47 26.11 65.33
N GLY B 382 -48.41 26.89 64.82
CA GLY B 382 -48.80 28.13 65.47
C GLY B 382 -50.28 28.13 65.77
N ALA B 383 -50.97 27.11 65.25
CA ALA B 383 -52.41 26.97 65.47
C ALA B 383 -52.59 25.70 66.28
N ILE B 384 -51.94 24.63 65.84
CA ILE B 384 -51.99 23.34 66.52
C ILE B 384 -50.55 22.86 66.63
N LYS B 385 -50.01 22.90 67.85
CA LYS B 385 -48.63 22.49 68.09
C LYS B 385 -48.52 21.05 68.57
N VAL B 386 -47.56 20.32 67.99
CA VAL B 386 -47.34 18.93 68.34
C VAL B 386 -46.03 18.74 69.09
N ASN B 387 -46.11 18.23 70.31
CA ASN B 387 -44.91 17.99 71.13
C ASN B 387 -44.22 16.73 70.65
N VAL B 388 -44.21 16.54 69.34
CA VAL B 388 -43.59 15.39 68.70
C VAL B 388 -42.93 15.92 67.43
N TRP B 389 -41.75 16.50 67.60
CA TRP B 389 -41.00 17.08 66.50
C TRP B 389 -40.12 16.05 65.80
N ILE B 390 -40.09 14.85 66.32
CA ILE B 390 -39.29 13.77 65.76
C ILE B 390 -39.48 13.64 64.24
N GLY B 391 -38.50 14.13 63.49
CA GLY B 391 -38.58 14.04 62.04
C GLY B 391 -37.79 15.09 61.29
N GLY B 392 -37.54 16.23 61.94
CA GLY B 392 -36.80 17.31 61.31
C GLY B 392 -35.33 17.05 61.08
N THR B 393 -34.56 16.94 62.17
CA THR B 393 -33.13 16.70 62.08
C THR B 393 -32.84 15.38 61.37
N SER B 394 -33.29 14.28 61.97
CA SER B 394 -33.07 12.95 61.41
C SER B 394 -33.31 12.94 59.89
N ALA B 395 -34.34 13.65 59.44
CA ALA B 395 -34.66 13.70 58.01
C ALA B 395 -33.56 14.41 57.26
N LEU B 396 -33.18 15.59 57.74
CA LEU B 396 -32.13 16.37 57.10
C LEU B 396 -30.89 15.51 56.92
N ILE B 397 -30.75 14.48 57.77
CA ILE B 397 -29.62 13.57 57.69
C ILE B 397 -29.86 12.51 56.62
N ALA B 398 -30.97 11.78 56.78
CA ALA B 398 -31.36 10.72 55.86
C ALA B 398 -31.38 11.20 54.42
N VAL B 399 -31.94 12.39 54.20
CA VAL B 399 -31.99 12.96 52.86
C VAL B 399 -30.58 13.29 52.43
N GLY B 400 -29.79 13.82 53.36
CA GLY B 400 -28.42 14.16 53.06
C GLY B 400 -27.72 13.02 52.34
N VAL B 401 -27.74 11.84 52.94
CA VAL B 401 -27.10 10.67 52.35
C VAL B 401 -27.80 10.25 51.06
N ALA B 402 -29.11 10.48 51.00
CA ALA B 402 -29.88 10.14 49.82
C ALA B 402 -29.29 10.90 48.64
N LEU B 403 -29.23 12.22 48.80
CA LEU B 403 -28.68 13.10 47.77
C LEU B 403 -27.28 12.67 47.36
N ASP B 404 -26.43 12.38 48.34
CA ASP B 404 -25.06 11.97 48.07
C ASP B 404 -25.00 10.66 47.28
N ILE B 405 -25.93 9.76 47.55
CA ILE B 405 -25.96 8.49 46.83
C ILE B 405 -26.40 8.82 45.41
N ILE B 406 -27.16 9.90 45.27
CA ILE B 406 -27.63 10.33 43.95
C ILE B 406 -26.39 10.72 43.14
N GLN B 407 -25.32 11.06 43.85
CA GLN B 407 -24.07 11.41 43.18
C GLN B 407 -23.43 10.12 42.71
N GLN B 408 -23.70 9.04 43.45
CA GLN B 408 -23.17 7.72 43.08
C GLN B 408 -23.75 7.33 41.73
N MET B 409 -25.01 7.68 41.51
CA MET B 409 -25.70 7.39 40.26
C MET B 409 -25.37 8.42 39.18
N GLU B 410 -25.19 9.67 39.59
CA GLU B 410 -24.86 10.73 38.66
C GLU B 410 -23.62 10.37 37.84
N THR B 411 -22.65 9.75 38.49
CA THR B 411 -21.43 9.36 37.79
C THR B 411 -21.60 8.07 37.01
N HIS B 412 -22.06 7.02 37.70
CA HIS B 412 -22.23 5.72 37.03
C HIS B 412 -23.19 5.75 35.84
N MET B 413 -24.05 6.76 35.78
CA MET B 413 -25.00 6.87 34.66
C MET B 413 -24.30 7.12 33.32
N VAL B 414 -25.11 7.28 32.27
CA VAL B 414 -24.58 7.50 30.93
C VAL B 414 -23.58 6.43 30.52
N MET B 415 -24.10 5.32 29.99
CA MET B 415 -23.27 4.21 29.55
C MET B 415 -22.27 4.65 28.49
N ARG B 416 -22.69 4.58 27.23
CA ARG B 416 -21.84 4.97 26.10
C ARG B 416 -22.71 5.69 25.07
N HIS B 417 -22.51 7.00 24.97
CA HIS B 417 -23.26 7.85 24.05
C HIS B 417 -22.75 7.81 22.60
N TYR B 418 -21.65 7.11 22.38
CA TYR B 418 -21.08 7.02 21.03
C TYR B 418 -21.70 5.88 20.22
N GLU B 419 -21.91 6.15 18.94
CA GLU B 419 -22.50 5.16 18.03
C GLU B 419 -23.94 4.80 18.39
N GLY B 420 -24.36 5.18 19.59
CA GLY B 420 -25.71 4.89 20.04
C GLY B 420 -26.76 5.24 19.01
N PHE B 421 -26.59 6.39 18.36
CA PHE B 421 -27.50 6.83 17.33
C PHE B 421 -26.70 7.56 16.25
N ILE B 422 -25.49 7.07 16.02
CA ILE B 422 -24.57 7.61 15.04
C ILE B 422 -23.76 6.48 14.42
N LYS B 423 -22.63 6.83 13.81
CA LYS B 423 -21.78 5.82 13.18
C LYS B 423 -21.34 4.75 14.17
N GLU C 10 -29.65 50.50 54.26
CA GLU C 10 -28.23 50.91 54.33
C GLU C 10 -27.30 49.68 54.39
N VAL C 11 -27.06 49.20 55.61
CA VAL C 11 -26.20 48.05 55.82
C VAL C 11 -26.84 46.74 55.36
N ILE C 12 -27.71 46.18 56.20
CA ILE C 12 -28.38 44.94 55.87
C ILE C 12 -29.12 45.08 54.54
N ALA C 13 -29.52 46.31 54.23
CA ALA C 13 -30.21 46.58 52.98
C ALA C 13 -29.31 46.13 51.84
N GLU C 14 -28.08 46.64 51.85
CA GLU C 14 -27.10 46.29 50.82
C GLU C 14 -27.04 44.79 50.58
N ALA C 15 -26.81 44.04 51.66
CA ALA C 15 -26.72 42.58 51.58
C ALA C 15 -27.94 41.98 50.87
N LYS C 16 -29.11 42.52 51.16
CA LYS C 16 -30.34 42.04 50.56
C LYS C 16 -30.52 42.53 49.12
N LYS C 17 -30.08 43.77 48.87
CA LYS C 17 -30.19 44.37 47.55
C LYS C 17 -29.35 43.63 46.51
N ILE C 18 -28.21 43.12 46.92
CA ILE C 18 -27.34 42.39 46.00
C ILE C 18 -27.68 40.90 46.00
N SER C 19 -28.37 40.46 47.04
CA SER C 19 -28.77 39.06 47.15
C SER C 19 -29.99 38.79 46.30
N TRP C 20 -30.87 39.78 46.20
CA TRP C 20 -32.10 39.66 45.42
C TRP C 20 -31.79 39.24 43.98
N PRO C 21 -30.75 39.83 43.36
CA PRO C 21 -30.40 39.46 41.99
C PRO C 21 -29.42 38.30 41.90
N SER C 22 -28.69 38.05 42.98
CA SER C 22 -27.71 36.96 42.98
C SER C 22 -28.35 35.58 42.98
N ARG C 23 -29.59 35.50 43.45
CA ARG C 23 -30.30 34.21 43.50
C ARG C 23 -30.28 33.50 42.16
N LYS C 24 -29.36 32.55 42.00
CA LYS C 24 -29.23 31.83 40.75
C LYS C 24 -28.88 30.36 40.97
N GLU C 25 -28.17 29.79 39.99
CA GLU C 25 -27.72 28.41 40.08
C GLU C 25 -28.79 27.52 40.70
N LEU C 26 -29.78 27.18 39.89
CA LEU C 26 -30.88 26.34 40.32
C LEU C 26 -31.03 25.16 39.35
N LEU C 27 -32.24 24.64 39.26
CA LEU C 27 -32.52 23.51 38.37
C LEU C 27 -34.03 23.37 38.23
N THR C 28 -34.58 23.96 37.17
CA THR C 28 -36.02 23.92 36.93
C THR C 28 -36.60 22.51 36.84
N SER C 29 -35.73 21.51 36.69
CA SER C 29 -36.19 20.12 36.61
C SER C 29 -35.76 19.31 37.84
N PHE C 30 -35.45 20.02 38.91
CA PHE C 30 -35.05 19.36 40.14
C PHE C 30 -36.27 18.60 40.66
N GLY C 31 -37.43 18.88 40.08
CA GLY C 31 -38.64 18.17 40.46
C GLY C 31 -38.38 16.73 40.08
N VAL C 32 -37.60 16.57 39.01
CA VAL C 32 -37.22 15.25 38.54
C VAL C 32 -36.40 14.67 39.67
N VAL C 33 -35.56 15.51 40.26
CA VAL C 33 -34.72 15.07 41.37
C VAL C 33 -35.60 14.74 42.59
N LEU C 34 -36.75 15.38 42.70
CA LEU C 34 -37.67 15.13 43.81
C LEU C 34 -38.29 13.76 43.63
N VAL C 35 -38.70 13.47 42.39
CA VAL C 35 -39.30 12.18 42.11
C VAL C 35 -38.33 11.08 42.50
N ILE C 36 -37.04 11.34 42.28
CA ILE C 36 -36.00 10.38 42.62
C ILE C 36 -35.83 10.34 44.13
N LEU C 37 -35.91 11.50 44.78
CA LEU C 37 -35.77 11.54 46.23
C LEU C 37 -36.80 10.61 46.83
N ALA C 38 -37.99 10.59 46.24
CA ALA C 38 -39.06 9.72 46.71
C ALA C 38 -38.66 8.28 46.46
N VAL C 39 -38.21 7.99 45.24
CA VAL C 39 -37.79 6.64 44.89
C VAL C 39 -36.77 6.18 45.94
N THR C 40 -35.77 7.03 46.17
CA THR C 40 -34.72 6.73 47.14
C THR C 40 -35.36 6.40 48.49
N SER C 41 -36.37 7.17 48.88
CA SER C 41 -37.06 6.94 50.14
C SER C 41 -37.70 5.57 50.10
N VAL C 42 -38.27 5.22 48.96
CA VAL C 42 -38.90 3.91 48.81
C VAL C 42 -37.86 2.87 49.20
N TYR C 43 -36.61 3.10 48.79
CA TYR C 43 -35.54 2.17 49.12
C TYR C 43 -35.38 2.02 50.62
N PHE C 44 -35.24 3.14 51.32
CA PHE C 44 -35.08 3.11 52.77
C PHE C 44 -36.19 2.25 53.37
N PHE C 45 -37.42 2.73 53.24
CA PHE C 45 -38.59 2.02 53.77
C PHE C 45 -38.54 0.55 53.34
N VAL C 46 -38.34 0.32 52.04
CA VAL C 46 -38.27 -1.04 51.51
C VAL C 46 -37.24 -1.85 52.29
N LEU C 47 -36.05 -1.30 52.46
CA LEU C 47 -34.99 -1.97 53.20
C LEU C 47 -35.49 -2.34 54.59
N ASP C 48 -35.90 -1.32 55.34
CA ASP C 48 -36.41 -1.52 56.70
C ASP C 48 -37.52 -2.55 56.79
N PHE C 49 -38.39 -2.60 55.79
CA PHE C 49 -39.47 -3.57 55.77
C PHE C 49 -38.90 -4.98 55.65
N ILE C 50 -37.81 -5.08 54.89
CA ILE C 50 -37.15 -6.37 54.71
C ILE C 50 -36.67 -6.85 56.07
N PHE C 51 -36.20 -5.91 56.89
CA PHE C 51 -35.73 -6.24 58.23
C PHE C 51 -36.84 -6.96 58.98
N SER C 52 -37.90 -6.22 59.30
CA SER C 52 -39.03 -6.79 60.04
C SER C 52 -39.37 -8.21 59.62
N GLY C 53 -39.47 -8.44 58.31
CA GLY C 53 -39.81 -9.77 57.82
C GLY C 53 -38.80 -10.86 58.13
N VAL C 54 -37.56 -10.64 57.73
CA VAL C 54 -36.51 -11.63 57.96
C VAL C 54 -36.09 -11.68 59.44
N VAL C 55 -35.96 -10.50 60.04
CA VAL C 55 -35.57 -10.41 61.45
C VAL C 55 -36.61 -11.13 62.33
N SER C 56 -37.85 -11.20 61.86
CA SER C 56 -38.90 -11.86 62.62
C SER C 56 -38.80 -13.37 62.46
N ALA C 57 -38.26 -13.83 61.33
CA ALA C 57 -38.09 -15.27 61.14
C ALA C 57 -37.03 -15.62 62.18
N ILE C 58 -36.11 -14.68 62.38
CA ILE C 58 -35.04 -14.82 63.34
C ILE C 58 -35.59 -14.68 64.76
N PHE C 59 -36.63 -13.86 64.91
CA PHE C 59 -37.26 -13.64 66.20
C PHE C 59 -37.77 -14.96 66.75
N LYS C 60 -38.37 -15.77 65.88
CA LYS C 60 -38.88 -17.07 66.31
C LYS C 60 -37.73 -17.95 66.74
N ALA C 61 -36.82 -18.22 65.81
CA ALA C 61 -35.66 -19.06 66.09
C ALA C 61 -34.86 -18.59 67.32
N LEU C 62 -33.79 -17.84 67.05
CA LEU C 62 -32.92 -17.32 68.10
C LEU C 62 -33.54 -16.18 68.89
N GLY C 63 -34.85 -16.25 69.13
CA GLY C 63 -35.49 -15.20 69.88
C GLY C 63 -36.34 -15.69 71.03
N ILE C 64 -37.31 -16.54 70.74
CA ILE C 64 -38.18 -17.06 71.78
C ILE C 64 -37.86 -18.51 72.11
N GLY C 65 -36.74 -19.00 71.61
CA GLY C 65 -36.34 -20.37 71.89
C GLY C 65 -36.22 -20.64 73.38
N HIS D 9 -14.42 -20.22 82.00
CA HIS D 9 -13.75 -18.90 81.93
C HIS D 9 -13.47 -18.50 80.48
N THR D 10 -14.43 -18.81 79.62
CA THR D 10 -14.34 -18.53 78.19
C THR D 10 -14.50 -17.05 77.88
N ILE D 11 -15.49 -16.41 78.48
CA ILE D 11 -15.74 -14.99 78.23
C ILE D 11 -14.63 -14.08 78.71
N ILE D 12 -13.88 -14.51 79.72
CA ILE D 12 -12.78 -13.71 80.24
C ILE D 12 -11.57 -13.81 79.33
N SER D 13 -11.16 -15.04 79.03
CA SER D 13 -10.01 -15.25 78.15
C SER D 13 -10.28 -14.77 76.74
N VAL D 14 -11.39 -15.22 76.16
CA VAL D 14 -11.74 -14.81 74.80
C VAL D 14 -11.98 -13.31 74.74
N ALA D 15 -12.29 -12.71 75.89
CA ALA D 15 -12.52 -11.27 75.95
C ALA D 15 -11.22 -10.58 75.54
N LEU D 16 -10.15 -10.93 76.25
CA LEU D 16 -8.83 -10.35 75.94
C LEU D 16 -8.55 -10.61 74.46
N ILE D 17 -9.08 -11.71 73.96
CA ILE D 17 -8.90 -12.08 72.56
C ILE D 17 -9.75 -11.22 71.62
N TYR D 18 -10.93 -10.83 72.10
CA TYR D 18 -11.82 -9.99 71.31
C TYR D 18 -11.11 -8.67 71.04
N MET D 19 -10.36 -8.22 72.04
CA MET D 19 -9.59 -6.98 71.93
C MET D 19 -8.50 -7.19 70.89
N VAL D 20 -7.94 -8.39 70.85
CA VAL D 20 -6.90 -8.71 69.88
C VAL D 20 -7.46 -8.52 68.47
N GLN D 21 -8.67 -9.03 68.26
CA GLN D 21 -9.36 -8.93 66.98
C GLN D 21 -9.49 -7.46 66.58
N VAL D 22 -9.60 -6.60 67.58
CA VAL D 22 -9.72 -5.15 67.34
C VAL D 22 -8.43 -4.58 66.78
N GLN D 23 -7.30 -5.16 67.20
CA GLN D 23 -6.00 -4.71 66.74
C GLN D 23 -5.79 -4.99 65.25
N MET D 24 -5.91 -6.25 64.86
CA MET D 24 -5.73 -6.65 63.48
C MET D 24 -6.68 -5.90 62.54
N SER D 25 -7.79 -5.41 63.08
CA SER D 25 -8.76 -4.66 62.29
C SER D 25 -8.44 -3.17 62.19
N LYS D 26 -8.09 -2.56 63.32
CA LYS D 26 -7.75 -1.14 63.34
C LYS D 26 -6.57 -0.88 62.43
N PHE D 27 -5.72 -1.90 62.27
CA PHE D 27 -4.54 -1.78 61.43
C PHE D 27 -4.86 -2.02 59.97
N SER D 28 -5.77 -2.94 59.70
CA SER D 28 -6.17 -3.27 58.33
C SER D 28 -6.59 -2.02 57.54
N GLU D 29 -7.09 -1.01 58.26
CA GLU D 29 -7.52 0.23 57.63
C GLU D 29 -6.34 1.19 57.56
N LEU D 30 -5.63 1.31 58.67
CA LEU D 30 -4.46 2.18 58.76
C LEU D 30 -3.54 1.94 57.57
N GLY D 31 -3.21 0.67 57.37
CA GLY D 31 -2.35 0.31 56.25
C GLY D 31 -3.17 0.18 54.98
N GLY D 32 -4.43 -0.18 55.15
CA GLY D 32 -5.32 -0.32 54.01
C GLY D 32 -5.75 1.04 53.49
N ALA D 33 -4.78 1.86 53.11
CA ALA D 33 -5.07 3.20 52.61
C ALA D 33 -4.26 3.54 51.36
N PHE D 34 -4.07 2.56 50.49
CA PHE D 34 -3.34 2.79 49.26
C PHE D 34 -4.35 3.10 48.16
N GLY D 35 -5.51 3.60 48.58
CA GLY D 35 -6.57 3.94 47.66
C GLY D 35 -7.81 4.30 48.46
N SER D 36 -7.62 4.55 49.75
CA SER D 36 -8.71 4.92 50.65
C SER D 36 -8.24 6.05 51.54
N GLY D 37 -9.08 7.06 51.71
CA GLY D 37 -8.70 8.18 52.56
C GLY D 37 -9.88 8.93 53.16
N GLY D 38 -10.50 8.34 54.18
CA GLY D 38 -11.64 8.97 54.82
C GLY D 38 -12.76 9.22 53.83
N LEU D 39 -12.84 10.46 53.32
CA LEU D 39 -13.86 10.83 52.36
C LEU D 39 -13.23 10.96 50.97
N HIS D 40 -12.16 10.20 50.74
CA HIS D 40 -11.47 10.21 49.47
C HIS D 40 -12.37 9.67 48.35
N THR D 41 -11.86 9.68 47.13
CA THR D 41 -12.64 9.20 45.98
C THR D 41 -11.80 8.47 44.94
N VAL D 42 -11.70 7.15 45.07
CA VAL D 42 -10.92 6.37 44.12
C VAL D 42 -11.58 5.04 43.73
N PHE D 43 -12.28 5.04 42.59
CA PHE D 43 -12.91 3.84 42.10
C PHE D 43 -11.83 3.09 41.32
N GLY D 44 -10.61 3.20 41.84
CA GLY D 44 -9.44 2.58 41.23
C GLY D 44 -9.48 1.09 40.99
N ARG D 45 -9.88 0.71 39.78
CA ARG D 45 -9.95 -0.69 39.41
C ARG D 45 -8.51 -1.19 39.28
N ARG D 46 -8.26 -2.04 38.29
CA ARG D 46 -6.93 -2.61 38.05
C ARG D 46 -6.27 -3.11 39.32
N LYS D 47 -7.05 -3.24 40.40
CA LYS D 47 -6.53 -3.71 41.68
C LYS D 47 -7.63 -3.99 42.69
N GLY D 48 -7.68 -5.21 43.21
CA GLY D 48 -8.68 -5.53 44.21
C GLY D 48 -9.55 -6.75 43.95
N LEU D 49 -9.22 -7.86 44.62
CA LEU D 49 -9.97 -9.11 44.50
C LEU D 49 -9.81 -9.94 45.77
N ASP D 50 -10.57 -9.59 46.80
CA ASP D 50 -10.53 -10.28 48.09
C ASP D 50 -9.15 -10.28 48.74
N THR D 51 -8.84 -9.16 49.40
CA THR D 51 -7.58 -8.95 50.09
C THR D 51 -7.06 -10.18 50.83
N GLY D 52 -5.75 -10.29 50.93
CA GLY D 52 -5.14 -11.40 51.64
C GLY D 52 -5.37 -11.20 53.12
N GLY D 53 -5.89 -10.02 53.46
CA GLY D 53 -6.17 -9.70 54.85
C GLY D 53 -7.65 -9.85 55.13
N LYS D 54 -8.39 -10.35 54.15
CA LYS D 54 -9.81 -10.55 54.31
C LYS D 54 -10.05 -11.72 55.24
N ILE D 55 -8.98 -12.45 55.56
CA ILE D 55 -9.08 -13.58 56.48
C ILE D 55 -9.36 -12.95 57.84
N THR D 56 -8.87 -11.72 58.00
CA THR D 56 -9.08 -10.97 59.22
C THR D 56 -10.55 -10.61 59.22
N LEU D 57 -11.01 -10.13 58.08
CA LEU D 57 -12.41 -9.74 57.90
C LEU D 57 -13.37 -10.84 58.38
N VAL D 58 -13.26 -12.01 57.76
CA VAL D 58 -14.11 -13.15 58.11
C VAL D 58 -13.92 -13.54 59.57
N LEU D 59 -12.71 -13.31 60.09
CA LEU D 59 -12.41 -13.63 61.47
C LEU D 59 -13.21 -12.70 62.39
N SER D 60 -13.44 -11.47 61.92
CA SER D 60 -14.18 -10.48 62.69
C SER D 60 -15.67 -10.75 62.78
N VAL D 61 -16.36 -10.61 61.64
CA VAL D 61 -17.81 -10.85 61.63
C VAL D 61 -18.15 -12.17 62.32
N LEU D 62 -17.31 -13.18 62.06
CA LEU D 62 -17.50 -14.49 62.65
C LEU D 62 -17.30 -14.39 64.17
N PHE D 63 -16.37 -13.54 64.59
CA PHE D 63 -16.06 -13.36 66.00
C PHE D 63 -17.25 -12.84 66.82
N PHE D 64 -18.03 -11.93 66.25
CA PHE D 64 -19.17 -11.39 66.98
C PHE D 64 -20.42 -12.24 66.92
N VAL D 65 -20.59 -13.02 65.85
CA VAL D 65 -21.77 -13.89 65.80
C VAL D 65 -21.46 -15.02 66.79
N SER D 66 -20.15 -15.18 67.04
CA SER D 66 -19.65 -16.19 67.96
C SER D 66 -19.96 -15.78 69.39
N CYS D 67 -19.80 -14.49 69.69
CA CYS D 67 -20.09 -14.00 71.02
C CYS D 67 -21.60 -14.03 71.23
N VAL D 68 -22.33 -14.28 70.15
CA VAL D 68 -23.78 -14.37 70.23
C VAL D 68 -24.18 -15.64 70.95
N VAL D 69 -23.83 -16.79 70.37
CA VAL D 69 -24.19 -18.05 70.99
C VAL D 69 -23.52 -18.28 72.35
N THR D 70 -22.27 -17.86 72.47
CA THR D 70 -21.51 -18.02 73.71
C THR D 70 -21.99 -17.17 74.88
N ALA D 71 -22.43 -15.95 74.58
CA ALA D 71 -22.89 -15.04 75.63
C ALA D 71 -24.23 -15.45 76.23
N PHE D 72 -25.24 -15.66 75.39
CA PHE D 72 -26.55 -16.01 75.91
C PHE D 72 -26.83 -17.52 75.85
N VAL D 73 -27.09 -18.03 74.66
CA VAL D 73 -27.39 -19.45 74.50
C VAL D 73 -26.17 -20.32 74.74
N MET E 1 25.45 -23.35 -44.34
CA MET E 1 25.32 -24.20 -43.12
C MET E 1 23.86 -24.42 -42.72
N ILE E 2 22.99 -24.60 -43.72
CA ILE E 2 21.57 -24.82 -43.46
C ILE E 2 21.01 -25.97 -44.30
N LEU E 3 20.71 -27.08 -43.62
CA LEU E 3 20.15 -28.28 -44.25
C LEU E 3 19.84 -29.28 -43.13
N PHE E 4 19.88 -30.55 -43.47
CA PHE E 4 19.67 -31.60 -42.48
C PHE E 4 21.04 -31.55 -41.80
N ASP E 5 21.94 -30.85 -42.48
CA ASP E 5 23.30 -30.63 -42.02
C ASP E 5 23.16 -30.03 -40.64
N LYS E 6 22.07 -29.29 -40.46
CA LYS E 6 21.80 -28.63 -39.20
C LYS E 6 21.00 -29.53 -38.25
N ASN E 7 19.90 -30.12 -38.73
CA ASN E 7 19.10 -30.99 -37.87
C ASN E 7 19.94 -32.15 -37.31
N LYS E 8 20.69 -32.81 -38.20
CA LYS E 8 21.53 -33.94 -37.80
C LYS E 8 22.70 -33.50 -36.92
N ARG E 9 23.36 -32.39 -37.29
CA ARG E 9 24.47 -31.89 -36.50
C ARG E 9 23.95 -31.70 -35.07
N ILE E 10 22.66 -31.41 -34.95
CA ILE E 10 22.02 -31.22 -33.65
C ILE E 10 21.95 -32.57 -32.97
N LEU E 11 21.61 -33.60 -33.75
CA LEU E 11 21.54 -34.96 -33.20
C LEU E 11 22.78 -35.26 -32.38
N LYS E 12 23.91 -35.42 -33.05
CA LYS E 12 25.15 -35.74 -32.35
C LYS E 12 25.41 -34.80 -31.18
N LYS E 13 25.16 -33.50 -31.38
CA LYS E 13 25.38 -32.53 -30.32
C LYS E 13 24.79 -33.04 -29.00
N TYR E 14 23.54 -33.46 -29.07
CA TYR E 14 22.83 -33.95 -27.89
C TYR E 14 23.12 -35.42 -27.58
N ALA E 15 23.30 -36.22 -28.62
CA ALA E 15 23.61 -37.64 -28.43
C ALA E 15 24.86 -37.70 -27.56
N LYS E 16 25.62 -36.62 -27.56
CA LYS E 16 26.84 -36.53 -26.79
C LYS E 16 26.50 -36.08 -25.36
N MET E 17 25.88 -34.90 -25.26
CA MET E 17 25.49 -34.38 -23.95
C MET E 17 24.69 -35.43 -23.17
N VAL E 18 23.96 -36.26 -23.91
CA VAL E 18 23.16 -37.30 -23.28
C VAL E 18 24.00 -38.48 -22.80
N SER E 19 24.95 -38.93 -23.61
CA SER E 19 25.80 -40.05 -23.21
C SER E 19 26.46 -39.76 -21.87
N LYS E 20 27.07 -38.58 -21.75
CA LYS E 20 27.72 -38.18 -20.51
C LYS E 20 26.73 -38.19 -19.35
N ILE E 21 25.69 -37.37 -19.48
CA ILE E 21 24.67 -37.28 -18.43
C ILE E 21 24.06 -38.63 -18.10
N ASN E 22 24.00 -39.52 -19.10
CA ASN E 22 23.44 -40.84 -18.89
C ASN E 22 24.29 -41.62 -17.89
N GLN E 23 25.60 -41.42 -17.96
CA GLN E 23 26.50 -42.09 -17.02
C GLN E 23 26.29 -41.51 -15.63
N ILE E 24 25.92 -40.23 -15.58
CA ILE E 24 25.69 -39.56 -14.31
C ILE E 24 24.59 -40.27 -13.53
N GLU E 25 23.47 -40.53 -14.18
CA GLU E 25 22.34 -41.20 -13.54
C GLU E 25 22.72 -42.62 -13.14
N SER E 26 23.62 -43.22 -13.90
CA SER E 26 24.07 -44.58 -13.62
C SER E 26 24.66 -44.77 -12.23
N ASP E 27 25.68 -43.98 -11.88
CA ASP E 27 26.31 -44.13 -10.57
C ASP E 27 25.63 -43.36 -9.45
N LEU E 28 24.36 -42.99 -9.63
CA LEU E 28 23.65 -42.24 -8.60
C LEU E 28 22.48 -43.01 -8.01
N ARG E 29 22.21 -44.19 -8.53
CA ARG E 29 21.10 -45.02 -8.05
C ARG E 29 21.39 -45.56 -6.65
N SER E 30 22.40 -44.99 -6.00
CA SER E 30 22.79 -45.41 -4.66
C SER E 30 21.78 -44.99 -3.60
N LYS E 31 20.49 -45.05 -3.97
CA LYS E 31 19.41 -44.71 -3.06
C LYS E 31 19.65 -43.37 -2.36
N LYS E 32 20.32 -42.45 -3.05
CA LYS E 32 20.60 -41.13 -2.48
C LYS E 32 19.33 -40.43 -2.03
N ASN E 33 18.99 -40.57 -0.75
CA ASN E 33 17.80 -39.93 -0.21
C ASN E 33 18.18 -38.60 0.46
N SER E 34 18.57 -38.68 1.73
CA SER E 34 18.96 -37.51 2.48
C SER E 34 20.11 -36.82 1.76
N GLU E 35 20.95 -37.61 1.10
CA GLU E 35 22.10 -37.07 0.37
C GLU E 35 21.59 -36.26 -0.82
N LEU E 36 20.48 -36.71 -1.40
CA LEU E 36 19.89 -36.03 -2.54
C LEU E 36 19.36 -34.69 -2.05
N ILE E 37 18.76 -34.70 -0.86
CA ILE E 37 18.22 -33.48 -0.26
C ILE E 37 19.39 -32.49 -0.19
N ARG E 38 20.55 -33.01 0.22
CA ARG E 38 21.75 -32.20 0.33
C ARG E 38 22.12 -31.69 -1.06
N LEU E 39 21.80 -32.47 -2.08
CA LEU E 39 22.10 -32.09 -3.45
C LEU E 39 21.16 -30.98 -3.90
N SER E 40 19.99 -30.92 -3.28
CA SER E 40 19.02 -29.87 -3.59
C SER E 40 19.57 -28.58 -3.02
N MET E 41 20.30 -28.71 -1.91
CA MET E 41 20.92 -27.55 -1.26
C MET E 41 22.19 -27.20 -2.02
N VAL E 42 22.90 -28.23 -2.47
CA VAL E 42 24.14 -28.07 -3.22
C VAL E 42 23.93 -27.22 -4.47
N LEU E 43 23.09 -27.71 -5.37
CA LEU E 43 22.80 -26.99 -6.61
C LEU E 43 22.20 -25.63 -6.29
N LYS E 44 21.36 -25.60 -5.25
CA LYS E 44 20.72 -24.36 -4.82
C LYS E 44 21.73 -23.22 -4.81
N GLU E 45 22.84 -23.44 -4.12
CA GLU E 45 23.88 -22.42 -4.01
C GLU E 45 24.95 -22.56 -5.10
N LYS E 46 24.77 -23.51 -6.01
CA LYS E 46 25.71 -23.74 -7.08
C LYS E 46 25.56 -22.79 -8.27
N VAL E 47 24.46 -22.05 -8.30
CA VAL E 47 24.19 -21.12 -9.39
C VAL E 47 23.85 -19.72 -8.86
N ASN E 48 22.63 -19.56 -8.34
CA ASN E 48 22.20 -18.28 -7.78
C ASN E 48 22.24 -17.12 -8.78
N SER E 49 22.49 -17.44 -10.04
CA SER E 49 22.56 -16.41 -11.07
C SER E 49 22.56 -17.03 -12.47
N PHE E 50 21.96 -16.33 -13.43
CA PHE E 50 21.89 -16.83 -14.80
C PHE E 50 23.24 -16.85 -15.52
N GLU E 51 24.26 -17.32 -14.82
CA GLU E 51 25.60 -17.40 -15.41
C GLU E 51 25.67 -18.57 -16.38
N ASP E 52 24.51 -19.17 -16.65
CA ASP E 52 24.41 -20.30 -17.57
C ASP E 52 25.26 -21.48 -17.12
N ALA E 53 25.14 -21.85 -15.85
CA ALA E 53 25.90 -22.96 -15.28
C ALA E 53 25.66 -24.26 -16.04
N ASP E 54 26.35 -24.43 -17.16
CA ASP E 54 26.21 -25.63 -17.98
C ASP E 54 26.40 -26.94 -17.21
N GLU E 55 27.62 -27.22 -16.77
CA GLU E 55 27.95 -28.44 -16.03
C GLU E 55 26.83 -28.91 -15.09
N HIS E 56 26.20 -27.95 -14.42
CA HIS E 56 25.12 -28.26 -13.49
C HIS E 56 24.03 -29.05 -14.22
N LEU E 57 23.59 -28.52 -15.36
CA LEU E 57 22.55 -29.16 -16.16
C LEU E 57 22.80 -30.66 -16.32
N PHE E 58 24.05 -31.06 -16.24
CA PHE E 58 24.38 -32.48 -16.37
C PHE E 58 24.07 -33.26 -15.11
N GLU E 59 24.67 -32.87 -13.99
CA GLU E 59 24.40 -33.58 -12.74
C GLU E 59 23.01 -33.25 -12.20
N ALA E 60 22.54 -32.04 -12.48
CA ALA E 60 21.24 -31.57 -12.04
C ALA E 60 20.13 -32.34 -12.75
N PHE E 61 20.15 -32.33 -14.08
CA PHE E 61 19.14 -33.06 -14.84
C PHE E 61 19.11 -34.49 -14.35
N ALA E 62 20.30 -35.05 -14.11
CA ALA E 62 20.39 -36.42 -13.62
C ALA E 62 19.54 -36.53 -12.36
N LEU E 63 19.74 -35.60 -11.44
CA LEU E 63 18.98 -35.58 -10.20
C LEU E 63 17.50 -35.41 -10.52
N VAL E 64 17.20 -34.60 -11.53
CA VAL E 64 15.81 -34.35 -11.93
C VAL E 64 15.12 -35.68 -12.21
N ARG E 65 15.51 -36.32 -13.32
CA ARG E 65 14.95 -37.60 -13.73
C ARG E 65 14.77 -38.54 -12.54
N GLU E 66 15.86 -38.78 -11.82
CA GLU E 66 15.83 -39.66 -10.65
C GLU E 66 14.85 -39.14 -9.60
N ALA E 67 14.86 -37.83 -9.39
CA ALA E 67 13.97 -37.20 -8.42
C ALA E 67 12.55 -37.65 -8.73
N ALA E 68 12.24 -37.74 -10.02
CA ALA E 68 10.94 -38.18 -10.47
C ALA E 68 10.77 -39.66 -10.12
N ARG E 69 11.70 -40.48 -10.62
CA ARG E 69 11.67 -41.91 -10.36
C ARG E 69 11.28 -42.21 -8.92
N ARG E 70 11.79 -41.40 -7.99
CA ARG E 70 11.49 -41.59 -6.58
C ARG E 70 10.06 -41.17 -6.23
N THR E 71 9.67 -39.97 -6.66
CA THR E 71 8.33 -39.46 -6.37
C THR E 71 7.24 -40.17 -7.18
N LEU E 72 7.46 -40.26 -8.49
CA LEU E 72 6.54 -40.90 -9.42
C LEU E 72 7.31 -41.24 -10.69
N GLY E 73 6.98 -42.37 -11.30
CA GLY E 73 7.67 -42.76 -12.52
C GLY E 73 7.59 -41.76 -13.64
N MET E 74 7.58 -42.27 -14.87
CA MET E 74 7.49 -41.45 -16.07
C MET E 74 8.69 -40.52 -16.20
N ARG E 75 9.77 -41.06 -16.75
CA ARG E 75 10.99 -40.29 -16.95
C ARG E 75 12.13 -41.04 -17.65
N PRO E 76 11.82 -42.10 -18.42
CA PRO E 76 12.94 -42.80 -19.08
C PRO E 76 13.18 -42.51 -20.57
N PHE E 77 12.27 -41.80 -21.22
CA PHE E 77 12.42 -41.46 -22.64
C PHE E 77 13.44 -40.33 -22.84
N ASP E 78 13.83 -40.05 -24.09
CA ASP E 78 14.84 -39.02 -24.35
C ASP E 78 14.49 -37.63 -24.96
N VAL E 79 13.50 -37.54 -25.83
CA VAL E 79 13.08 -36.27 -26.51
C VAL E 79 12.60 -35.16 -25.54
N GLN E 80 12.56 -35.64 -24.29
CA GLN E 80 12.20 -34.97 -23.06
C GLN E 80 13.53 -34.65 -22.39
N VAL E 81 14.41 -35.64 -22.29
CA VAL E 81 15.73 -35.45 -21.71
C VAL E 81 16.36 -34.40 -22.63
N MET E 82 16.62 -34.84 -23.86
CA MET E 82 17.19 -33.98 -24.89
C MET E 82 16.24 -32.80 -24.98
N GLY E 83 14.99 -33.06 -24.59
CA GLY E 83 13.99 -32.01 -24.61
C GLY E 83 14.49 -30.85 -23.77
N GLY E 84 14.56 -31.05 -22.46
CA GLY E 84 15.03 -30.01 -21.57
C GLY E 84 16.27 -29.36 -22.13
N ILE E 85 17.17 -30.17 -22.66
CA ILE E 85 18.41 -29.68 -23.25
C ILE E 85 18.09 -28.54 -24.20
N ALA E 86 17.64 -28.91 -25.40
CA ALA E 86 17.28 -27.92 -26.41
C ALA E 86 16.35 -26.90 -25.80
N LEU E 87 15.49 -27.35 -24.88
CA LEU E 87 14.56 -26.48 -24.19
C LEU E 87 15.33 -25.32 -23.55
N HIS E 88 16.33 -25.67 -22.74
CA HIS E 88 17.14 -24.64 -22.09
C HIS E 88 17.75 -23.75 -23.16
N GLU E 89 17.89 -24.30 -24.37
CA GLU E 89 18.46 -23.54 -25.47
C GLU E 89 17.47 -22.57 -26.14
N GLY E 90 16.23 -23.00 -26.33
CA GLY E 90 15.23 -22.14 -26.93
C GLY E 90 14.81 -22.51 -28.34
N LYS E 91 14.07 -23.60 -28.46
CA LYS E 91 13.58 -24.12 -29.76
C LYS E 91 12.33 -24.95 -29.48
N VAL E 92 12.30 -26.19 -29.97
CA VAL E 92 11.13 -27.06 -29.72
C VAL E 92 11.41 -28.57 -29.83
N ALA E 93 11.62 -29.29 -28.70
CA ALA E 93 11.81 -30.69 -28.86
C ALA E 93 10.40 -31.21 -28.94
N GLU E 94 10.30 -32.51 -29.13
CA GLU E 94 9.03 -33.20 -29.13
C GLU E 94 8.19 -33.43 -30.37
N MET E 95 6.88 -33.62 -30.16
CA MET E 95 5.96 -34.03 -31.22
C MET E 95 4.87 -34.99 -30.66
N LYS E 96 4.86 -35.26 -29.33
CA LYS E 96 3.84 -36.11 -28.65
C LYS E 96 3.96 -37.64 -28.46
N THR E 97 3.20 -38.16 -27.50
CA THR E 97 3.17 -39.58 -27.13
C THR E 97 4.44 -39.97 -26.43
N GLY E 98 4.31 -40.49 -25.21
CA GLY E 98 5.50 -40.85 -24.47
C GLY E 98 6.23 -39.54 -24.29
N GLU E 99 7.34 -39.39 -24.98
CA GLU E 99 8.11 -38.16 -24.90
C GLU E 99 8.28 -37.74 -23.44
N GLY E 100 7.37 -36.90 -22.95
CA GLY E 100 7.45 -36.48 -21.57
C GLY E 100 7.11 -35.02 -21.28
N LYS E 101 6.61 -34.25 -22.24
CA LYS E 101 6.28 -32.82 -22.02
C LYS E 101 5.98 -32.44 -20.59
N THR E 102 5.26 -33.31 -19.88
CA THR E 102 4.95 -33.06 -18.48
C THR E 102 6.30 -33.06 -17.74
N LEU E 103 6.87 -34.26 -17.59
CA LEU E 103 8.17 -34.42 -16.94
C LEU E 103 9.27 -33.58 -17.59
N ALA E 104 9.48 -33.76 -18.89
CA ALA E 104 10.50 -33.01 -19.63
C ALA E 104 10.56 -31.58 -19.10
N ALA E 105 9.49 -30.83 -19.37
CA ALA E 105 9.39 -29.47 -18.91
C ALA E 105 10.04 -29.34 -17.53
N THR E 106 9.55 -30.12 -16.56
CA THR E 106 10.10 -30.07 -15.21
C THR E 106 11.63 -30.02 -15.16
N MET E 107 12.28 -30.77 -16.05
CA MET E 107 13.75 -30.81 -16.08
C MET E 107 14.39 -29.42 -16.21
N PRO E 108 14.24 -28.78 -17.39
CA PRO E 108 14.88 -27.46 -17.42
C PRO E 108 14.28 -26.46 -16.45
N ILE E 109 12.96 -26.56 -16.26
CA ILE E 109 12.27 -25.68 -15.34
C ILE E 109 13.03 -25.63 -14.00
N TYR E 110 13.65 -26.75 -13.66
CA TYR E 110 14.40 -26.84 -12.43
C TYR E 110 15.67 -25.99 -12.47
N LEU E 111 16.56 -26.30 -13.40
CA LEU E 111 17.80 -25.54 -13.49
C LEU E 111 17.60 -24.03 -13.53
N ASN E 112 16.80 -23.56 -14.49
CA ASN E 112 16.54 -22.14 -14.63
C ASN E 112 15.98 -21.49 -13.37
N ALA E 113 14.92 -22.07 -12.82
CA ALA E 113 14.29 -21.53 -11.62
C ALA E 113 15.31 -21.22 -10.53
N LEU E 114 16.29 -22.10 -10.37
CA LEU E 114 17.34 -21.95 -9.35
C LEU E 114 17.85 -20.52 -9.18
N ILE E 115 17.81 -19.74 -10.25
CA ILE E 115 18.25 -18.36 -10.22
C ILE E 115 17.57 -17.61 -9.08
N GLY E 116 16.30 -17.93 -8.83
CA GLY E 116 15.57 -17.26 -7.78
C GLY E 116 14.77 -16.12 -8.36
N LYS E 117 14.70 -16.09 -9.68
CA LYS E 117 13.96 -15.04 -10.38
C LYS E 117 12.48 -15.42 -10.60
N GLY E 118 12.24 -16.69 -10.93
CA GLY E 118 10.90 -17.20 -11.15
C GLY E 118 10.73 -17.54 -12.62
N VAL E 119 10.38 -18.79 -12.99
CA VAL E 119 10.32 -18.94 -14.45
C VAL E 119 8.93 -19.13 -15.01
N HIS E 120 8.70 -18.64 -16.23
CA HIS E 120 7.39 -18.76 -16.83
C HIS E 120 7.20 -20.07 -17.56
N LEU E 121 5.98 -20.57 -17.51
CA LEU E 121 5.65 -21.78 -18.20
C LEU E 121 4.25 -21.62 -18.77
N VAL E 122 4.24 -21.14 -20.00
CA VAL E 122 3.03 -20.89 -20.77
C VAL E 122 2.32 -22.20 -21.05
N THR E 123 1.00 -22.16 -20.98
CA THR E 123 0.14 -23.30 -21.25
C THR E 123 -1.14 -22.72 -21.81
N VAL E 124 -1.81 -23.44 -22.70
CA VAL E 124 -3.03 -22.88 -23.28
C VAL E 124 -4.16 -22.49 -22.30
N ASN E 125 -4.63 -23.40 -21.44
CA ASN E 125 -5.72 -23.05 -20.54
C ASN E 125 -5.65 -23.48 -19.07
N ASP E 126 -6.45 -22.80 -18.26
CA ASP E 126 -6.55 -23.01 -16.81
C ASP E 126 -6.48 -24.47 -16.41
N TYR E 127 -7.42 -25.25 -16.91
CA TYR E 127 -7.49 -26.68 -16.63
C TYR E 127 -6.11 -27.32 -16.75
N LEU E 128 -5.32 -26.83 -17.70
CA LEU E 128 -3.99 -27.35 -17.93
C LEU E 128 -2.95 -26.71 -17.01
N ALA E 129 -3.20 -25.45 -16.63
CA ALA E 129 -2.30 -24.76 -15.71
C ALA E 129 -2.23 -25.64 -14.48
N ARG E 130 -3.40 -26.16 -14.11
CA ARG E 130 -3.54 -27.03 -12.95
C ARG E 130 -2.91 -28.38 -13.30
N ARG E 131 -3.00 -28.75 -14.57
CA ARG E 131 -2.43 -30.01 -15.03
C ARG E 131 -0.97 -30.16 -14.63
N ASP E 132 -0.08 -29.67 -15.49
CA ASP E 132 1.35 -29.76 -15.22
C ASP E 132 1.67 -29.36 -13.79
N ALA E 133 0.89 -28.39 -13.29
CA ALA E 133 1.08 -27.89 -11.93
C ALA E 133 1.23 -29.02 -10.93
N LEU E 134 0.34 -29.99 -10.98
CA LEU E 134 0.38 -31.10 -10.04
C LEU E 134 1.06 -32.36 -10.58
N TRP E 135 0.90 -32.61 -11.88
CA TRP E 135 1.49 -33.79 -12.49
C TRP E 135 2.99 -33.94 -12.17
N MET E 136 3.64 -32.83 -11.86
CA MET E 136 5.07 -32.90 -11.53
C MET E 136 5.36 -32.29 -10.16
N GLY E 137 4.31 -31.87 -9.48
CA GLY E 137 4.44 -31.27 -8.16
C GLY E 137 5.35 -32.03 -7.21
N PRO E 138 5.32 -33.38 -7.22
CA PRO E 138 6.17 -34.19 -6.34
C PRO E 138 7.62 -33.74 -6.22
N VAL E 139 8.37 -33.93 -7.30
CA VAL E 139 9.78 -33.58 -7.37
C VAL E 139 10.09 -32.21 -6.80
N TYR E 140 9.12 -31.31 -6.83
CA TYR E 140 9.33 -29.96 -6.30
C TYR E 140 9.50 -29.93 -4.79
N LEU E 141 8.58 -30.57 -4.06
CA LEU E 141 8.71 -30.58 -2.61
C LEU E 141 9.95 -31.41 -2.31
N PHE E 142 10.29 -32.28 -3.25
CA PHE E 142 11.46 -33.14 -3.13
C PHE E 142 12.69 -32.25 -3.24
N LEU E 143 12.67 -31.35 -4.22
CA LEU E 143 13.78 -30.42 -4.42
C LEU E 143 13.45 -29.11 -3.71
N GLY E 144 12.63 -29.22 -2.67
CA GLY E 144 12.23 -28.07 -1.87
C GLY E 144 12.04 -26.75 -2.58
N LEU E 145 10.92 -26.61 -3.27
CA LEU E 145 10.61 -25.38 -3.99
C LEU E 145 9.14 -25.01 -3.83
N ARG E 146 8.74 -23.88 -4.41
CA ARG E 146 7.35 -23.46 -4.33
C ARG E 146 6.80 -23.26 -5.76
N VAL E 147 5.83 -24.12 -6.06
CA VAL E 147 5.15 -24.11 -7.35
C VAL E 147 4.42 -22.78 -7.36
N GLY E 148 3.86 -22.41 -8.51
CA GLY E 148 3.12 -21.14 -8.56
C GLY E 148 2.25 -20.97 -9.78
N VAL E 149 0.98 -21.34 -9.69
CA VAL E 149 0.08 -21.18 -10.83
C VAL E 149 -1.03 -20.15 -10.63
N ILE E 150 -1.30 -19.40 -11.70
CA ILE E 150 -2.32 -18.35 -11.70
C ILE E 150 -3.49 -18.68 -12.63
N ASN E 151 -4.70 -18.25 -12.29
CA ASN E 151 -5.85 -18.53 -13.12
C ASN E 151 -6.97 -17.48 -13.04
N SER E 152 -7.81 -17.48 -14.07
CA SER E 152 -8.94 -16.55 -14.22
C SER E 152 -9.10 -15.43 -13.21
N LEU E 153 -9.45 -15.78 -11.97
CA LEU E 153 -9.63 -14.76 -10.93
C LEU E 153 -8.90 -15.10 -9.65
N GLY E 154 -8.64 -16.39 -9.44
CA GLY E 154 -7.95 -16.82 -8.25
C GLY E 154 -6.70 -17.59 -8.60
N LYS E 155 -5.81 -17.77 -7.65
CA LYS E 155 -4.59 -18.51 -7.89
C LYS E 155 -4.17 -19.31 -6.68
N SER E 156 -3.53 -20.44 -6.97
CA SER E 156 -3.06 -21.32 -5.92
C SER E 156 -1.81 -22.04 -6.38
N TYR E 157 -1.14 -22.69 -5.45
CA TYR E 157 0.09 -23.41 -5.73
C TYR E 157 0.68 -23.90 -4.43
N GLU E 158 0.96 -25.20 -4.33
CA GLU E 158 1.52 -25.73 -3.10
C GLU E 158 1.85 -27.20 -3.17
N VAL E 159 2.07 -27.78 -2.00
CA VAL E 159 2.39 -29.19 -1.87
C VAL E 159 1.41 -29.71 -0.81
N VAL E 160 1.70 -30.90 -0.28
CA VAL E 160 0.86 -31.53 0.73
C VAL E 160 0.27 -30.62 1.81
N TRP E 161 -0.85 -31.08 2.38
CA TRP E 161 -1.59 -30.34 3.41
C TRP E 161 -0.94 -30.22 4.79
N LYS E 162 -1.26 -29.12 5.47
CA LYS E 162 -0.79 -28.79 6.82
C LYS E 162 0.57 -29.29 7.31
N ASN E 163 0.53 -29.95 8.47
CA ASN E 163 1.71 -30.50 9.14
C ASN E 163 1.89 -32.01 9.12
N PRO E 164 0.80 -32.79 9.29
CA PRO E 164 1.00 -34.24 9.27
C PRO E 164 1.65 -34.70 7.96
N ASP E 165 1.05 -34.33 6.84
CA ASP E 165 1.56 -34.69 5.52
C ASP E 165 3.06 -34.46 5.42
N LEU E 166 3.51 -33.29 5.87
CA LEU E 166 4.94 -32.98 5.83
C LEU E 166 5.68 -33.95 6.75
N ALA E 167 5.10 -34.21 7.92
CA ALA E 167 5.68 -35.13 8.87
C ALA E 167 5.44 -36.57 8.40
N ARG E 168 4.85 -36.70 7.22
CA ARG E 168 4.56 -38.01 6.64
C ARG E 168 5.66 -38.41 5.65
N LYS E 169 6.10 -37.44 4.85
CA LYS E 169 7.13 -37.69 3.86
C LYS E 169 8.53 -37.31 4.36
N ALA E 170 8.57 -36.48 5.39
CA ALA E 170 9.83 -36.04 5.97
C ALA E 170 10.71 -37.25 6.29
N ILE E 171 10.14 -38.20 7.03
CA ILE E 171 10.88 -39.41 7.38
C ILE E 171 10.88 -40.37 6.19
N GLU E 172 9.78 -40.38 5.44
CA GLU E 172 9.69 -41.25 4.28
C GLU E 172 10.68 -40.77 3.23
N GLU E 173 11.37 -39.68 3.55
CA GLU E 173 12.39 -39.15 2.66
C GLU E 173 13.61 -39.99 2.96
N ASN E 174 13.90 -40.11 4.26
CA ASN E 174 15.02 -40.89 4.74
C ASN E 174 14.73 -42.34 4.35
N TRP E 175 13.45 -42.71 4.43
CA TRP E 175 13.00 -44.05 4.09
C TRP E 175 12.90 -44.20 2.58
N SER E 176 11.84 -43.65 2.00
CA SER E 176 11.62 -43.71 0.56
C SER E 176 11.80 -45.12 0.03
N VAL E 177 10.82 -45.97 0.30
CA VAL E 177 10.85 -47.35 -0.16
C VAL E 177 10.57 -47.42 -1.66
N TRP E 178 11.61 -47.63 -2.46
CA TRP E 178 11.42 -47.71 -3.90
C TRP E 178 12.60 -48.21 -4.74
N PRO E 179 13.76 -47.53 -4.66
CA PRO E 179 14.94 -47.93 -5.44
C PRO E 179 15.31 -49.41 -5.44
N ASP E 180 14.63 -50.18 -6.29
CA ASP E 180 14.86 -51.61 -6.43
C ASP E 180 13.93 -52.24 -7.45
N GLY E 181 14.46 -53.17 -8.24
CA GLY E 181 13.67 -53.82 -9.27
C GLY E 181 13.64 -52.99 -10.53
N PHE E 182 14.52 -52.00 -10.58
CA PHE E 182 14.61 -51.10 -11.73
C PHE E 182 15.21 -51.73 -12.99
N ASN E 183 15.97 -50.94 -13.72
CA ASN E 183 16.61 -51.38 -14.96
C ASN E 183 15.56 -51.71 -16.02
N GLY E 184 14.80 -50.70 -16.42
CA GLY E 184 13.76 -50.90 -17.43
C GLY E 184 12.74 -49.79 -17.41
N GLU E 185 12.43 -49.25 -18.59
CA GLU E 185 11.45 -48.18 -18.72
C GLU E 185 10.05 -48.74 -18.59
N VAL E 186 9.97 -49.96 -18.07
CA VAL E 186 8.69 -50.65 -17.89
C VAL E 186 8.05 -50.26 -16.56
N LEU E 187 7.83 -48.96 -16.37
CA LEU E 187 7.21 -48.46 -15.16
C LEU E 187 5.80 -48.99 -15.01
N LYS E 188 5.69 -50.08 -14.27
CA LYS E 188 4.42 -50.73 -14.04
C LYS E 188 3.67 -50.04 -12.90
N GLU E 189 2.61 -50.70 -12.43
CA GLU E 189 1.78 -50.17 -11.36
C GLU E 189 2.06 -50.93 -10.06
N GLU E 190 2.73 -50.28 -9.12
CA GLU E 190 3.04 -50.90 -7.84
C GLU E 190 3.70 -49.93 -6.86
N SER E 191 4.21 -50.49 -5.76
CA SER E 191 4.87 -49.69 -4.72
C SER E 191 3.85 -48.75 -4.08
N MET E 192 2.65 -49.27 -3.87
CA MET E 192 1.57 -48.49 -3.28
C MET E 192 1.95 -47.87 -1.94
N ASN E 193 2.90 -48.49 -1.24
CA ASN E 193 3.35 -47.98 0.04
C ASN E 193 4.06 -46.65 -0.15
N LYS E 194 4.31 -46.30 -1.41
CA LYS E 194 4.98 -45.06 -1.75
C LYS E 194 3.95 -44.07 -2.28
N GLU E 195 3.17 -44.51 -3.26
CA GLU E 195 2.14 -43.66 -3.86
C GLU E 195 1.17 -43.17 -2.80
N ALA E 196 0.49 -44.11 -2.16
CA ALA E 196 -0.50 -43.82 -1.13
C ALA E 196 -0.02 -42.80 -0.09
N VAL E 197 1.28 -42.55 -0.06
CA VAL E 197 1.86 -41.61 0.89
C VAL E 197 2.36 -40.35 0.20
N GLU E 198 3.13 -40.55 -0.86
CA GLU E 198 3.69 -39.42 -1.60
C GLU E 198 2.75 -38.92 -2.69
N ALA E 199 2.23 -39.83 -3.51
CA ALA E 199 1.33 -39.47 -4.61
C ALA E 199 0.20 -38.55 -4.18
N PHE E 200 -0.06 -38.50 -2.87
CA PHE E 200 -1.10 -37.64 -2.33
C PHE E 200 -0.54 -36.23 -2.18
N GLN E 201 0.65 -36.01 -2.73
CA GLN E 201 1.30 -34.72 -2.68
C GLN E 201 0.51 -33.65 -3.38
N VAL E 202 -0.34 -34.07 -4.30
CA VAL E 202 -1.14 -33.14 -5.08
C VAL E 202 -2.22 -32.45 -4.24
N GLU E 203 -1.92 -31.23 -3.81
CA GLU E 203 -2.84 -30.42 -3.02
C GLU E 203 -2.55 -28.95 -3.32
N LEU E 204 -3.52 -28.08 -3.04
CA LEU E 204 -3.39 -26.66 -3.34
C LEU E 204 -4.12 -25.73 -2.38
N LYS E 205 -3.45 -24.65 -1.97
CA LYS E 205 -4.02 -23.67 -1.06
C LYS E 205 -4.13 -22.31 -1.73
N GLU E 206 -5.00 -21.45 -1.20
CA GLU E 206 -5.21 -20.12 -1.77
C GLU E 206 -4.14 -19.09 -1.40
N ILE E 207 -3.66 -18.37 -2.41
CA ILE E 207 -2.67 -17.32 -2.20
C ILE E 207 -3.03 -16.16 -3.12
N THR E 208 -2.06 -15.27 -3.38
CA THR E 208 -2.31 -14.13 -4.24
C THR E 208 -1.18 -13.85 -5.23
N ARG E 209 -1.45 -12.93 -6.15
CA ARG E 209 -0.54 -12.52 -7.20
C ARG E 209 0.94 -12.39 -6.79
N LYS E 210 1.19 -11.68 -5.70
CA LYS E 210 2.55 -11.45 -5.20
C LYS E 210 3.39 -12.70 -4.98
N GLU E 211 3.18 -13.36 -3.84
CA GLU E 211 3.93 -14.54 -3.50
C GLU E 211 3.93 -15.53 -4.67
N ALA E 212 2.85 -15.53 -5.45
CA ALA E 212 2.75 -16.41 -6.60
C ALA E 212 3.98 -16.26 -7.49
N TYR E 213 4.07 -15.15 -8.19
CA TYR E 213 5.20 -14.91 -9.07
C TYR E 213 6.55 -15.07 -8.40
N LEU E 214 6.81 -14.26 -7.38
CA LEU E 214 8.11 -14.32 -6.71
C LEU E 214 8.48 -15.68 -6.17
N CYS E 215 7.55 -16.63 -6.20
CA CYS E 215 7.84 -17.97 -5.72
C CYS E 215 8.82 -18.62 -6.69
N ASP E 216 8.77 -19.93 -6.83
CA ASP E 216 9.69 -20.54 -7.76
C ASP E 216 9.10 -20.57 -9.15
N VAL E 217 8.63 -21.72 -9.57
CA VAL E 217 8.03 -21.85 -10.88
C VAL E 217 6.63 -21.16 -11.02
N THR E 218 6.36 -20.51 -12.16
CA THR E 218 5.07 -19.84 -12.37
C THR E 218 4.27 -20.50 -13.50
N TYR E 219 3.31 -21.35 -13.13
CA TYR E 219 2.46 -22.08 -14.08
C TYR E 219 1.25 -21.26 -14.50
N GLY E 220 1.12 -20.93 -15.78
CA GLY E 220 -0.02 -20.15 -16.20
C GLY E 220 -0.36 -20.11 -17.68
N THR E 221 -1.49 -19.48 -17.99
CA THR E 221 -1.97 -19.34 -19.36
C THR E 221 -1.62 -17.97 -19.90
N ASN E 222 -1.17 -17.91 -21.14
CA ASN E 222 -0.80 -16.65 -21.78
C ASN E 222 -1.87 -15.58 -21.57
N ASN E 223 -3.13 -15.94 -21.79
CA ASN E 223 -4.24 -15.01 -21.60
C ASN E 223 -4.01 -14.28 -20.27
N GLU E 224 -3.90 -15.08 -19.23
CA GLU E 224 -3.70 -14.59 -17.87
C GLU E 224 -2.38 -13.84 -17.74
N PHE E 225 -1.28 -14.55 -17.96
CA PHE E 225 0.05 -13.97 -17.86
C PHE E 225 0.09 -12.58 -18.49
N GLY E 226 -0.55 -12.44 -19.64
CA GLY E 226 -0.59 -11.16 -20.30
C GLY E 226 -1.31 -10.17 -19.40
N PHE E 227 -2.54 -10.51 -19.03
CA PHE E 227 -3.35 -9.65 -18.17
C PHE E 227 -2.64 -9.29 -16.87
N ASP E 228 -1.85 -10.21 -16.34
CA ASP E 228 -1.11 -9.94 -15.11
C ASP E 228 -0.14 -8.82 -15.42
N TYR E 229 0.66 -9.03 -16.45
CA TYR E 229 1.64 -8.06 -16.88
C TYR E 229 1.00 -6.68 -16.93
N LEU E 230 -0.14 -6.58 -17.61
CA LEU E 230 -0.82 -5.30 -17.72
C LEU E 230 -1.46 -4.86 -16.41
N ARG E 231 -1.85 -5.82 -15.58
CA ARG E 231 -2.45 -5.48 -14.29
C ARG E 231 -1.56 -4.44 -13.64
N ASP E 232 -0.29 -4.46 -14.05
CA ASP E 232 0.71 -3.53 -13.55
C ASP E 232 0.55 -2.12 -14.15
N ASN E 233 -0.65 -1.54 -14.09
CA ASN E 233 -0.84 -0.19 -14.63
C ASN E 233 -1.42 0.81 -13.65
N LEU E 234 -2.73 0.78 -13.40
CA LEU E 234 -3.35 1.72 -12.47
C LEU E 234 -3.05 1.31 -11.03
N VAL E 235 -1.81 0.88 -10.81
CA VAL E 235 -1.34 0.44 -9.51
C VAL E 235 -0.85 1.61 -8.66
N LEU E 236 -1.80 2.32 -8.04
CA LEU E 236 -1.45 3.46 -7.20
C LEU E 236 -0.36 3.09 -6.21
N ASP E 237 -0.26 1.80 -5.90
CA ASP E 237 0.75 1.30 -4.97
C ASP E 237 1.65 0.30 -5.69
N TYR E 238 2.95 0.59 -5.71
CA TYR E 238 3.92 -0.29 -6.36
C TYR E 238 4.17 -1.52 -5.49
N ASN E 239 3.76 -1.45 -4.23
CA ASN E 239 3.94 -2.56 -3.31
C ASN E 239 3.33 -3.79 -3.97
N ASP E 240 2.44 -3.55 -4.91
CA ASP E 240 1.76 -4.60 -5.65
C ASP E 240 2.80 -5.38 -6.45
N LYS E 241 3.23 -6.51 -5.90
CA LYS E 241 4.22 -7.35 -6.55
C LYS E 241 3.63 -8.03 -7.79
N VAL E 242 2.66 -7.36 -8.41
CA VAL E 242 2.00 -7.88 -9.61
C VAL E 242 3.04 -8.27 -10.66
N GLN E 243 3.46 -9.53 -10.60
CA GLN E 243 4.46 -10.06 -11.53
C GLN E 243 5.83 -9.49 -11.20
N ARG E 244 6.77 -10.37 -10.86
CA ARG E 244 8.13 -9.96 -10.50
C ARG E 244 9.11 -10.14 -11.66
N GLY E 245 9.06 -9.24 -12.63
CA GLY E 245 9.96 -9.33 -13.76
C GLY E 245 9.56 -10.43 -14.74
N HIS E 246 9.46 -10.05 -16.01
CA HIS E 246 9.08 -10.97 -17.07
C HIS E 246 10.27 -11.34 -17.95
N PHE E 247 10.49 -12.63 -18.19
CA PHE E 247 11.61 -13.01 -19.06
C PHE E 247 11.66 -14.42 -19.68
N TYR E 248 12.08 -15.43 -18.92
CA TYR E 248 12.18 -16.77 -19.47
C TYR E 248 10.85 -17.51 -19.48
N ALA E 249 10.64 -18.34 -20.50
CA ALA E 249 9.40 -19.11 -20.59
C ALA E 249 9.47 -20.27 -21.56
N ILE E 250 8.86 -21.38 -21.17
CA ILE E 250 8.80 -22.57 -22.01
C ILE E 250 7.33 -22.75 -22.35
N VAL E 251 7.02 -22.93 -23.63
CA VAL E 251 5.63 -23.06 -24.07
C VAL E 251 5.11 -24.47 -24.22
N ASP E 252 4.12 -24.82 -23.39
CA ASP E 252 3.51 -26.13 -23.45
C ASP E 252 2.44 -26.09 -24.55
N GLU E 253 2.82 -26.71 -25.68
CA GLU E 253 2.01 -26.78 -26.90
C GLU E 253 2.14 -25.43 -27.62
N ALA E 254 3.39 -25.06 -27.91
CA ALA E 254 3.68 -23.80 -28.59
C ALA E 254 3.07 -23.71 -29.99
N ASP E 255 2.63 -24.83 -30.53
CA ASP E 255 2.02 -24.83 -31.85
C ASP E 255 0.85 -23.85 -31.81
N SER E 256 0.50 -23.44 -30.59
CA SER E 256 -0.58 -22.50 -30.35
C SER E 256 0.00 -21.15 -29.90
N VAL E 257 1.10 -21.20 -29.15
CA VAL E 257 1.76 -20.00 -28.63
C VAL E 257 1.81 -18.92 -29.70
N LEU E 258 1.87 -19.35 -30.95
CA LEU E 258 1.92 -18.46 -32.09
C LEU E 258 0.53 -18.04 -32.56
N ILE E 259 -0.33 -19.02 -32.80
CA ILE E 259 -1.68 -18.76 -33.28
C ILE E 259 -2.46 -17.74 -32.45
N ASP E 260 -1.91 -17.34 -31.31
CA ASP E 260 -2.57 -16.35 -30.46
C ASP E 260 -2.42 -14.95 -31.08
N GLU E 261 -2.68 -14.85 -32.38
CA GLU E 261 -2.55 -13.60 -33.11
C GLU E 261 -3.23 -12.42 -32.41
N ALA E 262 -4.56 -12.45 -32.36
CA ALA E 262 -5.33 -11.38 -31.70
C ALA E 262 -4.59 -10.90 -30.46
N ARG E 263 -4.34 -9.60 -30.37
CA ARG E 263 -3.60 -9.04 -29.24
C ARG E 263 -4.23 -9.33 -27.86
N THR E 264 -3.44 -9.11 -26.82
CA THR E 264 -3.86 -9.34 -25.44
C THR E 264 -4.23 -8.02 -24.77
N PRO E 265 -5.53 -7.72 -24.68
CA PRO E 265 -5.94 -6.47 -24.05
C PRO E 265 -6.79 -6.60 -22.79
N LEU E 266 -6.39 -5.89 -21.73
CA LEU E 266 -7.17 -5.91 -20.50
C LEU E 266 -8.05 -4.67 -20.62
N ILE E 267 -9.36 -4.89 -20.69
CA ILE E 267 -10.35 -3.82 -20.83
C ILE E 267 -11.30 -3.91 -19.65
N ILE E 268 -11.67 -2.79 -19.03
CA ILE E 268 -12.59 -2.92 -17.92
C ILE E 268 -13.46 -1.75 -17.46
N SER E 269 -12.85 -0.66 -17.01
CA SER E 269 -13.60 0.49 -16.54
C SER E 269 -14.34 1.21 -17.67
N GLY E 270 -15.65 0.97 -17.78
CA GLY E 270 -16.42 1.61 -18.83
C GLY E 270 -17.49 2.58 -18.34
N PRO E 271 -17.13 3.86 -18.14
CA PRO E 271 -18.06 4.89 -17.66
C PRO E 271 -19.05 5.32 -18.74
N SER E 272 -20.04 4.49 -19.03
CA SER E 272 -21.04 4.82 -20.05
C SER E 272 -21.91 5.98 -19.58
N LYS E 273 -21.88 7.07 -20.34
CA LYS E 273 -22.68 8.25 -20.02
C LYS E 273 -24.02 8.12 -20.73
N GLU E 274 -24.10 7.14 -21.63
CA GLU E 274 -25.31 6.88 -22.40
C GLU E 274 -25.81 5.46 -22.18
N SER E 275 -25.72 4.99 -20.94
CA SER E 275 -26.17 3.64 -20.59
C SER E 275 -27.68 3.47 -20.73
N PRO E 276 -28.47 4.34 -20.09
CA PRO E 276 -29.93 4.24 -20.19
C PRO E 276 -30.38 4.33 -21.65
N SER E 277 -29.69 5.17 -22.41
CA SER E 277 -29.99 5.34 -23.82
C SER E 277 -29.80 4.00 -24.49
N VAL E 278 -28.57 3.49 -24.46
CA VAL E 278 -28.25 2.19 -25.05
C VAL E 278 -29.37 1.20 -24.77
N TYR E 279 -29.82 1.18 -23.51
CA TYR E 279 -30.89 0.27 -23.10
C TYR E 279 -32.03 0.37 -24.12
N ARG E 280 -32.83 1.43 -23.99
CA ARG E 280 -33.97 1.62 -24.90
C ARG E 280 -33.53 1.70 -26.34
N ARG E 281 -32.55 2.55 -26.61
CA ARG E 281 -32.01 2.73 -27.94
C ARG E 281 -31.74 1.40 -28.63
N PHE E 282 -30.76 0.65 -28.12
CA PHE E 282 -30.40 -0.64 -28.70
C PHE E 282 -31.57 -1.59 -28.87
N ALA E 283 -32.59 -1.47 -28.02
CA ALA E 283 -33.76 -2.32 -28.15
C ALA E 283 -34.32 -2.04 -29.55
N GLN E 284 -34.59 -0.76 -29.80
CA GLN E 284 -35.11 -0.31 -31.08
C GLN E 284 -34.16 -0.77 -32.18
N ILE E 285 -32.87 -0.52 -31.97
CA ILE E 285 -31.82 -0.89 -32.92
C ILE E 285 -32.01 -2.31 -33.45
N ALA E 286 -31.69 -3.27 -32.58
CA ALA E 286 -31.79 -4.68 -32.92
C ALA E 286 -33.03 -4.96 -33.74
N LYS E 287 -34.19 -4.56 -33.23
CA LYS E 287 -35.45 -4.79 -33.95
C LYS E 287 -35.42 -4.23 -35.37
N LYS E 288 -34.69 -3.15 -35.56
CA LYS E 288 -34.59 -2.53 -36.89
C LYS E 288 -34.10 -3.54 -37.92
N PHE E 289 -32.88 -4.04 -37.71
CA PHE E 289 -32.39 -5.00 -38.69
C PHE E 289 -33.29 -6.21 -38.79
N VAL E 290 -33.94 -6.56 -37.68
CA VAL E 290 -34.86 -7.69 -37.69
C VAL E 290 -35.80 -7.44 -38.85
N LYS E 291 -36.19 -6.18 -39.01
CA LYS E 291 -37.09 -5.76 -40.07
C LYS E 291 -36.56 -6.10 -41.46
N ASP E 292 -35.25 -6.22 -41.63
CA ASP E 292 -34.73 -6.55 -42.98
C ASP E 292 -34.24 -7.99 -43.22
N LYS E 293 -34.45 -8.45 -44.46
CA LYS E 293 -34.10 -9.80 -44.92
C LYS E 293 -32.64 -10.24 -44.96
N ASP E 294 -32.42 -11.41 -45.55
CA ASP E 294 -31.11 -12.01 -45.71
C ASP E 294 -30.15 -11.08 -46.42
N PHE E 295 -30.45 -10.78 -47.68
CA PHE E 295 -29.61 -9.90 -48.48
C PHE E 295 -29.07 -8.79 -47.61
N THR E 296 -27.78 -8.86 -47.33
CA THR E 296 -27.07 -7.90 -46.50
C THR E 296 -25.59 -8.24 -46.60
N VAL E 297 -25.29 -9.24 -47.43
CA VAL E 297 -23.94 -9.74 -47.68
C VAL E 297 -23.03 -9.78 -46.44
N ASP E 298 -22.93 -10.96 -45.83
CA ASP E 298 -22.10 -11.16 -44.64
C ASP E 298 -21.20 -12.38 -44.79
N GLU E 299 -19.94 -12.17 -45.15
CA GLU E 299 -19.02 -13.28 -45.33
C GLU E 299 -17.53 -12.91 -45.22
N LYS E 300 -16.69 -13.94 -45.39
CA LYS E 300 -15.22 -13.87 -45.39
C LYS E 300 -14.49 -12.99 -44.37
N ALA E 301 -15.24 -12.32 -43.51
CA ALA E 301 -14.69 -11.46 -42.47
C ALA E 301 -15.90 -10.86 -41.80
N ARG E 302 -15.77 -10.48 -40.54
CA ARG E 302 -16.89 -9.93 -39.81
C ARG E 302 -17.12 -8.44 -40.05
N THR E 303 -17.38 -8.09 -41.30
CA THR E 303 -17.68 -6.72 -41.74
C THR E 303 -18.85 -6.87 -42.70
N ILE E 304 -19.85 -6.02 -42.55
CA ILE E 304 -21.08 -6.10 -43.34
C ILE E 304 -21.82 -4.79 -43.62
N ILE E 305 -22.53 -4.77 -44.75
CA ILE E 305 -23.34 -3.64 -45.17
C ILE E 305 -24.29 -4.15 -46.26
N LEU E 306 -25.44 -3.51 -46.45
CA LEU E 306 -26.39 -3.95 -47.45
C LEU E 306 -26.75 -2.92 -48.52
N THR E 307 -26.90 -3.40 -49.75
CA THR E 307 -27.22 -2.57 -50.90
C THR E 307 -28.64 -1.98 -50.90
N GLU E 308 -29.36 -2.21 -51.99
CA GLU E 308 -30.73 -1.72 -52.16
C GLU E 308 -31.58 -1.71 -50.90
N GLU E 309 -32.05 -2.89 -50.51
CA GLU E 309 -32.89 -3.01 -49.33
C GLU E 309 -32.21 -2.34 -48.13
N GLY E 310 -30.88 -2.22 -48.20
CA GLY E 310 -30.15 -1.60 -47.12
C GLY E 310 -30.45 -0.12 -47.08
N VAL E 311 -30.03 0.61 -48.13
CA VAL E 311 -30.28 2.04 -48.21
C VAL E 311 -31.78 2.23 -47.97
N ALA E 312 -32.56 1.34 -48.58
CA ALA E 312 -34.00 1.37 -48.46
C ALA E 312 -34.37 1.37 -46.98
N LYS E 313 -33.94 0.34 -46.27
CA LYS E 313 -34.23 0.22 -44.84
C LYS E 313 -33.77 1.44 -44.07
N ALA E 314 -32.54 1.87 -44.34
CA ALA E 314 -31.97 3.03 -43.68
C ALA E 314 -32.99 4.16 -43.71
N GLU E 315 -33.56 4.41 -44.89
CA GLU E 315 -34.56 5.46 -45.05
C GLU E 315 -35.91 4.95 -44.52
N LYS E 316 -36.14 3.66 -44.69
CA LYS E 316 -37.38 3.02 -44.26
C LYS E 316 -37.64 3.17 -42.77
N ILE E 317 -36.61 3.51 -42.01
CA ILE E 317 -36.75 3.67 -40.56
C ILE E 317 -35.99 4.88 -40.02
N ILE E 318 -36.54 5.47 -38.96
CA ILE E 318 -35.96 6.64 -38.31
C ILE E 318 -34.84 7.32 -39.10
N GLY E 319 -35.22 8.00 -40.17
CA GLY E 319 -34.23 8.68 -40.99
C GLY E 319 -34.63 8.79 -42.45
N VAL E 320 -35.50 9.75 -42.74
CA VAL E 320 -35.95 9.95 -44.12
C VAL E 320 -34.79 10.54 -44.90
N GLU E 321 -33.65 10.67 -44.23
CA GLU E 321 -32.44 11.20 -44.83
C GLU E 321 -31.75 10.15 -45.69
N ASN E 322 -31.75 10.37 -46.99
CA ASN E 322 -31.10 9.45 -47.92
C ASN E 322 -29.62 9.53 -47.65
N LEU E 323 -29.08 10.70 -47.88
CA LEU E 323 -27.67 10.95 -47.66
C LEU E 323 -27.37 10.93 -46.16
N TYR E 324 -27.20 9.70 -45.66
CA TYR E 324 -26.93 9.42 -44.25
C TYR E 324 -25.54 9.78 -43.73
N ASP E 325 -24.54 9.66 -44.60
CA ASP E 325 -23.13 9.92 -44.30
C ASP E 325 -22.76 11.24 -43.60
N PRO E 326 -23.30 12.38 -44.11
CA PRO E 326 -23.03 13.73 -43.58
C PRO E 326 -22.86 13.80 -42.06
N GLY E 327 -21.70 13.37 -41.57
CA GLY E 327 -21.48 13.40 -40.14
C GLY E 327 -22.71 12.88 -39.40
N ASN E 328 -23.48 12.03 -40.09
CA ASN E 328 -24.67 11.44 -39.48
C ASN E 328 -24.57 9.92 -39.43
N VAL E 329 -23.36 9.39 -39.54
CA VAL E 329 -23.13 7.95 -39.52
C VAL E 329 -23.33 7.35 -38.13
N SER E 330 -23.38 8.19 -37.10
CA SER E 330 -23.56 7.72 -35.73
C SER E 330 -24.77 6.78 -35.66
N LEU E 331 -25.84 7.18 -36.36
CA LEU E 331 -27.05 6.39 -36.40
C LEU E 331 -26.83 5.12 -37.22
N LEU E 332 -26.28 5.27 -38.41
CA LEU E 332 -26.03 4.12 -39.26
C LEU E 332 -25.23 3.12 -38.44
N TYR E 333 -24.37 3.64 -37.56
CA TYR E 333 -23.58 2.80 -36.69
C TYR E 333 -24.53 1.86 -35.96
N HIS E 334 -25.60 2.43 -35.39
CA HIS E 334 -26.58 1.62 -34.67
C HIS E 334 -27.07 0.42 -35.51
N LEU E 335 -27.40 0.67 -36.78
CA LEU E 335 -27.88 -0.39 -37.65
C LEU E 335 -26.81 -1.46 -37.83
N ILE E 336 -25.66 -1.07 -38.36
CA ILE E 336 -24.55 -2.00 -38.58
C ILE E 336 -24.34 -2.85 -37.33
N ASN E 337 -24.42 -2.21 -36.17
CA ASN E 337 -24.24 -2.91 -34.89
C ASN E 337 -25.13 -4.13 -34.86
N ALA E 338 -26.39 -3.92 -34.51
CA ALA E 338 -27.35 -5.01 -34.43
C ALA E 338 -27.08 -5.94 -35.60
N LEU E 339 -27.12 -5.37 -36.79
CA LEU E 339 -26.86 -6.09 -38.04
C LEU E 339 -25.80 -7.18 -37.80
N LYS E 340 -24.59 -6.73 -37.50
CA LYS E 340 -23.49 -7.65 -37.25
C LYS E 340 -23.80 -8.56 -36.09
N ALA E 341 -24.33 -8.02 -35.01
CA ALA E 341 -24.65 -8.81 -33.83
C ALA E 341 -25.46 -10.06 -34.19
N LEU E 342 -26.74 -9.85 -34.45
CA LEU E 342 -27.66 -10.92 -34.79
C LEU E 342 -27.12 -11.90 -35.83
N HIS E 343 -26.05 -11.53 -36.53
CA HIS E 343 -25.53 -12.43 -37.55
C HIS E 343 -24.05 -12.84 -37.47
N LEU E 344 -23.14 -11.87 -37.45
CA LEU E 344 -21.70 -12.15 -37.39
C LEU E 344 -21.33 -13.14 -36.31
N PHE E 345 -22.05 -13.10 -35.19
CA PHE E 345 -21.78 -13.98 -34.07
C PHE E 345 -23.02 -14.63 -33.49
N LYS E 346 -23.29 -15.87 -33.89
CA LYS E 346 -24.44 -16.58 -33.38
C LYS E 346 -24.46 -16.41 -31.87
N LYS E 347 -25.58 -15.93 -31.34
CA LYS E 347 -25.70 -15.72 -29.90
C LYS E 347 -25.36 -17.02 -29.20
N ASP E 348 -25.37 -18.11 -29.97
CA ASP E 348 -25.07 -19.43 -29.44
C ASP E 348 -23.58 -19.72 -29.37
N VAL E 349 -22.76 -18.71 -29.64
CA VAL E 349 -21.30 -18.85 -29.55
C VAL E 349 -20.87 -17.85 -28.50
N ASP E 350 -21.84 -17.03 -28.12
CA ASP E 350 -21.70 -16.00 -27.11
C ASP E 350 -22.87 -16.38 -26.21
N TYR E 351 -22.80 -17.62 -25.72
CA TYR E 351 -23.82 -18.24 -24.88
C TYR E 351 -24.22 -17.56 -23.58
N VAL E 352 -25.22 -18.16 -22.95
CA VAL E 352 -25.79 -17.71 -21.68
C VAL E 352 -25.78 -18.94 -20.78
N VAL E 353 -24.83 -19.02 -19.84
CA VAL E 353 -24.75 -20.16 -18.93
C VAL E 353 -26.10 -20.38 -18.25
N MET E 354 -26.32 -21.60 -17.76
CA MET E 354 -27.57 -21.96 -17.09
C MET E 354 -28.24 -20.84 -16.31
N ASN E 355 -29.16 -20.16 -16.98
CA ASN E 355 -29.92 -19.05 -16.41
C ASN E 355 -29.07 -17.99 -15.72
N GLY E 356 -27.76 -18.03 -15.93
CA GLY E 356 -26.91 -17.02 -15.32
C GLY E 356 -27.33 -15.74 -16.02
N GLU E 357 -27.95 -15.92 -17.18
CA GLU E 357 -28.46 -14.82 -17.99
C GLU E 357 -27.34 -13.92 -18.48
N VAL E 358 -26.10 -14.29 -18.18
CA VAL E 358 -24.94 -13.51 -18.59
C VAL E 358 -24.45 -13.96 -19.95
N ILE E 359 -24.46 -13.05 -20.91
CA ILE E 359 -24.00 -13.34 -22.26
C ILE E 359 -22.49 -13.36 -22.28
N ILE E 360 -21.91 -14.54 -22.05
CA ILE E 360 -20.46 -14.68 -22.05
C ILE E 360 -19.95 -15.19 -23.39
N VAL E 361 -18.67 -14.95 -23.63
CA VAL E 361 -18.02 -15.38 -24.87
C VAL E 361 -17.02 -16.50 -24.58
N ASP E 362 -17.31 -17.68 -25.11
CA ASP E 362 -16.47 -18.86 -24.94
C ASP E 362 -15.74 -19.09 -26.27
N GLU E 363 -15.88 -18.12 -27.17
CA GLU E 363 -15.26 -18.20 -28.49
C GLU E 363 -13.73 -18.21 -28.41
N PHE E 364 -13.10 -17.97 -29.56
CA PHE E 364 -11.64 -17.92 -29.67
C PHE E 364 -10.85 -19.02 -28.96
N THR E 365 -11.00 -20.26 -29.45
CA THR E 365 -10.28 -21.41 -28.91
C THR E 365 -10.28 -21.61 -27.40
N GLY E 366 -11.03 -20.80 -26.66
CA GLY E 366 -11.05 -20.91 -25.21
C GLY E 366 -11.92 -22.00 -24.60
N ARG E 367 -12.65 -21.61 -23.56
CA ARG E 367 -13.55 -22.51 -22.85
C ARG E 367 -14.20 -21.76 -21.69
N LEU E 368 -15.06 -20.80 -22.04
CA LEU E 368 -15.81 -19.97 -21.10
C LEU E 368 -15.01 -18.89 -20.38
N LEU E 369 -15.17 -17.65 -20.86
CA LEU E 369 -14.49 -16.49 -20.31
C LEU E 369 -15.53 -15.52 -19.74
N PRO E 370 -15.74 -15.55 -18.41
CA PRO E 370 -16.70 -14.70 -17.70
C PRO E 370 -16.61 -13.20 -18.00
N GLY E 371 -17.75 -12.52 -17.85
CA GLY E 371 -17.85 -11.09 -18.07
C GLY E 371 -16.74 -10.39 -18.83
N ARG E 372 -16.98 -10.09 -20.10
CA ARG E 372 -15.98 -9.43 -20.94
C ARG E 372 -16.46 -9.35 -22.39
N ARG E 373 -15.82 -8.50 -23.17
CA ARG E 373 -16.18 -8.34 -24.58
C ARG E 373 -14.97 -7.88 -25.37
N TYR E 374 -14.88 -8.32 -26.62
CA TYR E 374 -13.76 -7.95 -27.47
C TYR E 374 -13.96 -6.59 -28.10
N SER E 375 -15.07 -5.94 -27.75
CA SER E 375 -15.34 -4.65 -28.38
C SER E 375 -16.34 -3.76 -27.64
N GLY E 376 -16.39 -2.50 -28.07
CA GLY E 376 -17.30 -1.54 -27.46
C GLY E 376 -18.61 -1.37 -28.21
N GLY E 377 -19.15 -2.47 -28.74
CA GLY E 377 -20.41 -2.37 -29.46
C GLY E 377 -21.13 -3.70 -29.59
N LEU E 378 -20.37 -4.78 -29.58
CA LEU E 378 -20.93 -6.11 -29.73
C LEU E 378 -21.67 -6.54 -28.45
N HIS E 379 -20.99 -6.48 -27.31
CA HIS E 379 -21.59 -6.89 -26.05
C HIS E 379 -22.99 -6.29 -25.87
N GLN E 380 -23.11 -4.99 -26.06
CA GLN E 380 -24.40 -4.31 -25.92
C GLN E 380 -25.35 -4.62 -27.08
N ALA E 381 -24.79 -5.02 -28.21
CA ALA E 381 -25.61 -5.36 -29.37
C ALA E 381 -26.37 -6.66 -29.09
N ILE E 382 -25.61 -7.74 -28.91
CA ILE E 382 -26.23 -9.03 -28.64
C ILE E 382 -27.06 -8.93 -27.37
N GLU E 383 -26.60 -8.12 -26.43
CA GLU E 383 -27.35 -7.94 -25.18
C GLU E 383 -28.74 -7.48 -25.55
N ALA E 384 -28.82 -6.58 -26.54
CA ALA E 384 -30.09 -6.05 -27.00
C ALA E 384 -30.86 -7.15 -27.72
N LYS E 385 -30.13 -8.17 -28.18
CA LYS E 385 -30.75 -9.29 -28.89
C LYS E 385 -31.34 -10.33 -27.95
N GLU E 386 -30.80 -10.42 -26.74
CA GLU E 386 -31.26 -11.42 -25.77
C GLU E 386 -32.25 -10.87 -24.73
N GLY E 387 -31.72 -10.50 -23.57
CA GLY E 387 -32.57 -9.97 -22.51
C GLY E 387 -31.89 -8.91 -21.67
N VAL E 388 -31.31 -9.32 -20.54
CA VAL E 388 -30.62 -8.39 -19.64
C VAL E 388 -29.50 -7.63 -20.35
N PRO E 389 -29.67 -6.31 -20.52
CA PRO E 389 -28.68 -5.46 -21.18
C PRO E 389 -27.71 -4.78 -20.21
N ILE E 390 -26.41 -4.89 -20.51
CA ILE E 390 -25.38 -4.27 -19.67
C ILE E 390 -25.27 -2.78 -19.98
N LYS E 391 -24.14 -2.19 -19.63
CA LYS E 391 -23.91 -0.78 -19.89
C LYS E 391 -22.42 -0.47 -19.94
N GLU E 392 -21.62 -1.48 -20.30
CA GLU E 392 -20.17 -1.31 -20.37
C GLU E 392 -19.64 -1.20 -21.80
N GLU E 393 -18.50 -0.54 -21.91
CA GLU E 393 -17.81 -0.33 -23.19
C GLU E 393 -16.50 0.34 -22.81
N SER E 394 -15.50 -0.47 -22.48
CA SER E 394 -14.23 0.06 -22.06
C SER E 394 -13.02 -0.54 -22.75
N ILE E 395 -11.90 0.16 -22.59
CA ILE E 395 -10.62 -0.26 -23.13
C ILE E 395 -9.68 -0.02 -21.95
N THR E 396 -8.38 0.08 -22.22
CA THR E 396 -7.36 0.32 -21.19
C THR E 396 -5.94 0.05 -21.69
N TYR E 397 -5.68 -1.18 -22.14
CA TYR E 397 -4.35 -1.50 -22.66
C TYR E 397 -4.33 -2.72 -23.56
N ALA E 398 -3.28 -2.84 -24.37
CA ALA E 398 -3.14 -3.97 -25.29
C ALA E 398 -1.68 -4.36 -25.50
N THR E 399 -1.45 -5.55 -26.06
CA THR E 399 -0.09 -6.03 -26.30
C THR E 399 -0.06 -7.35 -27.08
N ILE E 400 1.00 -7.54 -27.87
CA ILE E 400 1.16 -8.77 -28.64
C ILE E 400 1.60 -9.85 -27.65
N THR E 401 0.80 -10.90 -27.56
CA THR E 401 1.07 -12.00 -26.64
C THR E 401 2.49 -12.53 -26.70
N PHE E 402 3.10 -12.50 -27.89
CA PHE E 402 4.46 -13.01 -28.05
C PHE E 402 5.59 -11.99 -28.18
N GLN E 403 5.95 -11.62 -29.41
CA GLN E 403 7.04 -10.68 -29.66
C GLN E 403 7.01 -9.48 -28.72
N ASN E 404 5.87 -8.83 -28.60
CA ASN E 404 5.77 -7.68 -27.70
C ASN E 404 5.98 -8.12 -26.25
N TYR E 405 5.49 -9.31 -25.91
CA TYR E 405 5.64 -9.85 -24.56
C TYR E 405 6.98 -10.56 -24.36
N PHE E 406 7.06 -11.78 -24.88
CA PHE E 406 8.25 -12.61 -24.75
C PHE E 406 9.54 -11.93 -25.23
N ARG E 407 9.49 -11.32 -26.41
CA ARG E 407 10.67 -10.66 -26.92
C ARG E 407 10.88 -9.39 -26.13
N MET E 408 9.90 -8.99 -25.32
CA MET E 408 10.09 -7.82 -24.49
C MET E 408 11.23 -8.25 -23.60
N TYR E 409 11.27 -9.55 -23.30
CA TYR E 409 12.35 -10.07 -22.48
C TYR E 409 12.56 -11.58 -22.45
N GLU E 410 13.81 -11.95 -22.68
CA GLU E 410 14.34 -13.32 -22.64
C GLU E 410 13.93 -14.33 -23.70
N LYS E 411 13.88 -15.61 -23.34
CA LYS E 411 13.60 -16.66 -24.33
C LYS E 411 12.46 -17.64 -24.18
N LEU E 412 12.40 -18.52 -25.18
CA LEU E 412 11.38 -19.55 -25.30
C LEU E 412 11.79 -20.83 -26.01
N ALA E 413 11.14 -21.92 -25.60
CA ALA E 413 11.36 -23.22 -26.19
C ALA E 413 9.99 -23.92 -26.17
N GLY E 414 9.40 -24.09 -27.34
CA GLY E 414 8.09 -24.73 -27.45
C GLY E 414 8.10 -26.25 -27.39
N MET E 415 6.92 -26.84 -27.30
CA MET E 415 6.80 -28.29 -27.19
C MET E 415 5.77 -28.93 -28.13
N THR E 416 6.24 -29.86 -28.98
CA THR E 416 5.46 -30.59 -29.99
C THR E 416 5.89 -30.07 -31.36
N GLY E 417 4.97 -29.52 -32.17
CA GLY E 417 5.30 -28.95 -33.50
C GLY E 417 6.31 -29.68 -34.40
N THR E 418 6.54 -29.14 -35.60
CA THR E 418 7.51 -29.71 -36.57
C THR E 418 7.45 -29.05 -37.96
N ALA E 419 6.24 -28.83 -38.45
CA ALA E 419 6.01 -28.24 -39.76
C ALA E 419 6.85 -26.99 -39.99
N LYS E 420 7.15 -26.73 -41.25
CA LYS E 420 7.93 -25.57 -41.66
C LYS E 420 7.14 -24.31 -41.35
N THR E 421 5.84 -24.49 -41.13
CA THR E 421 4.99 -23.37 -40.81
C THR E 421 5.53 -22.53 -39.66
N GLU E 422 6.09 -23.23 -38.68
CA GLU E 422 6.63 -22.61 -37.45
C GLU E 422 8.06 -22.09 -37.39
N GLU E 423 8.93 -22.61 -38.25
CA GLU E 423 10.31 -22.17 -38.24
C GLU E 423 10.45 -20.72 -38.70
N SER E 424 9.88 -20.40 -39.86
CA SER E 424 9.90 -19.02 -40.36
C SER E 424 9.33 -18.10 -39.27
N GLU E 425 8.31 -18.59 -38.57
CA GLU E 425 7.68 -17.83 -37.48
C GLU E 425 8.66 -17.71 -36.33
N PHE E 426 9.18 -18.85 -35.89
CA PHE E 426 10.15 -18.90 -34.80
C PHE E 426 11.41 -18.15 -35.19
N VAL E 427 11.36 -17.46 -36.32
CA VAL E 427 12.49 -16.65 -36.77
C VAL E 427 12.05 -15.19 -36.77
N GLN E 428 11.14 -14.84 -37.68
CA GLN E 428 10.63 -13.49 -37.81
C GLN E 428 10.27 -12.78 -36.50
N VAL E 429 10.17 -13.53 -35.41
CA VAL E 429 9.83 -12.90 -34.14
C VAL E 429 10.49 -13.53 -32.92
N TYR E 430 10.04 -14.71 -32.52
CA TYR E 430 10.61 -15.37 -31.35
C TYR E 430 12.13 -15.47 -31.46
N GLY E 431 12.58 -16.17 -32.50
CA GLY E 431 14.01 -16.34 -32.69
C GLY E 431 14.47 -17.66 -32.11
N MET E 432 13.78 -18.73 -32.49
CA MET E 432 14.10 -20.07 -32.01
C MET E 432 14.24 -21.03 -33.19
N GLU E 433 14.27 -22.33 -32.90
CA GLU E 433 14.40 -23.35 -33.93
C GLU E 433 13.62 -24.62 -33.62
N VAL E 434 13.91 -25.69 -34.35
CA VAL E 434 13.22 -26.94 -34.17
C VAL E 434 14.14 -28.15 -33.96
N VAL E 435 13.75 -29.00 -33.02
CA VAL E 435 14.48 -30.22 -32.71
C VAL E 435 13.44 -31.35 -32.68
N VAL E 436 13.13 -31.82 -33.87
CA VAL E 436 12.16 -32.89 -34.10
C VAL E 436 12.70 -34.19 -33.54
N ILE E 437 12.03 -34.76 -32.54
CA ILE E 437 12.54 -36.03 -32.00
C ILE E 437 11.44 -37.05 -31.73
N PRO E 438 11.62 -38.28 -32.27
CA PRO E 438 10.66 -39.36 -32.08
C PRO E 438 11.11 -40.29 -30.96
N THR E 439 10.45 -40.20 -29.81
CA THR E 439 10.79 -41.03 -28.67
C THR E 439 10.64 -42.52 -29.01
N HIS E 440 10.81 -43.37 -28.01
CA HIS E 440 10.69 -44.81 -28.21
C HIS E 440 9.39 -45.11 -28.95
N LYS E 441 9.49 -45.90 -30.02
CA LYS E 441 8.33 -46.26 -30.83
C LYS E 441 7.72 -45.02 -31.47
N PRO E 442 8.17 -44.66 -32.68
CA PRO E 442 7.73 -43.50 -33.47
C PRO E 442 6.40 -43.65 -34.22
N MET E 443 5.52 -42.65 -34.03
CA MET E 443 4.20 -42.61 -34.66
C MET E 443 3.52 -43.97 -34.73
N ILE E 444 3.66 -44.73 -33.66
CA ILE E 444 3.08 -46.07 -33.57
C ILE E 444 1.60 -46.14 -33.91
N ARG E 445 0.92 -44.98 -33.97
CA ARG E 445 -0.51 -44.98 -34.24
C ARG E 445 -0.91 -44.94 -35.71
N LYS E 446 -2.11 -45.44 -36.00
CA LYS E 446 -2.63 -45.46 -37.36
C LYS E 446 -3.58 -44.31 -37.64
N ASP E 447 -3.67 -43.94 -38.91
CA ASP E 447 -4.53 -42.85 -39.35
C ASP E 447 -5.24 -43.22 -40.64
N HIS E 448 -6.34 -42.52 -40.94
CA HIS E 448 -7.09 -42.76 -42.15
C HIS E 448 -7.40 -41.43 -42.83
N ASP E 449 -7.50 -41.47 -44.15
CA ASP E 449 -7.76 -40.30 -44.97
C ASP E 449 -8.94 -39.40 -44.63
N ASP E 450 -9.06 -38.32 -45.40
CA ASP E 450 -10.12 -37.35 -45.25
C ASP E 450 -11.30 -37.81 -46.10
N LEU E 451 -12.07 -38.75 -45.56
CA LEU E 451 -13.22 -39.28 -46.29
C LEU E 451 -14.25 -38.17 -46.46
N VAL E 452 -14.50 -37.79 -47.71
CA VAL E 452 -15.46 -36.71 -47.97
C VAL E 452 -16.85 -37.18 -48.40
N PHE E 453 -17.82 -36.29 -48.21
CA PHE E 453 -19.23 -36.47 -48.52
C PHE E 453 -19.82 -35.12 -48.91
N ARG E 454 -20.74 -35.12 -49.88
CA ARG E 454 -21.34 -33.87 -50.37
C ARG E 454 -22.61 -33.37 -49.70
N THR E 455 -23.17 -32.33 -50.32
CA THR E 455 -24.40 -31.65 -49.91
C THR E 455 -24.82 -31.76 -48.44
N GLN E 456 -24.42 -30.78 -47.63
CA GLN E 456 -24.75 -30.71 -46.20
C GLN E 456 -24.03 -31.70 -45.27
N LYS E 457 -24.01 -31.35 -43.98
CA LYS E 457 -23.38 -32.14 -42.91
C LYS E 457 -23.99 -33.53 -42.78
N GLU E 458 -24.69 -33.95 -43.84
CA GLU E 458 -25.34 -35.25 -43.85
C GLU E 458 -24.31 -36.36 -43.70
N LYS E 459 -23.04 -35.96 -43.77
CA LYS E 459 -21.92 -36.87 -43.60
C LYS E 459 -21.77 -37.12 -42.11
N TYR E 460 -21.96 -36.06 -41.32
CA TYR E 460 -21.90 -36.14 -39.87
C TYR E 460 -22.93 -37.19 -39.50
N GLU E 461 -23.93 -37.36 -40.35
CA GLU E 461 -24.93 -38.37 -40.09
C GLU E 461 -24.27 -39.73 -40.31
N LYS E 462 -23.57 -39.85 -41.43
CA LYS E 462 -22.88 -41.10 -41.74
C LYS E 462 -21.80 -41.41 -40.69
N ILE E 463 -21.21 -40.38 -40.11
CA ILE E 463 -20.19 -40.60 -39.09
C ILE E 463 -20.86 -41.16 -37.85
N VAL E 464 -22.16 -40.88 -37.70
CA VAL E 464 -22.89 -41.40 -36.55
C VAL E 464 -22.81 -42.91 -36.61
N GLU E 465 -23.37 -43.48 -37.68
CA GLU E 465 -23.34 -44.93 -37.81
C GLU E 465 -21.94 -45.43 -37.56
N GLU E 466 -20.95 -44.62 -37.94
CA GLU E 466 -19.56 -44.99 -37.74
C GLU E 466 -19.27 -45.20 -36.25
N ILE E 467 -19.60 -44.18 -35.45
CA ILE E 467 -19.39 -44.26 -34.01
C ILE E 467 -20.01 -45.56 -33.53
N GLU E 468 -21.15 -45.91 -34.14
CA GLU E 468 -21.86 -47.11 -33.77
C GLU E 468 -21.01 -48.35 -34.05
N LYS E 469 -20.77 -48.64 -35.33
CA LYS E 469 -19.97 -49.81 -35.68
C LYS E 469 -18.77 -49.96 -34.76
N ARG E 470 -18.23 -48.83 -34.31
CA ARG E 470 -17.09 -48.89 -33.40
C ARG E 470 -17.57 -49.40 -32.04
N TYR E 471 -18.60 -48.76 -31.51
CA TYR E 471 -19.16 -49.14 -30.22
C TYR E 471 -19.36 -50.65 -30.12
N LYS E 472 -20.08 -51.22 -31.08
CA LYS E 472 -20.36 -52.65 -31.10
C LYS E 472 -19.08 -53.47 -30.91
N LYS E 473 -18.03 -53.09 -31.62
CA LYS E 473 -16.75 -53.80 -31.52
C LYS E 473 -16.04 -53.51 -30.20
N GLY E 474 -16.70 -52.76 -29.34
CA GLY E 474 -16.13 -52.42 -28.05
C GLY E 474 -14.94 -51.48 -28.11
N GLN E 475 -15.04 -50.47 -28.98
CA GLN E 475 -13.94 -49.51 -29.15
C GLN E 475 -14.23 -48.17 -28.48
N PRO E 476 -13.29 -47.69 -27.64
CA PRO E 476 -13.45 -46.42 -26.95
C PRO E 476 -13.25 -45.29 -27.97
N VAL E 477 -14.31 -44.55 -28.26
CA VAL E 477 -14.25 -43.47 -29.23
C VAL E 477 -14.34 -42.06 -28.66
N LEU E 478 -14.01 -41.09 -29.49
CA LEU E 478 -14.05 -39.67 -29.15
C LEU E 478 -14.10 -38.85 -30.43
N VAL E 479 -14.82 -37.73 -30.37
CA VAL E 479 -14.96 -36.84 -31.51
C VAL E 479 -14.54 -35.41 -31.17
N GLY E 480 -13.91 -34.76 -32.14
CA GLY E 480 -13.48 -33.39 -31.95
C GLY E 480 -14.31 -32.51 -32.85
N THR E 481 -15.34 -31.88 -32.28
CA THR E 481 -16.21 -31.01 -33.05
C THR E 481 -15.70 -29.57 -33.03
N THR E 482 -16.30 -28.76 -33.89
CA THR E 482 -15.92 -27.36 -34.05
C THR E 482 -16.47 -26.40 -33.00
N SER E 483 -17.79 -26.29 -32.94
CA SER E 483 -18.44 -25.38 -32.01
C SER E 483 -19.39 -26.06 -31.03
N ILE E 484 -20.07 -25.25 -30.23
CA ILE E 484 -21.00 -25.73 -29.21
C ILE E 484 -22.28 -26.28 -29.81
N GLU E 485 -22.79 -25.60 -30.83
CA GLU E 485 -24.02 -25.99 -31.49
C GLU E 485 -23.87 -27.40 -32.04
N LYS E 486 -23.05 -27.53 -33.08
CA LYS E 486 -22.82 -28.81 -33.73
C LYS E 486 -22.48 -29.89 -32.71
N SER E 487 -21.80 -29.51 -31.63
CA SER E 487 -21.44 -30.47 -30.61
C SER E 487 -22.72 -31.05 -29.99
N GLU E 488 -23.62 -30.16 -29.59
CA GLU E 488 -24.88 -30.59 -29.00
C GLU E 488 -25.64 -31.54 -29.92
N LEU E 489 -25.95 -31.09 -31.13
CA LEU E 489 -26.67 -31.95 -32.07
C LEU E 489 -26.00 -33.31 -32.14
N LEU E 490 -24.67 -33.32 -32.07
CA LEU E 490 -23.91 -34.56 -32.13
C LEU E 490 -24.45 -35.52 -31.08
N SER E 491 -24.46 -35.07 -29.83
CA SER E 491 -24.97 -35.91 -28.75
C SER E 491 -26.39 -36.34 -29.09
N SER E 492 -27.25 -35.36 -29.34
CA SER E 492 -28.65 -35.64 -29.69
C SER E 492 -28.73 -36.75 -30.72
N MET E 493 -27.76 -36.79 -31.62
CA MET E 493 -27.72 -37.80 -32.66
C MET E 493 -27.57 -39.17 -31.99
N LEU E 494 -26.55 -39.29 -31.16
CA LEU E 494 -26.28 -40.54 -30.46
C LEU E 494 -27.47 -40.96 -29.59
N LYS E 495 -28.20 -39.98 -29.08
CA LYS E 495 -29.36 -40.26 -28.24
C LYS E 495 -30.51 -40.76 -29.11
N LYS E 496 -30.73 -40.10 -30.24
CA LYS E 496 -31.79 -40.47 -31.15
C LYS E 496 -31.57 -41.91 -31.61
N LYS E 497 -30.35 -42.40 -31.48
CA LYS E 497 -30.01 -43.76 -31.84
C LYS E 497 -29.57 -44.57 -30.63
N GLY E 498 -29.84 -44.01 -29.45
CA GLY E 498 -29.49 -44.68 -28.20
C GLY E 498 -28.03 -45.06 -28.07
N ILE E 499 -27.23 -44.13 -27.55
CA ILE E 499 -25.81 -44.35 -27.36
C ILE E 499 -25.30 -43.57 -26.16
N PRO E 500 -24.80 -44.27 -25.12
CA PRO E 500 -24.28 -43.60 -23.91
C PRO E 500 -23.10 -42.72 -24.27
N HIS E 501 -22.87 -41.66 -23.50
CA HIS E 501 -21.77 -40.76 -23.79
C HIS E 501 -21.72 -39.56 -22.86
N GLN E 502 -20.59 -38.86 -22.88
CA GLN E 502 -20.43 -37.66 -22.06
C GLN E 502 -19.95 -36.53 -22.96
N VAL E 503 -20.43 -35.31 -22.69
CA VAL E 503 -20.06 -34.16 -23.50
C VAL E 503 -19.37 -33.04 -22.74
N LEU E 504 -18.07 -32.88 -23.02
CA LEU E 504 -17.28 -31.83 -22.41
C LEU E 504 -16.99 -30.77 -23.48
N ASN E 505 -17.99 -29.95 -23.74
CA ASN E 505 -17.90 -28.90 -24.73
C ASN E 505 -18.17 -27.58 -24.02
N ALA E 506 -17.41 -27.34 -22.95
CA ALA E 506 -17.51 -26.14 -22.13
C ALA E 506 -18.84 -26.09 -21.37
N LYS E 507 -19.54 -27.22 -21.32
CA LYS E 507 -20.80 -27.30 -20.60
C LYS E 507 -20.53 -26.80 -19.19
N TYR E 508 -19.82 -27.62 -18.43
CA TYR E 508 -19.45 -27.30 -17.06
C TYR E 508 -17.98 -27.68 -16.88
N HIS E 509 -17.30 -26.99 -15.97
CA HIS E 509 -15.88 -27.25 -15.72
C HIS E 509 -15.67 -28.61 -15.06
N GLU E 510 -16.48 -28.88 -14.04
CA GLU E 510 -16.41 -30.15 -13.32
C GLU E 510 -16.38 -31.27 -14.33
N LYS E 511 -17.15 -31.10 -15.41
CA LYS E 511 -17.20 -32.09 -16.47
C LYS E 511 -15.80 -32.40 -16.94
N GLU E 512 -15.04 -31.37 -17.28
CA GLU E 512 -13.68 -31.52 -17.76
C GLU E 512 -12.87 -32.41 -16.81
N ALA E 513 -13.22 -32.41 -15.53
CA ALA E 513 -12.52 -33.23 -14.55
C ALA E 513 -12.86 -34.72 -14.69
N GLU E 514 -14.12 -35.03 -14.41
CA GLU E 514 -14.61 -36.41 -14.48
C GLU E 514 -14.09 -37.03 -15.78
N ILE E 515 -14.46 -36.41 -16.89
CA ILE E 515 -14.07 -36.87 -18.22
C ILE E 515 -12.57 -37.08 -18.34
N VAL E 516 -11.78 -36.36 -17.56
CA VAL E 516 -10.33 -36.52 -17.62
C VAL E 516 -10.02 -38.00 -17.74
N ALA E 517 -10.36 -38.75 -16.70
CA ALA E 517 -10.09 -40.18 -16.72
C ALA E 517 -11.27 -40.97 -17.24
N LYS E 518 -12.43 -40.32 -17.29
CA LYS E 518 -13.65 -40.97 -17.76
C LYS E 518 -13.83 -40.85 -19.27
N ALA E 519 -12.77 -40.45 -19.95
CA ALA E 519 -12.80 -40.32 -21.40
C ALA E 519 -11.96 -41.43 -22.02
N GLY E 520 -12.62 -42.50 -22.44
CA GLY E 520 -11.90 -43.62 -23.03
C GLY E 520 -11.65 -44.74 -22.04
N GLN E 521 -12.73 -45.26 -21.47
CA GLN E 521 -12.65 -46.35 -20.50
C GLN E 521 -13.31 -47.60 -21.06
N LYS E 522 -12.71 -48.15 -22.11
CA LYS E 522 -13.22 -49.35 -22.76
C LYS E 522 -14.62 -49.12 -23.31
N GLY E 523 -14.73 -49.06 -24.64
CA GLY E 523 -16.01 -48.85 -25.28
C GLY E 523 -16.64 -47.50 -25.01
N MET E 524 -16.14 -46.78 -24.01
CA MET E 524 -16.65 -45.47 -23.67
C MET E 524 -16.79 -44.57 -24.89
N VAL E 525 -17.81 -43.71 -24.87
CA VAL E 525 -18.06 -42.79 -25.97
C VAL E 525 -18.02 -41.35 -25.45
N THR E 526 -17.09 -40.57 -26.00
CA THR E 526 -16.94 -39.18 -25.56
C THR E 526 -16.86 -38.18 -26.70
N ILE E 527 -17.60 -37.09 -26.57
CA ILE E 527 -17.61 -36.03 -27.57
C ILE E 527 -17.18 -34.74 -26.88
N ALA E 528 -16.29 -34.00 -27.53
CA ALA E 528 -15.78 -32.75 -26.96
C ALA E 528 -15.33 -31.75 -28.01
N THR E 529 -15.14 -30.51 -27.58
CA THR E 529 -14.70 -29.45 -28.49
C THR E 529 -13.17 -29.43 -28.57
N ASN E 530 -12.63 -28.95 -29.68
CA ASN E 530 -11.17 -28.88 -29.83
C ASN E 530 -10.53 -28.24 -28.59
N MET E 531 -11.28 -27.41 -27.89
CA MET E 531 -10.79 -26.71 -26.71
C MET E 531 -10.45 -27.63 -25.54
N ALA E 532 -10.68 -28.92 -25.73
CA ALA E 532 -10.39 -29.93 -24.72
C ALA E 532 -9.69 -31.09 -25.41
N GLY E 533 -9.58 -30.98 -26.73
CA GLY E 533 -8.93 -32.00 -27.52
C GLY E 533 -7.62 -31.49 -28.11
N ARG E 534 -6.85 -30.78 -27.30
CA ARG E 534 -5.57 -30.24 -27.73
C ARG E 534 -4.54 -30.41 -26.62
N GLY E 535 -3.68 -31.41 -26.77
CA GLY E 535 -2.67 -31.68 -25.76
C GLY E 535 -3.29 -32.03 -24.42
N THR E 536 -3.06 -33.25 -23.99
CA THR E 536 -3.59 -33.74 -22.73
C THR E 536 -2.99 -35.10 -22.41
N ASP E 537 -2.58 -35.29 -21.16
CA ASP E 537 -1.99 -36.55 -20.73
C ASP E 537 -3.03 -37.67 -20.62
N ILE E 538 -3.94 -37.72 -21.59
CA ILE E 538 -4.98 -38.74 -21.58
C ILE E 538 -4.35 -40.12 -21.46
N LYS E 539 -5.15 -41.11 -21.08
CA LYS E 539 -4.68 -42.48 -20.94
C LYS E 539 -5.75 -43.48 -21.32
N LEU E 540 -5.87 -44.54 -20.54
CA LEU E 540 -6.87 -45.57 -20.78
C LEU E 540 -6.75 -46.64 -19.68
N GLY E 541 -7.89 -47.20 -19.31
CA GLY E 541 -7.93 -48.21 -18.25
C GLY E 541 -7.42 -49.61 -18.54
N PRO E 542 -8.23 -50.64 -18.23
CA PRO E 542 -7.96 -52.08 -18.41
C PRO E 542 -7.44 -52.49 -19.78
N GLY E 543 -7.92 -53.63 -20.28
CA GLY E 543 -7.48 -54.12 -21.58
C GLY E 543 -7.61 -53.05 -22.64
N VAL E 544 -8.64 -52.21 -22.48
CA VAL E 544 -8.94 -51.11 -23.38
C VAL E 544 -8.44 -51.28 -24.83
N ALA E 545 -7.17 -50.97 -25.03
CA ALA E 545 -6.54 -51.04 -26.34
C ALA E 545 -6.63 -52.39 -27.04
N GLU E 546 -7.32 -53.35 -26.43
CA GLU E 546 -7.47 -54.69 -26.99
C GLU E 546 -7.44 -54.72 -28.52
N LEU E 547 -8.16 -53.78 -29.15
CA LEU E 547 -8.20 -53.69 -30.60
C LEU E 547 -8.24 -52.23 -31.04
N GLY E 548 -7.25 -51.82 -31.83
CA GLY E 548 -7.20 -50.45 -32.29
C GLY E 548 -6.54 -49.57 -31.25
N GLY E 549 -6.98 -49.72 -30.00
CA GLY E 549 -6.42 -48.93 -28.92
C GLY E 549 -7.25 -47.72 -28.58
N LEU E 550 -7.43 -46.84 -29.56
CA LEU E 550 -8.21 -45.61 -29.39
C LEU E 550 -8.77 -45.19 -30.74
N CYS E 551 -9.93 -44.53 -30.72
CA CYS E 551 -10.56 -44.07 -31.96
C CYS E 551 -10.88 -42.58 -31.91
N ILE E 552 -10.56 -41.85 -32.98
CA ILE E 552 -10.82 -40.42 -33.05
C ILE E 552 -11.52 -40.01 -34.35
N ILE E 553 -12.71 -39.44 -34.22
CA ILE E 553 -13.50 -38.98 -35.35
C ILE E 553 -13.57 -37.45 -35.36
N GLY E 554 -12.96 -36.86 -36.38
CA GLY E 554 -12.96 -35.42 -36.49
C GLY E 554 -14.16 -34.93 -37.26
N THR E 555 -14.82 -33.90 -36.75
CA THR E 555 -16.02 -33.33 -37.38
C THR E 555 -15.70 -32.45 -38.59
N GLU E 556 -14.41 -32.24 -38.85
CA GLU E 556 -13.94 -31.39 -39.95
C GLU E 556 -12.47 -31.01 -39.74
N ARG E 557 -11.94 -30.15 -40.62
CA ARG E 557 -10.55 -29.71 -40.54
C ARG E 557 -10.45 -28.21 -40.22
N HIS E 558 -9.92 -27.91 -39.03
CA HIS E 558 -9.77 -26.53 -38.56
C HIS E 558 -9.08 -25.56 -39.52
N GLU E 559 -8.89 -24.33 -39.04
CA GLU E 559 -8.26 -23.25 -39.80
C GLU E 559 -6.76 -23.37 -39.86
N SER E 560 -6.25 -24.55 -39.50
CA SER E 560 -4.83 -24.75 -39.49
C SER E 560 -4.42 -26.21 -39.57
N ARG E 561 -3.33 -26.45 -40.29
CA ARG E 561 -2.79 -27.80 -40.49
C ARG E 561 -2.47 -28.46 -39.16
N ARG E 562 -1.71 -27.75 -38.32
CA ARG E 562 -1.31 -28.27 -37.02
C ARG E 562 -2.54 -28.61 -36.17
N ILE E 563 -3.40 -27.62 -35.96
CA ILE E 563 -4.60 -27.82 -35.16
C ILE E 563 -5.33 -29.07 -35.57
N ASP E 564 -5.51 -29.26 -36.87
CA ASP E 564 -6.20 -30.43 -37.38
C ASP E 564 -5.50 -31.65 -36.77
N ASN E 565 -4.19 -31.71 -36.99
CA ASN E 565 -3.38 -32.81 -36.50
C ASN E 565 -3.48 -32.92 -34.98
N GLN E 566 -3.50 -31.78 -34.30
CA GLN E 566 -3.58 -31.78 -32.84
C GLN E 566 -4.79 -32.57 -32.37
N LEU E 567 -5.98 -32.11 -32.75
CA LEU E 567 -7.20 -32.79 -32.35
C LEU E 567 -6.99 -34.28 -32.52
N ARG E 568 -6.28 -34.65 -33.59
CA ARG E 568 -6.00 -36.05 -33.85
C ARG E 568 -5.01 -36.61 -32.83
N GLY E 569 -3.86 -35.97 -32.74
CA GLY E 569 -2.81 -36.40 -31.82
C GLY E 569 -3.24 -36.69 -30.40
N ARG E 570 -4.46 -36.28 -30.05
CA ARG E 570 -4.98 -36.51 -28.71
C ARG E 570 -5.21 -37.99 -28.47
N ALA E 571 -4.74 -38.81 -29.42
CA ALA E 571 -4.87 -40.25 -29.32
C ALA E 571 -3.50 -40.89 -29.38
N GLY E 572 -2.75 -40.80 -28.28
CA GLY E 572 -1.44 -41.39 -28.24
C GLY E 572 -0.48 -40.79 -27.23
N ARG E 573 -0.42 -41.38 -26.05
CA ARG E 573 0.47 -40.91 -25.00
C ARG E 573 1.30 -42.08 -24.51
N GLN E 574 2.41 -41.78 -23.85
CA GLN E 574 3.30 -42.80 -23.32
C GLN E 574 3.95 -43.63 -24.43
N GLY E 575 3.30 -43.73 -25.58
CA GLY E 575 3.83 -44.50 -26.68
C GLY E 575 2.97 -45.69 -27.05
N ASP E 576 1.68 -45.45 -27.23
CA ASP E 576 0.73 -46.50 -27.56
C ASP E 576 0.06 -46.24 -28.91
N PRO E 577 -0.59 -47.26 -29.48
CA PRO E 577 -1.27 -47.16 -30.78
C PRO E 577 -2.59 -46.38 -30.73
N GLY E 578 -3.37 -46.47 -31.81
CA GLY E 578 -4.63 -45.78 -31.89
C GLY E 578 -5.16 -45.67 -33.31
N GLU E 579 -6.27 -44.96 -33.48
CA GLU E 579 -6.87 -44.79 -34.81
C GLU E 579 -7.54 -43.44 -34.99
N SER E 580 -7.29 -42.80 -36.13
CA SER E 580 -7.89 -41.49 -36.41
C SER E 580 -8.54 -41.48 -37.79
N ILE E 581 -9.58 -40.66 -37.95
CA ILE E 581 -10.29 -40.57 -39.22
C ILE E 581 -11.04 -39.24 -39.33
N PHE E 582 -11.00 -38.61 -40.51
CA PHE E 582 -11.71 -37.35 -40.68
C PHE E 582 -12.86 -37.39 -41.65
N PHE E 583 -14.00 -36.83 -41.22
CA PHE E 583 -15.17 -36.77 -42.06
C PHE E 583 -15.40 -35.30 -42.42
N LEU E 584 -15.31 -35.04 -43.73
CA LEU E 584 -15.46 -33.70 -44.26
C LEU E 584 -16.60 -33.62 -45.28
N SER E 585 -17.30 -32.50 -45.28
CA SER E 585 -18.42 -32.27 -46.20
C SER E 585 -18.13 -31.04 -47.06
N LEU E 586 -18.33 -31.17 -48.37
CA LEU E 586 -18.07 -30.05 -49.28
C LEU E 586 -19.03 -28.91 -49.00
N GLU E 587 -19.72 -29.00 -47.87
CA GLU E 587 -20.66 -27.97 -47.44
C GLU E 587 -20.47 -27.75 -45.95
N ASP E 588 -19.29 -28.11 -45.46
CA ASP E 588 -18.93 -27.96 -44.05
C ASP E 588 -18.88 -26.48 -43.73
N ASP E 589 -17.66 -25.96 -43.58
CA ASP E 589 -17.43 -24.56 -43.26
C ASP E 589 -16.09 -24.12 -43.83
N LEU E 590 -15.05 -24.85 -43.46
CA LEU E 590 -13.68 -24.58 -43.92
C LEU E 590 -13.65 -24.12 -45.38
N LEU E 591 -14.49 -24.74 -46.20
CA LEU E 591 -14.56 -24.41 -47.62
C LEU E 591 -15.92 -23.90 -48.05
N ARG E 592 -16.84 -23.76 -47.10
CA ARG E 592 -18.18 -23.26 -47.40
C ARG E 592 -18.05 -21.81 -47.85
N ILE E 593 -17.03 -21.13 -47.35
CA ILE E 593 -16.78 -19.74 -47.68
C ILE E 593 -15.33 -19.53 -48.12
N PHE E 594 -14.47 -20.50 -47.86
CA PHE E 594 -13.07 -20.39 -48.23
C PHE E 594 -12.64 -21.40 -49.29
N GLY E 595 -12.49 -20.92 -50.52
CA GLY E 595 -12.09 -21.78 -51.62
C GLY E 595 -13.29 -22.38 -52.31
N SER E 596 -14.47 -21.92 -51.93
CA SER E 596 -15.72 -22.41 -52.50
C SER E 596 -15.75 -22.17 -54.01
N GLU E 597 -15.26 -21.01 -54.42
CA GLU E 597 -15.24 -20.65 -55.83
C GLU E 597 -14.41 -21.64 -56.64
N GLN E 598 -13.39 -22.21 -56.00
CA GLN E 598 -12.51 -23.17 -56.66
C GLN E 598 -13.18 -24.54 -56.70
N ILE E 599 -13.43 -25.08 -55.50
CA ILE E 599 -14.07 -26.39 -55.33
C ILE E 599 -15.33 -26.47 -56.20
N GLY E 600 -15.90 -25.31 -56.49
CA GLY E 600 -17.11 -25.24 -57.30
C GLY E 600 -16.96 -25.90 -58.67
N LYS E 601 -16.25 -25.23 -59.57
CA LYS E 601 -16.06 -25.76 -60.91
C LYS E 601 -15.32 -27.10 -60.89
N VAL E 602 -14.29 -27.18 -60.06
CA VAL E 602 -13.50 -28.41 -59.95
C VAL E 602 -14.37 -29.60 -59.59
N MET E 603 -15.60 -29.33 -59.13
CA MET E 603 -16.49 -30.42 -58.74
C MET E 603 -17.70 -30.57 -59.66
N ASN E 604 -18.58 -29.57 -59.68
CA ASN E 604 -19.76 -29.63 -60.52
C ASN E 604 -19.45 -29.92 -61.98
N ILE E 605 -18.21 -29.66 -62.39
CA ILE E 605 -17.82 -29.92 -63.78
C ILE E 605 -17.15 -31.29 -63.88
N LEU E 606 -16.50 -31.69 -62.79
CA LEU E 606 -15.81 -32.97 -62.73
C LEU E 606 -16.79 -34.12 -62.50
N LYS E 607 -17.66 -33.93 -61.51
CA LYS E 607 -18.66 -34.95 -61.18
C LYS E 607 -19.65 -34.42 -60.15
N ILE E 608 -20.88 -34.89 -60.22
CA ILE E 608 -21.92 -34.49 -59.29
C ILE E 608 -22.70 -35.72 -58.86
N GLU E 609 -23.01 -36.55 -59.85
CA GLU E 609 -23.76 -37.78 -59.69
C GLU E 609 -22.95 -38.89 -59.03
N GLU E 610 -23.35 -39.31 -57.83
CA GLU E 610 -22.65 -40.38 -57.13
C GLU E 610 -23.34 -40.82 -55.83
N GLY E 611 -22.54 -41.36 -54.90
CA GLY E 611 -23.08 -41.83 -53.64
C GLY E 611 -22.76 -40.97 -52.43
N GLN E 612 -21.69 -41.33 -51.71
CA GLN E 612 -21.29 -40.59 -50.51
C GLN E 612 -19.76 -40.57 -50.31
N PRO E 613 -19.12 -41.75 -50.46
CA PRO E 613 -17.67 -41.91 -50.30
C PRO E 613 -16.93 -41.48 -51.57
N ILE E 614 -16.10 -40.45 -51.43
CA ILE E 614 -15.34 -39.94 -52.55
C ILE E 614 -14.11 -39.18 -52.06
N GLN E 615 -13.05 -39.28 -52.85
CA GLN E 615 -11.77 -38.64 -52.57
C GLN E 615 -10.75 -39.20 -53.56
N HIS E 616 -11.19 -39.41 -54.80
CA HIS E 616 -10.30 -39.95 -55.83
C HIS E 616 -9.75 -38.85 -56.73
N PRO E 617 -10.59 -37.86 -57.09
CA PRO E 617 -10.09 -36.79 -57.95
C PRO E 617 -9.91 -35.41 -57.29
N MET E 618 -8.72 -35.19 -56.74
CA MET E 618 -8.38 -33.90 -56.13
C MET E 618 -9.15 -33.45 -54.89
N LEU E 619 -10.02 -34.28 -54.35
CA LEU E 619 -10.78 -33.85 -53.17
C LEU E 619 -9.87 -33.50 -51.99
N SER E 620 -9.29 -34.50 -51.35
CA SER E 620 -8.40 -34.27 -50.22
C SER E 620 -7.22 -33.42 -50.67
N LYS E 621 -6.91 -33.51 -51.96
CA LYS E 621 -5.80 -32.79 -52.55
C LYS E 621 -6.10 -31.27 -52.53
N LEU E 622 -7.21 -30.89 -53.16
CA LEU E 622 -7.61 -29.50 -53.23
C LEU E 622 -7.81 -28.91 -51.84
N ILE E 623 -8.77 -29.44 -51.09
CA ILE E 623 -9.05 -28.95 -49.75
C ILE E 623 -7.76 -28.65 -49.00
N GLU E 624 -6.78 -29.54 -49.16
CA GLU E 624 -5.48 -29.35 -48.52
C GLU E 624 -4.97 -27.96 -48.81
N ASN E 625 -4.78 -27.67 -50.10
CA ASN E 625 -4.28 -26.36 -50.51
C ASN E 625 -5.12 -25.23 -49.90
N ILE E 626 -6.42 -25.45 -49.76
CA ILE E 626 -7.30 -24.44 -49.16
C ILE E 626 -6.90 -24.21 -47.71
N GLN E 627 -6.69 -25.29 -46.98
CA GLN E 627 -6.32 -25.20 -45.58
C GLN E 627 -5.14 -24.26 -45.41
N LYS E 628 -3.99 -24.66 -45.95
CA LYS E 628 -2.80 -23.82 -45.85
C LYS E 628 -3.17 -22.40 -46.27
N LYS E 629 -3.92 -22.28 -47.35
CA LYS E 629 -4.36 -20.99 -47.88
C LYS E 629 -4.94 -20.12 -46.77
N VAL E 630 -5.98 -20.63 -46.11
CA VAL E 630 -6.65 -19.91 -45.03
C VAL E 630 -5.63 -19.44 -44.00
N GLU E 631 -4.81 -20.38 -43.54
CA GLU E 631 -3.77 -20.09 -42.55
C GLU E 631 -3.00 -18.89 -43.06
N GLY E 632 -2.83 -18.84 -44.36
CA GLY E 632 -2.11 -17.73 -44.98
C GLY E 632 -2.74 -16.41 -44.62
N ILE E 633 -4.06 -16.31 -44.76
CA ILE E 633 -4.77 -15.08 -44.44
C ILE E 633 -4.40 -14.69 -43.02
N ASN E 634 -4.53 -15.64 -42.09
CA ASN E 634 -4.20 -15.35 -40.70
C ASN E 634 -2.79 -14.79 -40.63
N PHE E 635 -1.88 -15.42 -41.36
CA PHE E 635 -0.49 -14.99 -41.39
C PHE E 635 -0.45 -13.51 -41.79
N SER E 636 -1.21 -13.17 -42.83
CA SER E 636 -1.30 -11.82 -43.34
C SER E 636 -1.75 -10.81 -42.29
N ILE E 637 -2.96 -11.02 -41.76
CA ILE E 637 -3.52 -10.13 -40.74
C ILE E 637 -2.59 -10.10 -39.53
N ARG E 638 -1.93 -11.25 -39.30
CA ARG E 638 -0.98 -11.43 -38.22
C ARG E 638 0.02 -10.28 -38.34
N LYS E 639 0.37 -9.96 -39.57
CA LYS E 639 1.31 -8.89 -39.86
C LYS E 639 0.79 -7.54 -39.39
N THR E 640 -0.29 -7.09 -40.03
CA THR E 640 -0.87 -5.78 -39.69
C THR E 640 -0.66 -5.33 -38.25
N LEU E 641 -1.32 -5.99 -37.30
CA LEU E 641 -1.18 -5.55 -35.91
C LEU E 641 0.17 -5.88 -35.29
N MET E 642 0.81 -6.94 -35.77
CA MET E 642 2.13 -7.32 -35.24
C MET E 642 3.11 -6.17 -35.45
N GLU E 643 3.30 -5.79 -36.71
CA GLU E 643 4.21 -4.70 -37.05
C GLU E 643 3.81 -3.42 -36.33
N MET E 644 2.55 -3.02 -36.49
CA MET E 644 2.06 -1.81 -35.83
C MET E 644 2.35 -1.82 -34.34
N ASP E 645 1.79 -2.79 -33.65
CA ASP E 645 1.98 -2.90 -32.21
C ASP E 645 3.46 -2.84 -31.81
N ASP E 646 4.34 -3.19 -32.74
CA ASP E 646 5.77 -3.13 -32.46
C ASP E 646 6.16 -1.68 -32.18
N VAL E 647 5.68 -0.77 -33.02
CA VAL E 647 5.97 0.65 -32.82
C VAL E 647 5.29 1.07 -31.51
N LEU E 648 4.23 0.33 -31.15
CA LEU E 648 3.50 0.59 -29.93
C LEU E 648 4.29 0.11 -28.71
N ASP E 649 5.10 -0.93 -28.89
CA ASP E 649 5.92 -1.43 -27.79
C ASP E 649 6.79 -0.29 -27.29
N LYS E 650 7.27 0.53 -28.21
CA LYS E 650 8.11 1.67 -27.85
C LYS E 650 7.30 2.69 -27.06
N GLN E 651 6.26 3.23 -27.69
CA GLN E 651 5.40 4.23 -27.07
C GLN E 651 4.97 3.78 -25.66
N ARG E 652 4.30 2.63 -25.60
CA ARG E 652 3.82 2.05 -24.35
C ARG E 652 4.92 2.03 -23.29
N ARG E 653 6.13 1.68 -23.72
CA ARG E 653 7.28 1.61 -22.83
C ARG E 653 7.41 2.92 -22.08
N ALA E 654 7.72 3.98 -22.82
CA ALA E 654 7.87 5.30 -22.20
C ALA E 654 6.68 5.61 -21.29
N VAL E 655 5.51 5.15 -21.70
CA VAL E 655 4.27 5.39 -20.95
C VAL E 655 4.34 5.01 -19.47
N TYR E 656 4.06 3.76 -19.12
CA TYR E 656 4.08 3.43 -17.70
C TYR E 656 5.45 3.20 -17.07
N SER E 657 6.50 3.44 -17.83
CA SER E 657 7.86 3.35 -17.29
C SER E 657 7.95 4.70 -16.60
N LEU E 658 7.22 5.66 -17.17
CA LEU E 658 7.16 7.01 -16.64
C LEU E 658 6.19 6.98 -15.47
N ARG E 659 5.13 6.19 -15.59
CA ARG E 659 4.15 6.09 -14.51
C ARG E 659 4.86 5.36 -13.36
N ASP E 660 5.87 4.57 -13.71
CA ASP E 660 6.64 3.85 -12.70
C ASP E 660 7.46 4.85 -11.91
N GLN E 661 8.36 5.54 -12.60
CA GLN E 661 9.23 6.52 -11.96
C GLN E 661 8.49 7.56 -11.12
N ILE E 662 7.24 7.85 -11.47
CA ILE E 662 6.48 8.85 -10.72
C ILE E 662 5.95 8.19 -9.45
N LEU E 663 5.62 6.91 -9.55
CA LEU E 663 5.11 6.15 -8.41
C LEU E 663 6.20 6.00 -7.36
N LEU E 664 7.43 5.79 -7.84
CA LEU E 664 8.58 5.61 -6.96
C LEU E 664 9.03 6.91 -6.31
N GLU E 665 9.49 7.84 -7.15
CA GLU E 665 9.99 9.13 -6.68
C GLU E 665 9.05 9.93 -5.80
N LYS E 666 9.43 11.19 -5.54
CA LYS E 666 8.64 12.06 -4.69
C LYS E 666 8.39 13.46 -5.26
N ASP E 667 9.20 14.42 -4.85
CA ASP E 667 9.04 15.80 -5.30
C ASP E 667 9.50 16.16 -6.70
N TYR E 668 8.69 15.84 -7.69
CA TYR E 668 8.99 16.18 -9.08
C TYR E 668 8.57 17.63 -9.26
N ASP E 669 8.20 18.27 -8.16
CA ASP E 669 7.74 19.66 -8.14
C ASP E 669 8.36 20.57 -9.20
N GLU E 670 9.56 21.06 -8.92
CA GLU E 670 10.27 21.95 -9.84
C GLU E 670 10.23 21.48 -11.29
N TYR E 671 10.14 20.16 -11.48
CA TYR E 671 10.10 19.59 -12.81
C TYR E 671 8.74 19.81 -13.49
N LEU E 672 7.69 19.30 -12.87
CA LEU E 672 6.35 19.44 -13.41
C LEU E 672 6.03 20.90 -13.75
N LYS E 673 6.21 21.78 -12.78
CA LYS E 673 5.95 23.20 -13.00
C LYS E 673 6.75 23.63 -14.22
N ASP E 674 8.06 23.59 -14.07
CA ASP E 674 8.99 23.98 -15.13
C ASP E 674 8.49 23.53 -16.51
N ILE E 675 8.54 22.24 -16.77
CA ILE E 675 8.09 21.69 -18.05
C ILE E 675 6.69 22.16 -18.43
N PHE E 676 5.84 22.35 -17.42
CA PHE E 676 4.48 22.81 -17.67
C PHE E 676 4.55 24.20 -18.26
N GLU E 677 5.35 25.05 -17.63
CA GLU E 677 5.53 26.42 -18.09
C GLU E 677 6.25 26.46 -19.42
N ASP E 678 7.50 26.00 -19.47
CA ASP E 678 8.25 26.02 -20.72
C ASP E 678 7.37 25.55 -21.88
N VAL E 679 6.47 24.63 -21.60
CA VAL E 679 5.57 24.12 -22.62
C VAL E 679 4.45 25.12 -22.90
N VAL E 680 3.88 25.66 -21.82
CA VAL E 680 2.78 26.63 -21.94
C VAL E 680 3.28 28.04 -22.28
N SER E 681 4.53 28.33 -21.95
CA SER E 681 5.13 29.63 -22.21
C SER E 681 5.56 29.69 -23.67
N THR E 682 6.21 28.64 -24.15
CA THR E 682 6.63 28.61 -25.54
C THR E 682 5.34 28.64 -26.34
N ARG E 683 4.27 28.14 -25.73
CA ARG E 683 2.97 28.13 -26.38
C ARG E 683 2.59 29.61 -26.57
N VAL E 684 2.91 30.43 -25.56
CA VAL E 684 2.62 31.85 -25.61
C VAL E 684 3.63 32.52 -26.55
N GLU E 685 4.54 31.71 -27.10
CA GLU E 685 5.55 32.23 -28.02
C GLU E 685 5.90 31.21 -29.10
N GLU E 686 4.87 30.62 -29.71
CA GLU E 686 5.08 29.63 -30.76
C GLU E 686 4.10 29.92 -31.89
N PHE E 687 2.82 30.05 -31.54
CA PHE E 687 1.79 30.33 -32.52
C PHE E 687 1.10 31.64 -32.15
N CYS E 688 1.77 32.43 -31.33
CA CYS E 688 1.24 33.72 -30.88
C CYS E 688 2.34 34.60 -30.30
N SER E 689 2.81 35.56 -31.09
CA SER E 689 3.87 36.48 -30.66
C SER E 689 3.51 37.18 -29.36
N GLY E 690 4.50 37.29 -28.47
CA GLY E 690 4.28 37.94 -27.19
C GLY E 690 4.08 39.44 -27.28
N LYS E 691 3.17 39.85 -28.15
CA LYS E 691 2.87 41.27 -28.34
C LYS E 691 1.87 41.74 -27.29
N ASN E 692 0.62 41.89 -27.68
CA ASN E 692 -0.44 42.33 -26.76
C ASN E 692 -1.69 41.48 -26.93
N TRP E 693 -2.63 41.98 -27.73
CA TRP E 693 -3.88 41.28 -27.98
C TRP E 693 -3.62 39.89 -28.57
N ASP E 694 -2.52 39.78 -29.33
CA ASP E 694 -2.14 38.52 -29.96
C ASP E 694 -2.07 37.42 -28.90
N ILE E 695 -1.24 37.63 -27.89
CA ILE E 695 -1.05 36.67 -26.82
C ILE E 695 -2.23 36.64 -25.84
N GLU E 696 -2.59 37.80 -25.30
CA GLU E 696 -3.68 37.90 -24.34
C GLU E 696 -4.89 37.08 -24.81
N SER E 697 -5.13 37.08 -26.11
CA SER E 697 -6.25 36.35 -26.70
C SER E 697 -5.98 34.85 -26.85
N LEU E 698 -5.02 34.50 -27.71
CA LEU E 698 -4.70 33.09 -27.93
C LEU E 698 -4.24 32.41 -26.65
N LYS E 699 -3.45 33.10 -25.84
CA LYS E 699 -2.97 32.55 -24.59
C LYS E 699 -4.14 32.41 -23.61
N ASN E 700 -5.18 33.21 -23.82
CA ASN E 700 -6.36 33.14 -22.97
C ASN E 700 -6.93 31.73 -23.08
N SER E 701 -7.11 31.27 -24.32
CA SER E 701 -7.63 29.93 -24.56
C SER E 701 -6.64 28.95 -23.96
N LEU E 702 -5.37 29.37 -23.92
CA LEU E 702 -4.30 28.55 -23.37
C LEU E 702 -4.31 28.59 -21.85
N SER E 703 -5.00 29.59 -21.29
CA SER E 703 -5.10 29.75 -19.85
C SER E 703 -6.53 29.97 -19.39
N PHE E 704 -7.37 28.94 -19.59
CA PHE E 704 -8.77 28.98 -19.20
C PHE E 704 -8.99 28.27 -17.87
N PHE E 705 -8.79 28.99 -16.77
CA PHE E 705 -8.97 28.42 -15.44
C PHE E 705 -9.83 29.37 -14.60
N PRO E 706 -10.60 28.82 -13.64
CA PRO E 706 -11.44 29.67 -12.80
C PRO E 706 -10.57 30.59 -11.95
N ALA E 707 -9.33 30.16 -11.72
CA ALA E 707 -8.39 30.93 -10.93
C ALA E 707 -8.18 32.32 -11.54
N GLY E 708 -7.46 33.17 -10.82
CA GLY E 708 -7.20 34.51 -11.30
C GLY E 708 -5.75 34.90 -11.15
N LEU E 709 -5.06 35.04 -12.28
CA LEU E 709 -3.65 35.41 -12.26
C LEU E 709 -3.25 36.25 -13.47
N PHE E 710 -3.30 37.57 -13.29
CA PHE E 710 -2.95 38.53 -14.34
C PHE E 710 -3.71 38.28 -15.63
N ASP E 711 -4.91 37.71 -15.54
CA ASP E 711 -5.71 37.42 -16.72
C ASP E 711 -5.99 38.67 -17.56
N LEU E 712 -6.73 39.61 -16.99
CA LEU E 712 -7.05 40.86 -17.70
C LEU E 712 -6.01 41.93 -17.41
N ASP E 713 -4.75 41.52 -17.29
CA ASP E 713 -3.65 42.43 -17.01
C ASP E 713 -2.74 42.55 -18.23
N GLU E 714 -3.00 43.54 -19.07
CA GLU E 714 -2.23 43.76 -20.29
C GLU E 714 -1.10 44.78 -20.10
N LYS E 715 -0.67 45.37 -21.22
CA LYS E 715 0.42 46.36 -21.20
C LYS E 715 1.71 45.81 -20.61
N GLN E 716 2.35 44.91 -21.35
CA GLN E 716 3.59 44.29 -20.91
C GLN E 716 4.47 43.88 -22.10
N PHE E 717 5.73 44.31 -22.08
CA PHE E 717 6.66 43.99 -23.14
C PHE E 717 7.94 43.34 -22.61
N SER E 718 8.00 43.15 -21.30
CA SER E 718 9.15 42.52 -20.67
C SER E 718 8.92 41.01 -20.67
N SER E 719 9.10 40.39 -21.84
CA SER E 719 8.88 38.95 -21.99
C SER E 719 10.03 38.18 -22.65
N SER E 720 11.24 38.30 -22.11
CA SER E 720 12.40 37.62 -22.67
C SER E 720 12.54 36.15 -22.23
N GLU E 721 11.40 35.49 -22.04
CA GLU E 721 11.33 34.08 -21.63
C GLU E 721 11.72 33.89 -20.16
N GLU E 722 12.68 34.69 -19.70
CA GLU E 722 13.12 34.63 -18.30
C GLU E 722 12.04 35.30 -17.45
N LEU E 723 11.68 36.52 -17.83
CA LEU E 723 10.66 37.30 -17.14
C LEU E 723 9.35 36.53 -17.10
N HIS E 724 8.79 36.25 -18.27
CA HIS E 724 7.53 35.51 -18.34
C HIS E 724 7.57 34.22 -17.53
N ASP E 725 8.66 33.47 -17.64
CA ASP E 725 8.77 32.22 -16.90
C ASP E 725 8.63 32.37 -15.38
N TYR E 726 9.38 33.30 -14.79
CA TYR E 726 9.32 33.50 -13.34
C TYR E 726 7.94 33.98 -12.88
N LEU E 727 7.28 34.79 -13.70
CA LEU E 727 5.95 35.30 -13.36
C LEU E 727 4.98 34.19 -13.00
N PHE E 728 4.72 33.30 -13.97
CA PHE E 728 3.79 32.20 -13.74
C PHE E 728 4.39 31.13 -12.82
N ASN E 729 5.70 30.96 -12.88
CA ASN E 729 6.39 29.97 -12.06
C ASN E 729 6.14 30.16 -10.58
N ARG E 730 6.16 31.41 -10.11
CA ARG E 730 5.94 31.68 -8.71
C ARG E 730 4.48 31.55 -8.35
N LEU E 731 3.59 31.92 -9.27
CA LEU E 731 2.16 31.80 -8.99
C LEU E 731 1.96 30.32 -8.61
N TRP E 732 2.73 29.47 -9.26
CA TRP E 732 2.69 28.03 -9.03
C TRP E 732 3.43 27.60 -7.77
N GLU E 733 4.75 27.44 -7.91
CA GLU E 733 5.61 27.01 -6.81
C GLU E 733 5.20 27.61 -5.46
N GLU E 734 4.97 28.92 -5.44
CA GLU E 734 4.57 29.59 -4.21
C GLU E 734 3.19 29.10 -3.78
N TYR E 735 2.18 29.33 -4.62
CA TYR E 735 0.83 28.89 -4.28
C TYR E 735 0.79 27.37 -4.14
N GLN E 736 1.87 26.73 -4.54
CA GLN E 736 1.99 25.27 -4.44
C GLN E 736 2.22 24.89 -2.98
N ARG E 737 3.38 25.26 -2.46
CA ARG E 737 3.71 24.95 -1.07
C ARG E 737 2.72 25.67 -0.16
N LYS E 738 2.25 26.82 -0.60
CA LYS E 738 1.28 27.61 0.15
C LYS E 738 0.02 26.76 0.25
N LYS E 739 -0.22 25.95 -0.77
CA LYS E 739 -1.38 25.07 -0.82
C LYS E 739 -0.96 23.72 -0.23
N GLN E 740 0.34 23.54 -0.05
CA GLN E 740 0.87 22.31 0.52
C GLN E 740 0.43 22.31 1.98
N GLU E 741 -0.06 23.48 2.41
CA GLU E 741 -0.55 23.68 3.77
C GLU E 741 -1.47 22.55 4.24
N ILE E 742 -2.10 21.86 3.28
CA ILE E 742 -3.01 20.77 3.59
C ILE E 742 -2.37 19.75 4.55
N GLY E 743 -1.21 19.22 4.17
CA GLY E 743 -0.54 18.26 5.03
C GLY E 743 0.39 17.32 4.31
N GLU E 744 1.28 16.68 5.07
CA GLU E 744 2.25 15.73 4.51
C GLU E 744 1.56 14.75 3.57
N ASP E 745 0.30 14.44 3.84
CA ASP E 745 -0.46 13.52 3.00
C ASP E 745 -0.47 13.98 1.56
N TYR E 746 -0.26 15.28 1.35
CA TYR E 746 -0.26 15.85 0.01
C TYR E 746 0.64 15.07 -0.94
N ARG E 747 1.60 14.34 -0.38
CA ARG E 747 2.52 13.54 -1.18
C ARG E 747 1.82 12.57 -2.12
N LYS E 748 0.88 11.80 -1.59
CA LYS E 748 0.16 10.82 -2.39
C LYS E 748 -0.89 11.43 -3.33
N VAL E 749 -1.00 12.75 -3.32
CA VAL E 749 -1.96 13.41 -4.20
C VAL E 749 -1.51 13.25 -5.64
N ILE E 750 -0.31 13.72 -5.94
CA ILE E 750 0.21 13.60 -7.30
C ILE E 750 0.12 12.13 -7.70
N ARG E 751 0.13 11.25 -6.71
CA ARG E 751 0.04 9.82 -6.96
C ARG E 751 -1.24 9.58 -7.75
N PHE E 752 -2.38 9.75 -7.07
CA PHE E 752 -3.68 9.56 -7.73
C PHE E 752 -3.65 10.31 -9.05
N LEU E 753 -3.37 11.61 -8.95
CA LEU E 753 -3.30 12.49 -10.11
C LEU E 753 -2.44 11.93 -11.24
N MET E 754 -1.13 12.06 -11.10
CA MET E 754 -0.18 11.57 -12.10
C MET E 754 -0.68 10.30 -12.80
N LEU E 755 -0.65 9.19 -12.08
CA LEU E 755 -1.09 7.92 -12.65
C LEU E 755 -2.44 8.01 -13.34
N ARG E 756 -3.52 8.16 -12.56
CA ARG E 756 -4.84 8.25 -13.18
C ARG E 756 -4.84 9.18 -14.38
N ILE E 757 -4.46 10.44 -14.17
CA ILE E 757 -4.42 11.41 -15.26
C ILE E 757 -3.61 10.90 -16.46
N ILE E 758 -2.38 10.45 -16.21
CA ILE E 758 -1.54 9.92 -17.27
C ILE E 758 -2.22 8.69 -17.89
N ASP E 759 -2.53 7.71 -17.05
CA ASP E 759 -3.18 6.49 -17.48
C ASP E 759 -4.36 6.87 -18.36
N ASP E 760 -5.21 7.72 -17.81
CA ASP E 760 -6.40 8.20 -18.51
C ASP E 760 -6.05 8.70 -19.90
N HIS E 761 -5.29 9.79 -19.97
CA HIS E 761 -4.90 10.35 -21.26
C HIS E 761 -4.47 9.27 -22.24
N TRP E 762 -3.43 8.52 -21.88
CA TRP E 762 -2.94 7.46 -22.75
C TRP E 762 -4.05 6.56 -23.26
N ARG E 763 -4.68 5.80 -22.36
CA ARG E 763 -5.73 4.89 -22.79
C ARG E 763 -6.74 5.59 -23.69
N ARG E 764 -7.06 6.84 -23.39
CA ARG E 764 -8.00 7.58 -24.22
C ARG E 764 -7.39 7.66 -25.62
N TYR E 765 -6.23 8.27 -25.72
CA TYR E 765 -5.57 8.41 -27.01
C TYR E 765 -5.25 7.07 -27.66
N LEU E 766 -5.50 5.98 -26.93
CA LEU E 766 -5.24 4.66 -27.48
C LEU E 766 -6.48 4.35 -28.33
N GLU E 767 -7.61 4.87 -27.88
CA GLU E 767 -8.88 4.72 -28.59
C GLU E 767 -8.62 5.33 -29.97
N GLU E 768 -7.95 6.48 -29.96
CA GLU E 768 -7.64 7.15 -31.20
C GLU E 768 -6.63 6.35 -32.01
N VAL E 769 -5.84 5.53 -31.33
CA VAL E 769 -4.82 4.71 -31.99
C VAL E 769 -5.49 3.68 -32.89
N GLU E 770 -6.71 3.31 -32.51
CA GLU E 770 -7.48 2.33 -33.28
C GLU E 770 -7.96 3.04 -34.55
N HIS E 771 -8.38 4.29 -34.42
CA HIS E 771 -8.81 5.02 -35.61
C HIS E 771 -7.60 5.19 -36.56
N VAL E 772 -6.43 5.41 -35.98
CA VAL E 772 -5.22 5.56 -36.78
C VAL E 772 -4.96 4.25 -37.51
N LYS E 773 -5.43 3.14 -36.93
CA LYS E 773 -5.24 1.85 -37.58
C LYS E 773 -5.96 1.92 -38.91
N GLU E 774 -6.96 2.81 -39.00
CA GLU E 774 -7.70 2.98 -40.25
C GLU E 774 -6.83 3.69 -41.28
N ALA E 775 -6.06 4.67 -40.80
CA ALA E 775 -5.17 5.41 -41.68
C ALA E 775 -4.15 4.46 -42.33
N VAL E 776 -3.77 3.41 -41.60
CA VAL E 776 -2.79 2.45 -42.12
C VAL E 776 -3.53 1.50 -43.06
N GLN E 777 -4.84 1.60 -43.06
CA GLN E 777 -5.67 0.78 -43.93
C GLN E 777 -5.74 1.56 -45.23
N LEU E 778 -5.18 2.77 -45.18
CA LEU E 778 -5.12 3.70 -46.31
C LEU E 778 -3.80 3.61 -47.07
N ARG E 779 -2.71 3.51 -46.33
CA ARG E 779 -1.38 3.44 -46.93
C ARG E 779 -1.37 2.54 -48.17
N SER E 780 -2.16 1.47 -48.12
CA SER E 780 -2.27 0.50 -49.22
C SER E 780 -2.08 1.10 -50.61
N TYR E 781 -2.61 2.30 -50.82
CA TYR E 781 -2.51 2.93 -52.13
C TYR E 781 -1.87 4.32 -52.04
N GLY E 782 -0.96 4.61 -52.95
CA GLY E 782 -0.29 5.90 -52.95
C GLY E 782 1.15 5.80 -52.49
N GLN E 783 1.37 6.14 -51.23
CA GLN E 783 2.71 6.08 -50.64
C GLN E 783 3.14 4.62 -50.53
N LYS E 784 4.24 4.38 -49.83
CA LYS E 784 4.74 3.02 -49.65
C LYS E 784 3.71 2.13 -48.92
N ASP E 785 4.19 1.09 -48.26
CA ASP E 785 3.31 0.18 -47.52
C ASP E 785 3.96 -0.43 -46.27
N PRO E 786 5.10 0.11 -45.81
CA PRO E 786 5.76 -0.44 -44.62
C PRO E 786 5.45 0.25 -43.28
N ILE E 787 4.19 0.30 -42.89
CA ILE E 787 3.81 0.92 -41.62
C ILE E 787 4.20 2.41 -41.54
N VAL E 788 4.55 3.00 -42.67
CA VAL E 788 4.96 4.41 -42.74
C VAL E 788 4.03 5.36 -41.99
N GLU E 789 2.97 5.78 -42.67
CA GLU E 789 2.00 6.71 -42.11
C GLU E 789 1.70 6.46 -40.64
N PHE E 790 1.70 5.20 -40.22
CA PHE E 790 1.41 4.89 -38.82
C PHE E 790 2.52 5.38 -37.90
N LYS E 791 3.76 5.00 -38.19
CA LYS E 791 4.88 5.42 -37.37
C LYS E 791 4.95 6.93 -37.26
N LYS E 792 4.73 7.64 -38.37
CA LYS E 792 4.79 9.09 -38.34
C LYS E 792 3.63 9.69 -37.55
N GLU E 793 2.50 8.98 -37.49
CA GLU E 793 1.37 9.47 -36.74
C GLU E 793 1.39 8.96 -35.30
N THR E 794 2.03 7.81 -35.10
CA THR E 794 2.14 7.23 -33.76
C THR E 794 2.89 8.20 -32.85
N TYR E 795 3.91 8.87 -33.41
CA TYR E 795 4.66 9.82 -32.62
C TYR E 795 3.97 11.18 -32.55
N TYR E 796 3.31 11.57 -33.64
CA TYR E 796 2.60 12.85 -33.66
C TYR E 796 1.65 12.83 -32.45
N MET E 797 0.88 11.76 -32.35
CA MET E 797 -0.07 11.58 -31.25
C MET E 797 0.66 11.43 -29.93
N PHE E 798 1.86 10.85 -29.98
CA PHE E 798 2.67 10.64 -28.79
C PHE E 798 3.12 11.96 -28.18
N ASP E 799 3.55 12.90 -29.03
CA ASP E 799 4.00 14.20 -28.55
C ASP E 799 2.77 14.99 -28.08
N GLU E 800 1.72 14.97 -28.89
CA GLU E 800 0.48 15.66 -28.52
C GLU E 800 0.03 15.13 -27.17
N MET E 801 0.03 13.82 -27.07
CA MET E 801 -0.36 13.11 -25.86
C MET E 801 0.26 13.74 -24.62
N MET E 802 1.58 13.65 -24.54
CA MET E 802 2.33 14.18 -23.40
C MET E 802 2.02 15.63 -23.03
N ARG E 803 2.20 16.55 -23.96
CA ARG E 803 1.93 17.96 -23.69
C ARG E 803 0.55 18.12 -23.05
N ARG E 804 -0.41 17.35 -23.56
CA ARG E 804 -1.78 17.36 -23.05
C ARG E 804 -1.75 17.02 -21.56
N ILE E 805 -1.04 15.96 -21.22
CA ILE E 805 -0.91 15.52 -19.84
C ILE E 805 -0.56 16.69 -18.93
N ASN E 806 0.63 17.24 -19.09
CA ASN E 806 1.08 18.35 -18.27
C ASN E 806 0.04 19.43 -18.04
N ASP E 807 -0.79 19.70 -19.04
CA ASP E 807 -1.83 20.72 -18.86
C ASP E 807 -2.86 20.28 -17.81
N THR E 808 -3.58 19.22 -18.10
CA THR E 808 -4.60 18.70 -17.19
C THR E 808 -4.02 18.30 -15.82
N ILE E 809 -3.00 17.45 -15.85
CA ILE E 809 -2.36 16.99 -14.61
C ILE E 809 -2.04 18.18 -13.73
N ALA E 810 -1.75 19.31 -14.36
CA ALA E 810 -1.40 20.53 -13.64
C ALA E 810 -2.56 21.10 -12.83
N ASN E 811 -3.52 21.72 -13.51
CA ASN E 811 -4.65 22.32 -12.81
C ASN E 811 -5.35 21.38 -11.83
N TYR E 812 -5.14 20.08 -11.98
CA TYR E 812 -5.75 19.11 -11.08
C TYR E 812 -5.10 19.13 -9.70
N VAL E 813 -3.85 19.57 -9.64
CA VAL E 813 -3.11 19.64 -8.38
C VAL E 813 -3.46 20.91 -7.60
N LEU E 814 -4.68 21.40 -7.80
CA LEU E 814 -5.10 22.63 -7.13
C LEU E 814 -6.52 22.58 -6.58
N ARG E 815 -7.51 22.64 -7.49
CA ARG E 815 -8.91 22.61 -7.09
C ARG E 815 -9.22 21.49 -6.11
N VAL E 816 -9.28 21.83 -4.83
CA VAL E 816 -9.56 20.86 -3.77
C VAL E 816 -9.92 21.59 -2.48
N ALA F 8 25.21 20.19 -36.61
CA ALA F 8 25.37 20.45 -38.08
C ALA F 8 24.07 20.18 -38.83
N PHE F 9 24.21 19.84 -40.11
CA PHE F 9 23.04 19.55 -40.95
C PHE F 9 22.89 18.05 -41.16
N LYS F 10 24.01 17.35 -41.24
CA LYS F 10 24.00 15.90 -41.43
C LYS F 10 23.34 15.26 -40.21
N ILE F 11 23.72 15.75 -39.03
CA ILE F 11 23.19 15.26 -37.76
C ILE F 11 23.27 13.74 -37.68
N PRO F 12 24.51 13.20 -37.65
CA PRO F 12 24.80 11.77 -37.57
C PRO F 12 23.92 10.95 -36.64
N GLU F 13 23.82 9.66 -36.96
CA GLU F 13 23.03 8.68 -36.22
C GLU F 13 22.80 7.50 -37.15
N LEU F 14 22.39 7.83 -38.38
CA LEU F 14 22.12 6.84 -39.41
C LEU F 14 23.21 5.77 -39.48
N ARG F 15 23.01 4.70 -38.71
CA ARG F 15 23.97 3.59 -38.65
C ARG F 15 23.93 2.71 -39.90
N ASP F 16 23.14 3.10 -40.90
CA ASP F 16 23.03 2.31 -42.12
C ASP F 16 23.49 3.11 -43.34
N ARG F 17 23.28 4.41 -43.29
CA ARG F 17 23.65 5.33 -44.37
C ARG F 17 24.97 5.03 -45.10
N ILE F 18 26.05 5.62 -44.57
CA ILE F 18 27.38 5.44 -45.14
C ILE F 18 27.70 3.97 -45.36
N ILE F 19 27.00 3.10 -44.63
CA ILE F 19 27.21 1.67 -44.73
C ILE F 19 27.00 1.17 -46.16
N PHE F 20 25.74 1.09 -46.58
CA PHE F 20 25.43 0.62 -47.92
C PHE F 20 26.04 1.52 -48.99
N THR F 21 26.23 2.79 -48.66
CA THR F 21 26.83 3.72 -49.63
C THR F 21 28.22 3.25 -50.06
N PHE F 22 29.12 3.12 -49.09
CA PHE F 22 30.48 2.67 -49.38
C PHE F 22 30.51 1.26 -49.94
N LEU F 23 29.71 0.37 -49.35
CA LEU F 23 29.65 -1.01 -49.81
C LEU F 23 29.26 -1.03 -51.29
N ALA F 24 28.32 -0.16 -51.65
CA ALA F 24 27.83 -0.05 -53.02
C ALA F 24 28.95 0.30 -54.00
N LEU F 25 29.72 1.33 -53.67
CA LEU F 25 30.82 1.76 -54.55
C LEU F 25 31.80 0.61 -54.81
N ILE F 26 32.04 -0.19 -53.77
CA ILE F 26 32.95 -1.32 -53.87
C ILE F 26 32.53 -2.32 -54.94
N VAL F 27 31.35 -2.91 -54.74
CA VAL F 27 30.82 -3.90 -55.65
C VAL F 27 30.76 -3.44 -57.11
N PHE F 28 30.46 -2.16 -57.33
CA PHE F 28 30.38 -1.66 -58.70
C PHE F 28 31.71 -1.47 -59.41
N ARG F 29 32.78 -1.20 -58.66
CA ARG F 29 34.08 -1.04 -59.29
C ARG F 29 34.49 -2.34 -59.96
N MET F 30 34.51 -3.42 -59.19
CA MET F 30 34.90 -4.71 -59.76
C MET F 30 33.89 -5.11 -60.84
N GLY F 31 32.62 -4.78 -60.60
CA GLY F 31 31.56 -5.10 -61.53
C GLY F 31 31.70 -4.60 -62.95
N ILE F 32 32.19 -3.38 -63.12
CA ILE F 32 32.34 -2.82 -64.46
C ILE F 32 33.61 -3.31 -65.14
N TYR F 33 34.73 -3.24 -64.43
CA TYR F 33 36.00 -3.67 -65.02
C TYR F 33 36.10 -5.19 -65.13
N ILE F 34 34.97 -5.87 -64.99
CA ILE F 34 34.90 -7.33 -65.09
C ILE F 34 35.50 -7.85 -66.40
N PRO F 35 36.21 -8.98 -66.34
CA PRO F 35 36.86 -9.63 -67.48
C PRO F 35 35.90 -10.42 -68.36
N VAL F 36 36.07 -10.31 -69.67
CA VAL F 36 35.24 -11.00 -70.68
C VAL F 36 34.21 -10.09 -71.35
N PRO F 37 33.61 -9.14 -70.62
CA PRO F 37 32.63 -8.25 -71.23
C PRO F 37 33.03 -6.79 -71.07
N GLY F 38 32.63 -6.19 -69.94
CA GLY F 38 32.94 -4.81 -69.65
C GLY F 38 32.97 -3.92 -70.88
N LEU F 39 32.01 -4.12 -71.77
CA LEU F 39 31.91 -3.37 -73.02
C LEU F 39 32.26 -1.88 -72.92
N ASN F 40 32.06 -1.29 -71.76
CA ASN F 40 32.34 0.13 -71.59
C ASN F 40 33.16 0.41 -70.33
N LEU F 41 34.43 0.74 -70.51
CA LEU F 41 35.32 1.03 -69.40
C LEU F 41 36.02 2.37 -69.58
N SER F 62 19.67 7.53 -87.09
CA SER F 62 20.85 6.70 -86.83
C SER F 62 21.66 7.26 -85.66
N PHE F 63 21.47 8.53 -85.35
CA PHE F 63 22.20 9.18 -84.27
C PHE F 63 21.76 8.69 -82.90
N TYR F 64 20.47 8.39 -82.76
CA TYR F 64 19.94 7.91 -81.49
C TYR F 64 20.30 6.44 -81.29
N ASP F 65 20.63 5.77 -82.38
CA ASP F 65 21.00 4.36 -82.33
C ASP F 65 22.46 4.21 -81.94
N VAL F 66 23.34 4.98 -82.58
CA VAL F 66 24.76 4.90 -82.29
C VAL F 66 25.10 5.62 -80.99
N PHE F 67 24.11 6.28 -80.40
CA PHE F 67 24.33 6.97 -79.14
C PHE F 67 23.77 6.12 -78.01
N THR F 68 22.77 5.31 -78.33
CA THR F 68 22.19 4.42 -77.32
C THR F 68 23.23 3.35 -77.05
N GLY F 69 23.47 2.51 -78.06
CA GLY F 69 24.48 1.46 -77.91
C GLY F 69 23.95 0.08 -77.56
N GLY F 70 24.55 -0.93 -78.18
CA GLY F 70 24.15 -2.30 -77.94
C GLY F 70 24.01 -3.11 -79.22
N ALA F 71 23.56 -4.35 -79.07
CA ALA F 71 23.37 -5.25 -80.20
C ALA F 71 21.92 -5.19 -80.67
N LEU F 72 21.01 -5.15 -79.69
CA LEU F 72 19.58 -5.09 -79.98
C LEU F 72 18.99 -3.73 -79.64
N SER F 73 18.89 -3.42 -78.34
CA SER F 73 18.33 -2.14 -77.93
C SER F 73 18.47 -1.86 -76.43
N ARG F 74 19.61 -2.23 -75.84
CA ARG F 74 19.80 -2.01 -74.41
C ARG F 74 21.13 -1.36 -74.03
N PHE F 75 21.03 -0.16 -73.45
CA PHE F 75 22.21 0.57 -72.98
C PHE F 75 22.76 -0.30 -71.86
N SER F 76 23.98 -0.80 -72.01
CA SER F 76 24.55 -1.66 -70.97
C SER F 76 25.94 -1.27 -70.52
N VAL F 77 26.03 -0.67 -69.34
CA VAL F 77 27.32 -0.27 -68.78
C VAL F 77 28.12 -1.55 -68.58
N PHE F 78 27.39 -2.65 -68.39
CA PHE F 78 27.97 -3.97 -68.19
C PHE F 78 27.16 -4.94 -69.05
N THR F 79 27.73 -6.11 -69.34
CA THR F 79 27.05 -7.11 -70.17
C THR F 79 25.54 -7.19 -69.95
N MET F 80 25.12 -8.00 -68.97
CA MET F 80 23.70 -8.15 -68.68
C MET F 80 23.44 -8.24 -67.18
N SER F 81 23.22 -7.08 -66.56
CA SER F 81 22.94 -7.02 -65.13
C SER F 81 21.84 -6.00 -64.89
N VAL F 82 22.07 -4.77 -65.37
CA VAL F 82 21.09 -3.71 -65.22
C VAL F 82 20.01 -3.92 -66.29
N THR F 83 20.37 -4.69 -67.31
CA THR F 83 19.44 -4.99 -68.39
C THR F 83 18.41 -5.99 -67.91
N PRO F 84 18.86 -7.15 -67.40
CA PRO F 84 17.88 -8.13 -66.91
C PRO F 84 17.14 -7.54 -65.73
N TYR F 85 17.69 -6.45 -65.18
CA TYR F 85 17.07 -5.77 -64.07
C TYR F 85 15.80 -5.11 -64.61
N ILE F 86 15.98 -4.19 -65.53
CA ILE F 86 14.84 -3.52 -66.15
C ILE F 86 13.97 -4.61 -66.76
N THR F 87 14.62 -5.62 -67.34
CA THR F 87 13.92 -6.75 -67.94
C THR F 87 13.01 -7.40 -66.92
N ALA F 88 13.59 -7.79 -65.78
CA ALA F 88 12.85 -8.44 -64.70
C ALA F 88 11.57 -7.65 -64.41
N SER F 89 11.76 -6.42 -63.95
CA SER F 89 10.65 -5.54 -63.63
C SER F 89 9.63 -5.54 -64.75
N ILE F 90 10.11 -5.55 -65.99
CA ILE F 90 9.21 -5.57 -67.15
C ILE F 90 8.45 -6.89 -67.23
N ILE F 91 9.17 -7.98 -67.01
CA ILE F 91 8.57 -9.31 -67.08
C ILE F 91 7.25 -9.33 -66.30
N LEU F 92 7.34 -9.21 -64.98
CA LEU F 92 6.14 -9.23 -64.16
C LEU F 92 5.23 -8.05 -64.46
N GLN F 93 5.82 -6.96 -64.96
CA GLN F 93 5.06 -5.76 -65.28
C GLN F 93 3.88 -6.06 -66.22
N LEU F 94 4.18 -6.12 -67.51
CA LEU F 94 3.16 -6.37 -68.52
C LEU F 94 2.44 -7.71 -68.31
N LEU F 95 3.18 -8.71 -67.83
CA LEU F 95 2.57 -10.03 -67.57
C LEU F 95 1.35 -9.89 -66.67
N ALA F 96 1.58 -9.49 -65.43
CA ALA F 96 0.50 -9.32 -64.46
C ALA F 96 -0.46 -8.25 -64.93
N SER F 97 0.03 -7.35 -65.78
CA SER F 97 -0.78 -6.26 -66.31
C SER F 97 -1.96 -6.74 -67.13
N VAL F 98 -1.75 -6.87 -68.44
CA VAL F 98 -2.81 -7.32 -69.33
C VAL F 98 -3.39 -8.67 -68.92
N MET F 99 -2.56 -9.51 -68.32
CA MET F 99 -3.03 -10.82 -67.89
C MET F 99 -2.99 -10.89 -66.36
N PRO F 100 -4.14 -10.62 -65.71
CA PRO F 100 -4.26 -10.64 -64.25
C PRO F 100 -3.86 -11.96 -63.59
N SER F 101 -4.84 -12.82 -63.32
CA SER F 101 -4.57 -14.10 -62.68
C SER F 101 -4.86 -15.29 -63.58
N LEU F 102 -3.79 -15.93 -64.05
CA LEU F 102 -3.92 -17.09 -64.92
C LEU F 102 -3.39 -18.32 -64.21
N LYS F 103 -2.34 -18.14 -63.42
CA LYS F 103 -1.75 -19.26 -62.70
C LYS F 103 -1.57 -19.09 -61.18
N GLU F 104 -2.64 -19.39 -60.44
CA GLU F 104 -2.64 -19.37 -58.98
C GLU F 104 -2.32 -18.12 -58.15
N MET F 105 -1.36 -17.29 -58.55
CA MET F 105 -1.03 -16.14 -57.71
C MET F 105 -1.45 -14.74 -58.12
N LEU F 106 -1.96 -13.97 -57.14
CA LEU F 106 -2.38 -12.60 -57.35
C LEU F 106 -1.72 -11.73 -56.28
N ARG F 107 -2.43 -11.52 -55.18
CA ARG F 107 -1.94 -10.74 -54.06
C ARG F 107 -2.45 -11.40 -52.79
N GLU F 108 -1.56 -11.66 -51.84
CA GLU F 108 -1.96 -12.29 -50.59
C GLU F 108 -1.20 -11.73 -49.40
N GLY F 109 -0.61 -10.56 -49.56
CA GLY F 109 0.13 -9.93 -48.48
C GLY F 109 1.44 -10.58 -48.08
N GLU F 110 1.49 -11.91 -48.15
CA GLU F 110 2.70 -12.62 -47.76
C GLU F 110 2.84 -13.96 -48.49
N GLU F 111 1.85 -14.83 -48.32
CA GLU F 111 1.87 -16.15 -48.94
C GLU F 111 1.90 -16.05 -50.47
N GLY F 112 0.82 -15.52 -51.04
CA GLY F 112 0.74 -15.38 -52.49
C GLY F 112 1.80 -14.45 -53.05
N ARG F 113 2.23 -13.48 -52.26
CA ARG F 113 3.24 -12.52 -52.68
C ARG F 113 4.59 -13.20 -52.90
N LYS F 114 4.90 -14.20 -52.07
CA LYS F 114 6.17 -14.92 -52.19
C LYS F 114 6.12 -15.93 -53.33
N LYS F 115 5.01 -16.67 -53.42
CA LYS F 115 4.86 -17.65 -54.50
C LYS F 115 4.98 -16.91 -55.83
N PHE F 116 4.39 -15.72 -55.89
CA PHE F 116 4.41 -14.87 -57.07
C PHE F 116 5.80 -14.32 -57.33
N ALA F 117 6.51 -14.00 -56.25
CA ALA F 117 7.86 -13.45 -56.35
C ALA F 117 8.84 -14.50 -56.86
N LYS F 118 8.74 -15.71 -56.31
CA LYS F 118 9.62 -16.80 -56.72
C LYS F 118 9.47 -17.02 -58.23
N TYR F 119 8.22 -17.05 -58.69
CA TYR F 119 7.96 -17.21 -60.11
C TYR F 119 8.60 -16.07 -60.87
N THR F 120 8.64 -14.89 -60.25
CA THR F 120 9.25 -13.72 -60.88
C THR F 120 10.73 -14.01 -61.07
N ARG F 121 11.36 -14.56 -60.03
CA ARG F 121 12.77 -14.89 -60.07
C ARG F 121 13.12 -15.73 -61.29
N ARG F 122 12.76 -17.00 -61.26
CA ARG F 122 13.06 -17.91 -62.37
C ARG F 122 12.69 -17.30 -63.72
N LEU F 123 11.59 -16.53 -63.71
CA LEU F 123 11.08 -15.87 -64.89
C LEU F 123 12.16 -15.04 -65.61
N THR F 124 12.41 -13.85 -65.07
CA THR F 124 13.41 -12.95 -65.65
C THR F 124 14.79 -13.57 -65.76
N LEU F 125 15.05 -14.63 -65.01
CA LEU F 125 16.35 -15.29 -65.07
C LEU F 125 16.57 -15.87 -66.46
N LEU F 126 15.69 -16.78 -66.86
CA LEU F 126 15.81 -17.38 -68.20
C LEU F 126 15.68 -16.33 -69.28
N ILE F 127 14.97 -15.24 -68.97
CA ILE F 127 14.79 -14.16 -69.94
C ILE F 127 16.13 -13.49 -70.20
N GLY F 128 16.85 -13.22 -69.10
CA GLY F 128 18.15 -12.59 -69.21
C GLY F 128 19.07 -13.48 -70.02
N GLY F 129 18.74 -14.77 -70.06
CA GLY F 129 19.56 -15.70 -70.84
C GLY F 129 19.39 -15.47 -72.32
N PHE F 130 18.14 -15.33 -72.77
CA PHE F 130 17.85 -15.10 -74.17
C PHE F 130 18.70 -13.92 -74.67
N GLN F 131 18.53 -12.77 -74.02
CA GLN F 131 19.28 -11.58 -74.40
C GLN F 131 20.79 -11.78 -74.37
N ALA F 132 21.25 -12.67 -73.49
CA ALA F 132 22.67 -12.95 -73.35
C ALA F 132 23.30 -13.41 -74.66
N PHE F 133 22.90 -14.59 -75.13
CA PHE F 133 23.46 -15.13 -76.37
C PHE F 133 23.42 -14.10 -77.51
N PHE F 134 22.32 -13.38 -77.63
CA PHE F 134 22.20 -12.39 -78.70
C PHE F 134 23.22 -11.24 -78.64
N VAL F 135 23.09 -10.40 -77.62
CA VAL F 135 23.97 -9.26 -77.44
C VAL F 135 25.45 -9.66 -77.57
N SER F 136 25.79 -10.81 -77.00
CA SER F 136 27.17 -11.31 -77.06
C SER F 136 27.61 -11.46 -78.51
N PHE F 137 26.77 -12.10 -79.32
CA PHE F 137 27.08 -12.32 -80.73
C PHE F 137 27.45 -11.03 -81.45
N SER F 138 26.44 -10.23 -81.76
CA SER F 138 26.63 -8.97 -82.47
C SER F 138 27.82 -8.14 -81.96
N LEU F 139 27.83 -7.89 -80.65
CA LEU F 139 28.88 -7.12 -80.02
C LEU F 139 30.28 -7.61 -80.38
N ALA F 140 30.55 -8.84 -79.92
CA ALA F 140 31.83 -9.52 -80.11
C ALA F 140 32.42 -9.44 -81.50
N ARG F 141 31.61 -9.16 -82.51
CA ARG F 141 32.19 -9.10 -83.85
C ARG F 141 32.01 -7.81 -84.64
N SER F 142 31.52 -6.74 -84.02
CA SER F 142 31.36 -5.51 -84.78
C SER F 142 31.37 -4.14 -84.07
N ASN F 143 31.99 -4.04 -82.90
CA ASN F 143 32.03 -2.73 -82.25
C ASN F 143 33.41 -2.05 -82.16
N PRO F 144 33.43 -0.70 -82.05
CA PRO F 144 34.66 0.09 -81.95
C PRO F 144 35.44 -0.11 -80.65
N ASP F 145 36.75 0.09 -80.72
CA ASP F 145 37.63 -0.09 -79.56
C ASP F 145 37.46 -1.53 -79.10
N MET F 146 37.55 -2.44 -80.07
CA MET F 146 37.38 -3.87 -79.82
C MET F 146 38.36 -4.48 -78.82
N VAL F 147 39.54 -4.86 -79.30
CA VAL F 147 40.55 -5.48 -78.46
C VAL F 147 39.96 -6.78 -77.91
N ALA F 148 39.04 -7.36 -78.69
CA ALA F 148 38.38 -8.60 -78.33
C ALA F 148 38.93 -9.74 -79.17
N PRO F 149 39.91 -10.49 -78.63
CA PRO F 149 40.56 -11.63 -79.28
C PRO F 149 39.64 -12.55 -80.10
N GLY F 150 40.25 -13.43 -80.88
CA GLY F 150 39.48 -14.35 -81.70
C GLY F 150 39.85 -15.80 -81.46
N VAL F 151 40.44 -16.08 -80.30
CA VAL F 151 40.83 -17.45 -79.95
C VAL F 151 39.58 -18.21 -79.53
N ASN F 152 38.65 -18.35 -80.47
CA ASN F 152 37.38 -19.04 -80.24
C ASN F 152 37.49 -20.50 -79.83
N VAL F 153 37.18 -20.76 -78.56
CA VAL F 153 37.21 -22.12 -78.02
C VAL F 153 35.91 -22.47 -77.30
N LEU F 154 35.46 -21.59 -76.41
CA LEU F 154 34.23 -21.81 -75.65
C LEU F 154 33.15 -20.82 -76.12
N GLN F 155 33.40 -20.21 -77.28
CA GLN F 155 32.49 -19.23 -77.83
C GLN F 155 32.47 -18.05 -76.85
N PHE F 156 32.87 -16.87 -77.31
CA PHE F 156 32.85 -15.74 -76.41
C PHE F 156 31.38 -15.40 -76.16
N THR F 157 30.52 -16.29 -76.65
CA THR F 157 29.09 -16.16 -76.49
C THR F 157 28.69 -16.99 -75.27
N VAL F 158 29.32 -18.15 -75.11
CA VAL F 158 29.00 -18.96 -73.94
C VAL F 158 29.80 -18.38 -72.79
N LEU F 159 30.90 -17.71 -73.16
CA LEU F 159 31.78 -17.07 -72.20
C LEU F 159 31.07 -15.81 -71.71
N SER F 160 30.42 -15.10 -72.63
CA SER F 160 29.68 -13.90 -72.27
C SER F 160 28.45 -14.34 -71.51
N THR F 161 27.81 -15.41 -71.99
CA THR F 161 26.63 -15.96 -71.34
C THR F 161 26.97 -16.18 -69.87
N MET F 162 28.24 -16.49 -69.62
CA MET F 162 28.73 -16.70 -68.26
C MET F 162 28.67 -15.39 -67.49
N SER F 163 29.50 -14.44 -67.89
CA SER F 163 29.53 -13.14 -67.22
C SER F 163 28.19 -12.42 -67.30
N MET F 164 27.27 -12.95 -68.11
CA MET F 164 25.95 -12.33 -68.25
C MET F 164 24.99 -12.93 -67.23
N LEU F 165 24.87 -14.25 -67.23
CA LEU F 165 24.00 -14.92 -66.27
C LEU F 165 24.60 -14.74 -64.88
N ALA F 166 25.88 -15.09 -64.76
CA ALA F 166 26.58 -14.95 -63.49
C ALA F 166 26.66 -13.48 -63.13
N GLY F 167 26.85 -12.64 -64.17
CA GLY F 167 26.93 -11.22 -63.95
C GLY F 167 25.60 -10.72 -63.39
N THR F 168 24.51 -11.26 -63.94
CA THR F 168 23.18 -10.89 -63.47
C THR F 168 23.10 -11.17 -61.98
N MET F 169 23.71 -12.27 -61.56
CA MET F 169 23.70 -12.66 -60.17
C MET F 169 24.39 -11.67 -59.24
N PHE F 170 25.64 -11.34 -59.53
CA PHE F 170 26.37 -10.42 -58.67
C PHE F 170 25.61 -9.11 -58.50
N LEU F 171 24.97 -8.64 -59.57
CA LEU F 171 24.21 -7.40 -59.48
C LEU F 171 22.89 -7.65 -58.75
N LEU F 172 22.27 -8.80 -59.01
CA LEU F 172 21.02 -9.16 -58.35
C LEU F 172 21.27 -9.32 -56.85
N TRP F 173 22.21 -10.21 -56.52
CA TRP F 173 22.58 -10.48 -55.15
C TRP F 173 22.85 -9.15 -54.45
N LEU F 174 23.60 -8.29 -55.13
CA LEU F 174 23.93 -6.99 -54.58
C LEU F 174 22.66 -6.18 -54.35
N GLY F 175 21.80 -6.16 -55.37
CA GLY F 175 20.55 -5.42 -55.26
C GLY F 175 19.82 -5.74 -53.97
N GLU F 176 19.53 -7.02 -53.76
CA GLU F 176 18.83 -7.46 -52.55
C GLU F 176 19.46 -6.83 -51.30
N ARG F 177 20.76 -7.03 -51.13
CA ARG F 177 21.43 -6.47 -49.96
C ARG F 177 21.25 -4.95 -49.96
N ILE F 178 21.39 -4.33 -51.13
CA ILE F 178 21.22 -2.89 -51.23
C ILE F 178 19.80 -2.55 -50.81
N THR F 179 18.88 -3.47 -51.06
CA THR F 179 17.47 -3.29 -50.71
C THR F 179 17.27 -3.58 -49.24
N GLU F 180 18.37 -3.75 -48.51
CA GLU F 180 18.31 -4.02 -47.08
C GLU F 180 18.74 -2.80 -46.26
N LYS F 181 19.30 -1.80 -46.94
CA LYS F 181 19.75 -0.58 -46.27
C LYS F 181 19.46 0.62 -47.16
N GLY F 182 19.36 0.36 -48.46
CA GLY F 182 19.09 1.43 -49.41
C GLY F 182 17.86 1.14 -50.25
N ILE F 183 18.06 0.49 -51.38
CA ILE F 183 16.96 0.15 -52.27
C ILE F 183 17.43 -0.72 -53.43
N GLY F 184 16.55 -1.59 -53.90
CA GLY F 184 16.88 -2.46 -55.01
C GLY F 184 17.19 -1.64 -56.25
N ASN F 185 16.96 -0.33 -56.15
CA ASN F 185 17.22 0.58 -57.26
C ASN F 185 18.40 1.47 -56.89
N GLY F 186 18.93 1.26 -55.69
CA GLY F 186 20.06 2.03 -55.22
C GLY F 186 21.27 1.68 -56.06
N ILE F 187 21.24 0.47 -56.60
CA ILE F 187 22.31 -0.01 -57.46
C ILE F 187 22.27 0.76 -58.79
N SER F 188 21.05 1.00 -59.27
CA SER F 188 20.85 1.71 -60.52
C SER F 188 21.23 3.18 -60.37
N ILE F 189 20.81 3.81 -59.28
CA ILE F 189 21.12 5.22 -59.06
C ILE F 189 22.64 5.38 -59.00
N LEU F 190 23.33 4.31 -58.65
CA LEU F 190 24.79 4.34 -58.59
C LEU F 190 25.28 4.43 -60.02
N ILE F 191 24.56 3.80 -60.95
CA ILE F 191 24.94 3.84 -62.35
C ILE F 191 24.66 5.24 -62.91
N PHE F 192 23.48 5.76 -62.61
CA PHE F 192 23.08 7.08 -63.06
C PHE F 192 24.00 8.12 -62.45
N ALA F 193 24.29 7.95 -61.16
CA ALA F 193 25.18 8.86 -60.46
C ALA F 193 26.45 8.93 -61.31
N GLY F 194 26.99 7.77 -61.63
CA GLY F 194 28.20 7.70 -62.42
C GLY F 194 28.10 8.33 -63.80
N ILE F 195 27.09 7.92 -64.57
CA ILE F 195 26.88 8.44 -65.91
C ILE F 195 26.67 9.96 -65.91
N VAL F 196 25.73 10.41 -65.08
CA VAL F 196 25.41 11.82 -64.97
C VAL F 196 26.53 12.62 -64.33
N ALA F 197 27.63 11.95 -63.97
CA ALA F 197 28.76 12.65 -63.36
C ALA F 197 29.96 12.62 -64.32
N ARG F 198 29.86 11.79 -65.35
CA ARG F 198 30.92 11.69 -66.33
C ARG F 198 30.82 12.83 -67.33
N TYR F 199 29.59 13.18 -67.70
CA TYR F 199 29.38 14.27 -68.66
C TYR F 199 29.54 15.70 -68.13
N PRO F 200 29.30 15.95 -66.83
CA PRO F 200 29.45 17.31 -66.31
C PRO F 200 30.89 17.66 -65.92
N SER F 201 31.76 16.66 -65.94
CA SER F 201 33.16 16.86 -65.60
C SER F 201 33.98 17.04 -66.87
N TYR F 202 33.29 17.38 -67.95
CA TYR F 202 33.93 17.60 -69.25
C TYR F 202 34.61 16.34 -69.77
N ILE F 203 33.82 15.44 -70.32
CA ILE F 203 34.34 14.19 -70.88
C ILE F 203 34.18 14.22 -72.39
N ARG F 204 33.17 14.96 -72.86
CA ARG F 204 32.89 15.09 -74.28
C ARG F 204 31.71 16.03 -74.46
N GLN F 205 31.77 17.17 -73.79
CA GLN F 205 30.72 18.18 -73.86
C GLN F 205 31.33 19.58 -73.80
N ALA F 206 31.96 19.98 -74.90
CA ALA F 206 32.60 21.28 -75.00
C ALA F 206 32.94 21.59 -76.45
N TYR F 207 32.41 20.78 -77.36
CA TYR F 207 32.66 20.96 -78.79
C TYR F 207 31.64 21.92 -79.39
N LEU F 208 30.42 21.98 -78.85
CA LEU F 208 29.41 22.90 -79.35
C LEU F 208 28.70 23.46 -78.14
N GLY F 209 28.54 24.78 -78.10
CA GLY F 209 27.88 25.36 -76.94
C GLY F 209 28.96 25.73 -75.94
N GLY F 210 28.65 25.51 -74.66
CA GLY F 210 29.60 25.78 -73.61
C GLY F 210 29.49 27.26 -73.28
N LEU F 211 29.72 27.60 -72.01
CA LEU F 211 29.63 28.98 -71.56
C LEU F 211 28.27 29.59 -71.89
N ASN F 212 27.24 28.78 -71.66
CA ASN F 212 25.85 29.13 -71.86
C ASN F 212 25.14 28.08 -71.01
N LEU F 213 25.74 27.82 -69.85
CA LEU F 213 25.22 26.79 -68.95
C LEU F 213 23.88 27.12 -68.33
N LEU F 214 23.01 27.76 -69.09
CA LEU F 214 21.69 28.03 -68.55
C LEU F 214 21.00 26.67 -68.58
N GLU F 215 21.40 25.85 -69.54
CA GLU F 215 20.87 24.51 -69.72
C GLU F 215 20.89 23.66 -68.45
N TRP F 216 21.82 23.94 -67.55
CA TRP F 216 21.90 23.20 -66.30
C TRP F 216 20.80 23.67 -65.36
N ILE F 217 20.66 24.99 -65.27
CA ILE F 217 19.63 25.59 -64.42
C ILE F 217 18.24 25.29 -64.95
N PHE F 218 18.09 25.26 -66.27
CA PHE F 218 16.79 24.95 -66.84
C PHE F 218 16.42 23.52 -66.49
N LEU F 219 17.38 22.62 -66.59
CA LEU F 219 17.13 21.21 -66.25
C LEU F 219 16.60 21.17 -64.83
N ILE F 220 17.15 22.03 -63.98
CA ILE F 220 16.74 22.10 -62.59
C ILE F 220 15.25 22.38 -62.45
N ALA F 221 14.73 23.27 -63.29
CA ALA F 221 13.33 23.62 -63.28
C ALA F 221 12.49 22.36 -63.50
N VAL F 222 13.06 21.43 -64.26
CA VAL F 222 12.42 20.16 -64.59
C VAL F 222 12.33 19.32 -63.32
N ALA F 223 13.36 19.44 -62.49
CA ALA F 223 13.44 18.72 -61.24
C ALA F 223 12.22 19.07 -60.38
N LEU F 224 11.96 20.37 -60.26
CA LEU F 224 10.83 20.85 -59.48
C LEU F 224 9.54 20.19 -59.97
N ILE F 225 9.38 20.16 -61.30
CA ILE F 225 8.22 19.55 -61.92
C ILE F 225 8.04 18.12 -61.38
N THR F 226 9.12 17.34 -61.46
CA THR F 226 9.10 15.96 -61.00
C THR F 226 8.44 15.82 -59.59
N ILE F 227 8.91 16.63 -58.65
CA ILE F 227 8.42 16.62 -57.26
C ILE F 227 6.91 16.77 -57.14
N PHE F 228 6.34 17.60 -57.98
CA PHE F 228 4.92 17.78 -58.10
C PHE F 228 4.17 16.45 -58.35
N GLY F 229 4.61 15.62 -59.30
CA GLY F 229 3.93 14.37 -59.63
C GLY F 229 3.58 13.61 -58.36
N ILE F 230 4.57 13.46 -57.54
CA ILE F 230 4.45 12.72 -56.35
C ILE F 230 3.13 12.95 -55.57
N ILE F 231 2.83 14.08 -54.94
CA ILE F 231 1.64 14.10 -54.02
C ILE F 231 0.28 13.72 -54.61
N LEU F 232 0.33 13.44 -55.93
CA LEU F 232 -0.87 13.10 -56.73
C LEU F 232 -2.09 13.65 -56.09
N VAL F 233 -3.22 13.11 -56.37
CA VAL F 233 -4.36 13.61 -55.63
C VAL F 233 -4.48 12.85 -54.29
N GLN F 234 -3.43 12.61 -53.54
CA GLN F 234 -3.52 11.80 -52.26
C GLN F 234 -4.62 12.19 -51.19
N GLN F 235 -5.89 11.51 -51.21
CA GLN F 235 -7.13 11.73 -50.33
C GLN F 235 -8.13 10.50 -49.97
N ALA F 236 -8.96 10.48 -48.82
CA ALA F 236 -9.85 9.27 -48.44
C ALA F 236 -11.16 9.32 -47.56
N GLU F 237 -11.58 8.14 -46.94
CA GLU F 237 -12.87 7.92 -46.19
C GLU F 237 -12.92 7.77 -44.62
N ARG F 238 -13.31 6.55 -44.10
CA ARG F 238 -13.45 6.30 -42.63
C ARG F 238 -13.48 4.80 -42.15
N ARG F 239 -13.98 4.62 -40.92
CA ARG F 239 -14.17 3.30 -40.21
C ARG F 239 -12.92 2.40 -40.02
N ILE F 240 -12.93 1.60 -38.94
CA ILE F 240 -11.83 0.66 -38.60
C ILE F 240 -12.28 -0.77 -38.24
N THR F 241 -11.40 -1.75 -38.46
CA THR F 241 -11.71 -3.16 -38.19
C THR F 241 -10.54 -4.12 -38.47
N ILE F 242 -10.46 -5.20 -37.70
CA ILE F 242 -9.38 -6.20 -37.88
C ILE F 242 -9.83 -7.63 -37.54
N GLN F 243 -9.86 -8.51 -38.55
CA GLN F 243 -10.28 -9.90 -38.38
C GLN F 243 -9.18 -10.96 -38.57
N TYR F 244 -8.93 -11.71 -37.49
CA TYR F 244 -7.95 -12.81 -37.49
C TYR F 244 -8.54 -14.09 -36.94
N ALA F 245 -7.67 -15.09 -36.80
CA ALA F 245 -8.04 -16.42 -36.31
C ALA F 245 -9.23 -16.98 -37.05
N ARG F 246 -10.02 -17.77 -36.35
CA ARG F 246 -11.20 -18.41 -36.92
C ARG F 246 -12.48 -17.98 -36.21
N ARG F 247 -13.34 -17.26 -36.95
CA ARG F 247 -14.62 -16.83 -36.42
C ARG F 247 -14.57 -15.94 -35.16
N VAL F 248 -13.67 -14.95 -35.15
CA VAL F 248 -13.50 -13.97 -34.04
C VAL F 248 -13.01 -12.57 -34.53
N THR F 249 -13.72 -11.50 -34.15
CA THR F 249 -13.42 -10.09 -34.52
C THR F 249 -14.16 -9.00 -33.68
N GLY F 250 -14.15 -7.73 -34.12
CA GLY F 250 -14.82 -6.65 -33.37
C GLY F 250 -15.35 -5.35 -34.04
N ARG F 251 -15.73 -4.36 -33.23
CA ARG F 251 -16.28 -3.07 -33.71
C ARG F 251 -16.40 -1.91 -32.67
N ARG F 252 -16.54 -0.67 -33.16
CA ARG F 252 -16.59 0.55 -32.31
C ARG F 252 -17.61 1.69 -32.60
N VAL F 253 -17.67 2.70 -31.70
CA VAL F 253 -18.61 3.84 -31.78
C VAL F 253 -18.08 5.20 -32.32
N TYR F 254 -17.96 6.17 -31.41
CA TYR F 254 -17.50 7.55 -31.69
C TYR F 254 -17.44 8.51 -30.51
N GLY F 255 -16.30 9.19 -30.38
CA GLY F 255 -16.10 10.15 -29.31
C GLY F 255 -14.65 10.59 -29.18
N GLY F 256 -13.99 10.79 -30.31
CA GLY F 256 -12.61 11.24 -30.27
C GLY F 256 -12.35 12.72 -30.01
N ALA F 257 -11.07 13.08 -30.13
CA ALA F 257 -10.60 14.45 -29.95
C ALA F 257 -9.13 14.51 -30.36
N SER F 258 -8.91 14.50 -31.66
CA SER F 258 -7.56 14.56 -32.20
C SER F 258 -7.52 15.17 -33.58
N THR F 259 -6.29 15.24 -34.10
CA THR F 259 -5.97 15.74 -35.43
C THR F 259 -6.13 14.47 -36.30
N TYR F 260 -5.31 14.32 -37.36
CA TYR F 260 -5.27 13.17 -38.33
C TYR F 260 -6.57 12.88 -39.11
N LEU F 261 -6.42 12.43 -40.36
CA LEU F 261 -7.56 12.09 -41.25
C LEU F 261 -7.26 10.95 -42.28
N PRO F 262 -8.21 10.68 -43.21
CA PRO F 262 -8.16 9.67 -44.30
C PRO F 262 -7.59 10.03 -45.69
N ILE F 263 -6.54 9.30 -46.10
CA ILE F 263 -5.84 9.52 -47.39
C ILE F 263 -5.71 8.29 -48.30
N LYS F 264 -6.10 8.42 -49.59
CA LYS F 264 -5.97 7.29 -50.54
C LYS F 264 -5.80 7.50 -52.06
N VAL F 265 -6.29 8.58 -52.66
CA VAL F 265 -6.11 8.74 -54.12
C VAL F 265 -4.64 8.79 -54.55
N ASN F 266 -4.40 8.76 -55.87
CA ASN F 266 -3.02 8.78 -56.37
C ASN F 266 -2.82 9.35 -57.77
N GLN F 267 -1.63 9.10 -58.31
CA GLN F 267 -1.26 9.53 -59.66
C GLN F 267 -0.13 8.63 -60.19
N GLY F 268 0.10 8.68 -61.50
CA GLY F 268 1.12 7.86 -62.14
C GLY F 268 2.45 7.63 -61.45
N GLY F 269 2.85 6.37 -61.39
CA GLY F 269 4.09 5.97 -60.74
C GLY F 269 5.40 6.40 -61.38
N VAL F 270 6.38 5.50 -61.34
CA VAL F 270 7.72 5.74 -61.87
C VAL F 270 7.96 5.26 -63.31
N ILE F 271 9.04 5.77 -63.89
CA ILE F 271 9.49 5.47 -65.26
C ILE F 271 8.48 5.78 -66.39
N PRO F 272 7.73 6.89 -66.26
CA PRO F 272 6.75 7.26 -67.27
C PRO F 272 7.32 7.54 -68.67
N ILE F 273 7.66 8.80 -68.92
CA ILE F 273 8.20 9.24 -70.20
C ILE F 273 9.25 8.31 -70.80
N ILE F 274 10.04 7.70 -69.92
CA ILE F 274 11.10 6.79 -70.33
C ILE F 274 10.57 5.55 -71.03
N PHE F 275 9.51 4.96 -70.48
CA PHE F 275 8.96 3.77 -71.08
C PHE F 275 8.31 4.07 -72.43
N ALA F 276 7.56 5.16 -72.49
CA ALA F 276 6.92 5.56 -73.73
C ALA F 276 7.93 6.02 -74.79
N SER F 277 8.87 6.88 -74.38
CA SER F 277 9.88 7.40 -75.30
C SER F 277 10.70 6.30 -75.96
N ALA F 278 11.09 5.30 -75.18
CA ALA F 278 11.86 4.20 -75.75
C ALA F 278 11.03 3.53 -76.84
N ILE F 279 9.73 3.41 -76.61
CA ILE F 279 8.86 2.78 -77.62
C ILE F 279 8.98 3.49 -78.98
N VAL F 280 8.84 4.81 -78.94
CA VAL F 280 8.93 5.59 -80.18
C VAL F 280 10.29 5.40 -80.87
N SER F 281 11.34 5.21 -80.06
CA SER F 281 12.67 5.01 -80.64
C SER F 281 12.72 3.70 -81.41
N ILE F 282 11.76 2.82 -81.18
CA ILE F 282 11.72 1.53 -81.87
C ILE F 282 11.30 1.68 -83.33
N PRO F 283 10.09 2.21 -83.58
CA PRO F 283 9.74 2.32 -85.01
C PRO F 283 10.72 3.21 -85.78
N SER F 284 11.47 4.03 -85.04
CA SER F 284 12.44 4.92 -85.67
C SER F 284 13.69 4.17 -86.10
N ALA F 285 14.24 3.35 -85.21
CA ALA F 285 15.43 2.58 -85.52
C ALA F 285 15.21 1.65 -86.69
N ILE F 286 14.09 0.95 -86.69
CA ILE F 286 13.78 0.03 -87.79
C ILE F 286 13.56 0.82 -89.08
N ALA F 287 13.04 2.04 -88.94
CA ALA F 287 12.78 2.90 -90.08
C ALA F 287 14.08 3.48 -90.65
N SER F 288 15.17 3.26 -89.93
CA SER F 288 16.47 3.76 -90.37
C SER F 288 17.21 2.64 -91.08
N ILE F 289 16.92 1.40 -90.70
CA ILE F 289 17.56 0.25 -91.31
C ILE F 289 16.60 -0.90 -91.66
N THR F 290 15.66 -0.65 -92.56
CA THR F 290 14.76 -1.70 -93.01
C THR F 290 15.51 -2.27 -94.21
N ASN F 291 14.84 -2.45 -95.35
CA ASN F 291 15.50 -3.01 -96.52
C ASN F 291 16.45 -2.01 -97.18
N ASN F 292 17.75 -2.33 -97.11
CA ASN F 292 18.79 -1.49 -97.68
C ASN F 292 18.76 -0.07 -97.14
N GLU F 293 18.29 0.09 -95.91
CA GLU F 293 18.21 1.40 -95.27
C GLU F 293 17.31 2.37 -96.04
N THR F 294 15.99 2.28 -95.82
CA THR F 294 15.07 3.17 -96.50
C THR F 294 15.13 4.51 -95.77
N LEU F 295 16.26 5.21 -95.92
CA LEU F 295 16.45 6.49 -95.27
C LEU F 295 15.40 7.52 -95.61
N LYS F 296 14.58 7.86 -94.62
CA LYS F 296 13.53 8.87 -94.76
C LYS F 296 13.43 9.56 -93.41
N ASN F 297 12.71 10.66 -93.32
CA ASN F 297 12.60 11.41 -92.06
C ASN F 297 11.69 10.84 -90.98
N LEU F 298 12.17 10.97 -89.74
CA LEU F 298 11.50 10.54 -88.51
C LEU F 298 12.44 10.70 -87.31
N PHE F 299 12.80 11.95 -87.01
CA PHE F 299 13.70 12.24 -85.89
C PHE F 299 13.12 13.22 -84.89
N ARG F 300 13.03 14.49 -85.28
CA ARG F 300 12.50 15.54 -84.41
C ARG F 300 11.13 16.02 -84.88
N ALA F 301 10.97 16.12 -86.19
CA ALA F 301 9.72 16.58 -86.80
C ALA F 301 8.48 15.93 -86.18
N GLY F 302 8.32 14.63 -86.39
CA GLY F 302 7.17 13.94 -85.84
C GLY F 302 7.15 13.90 -84.32
N GLY F 303 8.13 14.57 -83.72
CA GLY F 303 8.22 14.62 -82.27
C GLY F 303 6.93 14.89 -81.52
N PHE F 304 6.39 16.10 -81.68
CA PHE F 304 5.16 16.48 -81.00
C PHE F 304 4.10 15.38 -81.02
N LEU F 305 4.00 14.68 -82.15
CA LEU F 305 3.03 13.59 -82.28
C LEU F 305 3.43 12.41 -81.41
N TYR F 306 4.69 12.02 -81.47
CA TYR F 306 5.15 10.89 -80.65
C TYR F 306 5.18 11.29 -79.18
N LEU F 307 5.37 12.58 -78.91
CA LEU F 307 5.40 13.08 -77.53
C LEU F 307 4.03 12.94 -76.87
N LEU F 308 2.99 13.30 -77.61
CA LEU F 308 1.64 13.20 -77.09
C LEU F 308 1.33 11.73 -76.85
N ILE F 309 2.00 10.87 -77.62
CA ILE F 309 1.81 9.43 -77.46
C ILE F 309 2.25 9.07 -76.06
N TYR F 310 3.32 9.70 -75.59
CA TYR F 310 3.82 9.46 -74.25
C TYR F 310 2.71 9.74 -73.26
N GLY F 311 1.90 10.74 -73.59
CA GLY F 311 0.80 11.11 -72.72
C GLY F 311 -0.23 10.01 -72.58
N LEU F 312 -0.96 9.73 -73.65
CA LEU F 312 -1.98 8.69 -73.63
C LEU F 312 -1.42 7.37 -73.12
N LEU F 313 -0.33 6.93 -73.73
CA LEU F 313 0.31 5.67 -73.36
C LEU F 313 0.56 5.58 -71.86
N VAL F 314 1.64 6.23 -71.41
CA VAL F 314 2.00 6.21 -70.01
C VAL F 314 0.83 6.52 -69.07
N PHE F 315 0.55 7.80 -68.90
CA PHE F 315 -0.51 8.26 -68.01
C PHE F 315 -1.76 7.40 -67.96
N PHE F 316 -2.54 7.45 -69.03
CA PHE F 316 -3.79 6.71 -69.09
C PHE F 316 -3.71 5.21 -68.80
N PHE F 317 -2.97 4.46 -69.62
CA PHE F 317 -2.88 3.02 -69.42
C PHE F 317 -2.53 2.62 -67.99
N THR F 318 -1.35 3.05 -67.54
CA THR F 318 -0.90 2.72 -66.19
C THR F 318 -1.91 3.20 -65.15
N TYR F 319 -2.04 4.52 -65.02
CA TYR F 319 -2.95 5.13 -64.06
C TYR F 319 -4.28 4.38 -63.95
N PHE F 320 -4.70 3.74 -65.03
CA PHE F 320 -5.94 2.99 -65.03
C PHE F 320 -5.74 1.77 -64.14
N TYR F 321 -4.95 0.81 -64.62
CA TYR F 321 -4.71 -0.38 -63.81
C TYR F 321 -4.20 0.10 -62.46
N SER F 322 -3.17 0.94 -62.50
CA SER F 322 -2.50 1.54 -61.34
C SER F 322 -3.42 1.87 -60.19
N VAL F 323 -4.43 2.70 -60.44
CA VAL F 323 -5.36 3.06 -59.39
C VAL F 323 -6.37 1.91 -59.30
N VAL F 324 -5.81 0.70 -59.39
CA VAL F 324 -6.53 -0.56 -59.30
C VAL F 324 -8.03 -0.42 -59.27
N ILE F 325 -8.63 -0.63 -60.43
CA ILE F 325 -10.09 -0.54 -60.57
C ILE F 325 -10.89 -1.08 -59.36
N PHE F 326 -10.33 -2.04 -58.63
CA PHE F 326 -11.02 -2.65 -57.50
C PHE F 326 -10.95 -1.97 -56.13
N ASP F 327 -10.44 -0.74 -56.08
CA ASP F 327 -10.33 -0.07 -54.79
C ASP F 327 -11.66 0.10 -54.04
N PRO F 328 -12.71 0.62 -54.70
CA PRO F 328 -13.98 0.80 -54.01
C PRO F 328 -14.53 -0.51 -53.46
N ARG F 329 -14.13 -1.62 -54.08
CA ARG F 329 -14.58 -2.93 -53.66
C ARG F 329 -14.11 -3.21 -52.24
N GLU F 330 -12.82 -2.98 -52.00
CA GLU F 330 -12.27 -3.20 -50.67
C GLU F 330 -12.74 -2.08 -49.73
N ILE F 331 -12.63 -0.83 -50.17
CA ILE F 331 -13.06 0.31 -49.36
C ILE F 331 -14.52 0.22 -48.92
N SER F 332 -15.44 0.26 -49.87
CA SER F 332 -16.86 0.19 -49.58
C SER F 332 -17.23 -1.18 -49.02
N GLU F 333 -16.24 -2.04 -48.85
CA GLU F 333 -16.49 -3.36 -48.30
C GLU F 333 -16.34 -3.29 -46.78
N ASN F 334 -15.18 -2.86 -46.32
CA ASN F 334 -14.94 -2.75 -44.88
C ASN F 334 -15.76 -1.59 -44.32
N ILE F 335 -16.77 -1.16 -45.08
CA ILE F 335 -17.66 -0.06 -44.68
C ILE F 335 -16.93 1.27 -44.75
N ARG F 336 -17.07 1.94 -45.88
CA ARG F 336 -16.36 3.19 -46.08
C ARG F 336 -16.99 4.20 -47.06
N LYS F 337 -17.32 5.38 -46.53
CA LYS F 337 -17.90 6.48 -47.31
C LYS F 337 -16.94 7.67 -47.29
N TYR F 338 -16.15 7.80 -48.34
CA TYR F 338 -15.13 8.84 -48.46
C TYR F 338 -15.49 10.25 -47.99
N GLY F 339 -14.44 11.04 -47.79
CA GLY F 339 -14.57 12.42 -47.39
C GLY F 339 -13.35 13.09 -47.99
N GLY F 340 -13.59 13.86 -49.05
CA GLY F 340 -12.53 14.56 -49.73
C GLY F 340 -13.06 15.66 -50.61
N TYR F 341 -12.26 16.71 -50.78
CA TYR F 341 -12.67 17.85 -51.59
C TYR F 341 -14.11 18.27 -51.28
N ILE F 342 -14.62 17.87 -50.10
CA ILE F 342 -16.02 18.15 -49.63
C ILE F 342 -16.54 16.88 -48.89
N PRO F 343 -17.53 16.98 -48.00
CA PRO F 343 -17.98 15.78 -47.29
C PRO F 343 -18.57 14.67 -48.18
N GLY F 344 -17.76 13.63 -48.42
CA GLY F 344 -18.14 12.50 -49.26
C GLY F 344 -19.50 11.85 -48.91
N LEU F 345 -19.85 10.78 -49.67
CA LEU F 345 -21.13 10.14 -49.45
C LEU F 345 -21.39 8.81 -50.13
N ARG F 346 -22.13 8.84 -51.22
CA ARG F 346 -22.46 7.61 -51.92
C ARG F 346 -21.33 6.56 -51.93
N PRO F 347 -21.65 5.31 -51.52
CA PRO F 347 -20.76 4.15 -51.44
C PRO F 347 -20.71 3.38 -52.77
N GLY F 348 -20.63 2.06 -52.67
CA GLY F 348 -20.59 1.21 -53.86
C GLY F 348 -19.68 1.68 -54.98
N ARG F 349 -19.88 1.13 -56.17
CA ARG F 349 -19.09 1.49 -57.33
C ARG F 349 -19.31 2.94 -57.74
N SER F 350 -20.43 3.51 -57.29
CA SER F 350 -20.74 4.90 -57.60
C SER F 350 -19.59 5.78 -57.13
N THR F 351 -18.90 5.31 -56.10
CA THR F 351 -17.76 6.02 -55.55
C THR F 351 -16.65 6.01 -56.58
N GLU F 352 -16.45 4.86 -57.23
CA GLU F 352 -15.41 4.74 -58.25
C GLU F 352 -15.76 5.70 -59.38
N GLN F 353 -17.04 6.03 -59.49
CA GLN F 353 -17.50 6.96 -60.53
C GLN F 353 -16.94 8.34 -60.22
N TYR F 354 -17.31 8.88 -59.06
CA TYR F 354 -16.82 10.20 -58.65
C TYR F 354 -15.29 10.23 -58.73
N LEU F 355 -14.67 9.16 -58.24
CA LEU F 355 -13.22 9.03 -58.25
C LEU F 355 -12.71 8.90 -59.68
N HIS F 356 -13.45 8.19 -60.51
CA HIS F 356 -13.05 8.01 -61.90
C HIS F 356 -12.82 9.38 -62.51
N ARG F 357 -13.71 10.32 -62.19
CA ARG F 357 -13.58 11.68 -62.70
C ARG F 357 -12.25 12.27 -62.26
N VAL F 358 -12.03 12.34 -60.94
CA VAL F 358 -10.79 12.89 -60.41
C VAL F 358 -9.60 12.14 -61.00
N LEU F 359 -9.80 10.84 -61.23
CA LEU F 359 -8.76 10.00 -61.78
C LEU F 359 -8.22 10.52 -63.11
N ASN F 360 -9.02 10.41 -64.17
CA ASN F 360 -8.61 10.87 -65.49
C ASN F 360 -8.31 12.37 -65.56
N ARG F 361 -8.86 13.15 -64.63
CA ARG F 361 -8.64 14.59 -64.65
C ARG F 361 -7.24 14.94 -64.12
N VAL F 362 -6.87 14.36 -62.98
CA VAL F 362 -5.54 14.62 -62.42
C VAL F 362 -4.52 14.00 -63.36
N THR F 363 -4.95 13.02 -64.15
CA THR F 363 -4.08 12.36 -65.11
C THR F 363 -3.79 13.33 -66.25
N PHE F 364 -4.80 14.12 -66.62
CA PHE F 364 -4.66 15.12 -67.67
C PHE F 364 -3.58 16.09 -67.25
N ILE F 365 -3.70 16.59 -66.02
CA ILE F 365 -2.75 17.52 -65.43
C ILE F 365 -1.36 16.89 -65.38
N GLY F 366 -1.31 15.64 -64.93
CA GLY F 366 -0.05 14.94 -64.84
C GLY F 366 0.67 14.95 -66.17
N ALA F 367 -0.09 14.72 -67.24
CA ALA F 367 0.48 14.71 -68.59
C ALA F 367 1.10 16.05 -68.86
N VAL F 368 0.37 17.11 -68.52
CA VAL F 368 0.84 18.47 -68.71
C VAL F 368 2.29 18.60 -68.25
N PHE F 369 2.58 18.15 -67.04
CA PHE F 369 3.93 18.26 -66.50
C PHE F 369 5.00 17.29 -67.03
N LEU F 370 4.79 15.99 -66.87
CA LEU F 370 5.80 15.02 -67.35
C LEU F 370 6.09 15.21 -68.84
N VAL F 371 5.02 15.29 -69.63
CA VAL F 371 5.16 15.48 -71.07
C VAL F 371 5.89 16.79 -71.33
N VAL F 372 5.77 17.73 -70.39
CA VAL F 372 6.44 19.03 -70.54
C VAL F 372 7.93 18.89 -70.26
N ILE F 373 8.34 17.74 -69.73
CA ILE F 373 9.74 17.49 -69.43
C ILE F 373 10.48 17.26 -70.75
N ALA F 374 10.02 16.26 -71.50
CA ALA F 374 10.65 15.98 -72.79
C ALA F 374 10.47 17.23 -73.66
N LEU F 375 9.36 17.91 -73.46
CA LEU F 375 9.07 19.12 -74.20
C LEU F 375 9.87 20.30 -73.68
N LEU F 376 10.41 20.17 -72.47
CA LEU F 376 11.20 21.25 -71.90
C LEU F 376 12.36 21.55 -72.82
N PRO F 377 13.19 20.55 -73.15
CA PRO F 377 14.27 20.97 -74.05
C PRO F 377 13.69 21.44 -75.38
N TYR F 378 12.55 20.88 -75.78
CA TYR F 378 11.93 21.29 -77.04
C TYR F 378 11.39 22.71 -77.06
N LEU F 379 11.11 23.28 -75.90
CA LEU F 379 10.59 24.65 -75.83
C LEU F 379 11.68 25.70 -75.68
N VAL F 380 12.91 25.27 -75.39
CA VAL F 380 14.01 26.21 -75.26
C VAL F 380 14.92 26.10 -76.49
N GLN F 381 14.87 24.94 -77.14
CA GLN F 381 15.68 24.71 -78.34
C GLN F 381 14.89 25.12 -79.58
N GLY F 382 14.53 26.40 -79.64
CA GLY F 382 13.79 26.92 -80.78
C GLY F 382 14.54 28.08 -81.40
N ALA F 383 15.59 28.52 -80.73
CA ALA F 383 16.43 29.62 -81.19
C ALA F 383 17.80 29.03 -81.49
N ILE F 384 18.31 28.26 -80.54
CA ILE F 384 19.60 27.60 -80.67
C ILE F 384 19.39 26.15 -80.26
N LYS F 385 19.41 25.25 -81.23
CA LYS F 385 19.20 23.83 -80.96
C LYS F 385 20.50 23.05 -80.83
N VAL F 386 20.55 22.19 -79.80
CA VAL F 386 21.73 21.38 -79.54
C VAL F 386 21.47 19.90 -79.83
N ASN F 387 22.24 19.34 -80.75
CA ASN F 387 22.10 17.93 -81.11
C ASN F 387 22.77 17.07 -80.04
N VAL F 388 22.60 17.49 -78.79
CA VAL F 388 23.15 16.80 -77.63
C VAL F 388 22.10 16.89 -76.54
N TRP F 389 21.10 16.02 -76.64
CA TRP F 389 19.98 15.97 -75.69
C TRP F 389 20.30 15.13 -74.46
N ILE F 390 21.46 14.48 -74.47
CA ILE F 390 21.89 13.63 -73.36
C ILE F 390 21.71 14.32 -72.01
N GLY F 391 20.68 13.93 -71.28
CA GLY F 391 20.43 14.52 -69.98
C GLY F 391 18.99 14.48 -69.52
N GLY F 392 18.06 14.42 -70.47
CA GLY F 392 16.65 14.40 -70.14
C GLY F 392 16.14 13.13 -69.49
N THR F 393 16.16 12.03 -70.24
CA THR F 393 15.69 10.75 -69.72
C THR F 393 16.51 10.28 -68.52
N SER F 394 17.81 10.08 -68.75
CA SER F 394 18.72 9.64 -67.69
C SER F 394 18.47 10.40 -66.39
N ALA F 395 18.23 11.71 -66.49
CA ALA F 395 17.98 12.54 -65.32
C ALA F 395 16.68 12.12 -64.65
N LEU F 396 15.61 12.03 -65.43
CA LEU F 396 14.32 11.63 -64.90
C LEU F 396 14.45 10.33 -64.11
N ILE F 397 15.47 9.54 -64.46
CA ILE F 397 15.72 8.27 -63.78
C ILE F 397 16.49 8.52 -62.48
N ALA F 398 17.65 9.15 -62.61
CA ALA F 398 18.52 9.47 -61.48
C ALA F 398 17.76 10.18 -60.38
N VAL F 399 16.95 11.17 -60.76
CA VAL F 399 16.17 11.91 -59.79
C VAL F 399 15.13 10.97 -59.18
N GLY F 400 14.55 10.13 -60.04
CA GLY F 400 13.56 9.19 -59.57
C GLY F 400 14.05 8.45 -58.33
N VAL F 401 15.22 7.85 -58.42
CA VAL F 401 15.79 7.10 -57.30
C VAL F 401 16.15 8.05 -56.16
N ALA F 402 16.54 9.27 -56.51
CA ALA F 402 16.90 10.25 -55.50
C ALA F 402 15.69 10.46 -54.59
N LEU F 403 14.57 10.81 -55.21
CA LEU F 403 13.32 11.02 -54.50
C LEU F 403 12.95 9.82 -53.63
N ASP F 404 13.05 8.63 -54.20
CA ASP F 404 12.71 7.41 -53.47
C ASP F 404 13.62 7.20 -52.26
N ILE F 405 14.89 7.58 -52.39
CA ILE F 405 15.81 7.43 -51.26
C ILE F 405 15.39 8.46 -50.22
N ILE F 406 14.77 9.55 -50.68
CA ILE F 406 14.30 10.58 -49.78
C ILE F 406 13.21 9.97 -48.91
N GLN F 407 12.61 8.89 -49.41
CA GLN F 407 11.56 8.19 -48.66
C GLN F 407 12.28 7.38 -47.59
N GLN F 408 13.50 6.95 -47.90
CA GLN F 408 14.31 6.18 -46.96
C GLN F 408 14.58 7.04 -45.74
N MET F 409 14.79 8.33 -45.98
CA MET F 409 15.06 9.28 -44.90
C MET F 409 13.77 9.76 -44.25
N GLU F 410 12.72 9.89 -45.05
CA GLU F 410 11.43 10.33 -44.53
C GLU F 410 10.98 9.46 -43.37
N THR F 411 11.22 8.16 -43.49
CA THR F 411 10.83 7.22 -42.43
C THR F 411 11.84 7.21 -41.28
N HIS F 412 13.11 6.99 -41.60
CA HIS F 412 14.14 6.93 -40.57
C HIS F 412 14.26 8.21 -39.74
N MET F 413 13.77 9.33 -40.27
CA MET F 413 13.84 10.59 -39.54
C MET F 413 12.99 10.59 -38.27
N VAL F 414 12.97 11.72 -37.58
CA VAL F 414 12.21 11.86 -36.34
C VAL F 414 12.58 10.78 -35.33
N MET F 415 13.63 11.04 -34.56
CA MET F 415 14.10 10.10 -33.55
C MET F 415 13.01 9.79 -32.53
N ARG F 416 12.97 10.60 -31.47
CA ARG F 416 11.98 10.44 -30.41
C ARG F 416 11.51 11.82 -29.97
N HIS F 417 10.27 12.14 -30.31
CA HIS F 417 9.67 13.42 -29.99
C HIS F 417 9.11 13.51 -28.57
N TYR F 418 9.16 12.41 -27.82
CA TYR F 418 8.65 12.39 -26.46
C TYR F 418 9.71 12.83 -25.46
N GLU F 419 9.29 13.59 -24.44
CA GLU F 419 10.18 14.09 -23.41
C GLU F 419 11.22 15.06 -23.93
N GLY F 420 11.37 15.11 -25.25
CA GLY F 420 12.34 16.00 -25.87
C GLY F 420 12.28 17.41 -25.32
N PHE F 421 11.04 17.90 -25.14
CA PHE F 421 10.83 19.23 -24.60
C PHE F 421 9.59 19.21 -23.71
N ILE F 422 9.41 18.07 -23.04
CA ILE F 422 8.28 17.85 -22.14
C ILE F 422 8.73 16.98 -20.97
N LYS F 423 7.78 16.36 -20.28
CA LYS F 423 8.10 15.52 -19.14
C LYS F 423 9.07 14.40 -19.52
N GLU G 10 -17.01 22.31 -74.71
CA GLU G 10 -17.98 21.19 -74.59
C GLU G 10 -17.34 19.95 -73.96
N VAL G 11 -16.74 19.11 -74.81
CA VAL G 11 -16.09 17.88 -74.37
C VAL G 11 -14.79 18.16 -73.61
N ILE G 12 -13.71 18.40 -74.34
CA ILE G 12 -12.42 18.67 -73.74
C ILE G 12 -12.53 19.84 -72.78
N ALA G 13 -13.49 20.73 -73.06
CA ALA G 13 -13.72 21.89 -72.20
C ALA G 13 -14.02 21.38 -70.81
N GLU G 14 -15.01 20.49 -70.71
CA GLU G 14 -15.40 19.93 -69.44
C GLU G 14 -14.20 19.44 -68.64
N ALA G 15 -13.40 18.57 -69.26
CA ALA G 15 -12.21 18.02 -68.61
C ALA G 15 -11.32 19.12 -68.03
N LYS G 16 -11.19 20.21 -68.77
CA LYS G 16 -10.36 21.34 -68.33
C LYS G 16 -11.06 22.18 -67.28
N LYS G 17 -12.37 22.33 -67.42
CA LYS G 17 -13.17 23.13 -66.49
C LYS G 17 -13.17 22.54 -65.08
N ILE G 18 -13.14 21.21 -64.99
CA ILE G 18 -13.15 20.55 -63.69
C ILE G 18 -11.71 20.34 -63.21
N SER G 19 -10.77 20.39 -64.14
CA SER G 19 -9.36 20.20 -63.79
C SER G 19 -8.77 21.48 -63.21
N TRP G 20 -9.25 22.61 -63.70
CA TRP G 20 -8.79 23.92 -63.25
C TRP G 20 -8.92 24.05 -61.72
N PRO G 21 -10.05 23.59 -61.16
CA PRO G 21 -10.23 23.67 -59.70
C PRO G 21 -9.71 22.45 -58.96
N SER G 22 -9.55 21.33 -59.65
CA SER G 22 -9.06 20.11 -59.01
C SER G 22 -7.59 20.18 -58.64
N ARG G 23 -6.84 21.06 -59.32
CA ARG G 23 -5.40 21.20 -59.04
C ARG G 23 -5.13 21.43 -57.57
N LYS G 24 -4.78 20.37 -56.85
CA LYS G 24 -4.52 20.46 -55.42
C LYS G 24 -3.38 19.57 -54.97
N GLU G 25 -3.44 19.12 -53.73
CA GLU G 25 -2.44 18.23 -53.17
C GLU G 25 -1.04 18.61 -53.64
N LEU G 26 -0.50 19.64 -53.01
CA LEU G 26 0.83 20.14 -53.33
C LEU G 26 1.66 20.21 -52.06
N LEU G 27 2.64 21.12 -52.06
CA LEU G 27 3.50 21.30 -50.90
C LEU G 27 4.28 22.60 -51.08
N THR G 28 3.76 23.67 -50.48
CA THR G 28 4.39 24.98 -50.57
C THR G 28 5.84 25.03 -50.10
N SER G 29 6.27 23.98 -49.39
CA SER G 29 7.64 23.92 -48.88
C SER G 29 8.45 22.82 -49.58
N PHE G 30 7.96 22.40 -50.74
CA PHE G 30 8.65 21.37 -51.49
C PHE G 30 9.98 21.96 -51.95
N GLY G 31 10.12 23.27 -51.80
CA GLY G 31 11.36 23.93 -52.16
C GLY G 31 12.38 23.34 -51.22
N VAL G 32 11.92 23.02 -50.02
CA VAL G 32 12.77 22.40 -49.01
C VAL G 32 13.17 21.07 -49.61
N VAL G 33 12.20 20.42 -50.26
CA VAL G 33 12.48 19.13 -50.89
C VAL G 33 13.46 19.32 -52.06
N LEU G 34 13.45 20.50 -52.67
CA LEU G 34 14.35 20.78 -53.78
C LEU G 34 15.77 20.92 -53.24
N VAL G 35 15.90 21.62 -52.13
CA VAL G 35 17.21 21.80 -51.51
C VAL G 35 17.80 20.43 -51.22
N ILE G 36 16.95 19.50 -50.82
CA ILE G 36 17.38 18.13 -50.53
C ILE G 36 17.72 17.41 -51.82
N LEU G 37 16.91 17.65 -52.86
CA LEU G 37 17.17 17.01 -54.13
C LEU G 37 18.58 17.35 -54.57
N ALA G 38 18.99 18.58 -54.30
CA ALA G 38 20.34 19.02 -54.65
C ALA G 38 21.33 18.27 -53.78
N VAL G 39 21.08 18.24 -52.48
CA VAL G 39 21.95 17.53 -51.55
C VAL G 39 22.15 16.11 -52.07
N THR G 40 21.03 15.45 -52.37
CA THR G 40 21.05 14.09 -52.88
C THR G 40 21.95 14.02 -54.11
N SER G 41 21.84 15.02 -54.99
CA SER G 41 22.66 15.07 -56.19
C SER G 41 24.12 15.15 -55.79
N VAL G 42 24.40 15.95 -54.76
CA VAL G 42 25.77 16.08 -54.28
C VAL G 42 26.28 14.68 -53.99
N TYR G 43 25.41 13.85 -53.42
CA TYR G 43 25.80 12.48 -53.11
C TYR G 43 26.24 11.72 -54.36
N PHE G 44 25.38 11.74 -55.37
CA PHE G 44 25.71 11.05 -56.63
C PHE G 44 27.09 11.49 -57.10
N PHE G 45 27.20 12.77 -57.46
CA PHE G 45 28.46 13.32 -57.91
C PHE G 45 29.59 12.93 -56.97
N VAL G 46 29.38 13.16 -55.67
CA VAL G 46 30.39 12.82 -54.68
C VAL G 46 30.81 11.36 -54.82
N LEU G 47 29.83 10.47 -54.90
CA LEU G 47 30.11 9.05 -55.06
C LEU G 47 31.00 8.83 -56.28
N ASP G 48 30.51 9.26 -57.44
CA ASP G 48 31.23 9.12 -58.69
C ASP G 48 32.65 9.68 -58.65
N PHE G 49 32.83 10.79 -57.93
CA PHE G 49 34.15 11.39 -57.81
C PHE G 49 35.07 10.45 -57.02
N ILE G 50 34.48 9.76 -56.04
CA ILE G 50 35.24 8.82 -55.24
C ILE G 50 35.77 7.72 -56.17
N PHE G 51 34.94 7.34 -57.15
CA PHE G 51 35.35 6.33 -58.11
C PHE G 51 36.65 6.75 -58.77
N SER G 52 36.59 7.80 -59.58
CA SER G 52 37.75 8.30 -60.29
C SER G 52 39.03 8.27 -59.45
N GLY G 53 38.95 8.75 -58.21
CA GLY G 53 40.13 8.77 -57.36
C GLY G 53 40.68 7.40 -56.98
N VAL G 54 39.82 6.55 -56.41
CA VAL G 54 40.26 5.22 -56.01
C VAL G 54 40.47 4.30 -57.21
N VAL G 55 39.56 4.37 -58.16
CA VAL G 55 39.65 3.55 -59.36
C VAL G 55 40.94 3.86 -60.12
N SER G 56 41.45 5.07 -59.96
CA SER G 56 42.69 5.46 -60.64
C SER G 56 43.89 4.91 -59.90
N ALA G 57 43.76 4.72 -58.59
CA ALA G 57 44.86 4.14 -57.83
C ALA G 57 44.95 2.72 -58.39
N ILE G 58 43.77 2.18 -58.71
CA ILE G 58 43.65 0.85 -59.27
C ILE G 58 44.13 0.85 -60.72
N PHE G 59 43.93 1.97 -61.40
CA PHE G 59 44.35 2.11 -62.79
C PHE G 59 45.85 1.89 -62.90
N LYS G 60 46.60 2.44 -61.96
CA LYS G 60 48.04 2.28 -61.97
C LYS G 60 48.38 0.81 -61.74
N ALA G 61 47.96 0.28 -60.59
CA ALA G 61 48.25 -1.11 -60.26
C ALA G 61 47.78 -2.09 -61.35
N LEU G 62 46.59 -2.65 -61.14
CA LEU G 62 46.00 -3.61 -62.07
C LEU G 62 45.50 -2.97 -63.36
N GLY G 63 46.21 -1.97 -63.86
CA GLY G 63 45.78 -1.32 -65.08
C GLY G 63 46.88 -1.20 -66.12
N ILE G 64 47.98 -0.54 -65.75
CA ILE G 64 49.07 -0.36 -66.70
C ILE G 64 50.25 -1.26 -66.37
N GLY G 65 50.03 -2.21 -65.48
CA GLY G 65 51.10 -3.13 -65.11
C GLY G 65 51.64 -3.89 -66.31
N HIS H 9 43.73 -25.64 -69.37
CA HIS H 9 42.28 -25.75 -69.63
C HIS H 9 41.46 -25.30 -68.43
N THR H 10 41.96 -24.24 -67.78
CA THR H 10 41.34 -23.68 -66.59
C THR H 10 40.04 -22.93 -66.91
N ILE H 11 40.07 -22.09 -67.93
CA ILE H 11 38.90 -21.31 -68.30
C ILE H 11 37.73 -22.15 -68.80
N ILE H 12 38.02 -23.32 -69.34
CA ILE H 12 36.96 -24.19 -69.84
C ILE H 12 36.29 -24.93 -68.68
N SER H 13 37.10 -25.57 -67.84
CA SER H 13 36.56 -26.30 -66.70
C SER H 13 35.93 -25.36 -65.68
N VAL H 14 36.67 -24.34 -65.27
CA VAL H 14 36.15 -23.38 -64.30
C VAL H 14 34.94 -22.64 -64.88
N ALA H 15 34.84 -22.61 -66.21
CA ALA H 15 33.72 -21.96 -66.85
C ALA H 15 32.45 -22.69 -66.43
N LEU H 16 32.43 -24.00 -66.66
CA LEU H 16 31.29 -24.81 -66.27
C LEU H 16 31.02 -24.57 -64.79
N ILE H 17 32.09 -24.30 -64.05
CA ILE H 17 32.00 -24.04 -62.61
C ILE H 17 31.41 -22.66 -62.33
N TYR H 18 31.71 -21.69 -63.19
CA TYR H 18 31.18 -20.34 -63.02
C TYR H 18 29.67 -20.42 -63.10
N MET H 19 29.18 -21.29 -63.97
CA MET H 19 27.75 -21.49 -64.15
C MET H 19 27.19 -22.11 -62.87
N VAL H 20 27.98 -22.97 -62.24
CA VAL H 20 27.56 -23.61 -60.99
C VAL H 20 27.31 -22.51 -59.95
N GLN H 21 28.24 -21.56 -59.87
CA GLN H 21 28.14 -20.44 -58.94
C GLN H 21 26.84 -19.69 -59.17
N VAL H 22 26.37 -19.69 -60.42
CA VAL H 22 25.14 -19.01 -60.77
C VAL H 22 23.93 -19.71 -60.16
N GLN H 23 24.03 -21.03 -60.03
CA GLN H 23 22.95 -21.84 -59.46
C GLN H 23 22.74 -21.53 -57.98
N MET H 24 23.80 -21.71 -57.19
CA MET H 24 23.74 -21.46 -55.75
C MET H 24 23.28 -20.03 -55.45
N SER H 25 23.48 -19.12 -56.40
CA SER H 25 23.08 -17.73 -56.20
C SER H 25 21.63 -17.46 -56.61
N LYS H 26 21.21 -18.00 -57.76
CA LYS H 26 19.84 -17.81 -58.22
C LYS H 26 18.87 -18.40 -57.20
N PHE H 27 19.33 -19.41 -56.47
CA PHE H 27 18.51 -20.07 -55.47
C PHE H 27 18.50 -19.30 -54.15
N SER H 28 19.65 -18.73 -53.80
CA SER H 28 19.77 -17.97 -52.55
C SER H 28 18.69 -16.89 -52.42
N GLU H 29 18.22 -16.40 -53.56
CA GLU H 29 17.19 -15.37 -53.58
C GLU H 29 15.81 -16.03 -53.58
N LEU H 30 15.66 -17.04 -54.45
CA LEU H 30 14.41 -17.77 -54.56
C LEU H 30 13.94 -18.19 -53.17
N GLY H 31 14.83 -18.83 -52.43
CA GLY H 31 14.49 -19.26 -51.09
C GLY H 31 14.66 -18.11 -50.12
N GLY H 32 15.57 -17.21 -50.43
CA GLY H 32 15.81 -16.06 -49.58
C GLY H 32 14.71 -15.03 -49.75
N ALA H 33 13.48 -15.44 -49.47
CA ALA H 33 12.32 -14.56 -49.60
C ALA H 33 11.38 -14.65 -48.41
N PHE H 34 11.94 -14.82 -47.22
CA PHE H 34 11.12 -14.89 -46.02
C PHE H 34 11.03 -13.50 -45.41
N GLY H 35 11.22 -12.50 -46.28
CA GLY H 35 11.17 -11.11 -45.85
C GLY H 35 11.60 -10.23 -47.00
N SER H 36 11.61 -10.81 -48.20
CA SER H 36 11.99 -10.08 -49.41
C SER H 36 11.02 -10.46 -50.52
N GLY H 37 10.56 -9.46 -51.27
CA GLY H 37 9.62 -9.74 -52.35
C GLY H 37 9.64 -8.71 -53.46
N GLY H 38 10.67 -8.75 -54.29
CA GLY H 38 10.78 -7.81 -55.40
C GLY H 38 10.83 -6.38 -54.89
N LEU H 39 9.68 -5.71 -54.92
CA LEU H 39 9.58 -4.34 -54.45
C LEU H 39 8.85 -4.31 -53.11
N HIS H 40 8.99 -5.39 -52.35
CA HIS H 40 8.37 -5.49 -51.04
C HIS H 40 8.96 -4.48 -50.08
N THR H 41 8.43 -4.43 -48.86
CA THR H 41 8.91 -3.48 -47.85
C THR H 41 8.93 -4.06 -46.44
N VAL H 42 10.06 -4.62 -46.02
CA VAL H 42 10.16 -5.20 -44.69
C VAL H 42 11.51 -4.92 -44.02
N PHE H 43 11.54 -3.89 -43.18
CA PHE H 43 12.75 -3.56 -42.44
C PHE H 43 12.73 -4.44 -41.19
N GLY H 44 12.21 -5.64 -41.39
CA GLY H 44 12.08 -6.62 -40.32
C GLY H 44 13.33 -6.99 -39.56
N ARG H 45 13.56 -6.32 -38.44
CA ARG H 45 14.71 -6.59 -37.59
C ARG H 45 14.48 -7.94 -36.93
N ARG H 46 14.85 -8.06 -35.66
CA ARG H 46 14.69 -9.29 -34.90
C ARG H 46 15.15 -10.53 -35.69
N LYS H 47 15.86 -10.31 -36.78
CA LYS H 47 16.33 -11.41 -37.62
C LYS H 47 17.30 -10.95 -38.70
N GLY H 48 18.50 -11.52 -38.72
CA GLY H 48 19.47 -11.15 -39.74
C GLY H 48 20.85 -10.70 -39.27
N LEU H 49 21.82 -11.60 -39.36
CA LEU H 49 23.20 -11.33 -38.98
C LEU H 49 24.15 -12.25 -39.76
N ASP H 50 24.43 -11.87 -41.01
CA ASP H 50 25.32 -12.63 -41.88
C ASP H 50 24.87 -14.07 -42.13
N THR H 51 23.92 -14.22 -43.05
CA THR H 51 23.34 -15.50 -43.42
C THR H 51 24.36 -16.64 -43.48
N GLY H 52 23.88 -17.84 -43.20
CA GLY H 52 24.75 -19.01 -43.26
C GLY H 52 25.03 -19.32 -44.72
N GLY H 53 24.33 -18.60 -45.60
CA GLY H 53 24.51 -18.78 -47.03
C GLY H 53 25.36 -17.67 -47.61
N LYS H 54 25.88 -16.82 -46.72
CA LYS H 54 26.72 -15.73 -47.15
C LYS H 54 28.07 -16.28 -47.59
N ILE H 55 28.29 -17.56 -47.34
CA ILE H 55 29.53 -18.20 -47.76
C ILE H 55 29.43 -18.28 -49.27
N THR H 56 28.20 -18.36 -49.76
CA THR H 56 27.93 -18.40 -51.19
C THR H 56 28.27 -17.00 -51.68
N LEU H 57 27.78 -16.00 -50.96
CA LEU H 57 28.03 -14.61 -51.31
C LEU H 57 29.53 -14.33 -51.57
N VAL H 58 30.34 -14.58 -50.54
CA VAL H 58 31.78 -14.36 -50.64
C VAL H 58 32.38 -15.21 -51.74
N LEU H 59 31.77 -16.37 -52.00
CA LEU H 59 32.24 -17.27 -53.04
C LEU H 59 32.01 -16.63 -54.40
N SER H 60 30.94 -15.85 -54.50
CA SER H 60 30.59 -15.17 -55.75
C SER H 60 31.51 -14.01 -56.10
N VAL H 61 31.44 -12.94 -55.31
CA VAL H 61 32.27 -11.77 -55.58
C VAL H 61 33.72 -12.18 -55.78
N LEU H 62 34.16 -13.14 -54.97
CA LEU H 62 35.53 -13.64 -55.05
C LEU H 62 35.71 -14.36 -56.38
N PHE H 63 34.67 -15.04 -56.83
CA PHE H 63 34.71 -15.78 -58.09
C PHE H 63 34.98 -14.91 -59.32
N PHE H 64 34.41 -13.71 -59.35
CA PHE H 64 34.62 -12.83 -60.49
C PHE H 64 35.91 -12.01 -60.43
N VAL H 65 36.39 -11.72 -59.23
CA VAL H 65 37.65 -10.97 -59.15
C VAL H 65 38.72 -12.01 -59.53
N SER H 66 38.35 -13.27 -59.36
CA SER H 66 39.21 -14.40 -59.68
C SER H 66 39.34 -14.55 -61.19
N CYS H 67 38.22 -14.36 -61.89
CA CYS H 67 38.25 -14.46 -63.35
C CYS H 67 39.00 -13.26 -63.89
N VAL H 68 39.28 -12.30 -63.02
CA VAL H 68 40.01 -11.11 -63.43
C VAL H 68 41.47 -11.47 -63.70
N VAL H 69 42.15 -11.93 -62.67
CA VAL H 69 43.56 -12.28 -62.83
C VAL H 69 43.78 -13.45 -63.79
N THR H 70 42.88 -14.44 -63.73
CA THR H 70 42.99 -15.62 -64.58
C THR H 70 42.75 -15.37 -66.07
N ALA H 71 41.82 -14.47 -66.38
CA ALA H 71 41.49 -14.17 -67.77
C ALA H 71 42.58 -13.38 -68.49
N PHE H 72 43.00 -12.26 -67.92
CA PHE H 72 44.02 -11.46 -68.57
C PHE H 72 45.43 -11.70 -68.03
N VAL H 73 45.70 -11.19 -66.84
CA VAL H 73 47.03 -11.35 -66.24
C VAL H 73 47.29 -12.78 -65.82
MG MG I . 20.60 -5.46 32.15
PB ADP J . 23.51 -4.67 35.72
O1B ADP J . 25.01 -4.33 35.41
O2B ADP J . 22.46 -3.99 34.77
O3B ADP J . 23.13 -4.77 37.23
PA ADP J . 24.18 -6.93 33.94
O1A ADP J . 23.44 -8.27 33.56
O2A ADP J . 24.37 -5.85 32.78
O3A ADP J . 23.50 -6.25 35.26
O5' ADP J . 25.64 -7.39 34.48
C5' ADP J . 26.62 -6.41 34.81
C4' ADP J . 28.02 -6.97 34.59
O4' ADP J . 28.26 -8.02 35.53
C3' ADP J . 28.26 -7.59 33.23
O3' ADP J . 28.57 -6.61 32.23
C2' ADP J . 29.38 -8.56 33.56
O2' ADP J . 30.64 -7.87 33.58
C1' ADP J . 29.01 -9.09 34.94
N9 ADP J . 28.16 -10.28 34.71
C8 ADP J . 26.80 -10.42 35.25
N7 ADP J . 26.51 -11.81 35.11
C5 ADP J . 27.70 -12.47 34.77
C6 ADP J . 27.93 -13.82 34.67
N6 ADP J . 26.92 -14.78 34.89
N1 ADP J . 29.17 -14.20 34.34
C2 ADP J . 30.16 -13.29 34.14
N3 ADP J . 29.94 -11.95 34.24
C4 ADP J . 28.70 -11.57 34.56
BE BEF K . 21.48 -3.10 33.52
F1 BEF K . 22.23 -1.83 33.56
F2 BEF K . 20.21 -2.99 34.28
F3 BEF K . 21.33 -3.63 32.14
MG MG L . 3.35 -31.70 -21.70
PB ADP M . 2.25 -35.29 -24.47
O1B ADP M . 1.20 -36.35 -23.95
O2B ADP M . 1.88 -33.80 -24.14
O3B ADP M . 2.86 -35.58 -25.88
PA ADP M . 3.46 -35.97 -21.85
O1A ADP M . 4.86 -35.63 -21.21
O2A ADP M . 2.16 -35.31 -21.20
O3A ADP M . 3.50 -35.65 -23.47
O5' ADP M . 3.33 -37.57 -21.82
C5' ADP M . 2.12 -38.21 -22.24
C4' ADP M . 1.94 -39.52 -21.48
O4' ADP M . 2.97 -40.45 -21.86
C3' ADP M . 2.04 -39.42 -19.97
O3' ADP M . 0.81 -38.98 -19.37
C2' ADP M . 2.45 -40.83 -19.62
O2' ADP M . 1.31 -41.70 -19.59
C1' ADP M . 3.41 -41.23 -20.74
N9 ADP M . 4.75 -40.81 -20.31
C8 ADP M . 5.61 -39.89 -21.07
N7 ADP M . 6.91 -40.06 -20.49
C5 ADP M . 6.87 -41.18 -19.65
C6 ADP M . 7.91 -41.79 -18.99
N6 ADP M . 9.23 -41.33 -19.08
N1 ADP M . 7.60 -42.88 -18.25
C2 ADP M . 6.32 -43.33 -18.17
N3 ADP M . 5.30 -42.73 -18.82
C4 ADP M . 5.58 -41.65 -19.56
BE BEF N . 1.27 -32.17 -23.60
F1 BEF N . -0.16 -32.40 -23.92
F2 BEF N . 1.91 -31.34 -24.63
F3 BEF N . 1.46 -31.71 -22.20
#